data_5V8L
#
_entry.id   5V8L
#
loop_
_entity.id
_entity.type
_entity.pdbx_description
1 polymer gp120
2 polymer gp41
3 polymer '3BNC117 antibody, heavy chain'
4 polymer 'PGT145 antibody, heavy chain'
5 polymer '3BNC117 antibody, light chain'
6 polymer 'PGT145 antibody, light chain'
7 branched 2-acetamido-2-deoxy-beta-D-glucopyranose-(1-4)-2-acetamido-2-deoxy-beta-D-glucopyranose
8 branched beta-D-mannopyranose-(1-4)-2-acetamido-2-deoxy-beta-D-glucopyranose-(1-4)-2-acetamido-2-deoxy-beta-D-glucopyranose
9 branched alpha-D-mannopyranose-(1-2)-alpha-D-mannopyranose-(1-3)-[alpha-D-mannopyranose-(1-6)]beta-D-mannopyranose-(1-4)-2-acetamido-2-deoxy-beta-D-glucopyranose-(1-4)-2-acetamido-2-deoxy-beta-D-glucopyranose
10 branched alpha-D-mannopyranose-(1-3)-[alpha-D-mannopyranose-(1-6)]alpha-D-mannopyranose-(1-6)-[alpha-D-mannopyranose-(1-3)]beta-D-mannopyranose-(1-4)-2-acetamido-2-deoxy-beta-D-glucopyranose-(1-4)-2-acetamido-2-deoxy-beta-D-glucopyranose
11 branched alpha-D-mannopyranose-(1-3)-[alpha-D-mannopyranose-(1-6)]beta-D-mannopyranose-(1-4)-2-acetamido-2-deoxy-beta-D-glucopyranose-(1-4)-2-acetamido-2-deoxy-beta-D-glucopyranose
12 branched alpha-D-mannopyranose-(1-2)-alpha-D-mannopyranose-(1-3)-[alpha-D-mannopyranose-(1-3)-alpha-D-mannopyranose-(1-6)]beta-D-mannopyranose-(1-4)-2-acetamido-2-deoxy-beta-D-glucopyranose-(1-4)-2-acetamido-2-deoxy-beta-D-glucopyranose
13 branched alpha-D-mannopyranose-(1-2)-alpha-D-mannopyranose-(1-3)-[alpha-D-mannopyranose-(1-3)-[alpha-D-mannopyranose-(1-6)]alpha-D-mannopyranose-(1-6)]beta-D-mannopyranose-(1-4)-2-acetamido-2-deoxy-beta-D-glucopyranose-(1-4)-2-acetamido-2-deoxy-beta-D-glucopyranose
14 non-polymer 2-acetamido-2-deoxy-beta-D-glucopyranose
#
loop_
_entity_poly.entity_id
_entity_poly.type
_entity_poly.pdbx_seq_one_letter_code
_entity_poly.pdbx_strand_id
1 'polypeptide(L)'
;AENLWVTVYYGVPVWKDAETTLFCASDAKAYETEKHNVWATHACVPTDPNPQEIHLENVTEEFNMWKNNMVEQMHTDIIS
LWDQSLKPCVKLTPLCVTLQCTNVTNNITDDMRGELKNCSFNMTTELRDKKQKVYSLFYRLDVVQINENQGNRSNNSNKE
YRLINCNTSAITQACPKVSFEPIPIHYCAPAGFAILKCKDKKFNGTGPCPSVSTVQCTHGIKPVVSTQLLLNGSLAEEEV
MIRSENITNNAKNILVQFNTPVQINCTRPNNNTRKSIRIGPGQAFYATGDIIGDIRQAHCNVSKATWNETLGKVVKQLRK
HFGNNTIIRFANSSGGDLEVTTHSFNCGGEFFYCNTSGLFNSTWISNTSVQGSNSTGSNDSITLPCRIKQIINMWQRIGQ
AMYAPPIQGVIRCVSNITGLILTRDGGSTNSTTETFRPGGGDMRDNWRSELYKYKVVKIEPLGVAPTRCKRRVVGRRRRR
R
;
A,C,D
2 'polypeptide(L)'
;AVGIGAVFLGFLGAAGSTMGAASMTLTVQARNLLSGIVQQQSNLLRAPEAQQHLLKLTVWGIKQLQARVLAVERYLRDQQ
LLGIWGCSGKLICCTNVPWNSSWSNRNLSEIWDNMTWLQWDKEISNYTQIIYGLLEESQNQQEKNEQDLLALD
;
B,E,F
3 'polypeptide(L)'
;QVQLLQSGAAVTKPGASVRVSCEASGYNIRDYFIHWWRQAPGQGLQWVGWINPKTGQPNNPRQFQGRVSLTRHASWDFDT
YSFYMDLKALRSDDTAVYFCARQRSDYWDFDVWGSGTQVTVSSASTKGPSVFPLAPSSKSTSGGTAALGCLVKDYFPEPV
TVSWNSGALTSGVHTFPAVLQSSGLYSLSSVVTVPSSSLGTQTYICNVNHKPSNTKVDKKVEPKSC
;
G,H,I
4 'polypeptide(L)'
;QASTMDWIWRILFLVAAATSAHSQVQLVQSGAEVKKPGSSVKVSCKASGNSFSNHDVHWVRQATGQGLEWMGWMSHEGDK
TGLAQKFQGRVTITRDSGASTVYMELRGLTADDTAIYYCLTGSKHRLRDYFLYNEYGPNYEEWGDYLATLDVWGHGTAVT
VSSASTKGPSVFPLAPSSKSTSGGTAALGCLVKDYFPEPVTVSWNSGALTSGVHTFPAVLQSSGLYSLSSVVTVPSSSLG
TQTYICNVNHKPSNTKVDKKVEPKSCD
;
J
5 'polypeptide(L)'
;DIQMTQSPSSLSASVGDTVTITCQANGYLNWYQQRRGKAPKLLIYDGSKLERGVPSRFSGRRWGQEYNLTINNLQPEDIA
TYFCQVYEFVVPGTRLDLKRTVAAPSVFIFPPSDEQLKSGTASVVCLLNNFYPREAKVQWKVDNALQSGNSQESVTEQDS
KDSTYSLSSTLTLSKADYEKHKVYACEVTHQGLSSPVTKSFNRGEC
;
K,L,M
6 'polypeptide(L)'
;EVVITQSPLFLPVTPGEAASLSCKCSHSLQHSTGANYLAWYLQRPGQTPRLLIHLATHRASGVPDRFSGSGSGTDFTLKI
SRVESDDVGTYYCMQGLHSPWTFGQGTKVEIKRTVAAPSVFIFPPSDEQLKSGTASVVCLLNNFYPREAKVQWKVDNALQ
SGNSQESVTEQDSKDSTYSLSSTLTLSKADYEKHKVYACEVTHQGLSSPVTKSFNRGEC
;
N
#
# COMPACT_ATOMS: atom_id res chain seq x y z
N GLU A 2 -2.71 -22.76 -62.70
CA GLU A 2 -1.69 -23.75 -62.37
C GLU A 2 -0.69 -23.25 -61.35
N ASN A 3 -0.28 -22.00 -61.48
CA ASN A 3 0.70 -21.47 -60.55
C ASN A 3 0.06 -21.39 -59.19
N LEU A 4 0.81 -21.78 -58.19
CA LEU A 4 0.34 -21.84 -56.83
C LEU A 4 -0.01 -20.48 -56.26
N TRP A 5 -0.97 -20.45 -55.36
CA TRP A 5 -1.32 -19.20 -54.71
C TRP A 5 -1.08 -19.38 -53.22
N VAL A 6 -0.53 -18.40 -52.53
CA VAL A 6 -0.35 -18.59 -51.08
C VAL A 6 -1.63 -18.43 -50.33
N THR A 7 -1.91 -19.36 -49.42
CA THR A 7 -3.12 -19.26 -48.65
C THR A 7 -2.98 -19.51 -47.15
N VAL A 8 -4.02 -19.06 -46.46
CA VAL A 8 -4.16 -19.07 -45.02
C VAL A 8 -4.45 -20.40 -44.32
N TYR A 9 -3.76 -20.60 -43.21
CA TYR A 9 -3.99 -21.71 -42.31
C TYR A 9 -4.00 -21.19 -40.88
N TYR A 10 -4.68 -21.89 -40.00
CA TYR A 10 -4.73 -21.45 -38.62
C TYR A 10 -4.71 -22.64 -37.69
N GLY A 11 -4.16 -22.44 -36.50
CA GLY A 11 -3.95 -23.52 -35.54
C GLY A 11 -2.66 -24.30 -35.83
N VAL A 12 -1.86 -23.83 -36.77
CA VAL A 12 -0.60 -24.47 -37.10
C VAL A 12 0.37 -24.30 -35.97
N PRO A 13 1.10 -25.33 -35.54
CA PRO A 13 2.07 -25.10 -34.50
C PRO A 13 3.22 -24.23 -35.02
N VAL A 14 3.59 -23.23 -34.24
CA VAL A 14 4.77 -22.41 -34.45
C VAL A 14 5.40 -22.08 -33.11
N TRP A 15 6.71 -22.14 -32.98
CA TRP A 15 7.30 -21.77 -31.71
C TRP A 15 8.24 -20.60 -31.82
N LYS A 16 8.15 -19.69 -30.88
CA LYS A 16 9.15 -18.65 -30.80
C LYS A 16 9.65 -18.60 -29.37
N ASP A 17 10.92 -18.34 -29.14
CA ASP A 17 11.29 -18.21 -27.75
C ASP A 17 10.61 -16.97 -27.21
N ALA A 18 10.00 -17.07 -26.04
CA ALA A 18 9.34 -15.90 -25.50
C ALA A 18 9.23 -15.92 -24.00
N GLU A 19 9.01 -14.76 -23.40
CA GLU A 19 8.83 -14.75 -21.97
C GLU A 19 7.56 -14.07 -21.52
N THR A 20 6.85 -14.75 -20.63
CA THR A 20 5.64 -14.26 -19.99
C THR A 20 5.71 -14.56 -18.52
N THR A 21 4.86 -13.93 -17.75
CA THR A 21 4.83 -14.25 -16.34
C THR A 21 4.22 -15.64 -16.12
N LEU A 22 4.87 -16.45 -15.30
CA LEU A 22 4.36 -17.77 -14.97
C LEU A 22 3.12 -17.80 -14.07
N PHE A 23 2.20 -18.74 -14.31
CA PHE A 23 1.07 -18.93 -13.42
C PHE A 23 1.48 -19.47 -12.08
N CYS A 24 0.81 -19.03 -11.03
CA CYS A 24 1.01 -19.62 -9.70
C CYS A 24 0.35 -20.97 -9.65
N ALA A 25 0.98 -21.97 -9.05
CA ALA A 25 0.18 -23.17 -8.80
C ALA A 25 0.71 -23.95 -7.60
N SER A 26 -0.19 -24.65 -6.92
CA SER A 26 0.22 -25.52 -5.82
C SER A 26 -0.67 -26.73 -5.83
N ASP A 27 -0.24 -27.84 -5.25
CA ASP A 27 -1.07 -29.01 -5.44
C ASP A 27 -2.32 -28.93 -4.65
N ALA A 28 -3.43 -28.94 -5.40
CA ALA A 28 -4.81 -28.90 -4.91
C ALA A 28 -5.01 -27.84 -3.84
N LYS A 29 -4.21 -26.77 -3.84
CA LYS A 29 -4.28 -25.77 -2.77
C LYS A 29 -4.27 -26.41 -1.38
N ALA A 30 -3.51 -27.49 -1.19
CA ALA A 30 -3.55 -28.22 0.09
C ALA A 30 -3.08 -27.39 1.29
N TYR A 31 -2.34 -26.32 1.01
CA TYR A 31 -1.88 -25.40 2.05
C TYR A 31 -3.04 -24.70 2.72
N GLU A 32 -4.19 -24.64 2.03
CA GLU A 32 -5.39 -23.98 2.50
C GLU A 32 -5.95 -24.58 3.78
N THR A 33 -5.53 -25.81 4.12
CA THR A 33 -6.00 -26.47 5.32
C THR A 33 -5.41 -25.86 6.62
N GLU A 34 -4.39 -25.00 6.49
CA GLU A 34 -3.79 -24.39 7.67
C GLU A 34 -3.29 -22.98 7.37
N LYS A 35 -3.25 -22.07 8.34
CA LYS A 35 -2.81 -20.72 7.99
C LYS A 35 -1.57 -20.14 8.67
N HIS A 36 -0.51 -19.89 7.89
CA HIS A 36 -0.50 -20.19 6.46
C HIS A 36 0.93 -20.14 5.97
N ASN A 37 1.16 -20.74 4.82
CA ASN A 37 2.48 -20.79 4.24
C ASN A 37 2.97 -19.47 3.71
N VAL A 38 4.22 -19.16 3.99
CA VAL A 38 4.86 -17.95 3.51
C VAL A 38 4.84 -17.73 2.02
N TRP A 39 4.88 -18.79 1.22
CA TRP A 39 4.92 -18.52 -0.21
C TRP A 39 3.63 -18.88 -0.91
N ALA A 40 2.86 -19.80 -0.34
CA ALA A 40 1.59 -20.11 -0.94
C ALA A 40 0.57 -19.01 -0.67
N THR A 41 0.85 -18.20 0.36
CA THR A 41 0.05 -17.06 0.82
C THR A 41 -1.30 -17.58 1.27
N HIS A 42 -2.30 -16.72 1.27
CA HIS A 42 -3.63 -17.20 1.54
C HIS A 42 -4.27 -17.86 0.33
N ALA A 43 -3.72 -17.63 -0.87
CA ALA A 43 -4.28 -18.29 -2.03
C ALA A 43 -3.31 -18.46 -3.20
N CYS A 44 -3.54 -19.53 -3.95
CA CYS A 44 -2.88 -19.82 -5.21
C CYS A 44 -3.83 -20.64 -6.07
N VAL A 45 -3.53 -20.80 -7.34
CA VAL A 45 -4.33 -21.67 -8.18
C VAL A 45 -3.99 -23.14 -7.86
N PRO A 46 -4.95 -24.03 -7.69
CA PRO A 46 -4.76 -25.45 -7.51
C PRO A 46 -4.19 -26.07 -8.76
N THR A 47 -3.38 -27.11 -8.63
CA THR A 47 -2.90 -27.81 -9.82
C THR A 47 -3.95 -28.60 -10.53
N ASP A 48 -3.71 -28.80 -11.82
CA ASP A 48 -4.54 -29.64 -12.64
C ASP A 48 -4.39 -31.06 -12.13
N PRO A 49 -5.47 -31.82 -11.94
CA PRO A 49 -5.52 -33.21 -11.51
C PRO A 49 -4.78 -34.13 -12.47
N ASN A 50 -4.57 -33.66 -13.70
CA ASN A 50 -3.83 -34.40 -14.69
C ASN A 50 -2.90 -33.50 -15.47
N PRO A 51 -1.71 -33.21 -14.95
CA PRO A 51 -0.66 -32.38 -15.52
C PRO A 51 0.06 -33.15 -16.62
N GLN A 52 -0.70 -33.44 -17.67
CA GLN A 52 -0.27 -34.24 -18.79
C GLN A 52 0.86 -33.64 -19.59
N GLU A 53 1.70 -34.51 -20.11
CA GLU A 53 2.77 -34.12 -21.01
C GLU A 53 2.82 -35.12 -22.13
N ILE A 54 3.30 -34.70 -23.29
CA ILE A 54 3.43 -35.69 -24.35
C ILE A 54 4.80 -35.62 -24.93
N HIS A 55 5.34 -36.77 -25.34
CA HIS A 55 6.61 -36.71 -26.03
C HIS A 55 6.30 -36.28 -27.44
N LEU A 56 7.03 -35.30 -27.93
CA LEU A 56 6.75 -34.89 -29.29
C LEU A 56 7.33 -35.91 -30.27
N GLU A 57 6.60 -36.29 -31.31
CA GLU A 57 7.20 -37.17 -32.29
C GLU A 57 8.24 -36.41 -33.09
N ASN A 58 9.38 -37.02 -33.38
CA ASN A 58 10.38 -36.42 -34.28
C ASN A 58 10.79 -35.00 -33.92
N VAL A 59 11.04 -34.68 -32.66
CA VAL A 59 11.43 -33.30 -32.35
C VAL A 59 12.63 -33.21 -31.43
N THR A 60 13.45 -32.20 -31.66
CA THR A 60 14.54 -31.89 -30.76
C THR A 60 14.45 -30.40 -30.50
N GLU A 61 15.03 -29.91 -29.42
CA GLU A 61 14.97 -28.47 -29.22
C GLU A 61 16.16 -27.89 -28.47
N GLU A 62 16.53 -26.67 -28.82
CA GLU A 62 17.56 -25.94 -28.09
C GLU A 62 17.12 -25.50 -26.71
N PHE A 63 18.04 -25.60 -25.75
CA PHE A 63 17.81 -25.07 -24.42
C PHE A 63 19.04 -24.31 -23.99
N ASN A 64 18.85 -23.34 -23.11
CA ASN A 64 19.95 -22.53 -22.65
C ASN A 64 19.89 -22.25 -21.17
N MET A 65 20.45 -23.16 -20.40
CA MET A 65 20.54 -22.96 -18.99
C MET A 65 21.38 -21.73 -18.79
N TRP A 66 21.07 -21.02 -17.74
CA TRP A 66 21.65 -19.75 -17.37
C TRP A 66 21.24 -18.61 -18.29
N LYS A 67 20.34 -18.86 -19.24
CA LYS A 67 19.81 -17.80 -20.06
C LYS A 67 18.31 -17.65 -19.83
N ASN A 68 17.68 -18.69 -19.30
CA ASN A 68 16.25 -18.67 -19.09
C ASN A 68 15.91 -17.70 -18.00
N ASN A 69 14.89 -16.87 -18.24
CA ASN A 69 14.54 -15.90 -17.23
C ASN A 69 13.45 -16.37 -16.30
N MET A 70 13.03 -17.62 -16.41
CA MET A 70 12.08 -18.16 -15.45
C MET A 70 12.70 -18.13 -14.10
N VAL A 71 14.01 -18.37 -14.08
CA VAL A 71 14.76 -18.37 -12.87
C VAL A 71 14.77 -17.01 -12.28
N GLU A 72 14.92 -16.01 -13.13
CA GLU A 72 14.93 -14.66 -12.63
C GLU A 72 13.60 -14.27 -12.08
N GLN A 73 12.53 -14.79 -12.70
CA GLN A 73 11.24 -14.50 -12.14
C GLN A 73 11.16 -15.07 -10.76
N MET A 74 11.70 -16.28 -10.57
CA MET A 74 11.64 -16.86 -9.25
C MET A 74 12.40 -16.04 -8.27
N HIS A 75 13.49 -15.45 -8.73
CA HIS A 75 14.26 -14.67 -7.83
C HIS A 75 13.49 -13.51 -7.29
N THR A 76 12.71 -12.86 -8.13
CA THR A 76 12.02 -11.73 -7.58
C THR A 76 10.65 -12.06 -7.07
N ASP A 77 10.11 -13.20 -7.47
CA ASP A 77 8.84 -13.56 -6.94
C ASP A 77 8.95 -14.02 -5.54
N ILE A 78 10.00 -14.78 -5.28
CA ILE A 78 10.20 -15.28 -3.97
C ILE A 78 10.53 -14.17 -3.03
N ILE A 79 11.34 -13.22 -3.49
CA ILE A 79 11.63 -12.12 -2.63
C ILE A 79 10.41 -11.32 -2.32
N SER A 80 9.58 -11.10 -3.35
CA SER A 80 8.39 -10.33 -3.12
C SER A 80 7.46 -11.01 -2.15
N LEU A 81 7.39 -12.34 -2.21
CA LEU A 81 6.54 -13.05 -1.28
C LEU A 81 7.03 -12.94 0.11
N TRP A 82 8.35 -13.00 0.26
CA TRP A 82 8.91 -12.90 1.57
C TRP A 82 8.56 -11.60 2.20
N ASP A 83 8.62 -10.54 1.39
CA ASP A 83 8.29 -9.24 1.91
C ASP A 83 6.83 -9.06 2.09
N GLN A 84 6.04 -9.76 1.29
CA GLN A 84 4.63 -9.62 1.43
C GLN A 84 4.17 -10.11 2.77
N SER A 85 4.78 -11.19 3.27
CA SER A 85 4.39 -11.63 4.58
C SER A 85 5.12 -10.88 5.67
N LEU A 86 6.27 -10.33 5.34
CA LEU A 86 7.02 -9.54 6.29
C LEU A 86 6.38 -8.23 6.68
N LYS A 87 5.78 -7.57 5.69
CA LYS A 87 5.26 -6.22 5.89
C LYS A 87 4.25 -5.98 7.01
N PRO A 88 3.30 -6.88 7.28
CA PRO A 88 2.33 -6.75 8.37
C PRO A 88 2.87 -7.23 9.68
N CYS A 89 4.00 -6.69 10.12
CA CYS A 89 4.57 -7.16 11.37
C CYS A 89 5.21 -6.04 12.19
N VAL A 90 5.50 -6.32 13.46
CA VAL A 90 6.07 -5.40 14.43
C VAL A 90 7.54 -5.09 14.25
N LYS A 91 7.87 -3.81 14.29
CA LYS A 91 9.27 -3.39 14.24
C LYS A 91 9.94 -3.61 15.59
N LEU A 92 11.19 -4.00 15.57
CA LEU A 92 11.94 -4.20 16.80
C LEU A 92 12.87 -3.09 17.21
N THR A 93 12.71 -1.90 16.66
CA THR A 93 13.71 -0.85 16.92
C THR A 93 13.86 -0.41 18.39
N PRO A 94 12.90 -0.70 19.30
CA PRO A 94 13.07 -0.47 20.72
C PRO A 94 14.25 -1.23 21.30
N LEU A 95 14.66 -2.29 20.61
CA LEU A 95 15.68 -3.14 21.13
C LEU A 95 17.08 -2.65 20.85
N CYS A 96 17.21 -1.49 20.20
CA CYS A 96 18.52 -0.91 20.04
C CYS A 96 19.07 -0.31 21.33
N VAL A 97 18.26 -0.27 22.39
CA VAL A 97 18.76 0.17 23.67
C VAL A 97 19.82 -0.81 24.16
N THR A 98 20.88 -0.27 24.75
CA THR A 98 22.03 -1.05 25.19
C THR A 98 21.65 -2.09 26.23
N LEU A 99 22.32 -3.25 26.17
CA LEU A 99 22.00 -4.30 27.12
C LEU A 99 23.18 -4.68 27.96
N GLN A 100 22.93 -4.94 29.22
CA GLN A 100 23.97 -5.42 30.10
C GLN A 100 24.09 -6.88 29.83
N CYS A 101 25.28 -7.49 29.87
CA CYS A 101 25.22 -8.94 29.76
C CYS A 101 26.24 -9.67 30.61
N THR A 102 25.98 -10.96 30.78
CA THR A 102 26.91 -11.89 31.42
C THR A 102 26.98 -13.19 30.64
N ASN A 103 28.02 -13.97 30.87
CA ASN A 103 28.11 -15.27 30.20
C ASN A 103 27.46 -16.34 31.03
N VAL A 104 26.14 -16.34 31.05
CA VAL A 104 25.36 -17.31 31.81
C VAL A 104 25.44 -18.72 31.28
N THR A 105 25.56 -19.68 32.20
CA THR A 105 25.59 -21.08 31.82
C THR A 105 24.65 -21.93 32.66
N ASN A 106 24.34 -23.12 32.15
CA ASN A 106 23.51 -24.09 32.84
C ASN A 106 24.04 -25.46 32.50
N ASN A 107 25.07 -25.90 33.20
CA ASN A 107 25.69 -27.18 32.89
C ASN A 107 26.10 -27.18 31.43
N ILE A 108 26.71 -26.09 31.02
CA ILE A 108 27.18 -25.91 29.66
C ILE A 108 28.34 -26.82 29.35
N THR A 109 28.34 -27.41 28.14
CA THR A 109 29.54 -28.17 27.75
C THR A 109 30.64 -27.15 27.56
N ASP A 110 31.90 -27.55 27.71
CA ASP A 110 32.89 -26.50 27.63
C ASP A 110 33.29 -26.09 26.23
N ASP A 111 32.67 -26.69 25.21
CA ASP A 111 32.88 -26.18 23.87
C ASP A 111 31.79 -25.21 23.48
N MET A 112 30.86 -24.94 24.40
CA MET A 112 29.83 -23.95 24.19
C MET A 112 30.08 -22.68 24.92
N ARG A 113 31.18 -22.61 25.66
CA ARG A 113 31.32 -21.45 26.48
C ARG A 113 31.40 -20.17 25.68
N GLY A 114 30.68 -19.19 26.18
CA GLY A 114 30.63 -17.84 25.65
C GLY A 114 29.73 -17.74 24.42
N GLU A 115 29.04 -18.84 24.05
CA GLU A 115 28.16 -18.79 22.90
C GLU A 115 26.81 -18.20 23.19
N LEU A 116 26.48 -18.11 24.46
CA LEU A 116 25.23 -17.54 24.85
C LEU A 116 25.45 -16.46 25.86
N LYS A 117 24.65 -15.42 25.78
CA LYS A 117 24.74 -14.39 26.78
C LYS A 117 23.39 -14.11 27.33
N ASN A 118 23.37 -13.70 28.57
CA ASN A 118 22.13 -13.34 29.21
C ASN A 118 22.16 -11.86 29.31
N CYS A 119 21.13 -11.18 28.83
CA CYS A 119 21.25 -9.75 28.90
C CYS A 119 19.98 -9.07 29.26
N SER A 120 20.10 -7.81 29.65
CA SER A 120 18.89 -7.10 30.05
C SER A 120 18.89 -5.62 29.77
N PHE A 121 17.67 -5.09 29.76
CA PHE A 121 17.42 -3.69 29.49
C PHE A 121 16.13 -3.23 30.16
N ASN A 122 15.91 -1.91 30.25
CA ASN A 122 14.71 -1.41 30.94
C ASN A 122 13.50 -1.20 30.00
N MET A 123 13.67 -1.64 28.78
CA MET A 123 12.62 -1.78 27.78
C MET A 123 11.78 -0.53 27.53
N THR A 124 10.50 -0.81 27.21
CA THR A 124 9.37 0.08 27.12
C THR A 124 8.22 -0.68 27.77
N THR A 125 7.14 0.00 28.08
CA THR A 125 5.95 -0.64 28.65
C THR A 125 4.72 -0.19 27.93
N GLU A 126 3.61 -0.84 28.22
CA GLU A 126 2.32 -0.50 27.62
C GLU A 126 1.93 0.96 27.87
N LEU A 127 2.57 1.63 28.82
CA LEU A 127 2.29 3.03 29.01
C LEU A 127 3.60 3.73 28.81
N ARG A 128 3.55 4.86 28.10
CA ARG A 128 4.77 5.59 27.84
C ARG A 128 5.50 6.02 29.10
N ASP A 129 4.77 6.20 30.19
CA ASP A 129 5.36 6.66 31.43
C ASP A 129 6.04 5.61 32.28
N LYS A 130 6.14 4.36 31.82
CA LYS A 130 6.76 3.36 32.66
C LYS A 130 7.81 2.53 31.94
N LYS A 131 8.76 2.02 32.71
CA LYS A 131 9.81 1.13 32.22
C LYS A 131 9.98 -0.05 33.16
N GLN A 132 10.48 -1.18 32.65
CA GLN A 132 10.70 -2.35 33.49
C GLN A 132 11.91 -3.13 33.02
N LYS A 133 12.56 -3.84 33.92
CA LYS A 133 13.73 -4.59 33.48
C LYS A 133 13.43 -6.03 33.15
N VAL A 134 13.82 -6.44 31.96
CA VAL A 134 13.66 -7.81 31.47
C VAL A 134 14.91 -8.36 30.84
N TYR A 135 15.08 -9.68 30.92
CA TYR A 135 16.26 -10.26 30.32
C TYR A 135 15.94 -11.51 29.51
N SER A 136 16.83 -11.81 28.57
CA SER A 136 16.70 -13.01 27.74
C SER A 136 18.04 -13.52 27.26
N LEU A 137 18.09 -14.80 26.90
CA LEU A 137 19.28 -15.40 26.33
C LEU A 137 19.50 -14.99 24.88
N PHE A 138 20.75 -14.80 24.47
CA PHE A 138 21.02 -14.53 23.08
C PHE A 138 22.24 -15.26 22.58
N TYR A 139 22.25 -15.58 21.30
CA TYR A 139 23.45 -16.13 20.72
C TYR A 139 24.47 -15.02 20.62
N ARG A 140 25.74 -15.34 20.85
CA ARG A 140 26.78 -14.31 20.73
C ARG A 140 26.78 -13.62 19.39
N LEU A 141 26.41 -14.35 18.36
CA LEU A 141 26.39 -13.82 17.01
C LEU A 141 25.47 -12.63 16.82
N ASP A 142 24.45 -12.51 17.65
CA ASP A 142 23.52 -11.42 17.46
C ASP A 142 23.87 -10.15 18.22
N VAL A 143 25.01 -10.12 18.91
CA VAL A 143 25.39 -8.91 19.62
C VAL A 143 26.82 -8.52 19.40
N VAL A 144 27.11 -7.26 19.65
CA VAL A 144 28.47 -6.79 19.63
C VAL A 144 28.71 -5.90 20.82
N GLN A 145 29.90 -5.92 21.38
CA GLN A 145 30.13 -5.04 22.50
C GLN A 145 30.04 -3.62 21.99
N ILE A 146 29.45 -2.74 22.78
CA ILE A 146 29.32 -1.35 22.35
C ILE A 146 30.62 -0.57 22.22
N ASN A 147 31.66 -1.04 22.88
CA ASN A 147 32.94 -0.35 22.90
C ASN A 147 34.09 -1.33 23.03
N LYS A 159 30.49 -6.10 30.57
CA LYS A 159 30.38 -5.61 29.22
C LYS A 159 28.96 -5.28 28.82
N GLU A 160 28.86 -4.26 27.99
CA GLU A 160 27.60 -3.78 27.46
C GLU A 160 27.56 -4.06 25.98
N TYR A 161 26.38 -4.37 25.48
CA TYR A 161 26.24 -4.80 24.11
C TYR A 161 25.07 -4.17 23.39
N ARG A 162 25.13 -4.25 22.07
CA ARG A 162 24.04 -3.78 21.25
C ARG A 162 23.78 -4.82 20.23
N LEU A 163 22.57 -4.84 19.69
CA LEU A 163 22.33 -5.82 18.67
C LEU A 163 23.21 -5.51 17.50
N ILE A 164 23.71 -6.56 16.88
CA ILE A 164 24.63 -6.41 15.79
C ILE A 164 24.16 -5.59 14.60
N ASN A 165 22.86 -5.58 14.35
CA ASN A 165 22.38 -4.80 13.23
C ASN A 165 21.86 -3.42 13.53
N CYS A 166 22.10 -2.89 14.72
CA CYS A 166 21.62 -1.53 14.98
C CYS A 166 22.31 -0.42 14.17
N ASN A 167 23.45 -0.72 13.53
CA ASN A 167 24.07 0.26 12.64
C ASN A 167 23.68 0.03 11.17
N THR A 168 22.64 -0.78 10.97
CA THR A 168 22.10 -1.20 9.68
C THR A 168 20.60 -1.04 9.73
N SER A 169 19.93 -1.25 8.61
CA SER A 169 18.49 -1.10 8.57
C SER A 169 17.81 -1.94 9.63
N ALA A 170 16.69 -1.42 10.11
CA ALA A 170 15.98 -1.97 11.26
C ALA A 170 15.57 -3.41 11.16
N ILE A 171 15.64 -4.03 12.32
CA ILE A 171 15.26 -5.39 12.59
C ILE A 171 13.77 -5.47 12.87
N THR A 172 13.07 -6.43 12.27
CA THR A 172 11.66 -6.59 12.63
C THR A 172 11.33 -8.05 12.93
N GLN A 173 10.21 -8.28 13.62
CA GLN A 173 9.74 -9.64 13.87
C GLN A 173 8.37 -9.73 14.48
N ALA A 174 7.47 -10.34 13.75
CA ALA A 174 6.15 -10.69 14.25
C ALA A 174 5.62 -11.72 13.31
N CYS A 175 4.46 -12.24 13.67
CA CYS A 175 3.73 -13.13 12.82
C CYS A 175 4.37 -14.51 12.69
N PRO A 176 4.86 -15.08 13.80
CA PRO A 176 5.52 -16.39 13.89
C PRO A 176 4.65 -17.53 13.39
N LYS A 177 3.34 -17.30 13.30
CA LYS A 177 2.41 -18.28 12.80
C LYS A 177 2.64 -18.70 11.35
N VAL A 178 3.31 -17.86 10.56
CA VAL A 178 3.53 -18.23 9.18
C VAL A 178 4.47 -19.40 9.09
N SER A 179 4.22 -20.29 8.14
CA SER A 179 5.11 -21.44 8.04
C SER A 179 6.21 -21.21 7.04
N PHE A 180 7.42 -21.55 7.44
CA PHE A 180 8.52 -21.45 6.53
C PHE A 180 8.83 -22.78 5.92
N GLU A 181 8.02 -23.79 6.17
CA GLU A 181 8.28 -25.03 5.51
C GLU A 181 8.04 -24.79 4.05
N PRO A 182 8.85 -25.32 3.16
CA PRO A 182 8.66 -25.25 1.74
C PRO A 182 7.46 -26.08 1.31
N ILE A 183 6.81 -25.62 0.27
CA ILE A 183 5.76 -26.36 -0.40
C ILE A 183 6.08 -26.30 -1.85
N PRO A 184 5.97 -27.37 -2.62
CA PRO A 184 6.28 -27.35 -4.01
C PRO A 184 5.37 -26.38 -4.72
N ILE A 185 5.91 -25.75 -5.74
CA ILE A 185 5.15 -24.82 -6.54
C ILE A 185 5.30 -25.20 -7.99
N HIS A 186 4.23 -25.10 -8.72
CA HIS A 186 4.25 -25.49 -10.10
C HIS A 186 3.98 -24.26 -10.92
N TYR A 187 4.49 -24.20 -12.12
CA TYR A 187 4.20 -23.03 -12.92
C TYR A 187 3.62 -23.39 -14.24
N CYS A 188 2.72 -22.55 -14.70
CA CYS A 188 2.04 -22.89 -15.93
C CYS A 188 2.04 -21.75 -16.94
N ALA A 189 2.30 -22.09 -18.19
CA ALA A 189 2.26 -21.11 -19.26
C ALA A 189 0.86 -20.50 -19.43
N PRO A 190 0.80 -19.23 -19.83
CA PRO A 190 -0.38 -18.52 -20.29
C PRO A 190 -0.86 -19.16 -21.56
N ALA A 191 -2.16 -19.04 -21.82
CA ALA A 191 -2.69 -19.60 -23.04
C ALA A 191 -1.95 -18.97 -24.21
N GLY A 192 -1.74 -19.75 -25.26
CA GLY A 192 -1.00 -19.29 -26.41
C GLY A 192 0.52 -19.36 -26.21
N PHE A 193 0.95 -19.97 -25.10
CA PHE A 193 2.35 -20.18 -24.80
C PHE A 193 2.51 -21.59 -24.28
N ALA A 194 3.72 -22.13 -24.33
CA ALA A 194 3.84 -23.48 -23.82
C ALA A 194 5.20 -23.80 -23.24
N ILE A 195 5.16 -24.71 -22.28
CA ILE A 195 6.34 -25.20 -21.61
C ILE A 195 6.94 -26.38 -22.33
N LEU A 196 8.22 -26.30 -22.65
CA LEU A 196 8.88 -27.42 -23.29
C LEU A 196 9.94 -27.97 -22.36
N LYS A 197 10.10 -29.28 -22.35
CA LYS A 197 11.08 -29.90 -21.49
C LYS A 197 12.01 -30.87 -22.20
N CYS A 198 13.27 -30.87 -21.78
CA CYS A 198 14.22 -31.84 -22.33
C CYS A 198 14.02 -33.18 -21.65
N LYS A 199 13.90 -34.23 -22.44
CA LYS A 199 13.75 -35.57 -21.88
C LYS A 199 15.05 -36.33 -21.72
N ASP A 200 16.16 -35.79 -22.23
CA ASP A 200 17.41 -36.52 -22.08
C ASP A 200 17.92 -36.42 -20.67
N LYS A 201 18.04 -37.58 -20.03
CA LYS A 201 18.49 -37.68 -18.67
C LYS A 201 19.90 -37.18 -18.43
N LYS A 202 20.73 -37.25 -19.47
CA LYS A 202 22.12 -36.84 -19.41
C LYS A 202 22.38 -35.45 -19.98
N PHE A 203 21.33 -34.69 -20.26
CA PHE A 203 21.52 -33.42 -20.95
C PHE A 203 22.45 -32.41 -20.28
N ASN A 204 23.27 -31.80 -21.14
CA ASN A 204 24.17 -30.71 -20.81
C ASN A 204 23.31 -29.51 -20.59
N GLY A 205 23.68 -28.60 -19.70
CA GLY A 205 22.81 -27.47 -19.44
C GLY A 205 22.42 -26.63 -20.69
N THR A 206 23.20 -26.70 -21.76
CA THR A 206 22.87 -25.93 -22.96
C THR A 206 22.94 -26.74 -24.24
N GLY A 207 22.36 -26.18 -25.29
CA GLY A 207 22.33 -26.77 -26.63
C GLY A 207 21.06 -27.58 -26.84
N PRO A 208 20.93 -28.19 -28.01
CA PRO A 208 19.81 -29.00 -28.43
C PRO A 208 19.64 -30.24 -27.57
N CYS A 209 18.39 -30.66 -27.45
CA CYS A 209 18.07 -31.87 -26.73
C CYS A 209 17.40 -32.82 -27.71
N PRO A 210 17.93 -34.04 -27.86
CA PRO A 210 17.52 -35.10 -28.77
C PRO A 210 16.10 -35.61 -28.53
N SER A 211 15.59 -35.39 -27.34
CA SER A 211 14.25 -35.83 -27.04
C SER A 211 13.55 -34.77 -26.25
N VAL A 212 12.34 -34.44 -26.67
CA VAL A 212 11.59 -33.42 -25.97
C VAL A 212 10.15 -33.81 -25.75
N SER A 213 9.52 -33.10 -24.84
CA SER A 213 8.13 -33.28 -24.53
C SER A 213 7.56 -31.95 -24.17
N THR A 214 6.24 -31.85 -24.10
CA THR A 214 5.71 -30.59 -23.65
C THR A 214 4.70 -30.85 -22.59
N VAL A 215 4.52 -29.88 -21.73
CA VAL A 215 3.66 -30.10 -20.58
C VAL A 215 2.81 -28.91 -20.23
N GLN A 216 1.63 -29.16 -19.66
CA GLN A 216 0.80 -28.05 -19.19
C GLN A 216 1.46 -27.20 -18.09
N CYS A 217 2.18 -27.84 -17.17
CA CYS A 217 2.87 -27.14 -16.09
C CYS A 217 4.18 -27.81 -15.73
N THR A 218 5.02 -27.11 -14.97
CA THR A 218 6.29 -27.66 -14.50
C THR A 218 6.06 -28.62 -13.35
N HIS A 219 7.07 -29.44 -13.05
CA HIS A 219 6.99 -30.30 -11.88
C HIS A 219 7.10 -29.39 -10.69
N GLY A 220 6.51 -29.77 -9.56
CA GLY A 220 6.58 -28.85 -8.44
C GLY A 220 7.99 -28.68 -7.93
N ILE A 221 8.30 -27.49 -7.46
CA ILE A 221 9.58 -27.17 -6.89
C ILE A 221 9.46 -26.51 -5.55
N LYS A 222 10.08 -27.06 -4.54
CA LYS A 222 10.10 -26.41 -3.24
C LYS A 222 11.01 -25.20 -3.25
N PRO A 223 10.69 -24.15 -2.49
CA PRO A 223 11.46 -22.93 -2.28
C PRO A 223 12.58 -23.16 -1.27
N VAL A 224 13.44 -24.12 -1.56
CA VAL A 224 14.54 -24.48 -0.69
C VAL A 224 15.60 -23.43 -0.64
N VAL A 225 16.09 -23.13 0.56
CA VAL A 225 17.16 -22.17 0.70
C VAL A 225 18.37 -22.78 1.37
N SER A 226 19.47 -22.84 0.63
CA SER A 226 20.71 -23.29 1.25
C SER A 226 21.88 -22.58 0.61
N THR A 227 23.02 -22.52 1.30
CA THR A 227 24.14 -21.83 0.67
C THR A 227 25.35 -22.64 0.20
N GLN A 228 25.53 -23.89 0.61
CA GLN A 228 26.67 -24.60 0.04
C GLN A 228 26.26 -25.86 -0.71
N LEU A 229 25.33 -26.62 -0.15
CA LEU A 229 24.87 -27.81 -0.83
C LEU A 229 23.38 -27.73 -1.07
N LEU A 230 22.98 -28.23 -2.22
CA LEU A 230 21.59 -28.26 -2.58
C LEU A 230 20.87 -29.25 -1.71
N LEU A 231 19.65 -28.92 -1.30
CA LEU A 231 18.88 -29.83 -0.48
C LEU A 231 17.54 -30.14 -1.08
N ASN A 232 17.18 -31.41 -1.04
CA ASN A 232 15.88 -31.90 -1.48
C ASN A 232 15.51 -31.49 -2.91
N GLY A 233 16.49 -31.48 -3.82
CA GLY A 233 16.23 -31.21 -5.23
C GLY A 233 15.88 -32.48 -5.97
N SER A 234 15.66 -32.39 -7.28
CA SER A 234 15.47 -33.59 -8.05
C SER A 234 16.78 -34.37 -8.16
N LEU A 235 16.69 -35.68 -8.13
CA LEU A 235 17.84 -36.53 -8.32
C LEU A 235 18.29 -36.54 -9.76
N ALA A 236 19.59 -36.62 -10.02
CA ALA A 236 19.98 -36.84 -11.40
C ALA A 236 19.38 -38.19 -11.75
N GLU A 237 18.89 -38.35 -12.97
CA GLU A 237 18.25 -39.61 -13.31
C GLU A 237 19.14 -40.84 -13.39
N GLU A 238 20.33 -40.71 -13.94
CA GLU A 238 21.17 -41.90 -14.07
C GLU A 238 22.52 -41.81 -13.41
N GLU A 239 23.16 -40.66 -13.54
CA GLU A 239 24.52 -40.47 -13.06
C GLU A 239 24.68 -39.08 -12.53
N VAL A 240 25.68 -38.89 -11.69
CA VAL A 240 25.92 -37.57 -11.13
C VAL A 240 26.25 -36.60 -12.24
N MET A 241 25.69 -35.41 -12.16
CA MET A 241 25.91 -34.44 -13.21
C MET A 241 26.70 -33.25 -12.77
N ILE A 242 27.54 -32.76 -13.66
CA ILE A 242 28.28 -31.56 -13.36
C ILE A 242 28.09 -30.56 -14.47
N ARG A 243 27.71 -29.34 -14.11
CA ARG A 243 27.47 -28.35 -15.15
C ARG A 243 28.03 -26.96 -14.82
N SER A 244 28.43 -26.24 -15.85
CA SER A 244 28.83 -24.84 -15.70
C SER A 244 28.49 -24.09 -16.93
N GLU A 245 28.27 -22.79 -16.80
CA GLU A 245 27.98 -21.99 -17.96
C GLU A 245 29.15 -22.01 -18.91
N ASN A 246 30.35 -22.09 -18.35
CA ASN A 246 31.57 -22.23 -19.10
C ASN A 246 32.62 -22.71 -18.14
N ILE A 247 32.98 -23.97 -18.23
CA ILE A 247 33.91 -24.55 -17.28
C ILE A 247 35.27 -23.86 -17.19
N THR A 248 35.70 -23.16 -18.23
CA THR A 248 36.99 -22.52 -18.16
C THR A 248 36.92 -21.17 -17.46
N ASN A 249 35.72 -20.66 -17.27
CA ASN A 249 35.54 -19.43 -16.53
C ASN A 249 35.38 -19.79 -15.08
N ASN A 250 36.36 -19.53 -14.25
CA ASN A 250 36.16 -20.00 -12.90
C ASN A 250 35.40 -19.05 -12.02
N ALA A 251 34.90 -17.95 -12.58
CA ALA A 251 34.00 -17.14 -11.80
C ALA A 251 32.64 -17.82 -11.75
N LYS A 252 32.41 -18.78 -12.66
CA LYS A 252 31.15 -19.47 -12.71
C LYS A 252 31.03 -20.53 -11.65
N ASN A 253 29.83 -20.67 -11.12
CA ASN A 253 29.54 -21.71 -10.16
C ASN A 253 29.45 -23.08 -10.84
N ILE A 254 29.98 -24.09 -10.19
CA ILE A 254 29.90 -25.44 -10.70
C ILE A 254 28.75 -26.18 -10.08
N LEU A 255 27.76 -26.53 -10.89
CA LEU A 255 26.68 -27.34 -10.40
C LEU A 255 27.09 -28.77 -10.19
N VAL A 256 26.69 -29.37 -9.09
CA VAL A 256 26.86 -30.79 -8.94
C VAL A 256 25.55 -31.41 -8.55
N GLN A 257 25.07 -32.37 -9.32
CA GLN A 257 23.82 -33.00 -8.97
C GLN A 257 24.00 -34.47 -8.69
N PHE A 258 23.64 -34.89 -7.48
CA PHE A 258 23.69 -36.29 -7.10
C PHE A 258 22.68 -37.10 -7.84
N ASN A 259 22.99 -38.36 -8.17
CA ASN A 259 21.91 -39.18 -8.70
C ASN A 259 21.27 -40.03 -7.61
N THR A 260 21.69 -39.83 -6.36
CA THR A 260 21.02 -40.46 -5.23
C THR A 260 20.88 -39.44 -4.13
N PRO A 261 19.96 -39.63 -3.19
CA PRO A 261 19.80 -38.86 -1.98
C PRO A 261 20.92 -39.16 -1.02
N VAL A 262 21.31 -38.19 -0.21
CA VAL A 262 22.22 -38.51 0.89
C VAL A 262 21.55 -38.09 2.19
N GLN A 263 21.24 -39.03 3.05
CA GLN A 263 20.56 -38.62 4.26
C GLN A 263 21.44 -37.77 5.15
N ILE A 264 20.83 -36.75 5.74
CA ILE A 264 21.48 -35.99 6.78
C ILE A 264 20.53 -35.75 7.92
N ASN A 265 21.04 -35.88 9.14
CA ASN A 265 20.21 -35.61 10.29
C ASN A 265 20.73 -34.37 10.98
N CYS A 266 19.86 -33.45 11.36
CA CYS A 266 20.30 -32.27 12.07
C CYS A 266 19.49 -31.98 13.30
N THR A 267 20.15 -31.61 14.37
CA THR A 267 19.38 -31.26 15.55
C THR A 267 19.85 -30.05 16.30
N ARG A 268 18.96 -29.57 17.13
CA ARG A 268 19.22 -28.51 18.07
C ARG A 268 18.82 -29.09 19.40
N PRO A 269 19.72 -29.82 20.02
CA PRO A 269 19.55 -30.66 21.21
C PRO A 269 19.03 -29.96 22.45
N ASN A 270 19.19 -28.66 22.52
CA ASN A 270 18.72 -27.97 23.69
C ASN A 270 17.22 -27.88 23.73
N ASN A 271 16.65 -28.11 24.90
CA ASN A 271 15.23 -27.90 25.03
C ASN A 271 15.06 -26.41 24.93
N ASN A 272 14.08 -25.95 24.20
CA ASN A 272 13.94 -24.52 24.07
C ASN A 272 12.68 -24.04 24.68
N THR A 273 12.76 -22.88 25.33
CA THR A 273 11.61 -22.32 25.99
C THR A 273 11.48 -20.89 25.52
N ARG A 274 10.31 -20.32 25.73
CA ARG A 274 10.04 -18.98 25.20
C ARG A 274 9.19 -18.13 26.10
N LYS A 275 9.37 -16.84 25.99
CA LYS A 275 8.64 -15.86 26.76
C LYS A 275 8.24 -14.71 25.87
N SER A 276 7.26 -13.93 26.27
CA SER A 276 7.01 -12.75 25.47
C SER A 276 6.65 -11.57 26.34
N ILE A 277 6.89 -10.39 25.79
CA ILE A 277 6.62 -9.14 26.45
C ILE A 277 5.84 -8.20 25.57
N ARG A 278 5.27 -7.15 26.14
CA ARG A 278 4.62 -6.18 25.29
C ARG A 278 5.41 -4.91 25.25
N ILE A 279 5.89 -4.56 24.06
CA ILE A 279 6.61 -3.32 23.86
C ILE A 279 5.73 -2.09 24.07
N GLY A 280 4.47 -2.27 23.74
CA GLY A 280 3.45 -1.25 23.77
C GLY A 280 2.21 -1.99 23.35
N PRO A 281 1.08 -1.32 23.21
CA PRO A 281 -0.12 -2.00 22.85
C PRO A 281 0.05 -2.57 21.47
N GLY A 282 -0.37 -3.81 21.30
CA GLY A 282 -0.33 -4.47 20.01
C GLY A 282 1.08 -4.92 19.64
N GLN A 283 2.02 -4.83 20.56
CA GLN A 283 3.42 -5.04 20.19
C GLN A 283 4.09 -6.23 20.83
N ALA A 284 3.47 -7.41 20.74
CA ALA A 284 4.10 -8.56 21.36
C ALA A 284 5.51 -8.78 20.84
N PHE A 285 6.40 -9.19 21.74
CA PHE A 285 7.74 -9.55 21.34
C PHE A 285 8.18 -10.85 21.93
N TYR A 286 8.50 -11.78 21.07
CA TYR A 286 8.98 -13.07 21.50
C TYR A 286 10.42 -13.00 21.94
N ALA A 287 10.76 -13.75 22.96
CA ALA A 287 12.13 -13.74 23.42
C ALA A 287 12.47 -15.09 23.98
N THR A 288 13.74 -15.43 24.00
CA THR A 288 14.07 -16.74 24.48
C THR A 288 13.82 -16.85 25.97
N GLY A 289 13.26 -17.99 26.37
CA GLY A 289 13.10 -18.38 27.75
C GLY A 289 14.41 -18.90 28.28
N ASP A 290 14.53 -19.03 29.59
CA ASP A 290 15.71 -19.68 30.13
C ASP A 290 15.67 -21.17 29.74
N ILE A 291 16.79 -21.71 29.26
CA ILE A 291 16.80 -23.12 28.89
C ILE A 291 17.14 -24.10 29.99
N ILE A 292 16.21 -25.03 30.19
CA ILE A 292 16.34 -26.14 31.10
C ILE A 292 17.35 -27.18 30.60
N GLY A 293 18.14 -27.73 31.51
CA GLY A 293 19.05 -28.82 31.17
C GLY A 293 20.42 -28.37 30.66
N ASP A 294 21.23 -29.37 30.29
CA ASP A 294 22.59 -29.21 29.78
C ASP A 294 22.63 -28.46 28.46
N ILE A 295 23.59 -27.53 28.33
CA ILE A 295 23.69 -26.79 27.08
C ILE A 295 24.63 -27.48 26.10
N ARG A 296 24.11 -27.82 24.93
CA ARG A 296 24.90 -28.51 23.92
C ARG A 296 24.81 -27.88 22.55
N GLN A 297 25.88 -28.01 21.77
CA GLN A 297 25.94 -27.44 20.44
C GLN A 297 25.04 -28.12 19.42
N ALA A 298 24.46 -27.33 18.51
CA ALA A 298 23.71 -27.88 17.39
C ALA A 298 24.64 -28.72 16.51
N HIS A 299 24.13 -29.78 15.95
CA HIS A 299 24.99 -30.61 15.10
C HIS A 299 24.26 -31.39 14.03
N CYS A 300 25.01 -31.93 13.08
CA CYS A 300 24.37 -32.80 12.10
C CYS A 300 25.18 -34.04 11.82
N ASN A 301 24.54 -35.05 11.23
CA ASN A 301 25.20 -36.31 10.93
C ASN A 301 25.04 -36.78 9.49
N VAL A 302 26.12 -37.23 8.87
CA VAL A 302 26.04 -37.84 7.53
C VAL A 302 26.90 -39.10 7.50
N SER A 303 26.52 -40.13 6.75
CA SER A 303 27.36 -41.33 6.72
C SER A 303 28.73 -41.09 6.15
N LYS A 304 29.73 -41.72 6.76
CA LYS A 304 31.08 -41.59 6.26
C LYS A 304 31.24 -42.23 4.92
N ALA A 305 30.67 -43.43 4.82
CA ALA A 305 30.79 -44.18 3.61
C ALA A 305 30.02 -43.59 2.49
N THR A 306 28.82 -43.11 2.79
CA THR A 306 28.07 -42.56 1.70
C THR A 306 28.71 -41.32 1.17
N TRP A 307 29.20 -40.49 2.09
CA TRP A 307 29.86 -39.31 1.63
C TRP A 307 31.09 -39.61 0.81
N ASN A 308 31.81 -40.62 1.21
CA ASN A 308 33.02 -40.92 0.49
C ASN A 308 32.74 -41.47 -0.86
N GLU A 309 31.83 -42.45 -0.94
CA GLU A 309 31.57 -43.07 -2.19
C GLU A 309 30.91 -42.15 -3.16
N THR A 310 29.99 -41.34 -2.69
CA THR A 310 29.37 -40.44 -3.62
C THR A 310 30.29 -39.34 -4.02
N LEU A 311 31.23 -38.98 -3.15
CA LEU A 311 32.16 -37.97 -3.56
C LEU A 311 33.04 -38.51 -4.65
N GLY A 312 33.43 -39.78 -4.53
CA GLY A 312 34.23 -40.37 -5.58
C GLY A 312 33.46 -40.44 -6.87
N LYS A 313 32.15 -40.63 -6.79
CA LYS A 313 31.35 -40.63 -7.99
C LYS A 313 31.38 -39.27 -8.65
N VAL A 314 31.42 -38.22 -7.84
CA VAL A 314 31.52 -36.89 -8.39
C VAL A 314 32.83 -36.75 -9.11
N VAL A 315 33.88 -37.29 -8.51
CA VAL A 315 35.18 -37.23 -9.10
C VAL A 315 35.24 -37.97 -10.41
N LYS A 316 34.56 -39.11 -10.49
CA LYS A 316 34.57 -39.84 -11.74
C LYS A 316 33.94 -39.03 -12.83
N GLN A 317 32.88 -38.30 -12.49
CA GLN A 317 32.26 -37.43 -13.45
C GLN A 317 33.12 -36.26 -13.79
N LEU A 318 33.80 -35.76 -12.77
CA LEU A 318 34.63 -34.60 -12.89
C LEU A 318 35.75 -34.79 -13.86
N ARG A 319 36.31 -35.99 -13.84
CA ARG A 319 37.40 -36.35 -14.73
C ARG A 319 37.03 -36.24 -16.19
N LYS A 320 35.74 -36.31 -16.52
CA LYS A 320 35.33 -36.23 -17.90
C LYS A 320 35.75 -34.92 -18.56
N HIS A 321 35.96 -33.88 -17.77
CA HIS A 321 36.33 -32.59 -18.31
C HIS A 321 37.80 -32.29 -18.21
N PHE A 322 38.61 -33.28 -17.85
CA PHE A 322 40.02 -33.05 -17.63
C PHE A 322 40.87 -34.17 -18.18
N GLY A 323 42.17 -33.93 -18.30
CA GLY A 323 43.05 -34.96 -18.82
C GLY A 323 43.10 -36.13 -17.86
N ASN A 324 43.42 -37.30 -18.40
CA ASN A 324 43.39 -38.50 -17.60
C ASN A 324 44.42 -38.48 -16.50
N ASN A 325 43.99 -38.98 -15.37
CA ASN A 325 44.77 -39.11 -14.16
C ASN A 325 45.16 -37.77 -13.54
N THR A 326 44.38 -36.72 -13.81
CA THR A 326 44.65 -35.44 -13.15
C THR A 326 44.40 -35.51 -11.65
N ILE A 327 45.24 -34.87 -10.87
CA ILE A 327 45.04 -34.81 -9.43
C ILE A 327 43.89 -33.89 -9.06
N ILE A 328 43.05 -34.35 -8.14
CA ILE A 328 41.88 -33.59 -7.72
C ILE A 328 41.81 -33.40 -6.22
N ARG A 329 41.51 -32.19 -5.78
CA ARG A 329 41.42 -31.97 -4.34
C ARG A 329 40.29 -31.07 -3.90
N PHE A 330 39.81 -31.30 -2.69
CA PHE A 330 38.76 -30.47 -2.11
C PHE A 330 39.32 -29.71 -0.94
N ALA A 331 38.68 -28.61 -0.58
CA ALA A 331 39.22 -27.81 0.49
C ALA A 331 38.21 -26.99 1.27
N ASN A 332 38.68 -26.53 2.42
CA ASN A 332 37.96 -25.62 3.31
C ASN A 332 37.80 -24.31 2.60
N SER A 333 36.68 -23.65 2.85
CA SER A 333 36.34 -22.40 2.20
C SER A 333 37.37 -21.32 2.43
N SER A 334 37.48 -20.43 1.44
CA SER A 334 38.43 -19.33 1.50
C SER A 334 37.94 -18.16 2.34
N GLY A 335 36.77 -18.30 2.94
CA GLY A 335 36.25 -17.27 3.82
C GLY A 335 35.37 -16.27 3.10
N GLY A 336 34.87 -15.30 3.84
CA GLY A 336 33.96 -14.31 3.29
C GLY A 336 32.83 -14.14 4.27
N ASP A 337 31.71 -13.63 3.78
CA ASP A 337 30.52 -13.48 4.61
C ASP A 337 30.10 -14.84 5.14
N LEU A 338 29.63 -14.86 6.38
CA LEU A 338 29.24 -16.09 7.03
C LEU A 338 28.29 -16.95 6.23
N GLU A 339 27.44 -16.32 5.45
CA GLU A 339 26.46 -17.04 4.67
C GLU A 339 27.08 -17.99 3.65
N VAL A 340 28.32 -17.72 3.23
CA VAL A 340 28.97 -18.65 2.33
C VAL A 340 30.15 -19.31 2.99
N THR A 341 30.66 -18.71 4.07
CA THR A 341 31.75 -19.30 4.80
C THR A 341 31.33 -20.60 5.44
N THR A 342 30.05 -20.72 5.75
CA THR A 342 29.50 -21.91 6.33
C THR A 342 28.28 -22.31 5.59
N HIS A 343 27.87 -23.54 5.76
CA HIS A 343 26.66 -23.97 5.10
C HIS A 343 25.53 -23.39 5.82
N SER A 344 24.53 -22.84 5.13
CA SER A 344 23.40 -22.43 5.93
C SER A 344 22.10 -22.91 5.35
N PHE A 345 21.16 -23.11 6.26
CA PHE A 345 19.81 -23.52 5.90
C PHE A 345 18.83 -23.15 6.99
N ASN A 346 17.55 -23.18 6.68
CA ASN A 346 16.55 -23.01 7.72
C ASN A 346 15.79 -24.30 7.91
N CYS A 347 15.69 -24.76 9.14
CA CYS A 347 14.91 -25.95 9.41
C CYS A 347 14.15 -25.81 10.70
N GLY A 348 12.88 -26.19 10.70
CA GLY A 348 12.16 -26.12 11.95
C GLY A 348 11.73 -24.68 12.24
N GLY A 349 11.86 -23.81 11.25
CA GLY A 349 11.62 -22.41 11.45
C GLY A 349 12.83 -21.70 12.06
N GLU A 350 13.98 -22.40 12.17
CA GLU A 350 15.15 -21.71 12.70
C GLU A 350 16.38 -21.88 11.81
N PHE A 351 17.14 -20.81 11.72
CA PHE A 351 18.34 -20.77 10.92
C PHE A 351 19.49 -21.57 11.49
N PHE A 352 20.28 -22.17 10.61
CA PHE A 352 21.46 -22.88 11.04
C PHE A 352 22.64 -22.61 10.14
N TYR A 353 23.82 -22.73 10.72
CA TYR A 353 25.06 -22.60 10.00
C TYR A 353 25.98 -23.74 10.39
N CYS A 354 26.79 -24.27 9.49
CA CYS A 354 27.69 -25.29 10.02
C CYS A 354 29.07 -25.29 9.41
N ASN A 355 29.97 -25.95 10.11
CA ASN A 355 31.31 -26.08 9.60
C ASN A 355 31.38 -27.33 8.77
N THR A 356 31.36 -27.17 7.47
CA THR A 356 31.39 -28.30 6.58
C THR A 356 32.76 -28.66 6.09
N SER A 357 33.78 -27.93 6.53
CA SER A 357 35.10 -28.16 5.98
C SER A 357 35.61 -29.57 6.14
N GLY A 358 35.15 -30.30 7.15
CA GLY A 358 35.58 -31.67 7.31
C GLY A 358 35.17 -32.54 6.14
N LEU A 359 34.07 -32.20 5.49
CA LEU A 359 33.60 -32.96 4.35
C LEU A 359 34.50 -32.84 3.16
N PHE A 360 35.27 -31.77 3.11
CA PHE A 360 36.12 -31.55 1.98
C PHE A 360 37.55 -31.91 2.23
N ASN A 361 37.84 -32.58 3.34
CA ASN A 361 39.23 -32.90 3.62
C ASN A 361 39.68 -34.15 2.88
N SER A 362 39.83 -34.04 1.56
CA SER A 362 40.28 -35.18 0.77
C SER A 362 41.04 -34.79 -0.48
N THR A 363 41.76 -35.77 -1.04
CA THR A 363 42.41 -35.61 -2.32
C THR A 363 42.09 -36.85 -3.12
N TRP A 364 42.23 -36.76 -4.43
CA TRP A 364 41.94 -37.89 -5.27
C TRP A 364 43.05 -38.11 -6.28
N ILE A 365 43.33 -39.39 -6.52
CA ILE A 365 44.37 -39.82 -7.42
C ILE A 365 43.84 -40.81 -8.42
N SER A 366 44.61 -41.06 -9.47
CA SER A 366 44.23 -42.06 -10.44
C SER A 366 44.22 -43.43 -9.80
N ASN A 367 43.41 -44.33 -10.36
CA ASN A 367 43.29 -45.68 -9.83
C ASN A 367 42.99 -45.66 -8.34
N ASP A 380 29.92 -45.22 11.99
CA ASP A 380 29.79 -45.13 10.55
C ASP A 380 29.44 -43.74 10.02
N SER A 381 29.44 -42.71 10.88
CA SER A 381 29.06 -41.41 10.38
C SER A 381 29.87 -40.24 10.92
N ILE A 382 29.83 -39.19 10.11
CA ILE A 382 30.45 -37.89 10.27
C ILE A 382 29.57 -36.95 11.04
N THR A 383 30.12 -36.23 12.01
CA THR A 383 29.26 -35.25 12.65
C THR A 383 29.84 -33.87 12.42
N LEU A 384 28.97 -32.87 12.26
CA LEU A 384 29.43 -31.52 12.06
C LEU A 384 28.84 -30.57 13.08
N PRO A 385 29.63 -29.66 13.62
CA PRO A 385 29.25 -28.61 14.52
C PRO A 385 28.36 -27.62 13.80
N CYS A 386 27.46 -26.99 14.53
CA CYS A 386 26.63 -25.98 13.90
C CYS A 386 26.37 -24.79 14.81
N ARG A 387 25.84 -23.73 14.23
CA ARG A 387 25.61 -22.48 14.92
C ARG A 387 24.28 -21.87 14.56
N ILE A 388 23.76 -21.06 15.46
CA ILE A 388 22.50 -20.38 15.20
C ILE A 388 22.59 -18.89 15.42
N LYS A 389 22.11 -18.13 14.45
CA LYS A 389 22.03 -16.69 14.59
C LYS A 389 20.59 -16.29 14.37
N GLN A 390 19.99 -15.52 15.29
CA GLN A 390 18.61 -15.18 14.99
C GLN A 390 18.42 -13.88 14.23
N ILE A 391 19.46 -13.07 14.08
CA ILE A 391 19.27 -11.90 13.23
C ILE A 391 19.69 -12.23 11.83
N ILE A 392 18.77 -12.06 10.90
CA ILE A 392 19.02 -12.44 9.54
C ILE A 392 18.88 -11.33 8.53
N ASN A 393 19.80 -11.30 7.57
CA ASN A 393 19.66 -10.40 6.45
C ASN A 393 19.46 -11.31 5.26
N MET A 394 18.30 -11.25 4.63
CA MET A 394 18.05 -12.15 3.52
C MET A 394 18.85 -11.86 2.27
N TRP A 395 19.19 -12.94 1.61
CA TRP A 395 19.90 -12.97 0.35
C TRP A 395 21.16 -12.14 0.45
N GLN A 396 21.35 -11.24 -0.51
CA GLN A 396 22.42 -10.29 -0.45
C GLN A 396 21.92 -8.94 0.04
N ARG A 397 20.61 -8.84 0.29
CA ARG A 397 20.02 -7.56 0.64
C ARG A 397 20.48 -7.02 1.98
N ILE A 398 20.65 -5.71 2.05
CA ILE A 398 20.99 -5.06 3.30
C ILE A 398 19.95 -4.05 3.79
N GLY A 399 18.86 -3.89 3.05
CA GLY A 399 17.82 -2.95 3.42
C GLY A 399 16.84 -3.44 4.46
N GLN A 400 16.95 -4.71 4.86
CA GLN A 400 16.04 -5.28 5.82
C GLN A 400 16.74 -6.23 6.75
N ALA A 401 16.15 -6.41 7.91
CA ALA A 401 16.66 -7.37 8.86
C ALA A 401 15.54 -7.94 9.65
N MET A 402 15.71 -9.16 10.11
CA MET A 402 14.66 -9.72 10.91
C MET A 402 15.16 -10.60 12.00
N TYR A 403 14.37 -10.71 13.04
CA TYR A 403 14.70 -11.59 14.14
C TYR A 403 13.91 -12.84 14.04
N ALA A 404 14.55 -13.99 13.94
CA ALA A 404 13.76 -15.18 14.00
C ALA A 404 13.17 -15.28 15.40
N PRO A 405 11.93 -15.70 15.56
CA PRO A 405 11.29 -16.03 16.81
C PRO A 405 11.97 -17.27 17.35
N PRO A 406 12.02 -17.49 18.65
CA PRO A 406 12.52 -18.69 19.27
C PRO A 406 11.63 -19.85 18.87
N ILE A 407 12.21 -21.04 18.76
CA ILE A 407 11.46 -22.24 18.47
C ILE A 407 11.46 -23.15 19.67
N GLN A 408 10.33 -23.33 20.32
CA GLN A 408 10.31 -24.18 21.51
C GLN A 408 10.57 -25.65 21.23
N GLY A 409 11.21 -26.29 22.20
CA GLY A 409 11.52 -27.72 22.17
C GLY A 409 12.83 -28.01 21.44
N VAL A 410 13.18 -29.28 21.37
CA VAL A 410 14.35 -29.74 20.64
C VAL A 410 14.05 -29.79 19.15
N ILE A 411 14.94 -29.26 18.32
CA ILE A 411 14.71 -29.34 16.88
C ILE A 411 15.25 -30.62 16.26
N ARG A 412 14.41 -31.33 15.53
CA ARG A 412 14.89 -32.49 14.77
C ARG A 412 14.64 -32.28 13.28
N CYS A 413 15.68 -32.47 12.47
CA CYS A 413 15.56 -32.32 11.04
C CYS A 413 16.13 -33.47 10.25
N VAL A 414 15.40 -33.92 9.24
CA VAL A 414 15.94 -34.94 8.37
C VAL A 414 15.74 -34.51 6.93
N SER A 415 16.79 -34.60 6.13
CA SER A 415 16.66 -34.22 4.73
C SER A 415 17.60 -34.97 3.84
N ASN A 416 17.38 -34.89 2.54
CA ASN A 416 18.28 -35.52 1.61
C ASN A 416 19.14 -34.48 0.94
N ILE A 417 20.43 -34.69 0.93
CA ILE A 417 21.30 -33.78 0.25
C ILE A 417 21.27 -34.16 -1.19
N THR A 418 21.02 -33.21 -2.07
CA THR A 418 20.96 -33.59 -3.46
C THR A 418 22.04 -33.01 -4.37
N GLY A 419 22.88 -32.11 -3.88
CA GLY A 419 23.96 -31.64 -4.77
C GLY A 419 24.87 -30.61 -4.12
N LEU A 420 25.84 -30.12 -4.90
CA LEU A 420 26.75 -29.11 -4.38
C LEU A 420 26.91 -27.92 -5.28
N ILE A 421 27.07 -26.75 -4.68
CA ILE A 421 27.49 -25.60 -5.45
C ILE A 421 28.99 -25.41 -5.19
N LEU A 422 29.80 -25.60 -6.22
CA LEU A 422 31.24 -25.57 -6.07
C LEU A 422 31.94 -24.56 -6.93
N THR A 423 33.14 -24.20 -6.54
CA THR A 423 33.95 -23.31 -7.35
C THR A 423 35.33 -23.92 -7.50
N ARG A 424 36.07 -23.44 -8.47
CA ARG A 424 37.38 -23.99 -8.73
C ARG A 424 38.46 -22.96 -8.55
N ASP A 425 39.55 -23.35 -7.94
CA ASP A 425 40.66 -22.42 -7.75
C ASP A 425 41.28 -22.02 -9.07
N GLY A 426 41.56 -20.74 -9.19
CA GLY A 426 42.21 -20.19 -10.36
C GLY A 426 43.68 -20.57 -10.50
N GLY A 427 44.22 -20.28 -11.68
CA GLY A 427 45.62 -20.45 -12.00
C GLY A 427 46.08 -21.89 -12.12
N SER A 428 47.22 -22.14 -11.48
CA SER A 428 47.99 -23.38 -11.52
C SER A 428 48.66 -23.56 -12.87
N THR A 429 49.28 -24.70 -13.07
CA THR A 429 49.96 -24.96 -14.32
C THR A 429 49.75 -26.34 -14.86
N ASN A 430 50.03 -26.46 -16.15
CA ASN A 430 50.05 -27.70 -16.90
C ASN A 430 48.77 -28.47 -16.76
N SER A 431 47.64 -27.77 -16.74
CA SER A 431 46.33 -28.39 -16.64
C SER A 431 46.23 -29.46 -15.54
N THR A 432 46.97 -29.32 -14.43
CA THR A 432 46.91 -30.36 -13.41
C THR A 432 46.79 -29.87 -11.98
N THR A 433 46.41 -30.83 -11.13
CA THR A 433 46.16 -30.69 -9.68
C THR A 433 45.07 -29.66 -9.41
N GLU A 434 43.91 -29.85 -10.01
CA GLU A 434 42.76 -28.97 -9.80
C GLU A 434 42.22 -29.08 -8.39
N THR A 435 41.73 -27.97 -7.85
CA THR A 435 41.16 -28.01 -6.51
C THR A 435 39.81 -27.33 -6.47
N PHE A 436 39.01 -27.66 -5.43
CA PHE A 436 37.68 -27.10 -5.33
C PHE A 436 37.25 -26.71 -3.92
N ARG A 437 36.31 -25.78 -3.87
CA ARG A 437 35.71 -25.29 -2.65
C ARG A 437 34.23 -25.02 -2.82
N PRO A 438 33.46 -25.05 -1.75
CA PRO A 438 32.08 -24.62 -1.69
C PRO A 438 32.04 -23.13 -2.04
N GLY A 439 30.95 -22.69 -2.64
CA GLY A 439 30.85 -21.28 -3.03
C GLY A 439 29.55 -21.08 -3.77
N GLY A 440 29.35 -19.92 -4.38
CA GLY A 440 28.15 -19.82 -5.19
C GLY A 440 26.84 -19.56 -4.46
N GLY A 441 26.89 -19.12 -3.21
CA GLY A 441 25.71 -18.97 -2.36
C GLY A 441 24.54 -18.13 -2.90
N ASP A 442 24.66 -17.46 -4.06
CA ASP A 442 23.50 -16.75 -4.60
C ASP A 442 22.40 -17.75 -4.91
N MET A 443 21.23 -17.47 -4.38
CA MET A 443 20.07 -18.33 -4.48
C MET A 443 19.61 -18.65 -5.87
N ARG A 444 19.96 -17.81 -6.83
CA ARG A 444 19.58 -18.07 -8.18
C ARG A 444 20.03 -19.41 -8.67
N ASP A 445 21.18 -19.88 -8.20
CA ASP A 445 21.62 -21.15 -8.71
C ASP A 445 21.07 -22.32 -7.97
N ASN A 446 20.23 -22.09 -6.97
CA ASN A 446 19.58 -23.23 -6.43
C ASN A 446 18.45 -23.53 -7.36
N TRP A 447 17.78 -22.48 -7.76
CA TRP A 447 16.65 -22.62 -8.66
C TRP A 447 17.01 -23.15 -10.02
N ARG A 448 18.21 -22.80 -10.49
CA ARG A 448 18.63 -23.28 -11.77
C ARG A 448 18.74 -24.78 -11.82
N SER A 449 19.10 -25.39 -10.68
CA SER A 449 19.20 -26.83 -10.68
C SER A 449 17.89 -27.53 -11.02
N GLU A 450 16.75 -26.87 -10.77
CA GLU A 450 15.50 -27.47 -11.14
C GLU A 450 14.97 -27.00 -12.48
N LEU A 451 15.18 -25.72 -12.77
CA LEU A 451 14.60 -25.15 -13.96
C LEU A 451 15.37 -25.29 -15.25
N TYR A 452 16.59 -25.80 -15.23
CA TYR A 452 17.34 -25.94 -16.46
C TYR A 452 16.63 -26.84 -17.49
N LYS A 453 15.79 -27.74 -17.01
CA LYS A 453 15.01 -28.62 -17.86
C LYS A 453 13.96 -27.93 -18.72
N TYR A 454 13.64 -26.68 -18.44
CA TYR A 454 12.52 -26.09 -19.14
C TYR A 454 12.81 -24.81 -19.88
N LYS A 455 12.02 -24.58 -20.92
CA LYS A 455 12.01 -23.35 -21.69
C LYS A 455 10.58 -23.04 -22.04
N VAL A 456 10.29 -21.79 -22.38
CA VAL A 456 8.93 -21.46 -22.76
C VAL A 456 8.90 -20.75 -24.09
N VAL A 457 7.90 -21.09 -24.90
CA VAL A 457 7.76 -20.52 -26.21
C VAL A 457 6.40 -19.96 -26.45
N LYS A 458 6.32 -19.12 -27.47
CA LYS A 458 5.10 -18.53 -27.89
C LYS A 458 4.54 -19.29 -29.04
N ILE A 459 3.26 -19.59 -28.95
CA ILE A 459 2.56 -20.28 -30.01
C ILE A 459 2.01 -19.32 -31.02
N GLU A 460 2.34 -19.51 -32.29
CA GLU A 460 1.72 -18.69 -33.34
C GLU A 460 0.93 -19.56 -34.31
N PRO A 461 -0.37 -19.77 -34.08
CA PRO A 461 -1.28 -20.61 -34.84
C PRO A 461 -1.41 -20.23 -36.32
N LEU A 462 -1.22 -18.96 -36.60
CA LEU A 462 -1.30 -18.48 -37.95
C LEU A 462 -0.15 -18.93 -38.83
N GLY A 463 -0.46 -19.26 -40.07
CA GLY A 463 0.61 -19.45 -41.03
C GLY A 463 0.07 -19.58 -42.43
N VAL A 464 0.96 -19.59 -43.41
CA VAL A 464 0.54 -19.72 -44.78
C VAL A 464 1.40 -20.69 -45.55
N ALA A 465 0.85 -21.19 -46.66
CA ALA A 465 1.59 -22.02 -47.60
C ALA A 465 0.91 -21.92 -48.96
N PRO A 466 1.61 -22.18 -50.06
CA PRO A 466 1.07 -22.20 -51.40
C PRO A 466 0.02 -23.30 -51.55
N THR A 467 -0.97 -23.06 -52.42
CA THR A 467 -2.00 -24.03 -52.75
C THR A 467 -2.34 -24.06 -54.21
N ARG A 468 -2.97 -25.14 -54.62
CA ARG A 468 -3.46 -25.22 -55.98
C ARG A 468 -4.85 -24.63 -56.14
N CYS A 469 -5.51 -24.33 -55.02
CA CYS A 469 -6.83 -23.74 -55.08
C CYS A 469 -6.82 -22.22 -55.18
N LYS A 470 -7.97 -21.65 -55.56
CA LYS A 470 -8.19 -20.21 -55.53
C LYS A 470 -9.53 -19.96 -54.86
N ARG A 471 -9.73 -18.80 -54.27
CA ARG A 471 -11.04 -18.54 -53.69
C ARG A 471 -12.05 -18.56 -54.81
N ARG A 472 -13.24 -19.06 -54.54
CA ARG A 472 -14.24 -19.09 -55.57
C ARG A 472 -14.60 -17.70 -56.05
N VAL A 473 -14.80 -17.57 -57.34
CA VAL A 473 -15.24 -16.31 -57.90
C VAL A 473 -16.70 -16.10 -57.59
N VAL A 474 -17.05 -14.90 -57.16
CA VAL A 474 -18.44 -14.60 -56.85
C VAL A 474 -18.88 -13.33 -57.55
N LEU B 9 -5.91 -36.26 -29.22
CA LEU B 9 -4.47 -36.12 -29.27
C LEU B 9 -4.00 -34.94 -28.44
N GLY B 10 -2.81 -35.06 -27.87
CA GLY B 10 -2.25 -33.99 -27.05
C GLY B 10 -1.87 -32.75 -27.87
N PHE B 11 -1.87 -31.62 -27.20
CA PHE B 11 -1.52 -30.36 -27.81
C PHE B 11 -0.10 -30.42 -28.36
N LEU B 12 0.08 -29.87 -29.56
CA LEU B 12 1.34 -29.85 -30.28
C LEU B 12 1.88 -31.22 -30.66
N GLY B 13 1.06 -32.26 -30.65
CA GLY B 13 1.56 -33.56 -31.10
C GLY B 13 1.93 -33.52 -32.56
N ALA B 14 1.29 -32.60 -33.28
CA ALA B 14 1.48 -32.36 -34.68
C ALA B 14 2.86 -31.88 -35.04
N ALA B 15 3.67 -31.46 -34.07
CA ALA B 15 4.98 -30.98 -34.45
C ALA B 15 5.83 -32.05 -35.16
N GLY B 16 5.53 -33.34 -34.94
CA GLY B 16 6.28 -34.39 -35.65
C GLY B 16 5.71 -34.74 -37.02
N SER B 17 4.52 -34.23 -37.32
CA SER B 17 3.83 -34.48 -38.56
C SER B 17 4.43 -33.71 -39.71
N THR B 18 4.21 -34.20 -40.92
CA THR B 18 4.62 -33.43 -42.08
C THR B 18 3.67 -32.27 -42.16
N MET B 19 4.04 -31.21 -42.86
CA MET B 19 3.14 -30.08 -42.91
C MET B 19 1.75 -30.41 -43.41
N GLY B 20 1.65 -31.28 -44.40
CA GLY B 20 0.32 -31.62 -44.84
C GLY B 20 -0.44 -32.41 -43.78
N ALA B 21 0.26 -33.31 -43.08
CA ALA B 21 -0.40 -34.12 -42.09
C ALA B 21 -0.84 -33.34 -40.87
N ALA B 22 -0.18 -32.22 -40.62
CA ALA B 22 -0.51 -31.41 -39.46
C ALA B 22 -1.89 -30.80 -39.56
N SER B 23 -2.44 -30.72 -40.77
CA SER B 23 -3.74 -30.12 -40.95
C SER B 23 -4.83 -30.83 -40.18
N MET B 24 -4.64 -32.11 -39.91
CA MET B 24 -5.65 -32.87 -39.21
C MET B 24 -5.87 -32.45 -37.77
N THR B 25 -4.90 -31.78 -37.19
CA THR B 25 -4.96 -31.40 -35.78
C THR B 25 -5.28 -29.96 -35.55
N LEU B 26 -5.59 -29.21 -36.59
CA LEU B 26 -5.70 -27.79 -36.38
C LEU B 26 -6.75 -27.41 -35.34
N THR B 27 -7.84 -28.18 -35.27
CA THR B 27 -8.84 -27.87 -34.25
C THR B 27 -8.33 -28.05 -32.86
N VAL B 28 -7.51 -29.08 -32.68
CA VAL B 28 -6.95 -29.37 -31.38
C VAL B 28 -6.08 -28.25 -30.92
N GLN B 29 -5.31 -27.73 -31.86
CA GLN B 29 -4.43 -26.65 -31.54
C GLN B 29 -5.19 -25.40 -31.18
N ALA B 30 -6.33 -25.18 -31.83
CA ALA B 30 -7.13 -24.03 -31.53
C ALA B 30 -7.87 -24.10 -30.21
N ARG B 31 -8.06 -25.31 -29.67
CA ARG B 31 -8.87 -25.44 -28.45
C ARG B 31 -8.40 -24.68 -27.23
N ASN B 32 -7.10 -24.62 -27.00
CA ASN B 32 -6.62 -23.93 -25.82
C ASN B 32 -6.07 -22.55 -26.10
N LEU B 33 -6.32 -21.99 -27.27
CA LEU B 33 -5.72 -20.70 -27.52
C LEU B 33 -6.24 -19.60 -26.61
N LEU B 34 -7.47 -19.74 -26.13
CA LEU B 34 -8.05 -18.72 -25.28
C LEU B 34 -8.00 -19.03 -23.80
N SER B 35 -8.24 -20.28 -23.44
CA SER B 35 -8.27 -20.64 -22.03
C SER B 35 -7.83 -22.10 -21.82
N LEU B 55 -6.07 -9.73 0.99
CA LEU B 55 -6.20 -8.85 -0.16
C LEU B 55 -6.06 -9.55 -1.49
N LYS B 56 -6.84 -9.07 -2.46
CA LYS B 56 -6.76 -9.55 -3.83
C LYS B 56 -5.58 -8.91 -4.54
N LEU B 57 -4.91 -7.99 -3.85
CA LEU B 57 -3.71 -7.32 -4.28
C LEU B 57 -2.48 -8.17 -4.01
N THR B 58 -2.66 -9.38 -3.46
CA THR B 58 -1.52 -10.24 -3.28
C THR B 58 -0.92 -10.43 -4.66
N VAL B 59 0.40 -10.41 -4.72
CA VAL B 59 1.07 -10.41 -6.00
C VAL B 59 0.73 -11.55 -6.91
N TRP B 60 0.37 -12.71 -6.38
CA TRP B 60 0.01 -13.76 -7.30
C TRP B 60 -1.22 -13.40 -8.13
N GLY B 61 -2.17 -12.68 -7.52
CA GLY B 61 -3.38 -12.31 -8.23
C GLY B 61 -3.09 -11.31 -9.32
N ILE B 62 -2.13 -10.44 -9.06
CA ILE B 62 -1.77 -9.43 -10.02
C ILE B 62 -1.18 -10.07 -11.25
N LYS B 63 -0.35 -11.06 -11.01
CA LYS B 63 0.26 -11.76 -12.10
C LYS B 63 -0.72 -12.49 -12.95
N GLN B 64 -1.74 -13.09 -12.31
CA GLN B 64 -2.71 -13.80 -13.09
C GLN B 64 -3.50 -12.87 -13.95
N LEU B 65 -3.77 -11.68 -13.42
CA LEU B 65 -4.51 -10.71 -14.18
C LEU B 65 -3.82 -10.28 -15.43
N GLN B 66 -2.52 -10.05 -15.33
CA GLN B 66 -1.79 -9.65 -16.50
C GLN B 66 -1.78 -10.73 -17.55
N ALA B 67 -1.67 -11.97 -17.11
CA ALA B 67 -1.66 -13.06 -18.06
C ALA B 67 -2.96 -13.18 -18.80
N ARG B 68 -4.06 -12.98 -18.09
CA ARG B 68 -5.34 -13.11 -18.73
C ARG B 68 -5.55 -12.05 -19.77
N VAL B 69 -5.09 -10.84 -19.48
CA VAL B 69 -5.24 -9.80 -20.45
C VAL B 69 -4.43 -10.02 -21.68
N LEU B 70 -3.18 -10.44 -21.49
CA LEU B 70 -2.34 -10.68 -22.64
C LEU B 70 -2.85 -11.74 -23.55
N ALA B 71 -3.36 -12.83 -22.97
CA ALA B 71 -3.86 -13.90 -23.79
C ALA B 71 -5.00 -13.43 -24.64
N VAL B 72 -5.86 -12.60 -24.06
CA VAL B 72 -6.95 -12.07 -24.82
C VAL B 72 -6.49 -11.19 -25.94
N GLU B 73 -5.49 -10.37 -25.67
CA GLU B 73 -5.03 -9.48 -26.71
C GLU B 73 -4.51 -10.21 -27.90
N ARG B 74 -3.74 -11.25 -27.66
CA ARG B 74 -3.18 -11.96 -28.79
C ARG B 74 -4.20 -12.77 -29.55
N TYR B 75 -5.14 -13.36 -28.83
CA TYR B 75 -6.16 -14.13 -29.49
C TYR B 75 -7.00 -13.28 -30.38
N LEU B 76 -7.40 -12.14 -29.85
CA LEU B 76 -8.25 -11.25 -30.56
C LEU B 76 -7.57 -10.70 -31.79
N ARG B 77 -6.28 -10.42 -31.66
CA ARG B 77 -5.51 -9.91 -32.77
C ARG B 77 -5.50 -10.85 -33.95
N ASP B 78 -5.38 -12.15 -33.69
CA ASP B 78 -5.40 -13.08 -34.81
C ASP B 78 -6.73 -13.09 -35.49
N GLN B 79 -7.79 -13.00 -34.70
CA GLN B 79 -9.09 -13.05 -35.29
C GLN B 79 -9.34 -11.84 -36.15
N GLN B 80 -8.74 -10.71 -35.77
CA GLN B 80 -8.87 -9.53 -36.59
C GLN B 80 -8.29 -9.75 -37.95
N LEU B 81 -7.12 -10.39 -38.00
CA LEU B 81 -6.50 -10.63 -39.28
C LEU B 81 -7.28 -11.54 -40.17
N LEU B 82 -7.88 -12.56 -39.58
CA LEU B 82 -8.66 -13.46 -40.38
C LEU B 82 -9.88 -12.79 -40.96
N GLY B 83 -10.49 -11.90 -40.17
CA GLY B 83 -11.63 -11.16 -40.67
C GLY B 83 -11.25 -10.26 -41.81
N ILE B 84 -10.03 -9.72 -41.77
CA ILE B 84 -9.57 -8.90 -42.85
C ILE B 84 -9.38 -9.71 -44.09
N TRP B 85 -8.78 -10.88 -43.91
CA TRP B 85 -8.51 -11.79 -45.00
C TRP B 85 -9.72 -12.52 -45.54
N GLY B 86 -10.83 -12.48 -44.79
CA GLY B 86 -12.06 -13.13 -45.19
C GLY B 86 -12.02 -14.62 -44.88
N CYS B 87 -10.99 -15.04 -44.16
CA CYS B 87 -10.82 -16.42 -43.79
C CYS B 87 -11.39 -16.72 -42.41
N SER B 88 -12.14 -15.76 -41.87
CA SER B 88 -12.68 -15.94 -40.56
C SER B 88 -13.61 -17.12 -40.51
N GLY B 89 -13.58 -17.79 -39.38
CA GLY B 89 -14.39 -18.95 -39.13
C GLY B 89 -13.80 -20.21 -39.73
N LYS B 90 -12.58 -20.15 -40.28
CA LYS B 90 -12.01 -21.37 -40.81
C LYS B 90 -10.58 -21.61 -40.35
N LEU B 91 -10.22 -22.87 -40.19
CA LEU B 91 -8.84 -23.23 -39.92
C LEU B 91 -8.05 -23.40 -41.20
N ILE B 92 -8.80 -23.52 -42.29
CA ILE B 92 -8.25 -23.66 -43.61
C ILE B 92 -8.94 -22.67 -44.49
N CYS B 93 -8.21 -21.99 -45.33
CA CYS B 93 -8.87 -21.05 -46.19
C CYS B 93 -8.21 -21.08 -47.53
N CYS B 94 -8.85 -20.50 -48.52
CA CYS B 94 -8.33 -20.59 -49.86
C CYS B 94 -8.27 -19.26 -50.57
N THR B 95 -7.23 -18.51 -50.30
CA THR B 95 -7.01 -17.24 -50.95
C THR B 95 -6.65 -17.46 -52.40
N ASN B 96 -6.87 -16.46 -53.23
CA ASN B 96 -6.48 -16.53 -54.63
C ASN B 96 -5.20 -15.74 -54.89
N VAL B 97 -4.47 -15.36 -53.85
CA VAL B 97 -3.33 -14.48 -54.09
C VAL B 97 -2.06 -15.20 -54.55
N PRO B 98 -1.53 -14.82 -55.72
CA PRO B 98 -0.30 -15.26 -56.35
C PRO B 98 0.89 -14.79 -55.56
N TRP B 99 1.99 -15.51 -55.66
CA TRP B 99 3.19 -15.11 -54.94
C TRP B 99 4.39 -15.25 -55.83
N ASN B 100 5.44 -14.49 -55.54
CA ASN B 100 6.61 -14.64 -56.36
C ASN B 100 7.25 -15.96 -55.99
N SER B 101 7.47 -16.81 -56.99
CA SER B 101 7.99 -18.15 -56.77
C SER B 101 9.31 -18.20 -56.04
N SER B 102 10.09 -17.13 -56.13
CA SER B 102 11.39 -17.06 -55.48
C SER B 102 11.33 -17.24 -53.97
N TRP B 103 10.17 -17.01 -53.38
CA TRP B 103 10.02 -17.17 -51.94
C TRP B 103 10.29 -18.61 -51.46
N SER B 104 10.22 -19.59 -52.36
CA SER B 104 10.52 -20.96 -51.96
C SER B 104 11.34 -21.72 -52.98
N ASN B 105 12.10 -22.67 -52.48
CA ASN B 105 12.93 -23.51 -53.31
C ASN B 105 12.34 -24.88 -53.59
N ARG B 106 11.07 -25.10 -53.28
CA ARG B 106 10.52 -26.44 -53.44
C ARG B 106 9.17 -26.52 -54.09
N ASN B 107 8.91 -27.68 -54.70
CA ASN B 107 7.60 -27.95 -55.26
C ASN B 107 6.69 -28.13 -54.08
N LEU B 108 5.45 -27.64 -54.18
CA LEU B 108 4.58 -27.72 -53.04
C LEU B 108 4.37 -29.11 -52.46
N SER B 109 4.27 -30.14 -53.30
CA SER B 109 4.14 -31.47 -52.73
C SER B 109 5.37 -31.87 -51.94
N GLU B 110 6.53 -31.35 -52.37
CA GLU B 110 7.77 -31.60 -51.65
C GLU B 110 7.70 -30.93 -50.32
N ILE B 111 7.09 -29.75 -50.32
CA ILE B 111 6.94 -29.01 -49.10
C ILE B 111 6.02 -29.68 -48.12
N TRP B 112 4.90 -30.20 -48.60
CA TRP B 112 3.99 -30.82 -47.67
C TRP B 112 4.58 -32.01 -46.97
N ASP B 113 5.40 -32.79 -47.66
CA ASP B 113 5.95 -33.94 -46.97
C ASP B 113 7.41 -33.95 -46.57
N ASN B 114 8.20 -32.92 -46.91
CA ASN B 114 9.59 -32.98 -46.45
C ASN B 114 9.91 -32.06 -45.30
N MET B 115 8.93 -31.42 -44.70
CA MET B 115 9.28 -30.57 -43.59
C MET B 115 8.16 -30.42 -42.60
N THR B 116 8.53 -30.01 -41.39
CA THR B 116 7.57 -29.59 -40.41
C THR B 116 7.19 -28.16 -40.72
N TRP B 117 6.09 -27.68 -40.18
CA TRP B 117 5.75 -26.29 -40.35
C TRP B 117 6.77 -25.36 -39.76
N LEU B 118 7.48 -25.82 -38.73
CA LEU B 118 8.49 -24.99 -38.12
C LEU B 118 9.59 -24.69 -39.11
N GLN B 119 9.95 -25.72 -39.87
CA GLN B 119 10.95 -25.53 -40.88
C GLN B 119 10.47 -24.62 -41.98
N TRP B 120 9.20 -24.78 -42.33
CA TRP B 120 8.60 -23.94 -43.33
C TRP B 120 8.56 -22.49 -42.96
N ASP B 121 8.39 -22.23 -41.67
CA ASP B 121 8.36 -20.88 -41.18
C ASP B 121 9.67 -20.22 -41.46
N LYS B 122 10.74 -20.96 -41.21
CA LYS B 122 12.03 -20.41 -41.47
C LYS B 122 12.25 -20.13 -42.95
N GLU B 123 11.75 -21.02 -43.82
CA GLU B 123 11.95 -20.81 -45.25
C GLU B 123 11.34 -19.53 -45.78
N ILE B 124 10.20 -19.14 -45.22
CA ILE B 124 9.56 -17.91 -45.68
C ILE B 124 9.57 -16.81 -44.65
N SER B 125 10.45 -16.91 -43.66
CA SER B 125 10.43 -15.96 -42.56
C SER B 125 10.54 -14.49 -42.94
N ASN B 126 11.14 -14.15 -44.07
CA ASN B 126 11.23 -12.75 -44.40
C ASN B 126 10.17 -12.25 -45.37
N TYR B 127 9.18 -13.07 -45.71
CA TYR B 127 8.18 -12.58 -46.64
C TYR B 127 6.83 -12.38 -46.01
N THR B 128 6.70 -12.70 -44.74
CA THR B 128 5.36 -12.71 -44.19
C THR B 128 4.68 -11.37 -44.12
N GLN B 129 5.46 -10.31 -43.98
CA GLN B 129 4.85 -9.01 -43.97
C GLN B 129 4.28 -8.66 -45.30
N ILE B 130 4.99 -9.11 -46.34
CA ILE B 130 4.60 -8.84 -47.69
C ILE B 130 3.31 -9.51 -47.98
N ILE B 131 3.23 -10.75 -47.53
CA ILE B 131 2.07 -11.54 -47.76
C ILE B 131 0.87 -10.97 -47.12
N TYR B 132 1.01 -10.51 -45.89
CA TYR B 132 -0.15 -10.02 -45.21
C TYR B 132 -0.74 -8.81 -45.87
N GLY B 133 0.12 -7.91 -46.38
CA GLY B 133 -0.43 -6.75 -47.06
C GLY B 133 -1.14 -7.14 -48.33
N LEU B 134 -0.60 -8.14 -49.01
CA LEU B 134 -1.22 -8.59 -50.21
C LEU B 134 -2.55 -9.22 -49.98
N LEU B 135 -2.66 -9.99 -48.90
CA LEU B 135 -3.92 -10.65 -48.66
C LEU B 135 -5.02 -9.66 -48.44
N GLU B 136 -4.69 -8.62 -47.70
CA GLU B 136 -5.65 -7.59 -47.43
C GLU B 136 -6.12 -6.81 -48.62
N GLU B 137 -5.18 -6.38 -49.46
CA GLU B 137 -5.61 -5.52 -50.53
C GLU B 137 -5.75 -6.16 -51.86
N SER B 138 -4.79 -7.01 -52.23
CA SER B 138 -4.81 -7.61 -53.55
C SER B 138 -6.03 -8.48 -53.72
N GLN B 139 -6.54 -9.01 -52.63
CA GLN B 139 -7.73 -9.78 -52.77
C GLN B 139 -8.90 -9.30 -51.99
N ASN B 140 -8.74 -8.97 -50.73
CA ASN B 140 -9.96 -8.63 -50.05
C ASN B 140 -10.48 -7.24 -50.30
N GLN B 141 -9.59 -6.25 -50.41
CA GLN B 141 -10.11 -4.95 -50.75
C GLN B 141 -10.72 -4.97 -52.12
N GLN B 142 -10.01 -5.63 -53.04
CA GLN B 142 -10.53 -5.73 -54.38
C GLN B 142 -11.81 -6.52 -54.49
N GLU B 143 -11.94 -7.61 -53.74
CA GLU B 143 -13.17 -8.35 -53.82
C GLU B 143 -14.32 -7.57 -53.28
N LYS B 144 -14.08 -6.74 -52.29
CA LYS B 144 -15.17 -5.93 -51.82
C LYS B 144 -15.64 -4.98 -52.89
N ASN B 145 -14.70 -4.51 -53.70
CA ASN B 145 -15.05 -3.62 -54.77
C ASN B 145 -15.87 -4.37 -55.80
N GLU B 146 -15.50 -5.62 -56.03
CA GLU B 146 -16.26 -6.41 -56.97
C GLU B 146 -17.65 -6.67 -56.45
N GLN B 147 -17.78 -6.83 -55.13
CA GLN B 147 -19.10 -7.04 -54.58
C GLN B 147 -19.89 -5.77 -54.59
N ASP B 148 -19.20 -4.63 -54.60
CA ASP B 148 -19.91 -3.38 -54.69
C ASP B 148 -20.51 -3.24 -56.05
N LEU B 149 -19.81 -3.74 -57.07
CA LEU B 149 -20.37 -3.71 -58.39
C LEU B 149 -21.62 -4.54 -58.47
N LEU B 150 -21.63 -5.68 -57.77
CA LEU B 150 -22.84 -6.47 -57.69
C LEU B 150 -23.91 -5.77 -56.88
N ALA B 151 -23.50 -4.99 -55.88
CA ALA B 151 -24.40 -4.25 -55.03
C ALA B 151 -25.12 -3.14 -55.80
N LEU B 152 -24.58 -2.75 -56.94
CA LEU B 152 -25.23 -1.78 -57.80
C LEU B 152 -26.51 -2.30 -58.44
N ASP B 153 -26.71 -3.62 -58.42
CA ASP B 153 -27.90 -4.21 -58.99
C ASP B 153 -28.91 -4.56 -57.91
N GLU C 2 -36.46 -0.53 -55.70
CA GLU C 2 -36.08 0.81 -56.13
C GLU C 2 -35.67 1.72 -55.00
N ASN C 3 -36.48 1.79 -53.97
CA ASN C 3 -36.18 2.69 -52.88
C ASN C 3 -34.94 2.19 -52.17
N LEU C 4 -34.09 3.13 -51.80
CA LEU C 4 -32.80 2.83 -51.20
C LEU C 4 -32.93 2.13 -49.86
N TRP C 5 -31.95 1.27 -49.58
CA TRP C 5 -31.92 0.58 -48.32
C TRP C 5 -30.72 1.09 -47.57
N VAL C 6 -30.89 1.52 -46.33
CA VAL C 6 -29.70 1.96 -45.60
C VAL C 6 -28.88 0.74 -45.34
N THR C 7 -27.56 0.81 -45.50
CA THR C 7 -26.79 -0.37 -45.17
C THR C 7 -25.51 -0.10 -44.41
N VAL C 8 -24.99 -1.19 -43.86
CA VAL C 8 -23.80 -1.19 -43.03
C VAL C 8 -22.46 -0.96 -43.71
N TYR C 9 -21.66 -0.13 -43.04
CA TYR C 9 -20.27 0.14 -43.40
C TYR C 9 -19.42 0.06 -42.15
N TYR C 10 -18.15 -0.24 -42.31
CA TYR C 10 -17.30 -0.31 -41.17
C TYR C 10 -15.94 0.23 -41.47
N GLY C 11 -15.34 0.83 -40.45
CA GLY C 11 -14.04 1.48 -40.57
C GLY C 11 -14.17 2.88 -41.14
N VAL C 12 -15.38 3.39 -41.29
CA VAL C 12 -15.51 4.74 -41.80
C VAL C 12 -14.99 5.65 -40.73
N PRO C 13 -14.25 6.70 -41.04
CA PRO C 13 -13.80 7.57 -39.99
C PRO C 13 -14.96 8.33 -39.39
N VAL C 14 -14.94 8.45 -38.07
CA VAL C 14 -15.85 9.29 -37.29
C VAL C 14 -15.09 9.92 -36.16
N TRP C 15 -15.35 11.18 -35.85
CA TRP C 15 -14.70 11.78 -34.71
C TRP C 15 -15.69 12.13 -33.64
N LYS C 16 -15.37 11.79 -32.40
CA LYS C 16 -16.20 12.22 -31.30
C LYS C 16 -15.33 12.83 -30.22
N ASP C 17 -15.86 13.81 -29.52
CA ASP C 17 -15.09 14.34 -28.42
C ASP C 17 -15.01 13.29 -27.35
N ALA C 18 -13.83 13.04 -26.82
CA ALA C 18 -13.79 12.05 -25.74
C ALA C 18 -12.61 12.23 -24.83
N GLU C 19 -12.71 11.67 -23.63
CA GLU C 19 -11.54 11.64 -22.77
C GLU C 19 -11.26 10.24 -22.32
N THR C 20 -10.00 9.89 -22.44
CA THR C 20 -9.48 8.61 -22.03
C THR C 20 -8.23 8.82 -21.29
N THR C 21 -7.77 7.81 -20.58
CA THR C 21 -6.49 7.98 -19.96
C THR C 21 -5.42 7.98 -21.02
N LEU C 22 -4.53 8.95 -20.96
CA LEU C 22 -3.39 9.04 -21.85
C LEU C 22 -2.37 7.97 -21.53
N PHE C 23 -1.69 7.47 -22.54
CA PHE C 23 -0.70 6.46 -22.26
C PHE C 23 0.71 7.01 -22.18
N CYS C 24 1.36 6.77 -21.05
CA CYS C 24 2.74 7.19 -20.87
C CYS C 24 3.70 6.54 -21.80
N ALA C 25 4.62 7.32 -22.32
CA ALA C 25 5.67 6.77 -23.14
C ALA C 25 6.91 7.63 -23.03
N SER C 26 8.04 7.07 -23.42
CA SER C 26 9.31 7.77 -23.29
C SER C 26 10.22 7.55 -24.47
N ASP C 27 11.23 8.41 -24.59
CA ASP C 27 12.12 8.34 -25.74
C ASP C 27 13.12 7.22 -25.60
N ALA C 28 12.65 6.03 -25.98
CA ALA C 28 13.40 4.78 -26.01
C ALA C 28 14.01 4.41 -24.67
N LYS C 29 13.48 4.98 -23.58
CA LYS C 29 14.03 4.74 -22.26
C LYS C 29 15.53 4.95 -22.22
N ALA C 30 16.09 5.91 -22.95
CA ALA C 30 17.55 6.04 -22.96
C ALA C 30 18.15 6.22 -21.56
N TYR C 31 17.37 6.81 -20.66
CA TYR C 31 17.78 7.00 -19.28
C TYR C 31 18.05 5.72 -18.51
N GLU C 32 17.43 4.61 -18.90
CA GLU C 32 17.50 3.38 -18.12
C GLU C 32 18.89 2.81 -17.93
N THR C 33 19.89 3.33 -18.66
CA THR C 33 21.25 2.86 -18.47
C THR C 33 21.84 3.25 -17.10
N GLU C 34 21.18 4.20 -16.42
CA GLU C 34 21.58 4.64 -15.09
C GLU C 34 20.35 5.00 -14.29
N LYS C 35 20.43 4.99 -12.97
CA LYS C 35 19.27 5.38 -12.17
C LYS C 35 19.69 6.61 -11.39
N HIS C 36 18.74 7.36 -10.86
CA HIS C 36 17.31 7.12 -10.94
C HIS C 36 16.65 8.45 -11.31
N ASN C 37 15.44 8.40 -11.86
CA ASN C 37 14.76 9.63 -12.23
C ASN C 37 13.34 9.66 -11.75
N VAL C 38 12.97 10.72 -11.02
CA VAL C 38 11.61 10.77 -10.52
C VAL C 38 10.56 10.80 -11.60
N TRP C 39 10.74 11.64 -12.59
CA TRP C 39 9.71 11.77 -13.59
C TRP C 39 9.52 10.53 -14.40
N ALA C 40 10.61 9.84 -14.66
CA ALA C 40 10.57 8.61 -15.42
C ALA C 40 10.13 7.43 -14.61
N THR C 41 10.12 7.55 -13.27
CA THR C 41 9.97 6.40 -12.37
C THR C 41 11.06 5.39 -12.76
N HIS C 42 12.20 5.91 -13.21
CA HIS C 42 13.33 5.20 -13.84
C HIS C 42 13.02 4.76 -15.29
N ALA C 43 11.81 4.28 -15.55
CA ALA C 43 11.43 3.87 -16.90
C ALA C 43 9.91 3.92 -17.13
N CYS C 44 9.56 4.00 -18.40
CA CYS C 44 8.18 4.01 -18.88
C CYS C 44 8.26 3.26 -20.18
N VAL C 45 7.13 2.91 -20.77
CA VAL C 45 7.27 2.18 -22.01
C VAL C 45 7.90 3.09 -23.06
N PRO C 46 8.92 2.61 -23.78
CA PRO C 46 9.64 3.26 -24.85
C PRO C 46 8.74 3.47 -26.02
N THR C 47 9.03 4.48 -26.82
CA THR C 47 8.26 4.59 -28.03
C THR C 47 9.13 4.83 -29.21
N ASP C 48 8.54 4.57 -30.35
CA ASP C 48 9.17 4.70 -31.64
C ASP C 48 9.51 6.12 -31.98
N PRO C 49 10.67 6.36 -32.60
CA PRO C 49 11.11 7.58 -33.27
C PRO C 49 10.30 7.84 -34.55
N ASN C 50 9.58 6.80 -34.99
CA ASN C 50 8.87 6.74 -36.24
C ASN C 50 7.37 7.08 -36.34
N PRO C 51 6.69 7.68 -35.34
CA PRO C 51 5.30 8.06 -35.48
C PRO C 51 5.20 9.04 -36.59
N GLN C 52 4.06 9.04 -37.25
CA GLN C 52 3.95 9.94 -38.38
C GLN C 52 2.74 10.83 -38.31
N GLU C 53 3.01 12.13 -38.41
CA GLU C 53 1.95 13.08 -38.50
C GLU C 53 1.22 12.91 -39.81
N ILE C 54 -0.09 13.04 -39.78
CA ILE C 54 -0.83 12.93 -41.01
C ILE C 54 -1.67 14.15 -41.24
N HIS C 55 -1.38 14.88 -42.29
CA HIS C 55 -2.19 16.04 -42.56
C HIS C 55 -3.56 15.61 -43.02
N LEU C 56 -4.57 16.27 -42.50
CA LEU C 56 -5.92 15.97 -42.90
C LEU C 56 -6.40 17.00 -43.88
N GLU C 57 -6.26 16.70 -45.16
CA GLU C 57 -6.63 17.63 -46.23
C GLU C 57 -8.09 17.95 -46.16
N ASN C 58 -8.43 19.20 -46.43
CA ASN C 58 -9.80 19.69 -46.43
C ASN C 58 -10.49 19.45 -45.10
N VAL C 59 -9.78 19.67 -44.00
CA VAL C 59 -10.37 19.49 -42.67
C VAL C 59 -10.07 20.63 -41.74
N THR C 60 -11.04 21.00 -40.93
CA THR C 60 -10.78 21.97 -39.89
C THR C 60 -11.33 21.41 -38.62
N GLU C 61 -10.88 21.88 -37.48
CA GLU C 61 -11.49 21.38 -36.26
C GLU C 61 -11.47 22.37 -35.12
N GLU C 62 -12.51 22.33 -34.31
CA GLU C 62 -12.59 23.13 -33.10
C GLU C 62 -11.61 22.66 -32.02
N PHE C 63 -11.05 23.61 -31.30
CA PHE C 63 -10.24 23.30 -30.14
C PHE C 63 -10.66 24.20 -28.99
N ASN C 64 -10.44 23.74 -27.77
CA ASN C 64 -10.87 24.51 -26.61
C ASN C 64 -9.92 24.51 -25.45
N MET C 65 -8.98 25.43 -25.48
CA MET C 65 -8.13 25.57 -24.33
C MET C 65 -8.97 25.94 -23.17
N TRP C 66 -8.49 25.53 -22.02
CA TRP C 66 -9.12 25.70 -20.73
C TRP C 66 -10.40 24.86 -20.57
N LYS C 67 -10.71 24.01 -21.55
CA LYS C 67 -11.75 23.02 -21.41
C LYS C 67 -11.18 21.64 -21.60
N ASN C 68 -10.00 21.59 -22.19
CA ASN C 68 -9.34 20.34 -22.51
C ASN C 68 -8.91 19.66 -21.25
N ASN C 69 -9.18 18.37 -21.13
CA ASN C 69 -8.79 17.71 -19.91
C ASN C 69 -7.49 16.96 -20.00
N MET C 70 -6.76 17.10 -21.10
CA MET C 70 -5.48 16.41 -21.14
C MET C 70 -4.57 17.00 -20.09
N VAL C 71 -4.70 18.30 -19.89
CA VAL C 71 -3.93 18.99 -18.90
C VAL C 71 -4.31 18.61 -17.51
N GLU C 72 -5.61 18.50 -17.27
CA GLU C 72 -6.05 18.16 -15.93
C GLU C 72 -5.63 16.77 -15.56
N GLN C 73 -5.72 15.87 -16.52
CA GLN C 73 -5.31 14.53 -16.25
C GLN C 73 -3.84 14.50 -15.92
N MET C 74 -3.06 15.28 -16.69
CA MET C 74 -1.65 15.39 -16.42
C MET C 74 -1.37 15.96 -15.07
N HIS C 75 -2.21 16.90 -14.64
CA HIS C 75 -1.98 17.50 -13.35
C HIS C 75 -2.00 16.50 -12.25
N THR C 76 -2.90 15.54 -12.33
CA THR C 76 -2.90 14.59 -11.27
C THR C 76 -1.96 13.44 -11.51
N ASP C 77 -1.52 13.27 -12.75
CA ASP C 77 -0.54 12.24 -12.96
C ASP C 77 0.76 12.67 -12.34
N ILE C 78 1.09 13.94 -12.54
CA ILE C 78 2.31 14.48 -12.01
C ILE C 78 2.37 14.47 -10.53
N ILE C 79 1.26 14.79 -9.90
CA ILE C 79 1.28 14.79 -8.47
C ILE C 79 1.44 13.42 -7.89
N SER C 80 0.72 12.45 -8.44
CA SER C 80 0.86 11.13 -7.89
C SER C 80 2.24 10.58 -8.08
N LEU C 81 2.90 10.97 -9.17
CA LEU C 81 4.25 10.49 -9.36
C LEU C 81 5.16 11.03 -8.32
N TRP C 82 4.97 12.30 -7.98
CA TRP C 82 5.82 12.92 -7.02
C TRP C 82 5.74 12.25 -5.66
N ASP C 83 4.52 11.86 -5.27
CA ASP C 83 4.42 11.19 -4.00
C ASP C 83 4.94 9.81 -4.05
N GLN C 84 4.80 9.16 -5.20
CA GLN C 84 5.29 7.83 -5.30
C GLN C 84 6.78 7.78 -5.13
N SER C 85 7.47 8.77 -5.68
CA SER C 85 8.90 8.79 -5.49
C SER C 85 9.30 9.04 -4.04
N LEU C 86 8.48 9.78 -3.31
CA LEU C 86 8.81 10.04 -1.93
C LEU C 86 8.30 9.05 -0.91
N LYS C 87 7.36 8.20 -1.29
CA LYS C 87 6.81 7.30 -0.28
C LYS C 87 7.82 6.35 0.39
N PRO C 88 8.82 5.82 -0.32
CA PRO C 88 9.92 5.01 0.20
C PRO C 88 10.85 5.76 1.15
N CYS C 89 10.88 7.06 1.01
CA CYS C 89 11.85 7.87 1.70
C CYS C 89 11.58 8.10 3.19
N VAL C 90 12.64 8.11 3.98
CA VAL C 90 12.61 8.30 5.43
C VAL C 90 12.18 9.67 5.92
N LYS C 91 11.32 9.65 6.94
CA LYS C 91 10.83 10.85 7.59
C LYS C 91 11.91 11.57 8.39
N LEU C 92 11.84 12.88 8.40
CA LEU C 92 12.78 13.70 9.13
C LEU C 92 12.28 14.22 10.47
N THR C 93 11.21 13.64 10.99
CA THR C 93 10.49 14.26 12.10
C THR C 93 11.24 14.48 13.41
N PRO C 94 12.38 13.83 13.69
CA PRO C 94 13.21 14.15 14.84
C PRO C 94 13.73 15.59 14.80
N LEU C 95 13.77 16.19 13.61
CA LEU C 95 14.29 17.54 13.44
C LEU C 95 13.48 18.61 14.13
N CYS C 96 12.25 18.33 14.54
CA CYS C 96 11.46 19.33 15.25
C CYS C 96 11.99 19.71 16.63
N VAL C 97 12.97 18.98 17.13
CA VAL C 97 13.60 19.34 18.38
C VAL C 97 14.22 20.72 18.23
N THR C 98 14.15 21.54 19.27
CA THR C 98 14.59 22.92 19.16
C THR C 98 16.07 23.08 18.89
N LEU C 99 16.42 24.20 18.27
CA LEU C 99 17.81 24.45 17.91
C LEU C 99 18.40 25.67 18.54
N GLN C 100 19.66 25.57 18.91
CA GLN C 100 20.34 26.78 19.36
C GLN C 100 21.06 27.31 18.17
N CYS C 101 21.11 28.63 18.01
CA CYS C 101 21.81 29.09 16.83
C CYS C 101 22.60 30.35 17.00
N THR C 102 23.44 30.60 16.01
CA THR C 102 24.17 31.85 15.90
C THR C 102 24.15 32.33 14.47
N ASN C 103 24.41 33.60 14.28
CA ASN C 103 24.53 34.09 12.92
C ASN C 103 25.82 33.57 12.34
N VAL C 104 25.80 33.14 11.09
CA VAL C 104 27.06 32.76 10.48
C VAL C 104 27.89 33.99 10.26
N THR C 105 29.18 33.91 10.57
CA THR C 105 30.05 35.06 10.38
C THR C 105 31.33 34.70 9.67
N ASN C 106 31.99 35.74 9.19
CA ASN C 106 33.25 35.73 8.46
C ASN C 106 33.19 35.03 7.12
N ASN C 107 34.10 35.44 6.25
CA ASN C 107 34.21 34.90 4.91
C ASN C 107 32.91 35.02 4.14
N ILE C 108 32.26 36.18 4.23
CA ILE C 108 31.01 36.38 3.50
C ILE C 108 31.00 37.65 2.72
N THR C 109 30.26 37.66 1.62
CA THR C 109 29.97 38.90 0.95
C THR C 109 29.10 39.67 1.92
N ASP C 110 29.23 40.98 2.02
CA ASP C 110 28.44 41.68 3.02
C ASP C 110 26.94 41.76 2.72
N ASP C 111 26.55 41.45 1.49
CA ASP C 111 25.13 41.44 1.20
C ASP C 111 24.52 40.10 1.53
N MET C 112 25.32 39.20 2.08
CA MET C 112 24.84 37.92 2.52
C MET C 112 24.64 37.92 4.01
N ARG C 113 24.86 39.06 4.67
CA ARG C 113 24.74 39.01 6.10
C ARG C 113 23.35 38.62 6.54
N GLY C 114 23.33 37.72 7.51
CA GLY C 114 22.14 37.23 8.18
C GLY C 114 21.37 36.20 7.35
N GLU C 115 21.93 35.79 6.21
CA GLU C 115 21.26 34.81 5.36
C GLU C 115 21.43 33.39 5.80
N LEU C 116 22.43 33.16 6.64
CA LEU C 116 22.72 31.84 7.12
C LEU C 116 22.84 31.79 8.60
N LYS C 117 22.43 30.66 9.15
CA LYS C 117 22.60 30.47 10.57
C LYS C 117 23.26 29.14 10.83
N ASN C 118 23.97 29.07 11.92
CA ASN C 118 24.62 27.86 12.32
C ASN C 118 23.86 27.37 13.52
N CYS C 119 23.43 26.13 13.52
CA CYS C 119 22.65 25.69 14.65
C CYS C 119 22.98 24.32 15.10
N SER C 120 22.52 23.95 16.28
CA SER C 120 22.86 22.63 16.77
C SER C 120 21.74 21.92 17.50
N PHE C 121 21.92 20.61 17.57
CA PHE C 121 20.94 19.70 18.12
C PHE C 121 21.43 18.92 19.30
N ASN C 122 20.49 18.58 20.17
CA ASN C 122 20.67 17.68 21.28
C ASN C 122 20.14 16.29 20.90
N MET C 123 20.01 16.03 19.59
CA MET C 123 19.41 14.83 19.03
C MET C 123 20.09 13.52 19.38
N THR C 124 19.27 12.47 19.47
CA THR C 124 19.74 11.15 19.81
C THR C 124 20.58 10.47 18.74
N THR C 125 21.34 9.49 19.21
CA THR C 125 22.11 8.57 18.40
C THR C 125 21.16 7.52 17.88
N GLU C 126 21.59 6.67 16.97
CA GLU C 126 20.66 5.64 16.53
C GLU C 126 20.32 4.66 17.64
N LEU C 127 21.17 4.57 18.67
CA LEU C 127 20.75 3.78 19.80
C LEU C 127 19.74 4.64 20.51
N ARG C 128 18.65 4.08 20.96
CA ARG C 128 17.64 4.94 21.58
C ARG C 128 18.07 5.54 22.90
N ASP C 129 18.99 4.89 23.58
CA ASP C 129 19.45 5.34 24.87
C ASP C 129 20.61 6.32 24.89
N LYS C 130 21.05 6.82 23.73
CA LYS C 130 22.20 7.73 23.76
C LYS C 130 21.93 9.01 22.98
N LYS C 131 22.71 10.04 23.30
CA LYS C 131 22.56 11.36 22.73
C LYS C 131 23.86 11.88 22.13
N GLN C 132 23.73 12.71 21.11
CA GLN C 132 24.88 13.29 20.46
C GLN C 132 24.62 14.73 20.08
N LYS C 133 25.67 15.52 19.95
CA LYS C 133 25.44 16.88 19.52
C LYS C 133 25.99 17.07 18.14
N VAL C 134 25.15 17.64 17.29
CA VAL C 134 25.55 17.89 15.91
C VAL C 134 25.18 19.29 15.50
N TYR C 135 25.76 19.79 14.42
CA TYR C 135 25.34 21.10 13.98
C TYR C 135 25.30 21.16 12.48
N SER C 136 24.55 22.13 11.95
CA SER C 136 24.49 22.29 10.51
C SER C 136 24.23 23.70 10.06
N LEU C 137 24.63 23.97 8.83
CA LEU C 137 24.32 25.24 8.19
C LEU C 137 22.85 25.29 7.79
N PHE C 138 22.19 26.43 7.98
CA PHE C 138 20.82 26.55 7.46
C PHE C 138 20.55 27.90 6.85
N TYR C 139 19.69 27.91 5.84
CA TYR C 139 19.22 29.16 5.30
C TYR C 139 18.29 29.78 6.30
N ARG C 140 18.30 31.10 6.42
CA ARG C 140 17.37 31.75 7.33
C ARG C 140 15.93 31.43 7.01
N LEU C 141 15.64 31.22 5.73
CA LEU C 141 14.29 30.93 5.29
C LEU C 141 13.72 29.66 5.86
N ASP C 142 14.56 28.72 6.26
CA ASP C 142 14.04 27.49 6.78
C ASP C 142 13.80 27.47 8.29
N VAL C 143 14.02 28.60 8.98
CA VAL C 143 13.78 28.59 10.42
C VAL C 143 12.98 29.77 10.89
N VAL C 144 12.38 29.60 12.05
CA VAL C 144 11.68 30.69 12.70
C VAL C 144 12.06 30.67 14.16
N GLN C 145 12.16 31.83 14.78
CA GLN C 145 12.51 31.80 16.18
C GLN C 145 11.42 31.15 16.97
N ILE C 146 11.80 30.41 17.98
CA ILE C 146 10.84 29.73 18.83
C ILE C 146 9.97 30.68 19.62
N ASN C 147 10.57 31.78 20.03
CA ASN C 147 9.94 32.80 20.83
C ASN C 147 10.55 34.12 20.47
N LYS C 159 19.50 33.44 20.80
CA LYS C 159 18.37 33.16 19.96
C LYS C 159 18.30 31.66 19.68
N GLU C 160 17.07 31.17 19.57
CA GLU C 160 16.81 29.77 19.34
C GLU C 160 15.69 29.62 18.34
N TYR C 161 15.77 28.55 17.56
CA TYR C 161 14.92 28.39 16.41
C TYR C 161 14.34 27.02 16.22
N ARG C 162 13.31 26.95 15.39
CA ARG C 162 12.68 25.70 15.04
C ARG C 162 12.40 25.73 13.57
N LEU C 163 12.28 24.58 12.96
CA LEU C 163 11.99 24.60 11.56
C LEU C 163 10.62 25.17 11.35
N ILE C 164 10.47 25.93 10.27
CA ILE C 164 9.20 26.59 9.99
C ILE C 164 8.01 25.68 9.82
N ASN C 165 8.21 24.42 9.49
CA ASN C 165 7.05 23.60 9.29
C ASN C 165 6.66 22.79 10.50
N CYS C 166 7.23 23.03 11.67
CA CYS C 166 6.84 22.17 12.78
C CYS C 166 5.40 22.41 13.29
N ASN C 167 4.80 23.54 12.93
CA ASN C 167 3.39 23.79 13.25
C ASN C 167 2.48 23.48 12.07
N THR C 168 3.04 22.80 11.07
CA THR C 168 2.41 22.41 9.82
C THR C 168 2.79 20.96 9.63
N SER C 169 2.25 20.32 8.60
CA SER C 169 2.57 18.92 8.40
C SER C 169 4.07 18.63 8.31
N ALA C 170 4.39 17.42 8.74
CA ALA C 170 5.72 16.87 8.84
C ALA C 170 6.49 16.86 7.53
N ILE C 171 7.80 17.01 7.67
CA ILE C 171 8.72 17.07 6.56
C ILE C 171 9.53 15.81 6.41
N THR C 172 9.75 15.39 5.16
CA THR C 172 10.59 14.22 4.98
C THR C 172 11.63 14.40 3.90
N GLN C 173 12.66 13.58 3.93
CA GLN C 173 13.58 13.48 2.80
C GLN C 173 14.53 12.34 2.94
N ALA C 174 14.65 11.58 1.88
CA ALA C 174 15.64 10.55 1.75
C ALA C 174 15.79 10.29 0.27
N CYS C 175 16.74 9.47 -0.08
CA CYS C 175 16.92 9.06 -1.45
C CYS C 175 17.39 10.19 -2.34
N PRO C 176 18.34 11.02 -1.85
CA PRO C 176 18.87 12.21 -2.50
C PRO C 176 19.47 11.90 -3.86
N LYS C 177 19.86 10.66 -4.06
CA LYS C 177 20.40 10.17 -5.29
C LYS C 177 19.46 10.24 -6.49
N VAL C 178 18.16 10.33 -6.24
CA VAL C 178 17.26 10.33 -7.38
C VAL C 178 17.23 11.70 -8.04
N SER C 179 17.46 11.74 -9.35
CA SER C 179 17.45 12.99 -10.09
C SER C 179 16.07 13.59 -10.25
N PHE C 180 16.00 14.92 -10.23
CA PHE C 180 14.77 15.60 -10.54
C PHE C 180 14.79 16.18 -11.93
N GLU C 181 15.80 15.86 -12.71
CA GLU C 181 15.86 16.44 -14.03
C GLU C 181 14.71 15.96 -14.87
N PRO C 182 14.15 16.83 -15.69
CA PRO C 182 13.05 16.58 -16.58
C PRO C 182 13.42 15.62 -17.67
N ILE C 183 12.43 14.89 -18.13
CA ILE C 183 12.60 14.01 -19.26
C ILE C 183 11.51 14.37 -20.21
N PRO C 184 11.63 14.08 -21.48
CA PRO C 184 10.55 14.22 -22.40
C PRO C 184 9.47 13.25 -21.97
N ILE C 185 8.23 13.61 -22.17
CA ILE C 185 7.12 12.75 -21.84
C ILE C 185 6.20 12.65 -23.00
N HIS C 186 5.73 11.46 -23.30
CA HIS C 186 4.83 11.31 -24.41
C HIS C 186 3.52 10.74 -23.93
N TYR C 187 2.43 11.14 -24.58
CA TYR C 187 1.09 10.72 -24.23
C TYR C 187 0.43 10.05 -25.41
N CYS C 188 0.76 8.80 -25.62
CA CYS C 188 0.26 8.09 -26.76
C CYS C 188 -1.20 7.76 -26.64
N ALA C 189 -1.91 7.85 -27.76
CA ALA C 189 -3.32 7.52 -27.73
C ALA C 189 -3.53 6.04 -27.40
N PRO C 190 -4.59 5.72 -26.67
CA PRO C 190 -5.14 4.38 -26.48
C PRO C 190 -5.73 3.93 -27.80
N ALA C 191 -5.78 2.62 -28.02
CA ALA C 191 -6.35 2.13 -29.26
C ALA C 191 -7.78 2.61 -29.44
N GLY C 192 -8.15 2.90 -30.67
CA GLY C 192 -9.49 3.36 -31.00
C GLY C 192 -9.70 4.85 -30.73
N PHE C 193 -8.62 5.57 -30.39
CA PHE C 193 -8.68 6.99 -30.12
C PHE C 193 -7.54 7.66 -30.81
N ALA C 194 -7.62 8.97 -30.97
CA ALA C 194 -6.53 9.64 -31.66
C ALA C 194 -6.28 11.04 -31.19
N ILE C 195 -5.05 11.45 -31.39
CA ILE C 195 -4.58 12.78 -31.05
C ILE C 195 -4.64 13.74 -32.23
N LEU C 196 -5.32 14.86 -32.08
CA LEU C 196 -5.39 15.82 -33.16
C LEU C 196 -4.70 17.09 -32.78
N LYS C 197 -4.08 17.75 -33.75
CA LYS C 197 -3.52 19.04 -33.41
C LYS C 197 -3.75 20.11 -34.48
N CYS C 198 -3.77 21.35 -34.02
CA CYS C 198 -3.93 22.49 -34.90
C CYS C 198 -2.65 22.79 -35.67
N LYS C 199 -2.76 22.96 -36.98
CA LYS C 199 -1.61 23.31 -37.80
C LYS C 199 -1.43 24.80 -38.06
N ASP C 200 -2.35 25.62 -37.62
CA ASP C 200 -2.20 27.04 -37.87
C ASP C 200 -1.09 27.58 -37.00
N LYS C 201 -0.13 28.25 -37.64
CA LYS C 201 1.00 28.81 -36.91
C LYS C 201 0.58 29.84 -35.88
N LYS C 202 -0.56 30.49 -36.10
CA LYS C 202 -1.06 31.41 -35.10
C LYS C 202 -2.42 30.89 -34.67
N PHE C 203 -2.63 30.71 -33.39
CA PHE C 203 -3.93 30.21 -33.03
C PHE C 203 -4.49 30.76 -31.74
N ASN C 204 -5.75 31.16 -31.79
CA ASN C 204 -6.49 31.57 -30.62
C ASN C 204 -6.69 30.32 -29.83
N GLY C 205 -6.65 30.40 -28.51
CA GLY C 205 -6.76 29.18 -27.73
C GLY C 205 -8.07 28.39 -27.95
N THR C 206 -9.09 29.03 -28.51
CA THR C 206 -10.33 28.33 -28.76
C THR C 206 -10.86 28.56 -30.17
N GLY C 207 -11.80 27.71 -30.55
CA GLY C 207 -12.46 27.77 -31.84
C GLY C 207 -11.77 26.90 -32.88
N PRO C 208 -12.29 26.89 -34.10
CA PRO C 208 -11.83 26.13 -35.25
C PRO C 208 -10.43 26.47 -35.68
N CYS C 209 -9.76 25.48 -36.25
CA CYS C 209 -8.44 25.66 -36.82
C CYS C 209 -8.52 25.26 -38.27
N PRO C 210 -8.07 26.13 -39.18
CA PRO C 210 -8.12 26.02 -40.64
C PRO C 210 -7.40 24.81 -41.19
N SER C 211 -6.46 24.28 -40.44
CA SER C 211 -5.81 23.07 -40.86
C SER C 211 -5.48 22.23 -39.67
N VAL C 212 -5.66 20.93 -39.81
CA VAL C 212 -5.35 20.00 -38.75
C VAL C 212 -4.58 18.82 -39.25
N SER C 213 -3.97 18.12 -38.31
CA SER C 213 -3.24 16.91 -38.60
C SER C 213 -3.34 15.99 -37.42
N THR C 214 -2.97 14.73 -37.59
CA THR C 214 -3.04 13.84 -36.45
C THR C 214 -1.80 13.02 -36.26
N VAL C 215 -1.64 12.55 -35.03
CA VAL C 215 -0.50 11.73 -34.67
C VAL C 215 -0.90 10.54 -33.86
N GLN C 216 -0.06 9.52 -33.84
CA GLN C 216 -0.38 8.39 -32.98
C GLN C 216 0.06 8.68 -31.54
N CYS C 217 0.96 9.65 -31.37
CA CYS C 217 1.41 10.02 -30.04
C CYS C 217 1.85 11.49 -30.02
N THR C 218 1.97 12.08 -28.83
CA THR C 218 2.41 13.48 -28.72
C THR C 218 3.91 13.62 -28.85
N HIS C 219 4.35 14.86 -29.09
CA HIS C 219 5.77 15.17 -29.09
C HIS C 219 6.20 15.15 -27.65
N GLY C 220 7.48 14.90 -27.38
CA GLY C 220 7.82 14.84 -25.98
C GLY C 220 7.64 16.19 -25.32
N ILE C 221 7.24 16.16 -24.06
CA ILE C 221 7.03 17.35 -23.25
C ILE C 221 7.72 17.26 -21.92
N LYS C 222 8.39 18.33 -21.53
CA LYS C 222 9.03 18.33 -20.24
C LYS C 222 8.02 18.57 -19.10
N PRO C 223 8.20 17.93 -17.95
CA PRO C 223 7.52 18.02 -16.66
C PRO C 223 7.81 19.29 -15.88
N VAL C 224 8.67 20.17 -16.39
CA VAL C 224 9.23 21.21 -15.57
C VAL C 224 8.31 22.23 -14.96
N VAL C 225 8.59 22.45 -13.68
CA VAL C 225 7.99 23.44 -12.82
C VAL C 225 8.67 24.78 -12.88
N SER C 226 7.91 25.83 -13.09
CA SER C 226 8.46 27.17 -13.01
C SER C 226 7.37 28.08 -12.53
N THR C 227 7.71 29.27 -12.04
CA THR C 227 6.61 30.09 -11.55
C THR C 227 6.29 31.25 -12.47
N GLN C 228 7.00 32.36 -12.33
CA GLN C 228 6.65 33.54 -13.12
C GLN C 228 6.94 33.47 -14.61
N LEU C 229 7.84 32.58 -15.01
CA LEU C 229 8.17 32.47 -16.42
C LEU C 229 8.11 31.05 -16.89
N LEU C 230 7.60 30.86 -18.09
CA LEU C 230 7.64 29.54 -18.68
C LEU C 230 9.06 29.24 -19.07
N LEU C 231 9.50 28.00 -18.87
CA LEU C 231 10.85 27.64 -19.28
C LEU C 231 10.88 26.45 -20.19
N ASN C 232 11.67 26.58 -21.25
CA ASN C 232 11.92 25.54 -22.24
C ASN C 232 10.67 25.00 -22.91
N GLY C 233 9.64 25.84 -23.09
CA GLY C 233 8.42 25.52 -23.84
C GLY C 233 8.67 25.57 -25.34
N SER C 234 7.76 25.02 -26.14
CA SER C 234 7.95 25.19 -27.57
C SER C 234 7.79 26.67 -27.94
N LEU C 235 8.57 27.13 -28.92
CA LEU C 235 8.49 28.50 -29.41
C LEU C 235 7.25 28.77 -30.24
N ALA C 236 6.72 29.98 -30.16
CA ALA C 236 5.62 30.34 -31.04
C ALA C 236 6.13 30.27 -32.48
N GLU C 237 5.26 29.87 -33.41
CA GLU C 237 5.71 29.73 -34.79
C GLU C 237 6.09 30.99 -35.53
N GLU C 238 5.41 32.11 -35.28
CA GLU C 238 5.75 33.32 -36.02
C GLU C 238 5.97 34.56 -35.18
N GLU C 239 5.12 34.72 -34.19
CA GLU C 239 5.08 35.91 -33.37
C GLU C 239 4.73 35.55 -31.97
N VAL C 240 5.03 36.42 -31.03
CA VAL C 240 4.71 36.12 -29.65
C VAL C 240 3.21 36.00 -29.52
N MET C 241 2.75 34.99 -28.78
CA MET C 241 1.32 34.82 -28.68
C MET C 241 0.75 35.17 -27.33
N ILE C 242 -0.30 35.97 -27.37
CA ILE C 242 -1.03 36.35 -26.18
C ILE C 242 -2.27 35.49 -26.02
N ARG C 243 -2.40 34.74 -24.93
CA ARG C 243 -3.65 34.00 -24.80
C ARG C 243 -4.26 34.11 -23.41
N SER C 244 -5.58 34.14 -23.36
CA SER C 244 -6.27 34.10 -22.09
C SER C 244 -7.61 33.47 -22.30
N GLU C 245 -8.23 32.98 -21.23
CA GLU C 245 -9.55 32.40 -21.39
C GLU C 245 -10.54 33.45 -21.88
N ASN C 246 -10.38 34.65 -21.36
CA ASN C 246 -11.13 35.81 -21.80
C ASN C 246 -10.30 37.02 -21.42
N ILE C 247 -9.78 37.72 -22.41
CA ILE C 247 -8.88 38.84 -22.14
C ILE C 247 -9.47 39.95 -21.27
N THR C 248 -10.79 40.09 -21.25
CA THR C 248 -11.38 41.13 -20.44
C THR C 248 -11.58 40.70 -19.01
N ASN C 249 -11.42 39.42 -18.74
CA ASN C 249 -11.58 38.89 -17.42
C ASN C 249 -10.29 39.00 -16.64
N ASN C 250 -10.26 39.80 -15.58
CA ASN C 250 -8.98 39.94 -14.89
C ASN C 250 -8.76 38.88 -13.83
N ALA C 251 -9.67 37.94 -13.74
CA ALA C 251 -9.47 36.76 -12.95
C ALA C 251 -8.58 35.76 -13.69
N LYS C 252 -8.34 35.99 -14.98
CA LYS C 252 -7.64 35.00 -15.77
C LYS C 252 -6.23 35.36 -16.14
N ASN C 253 -5.37 34.36 -16.11
CA ASN C 253 -3.97 34.50 -16.45
C ASN C 253 -3.76 34.70 -17.95
N ILE C 254 -2.84 35.58 -18.29
CA ILE C 254 -2.45 35.80 -19.65
C ILE C 254 -1.20 35.03 -20.00
N LEU C 255 -1.33 34.05 -20.86
CA LEU C 255 -0.16 33.34 -21.31
C LEU C 255 0.62 34.20 -22.27
N VAL C 256 1.94 34.15 -22.20
CA VAL C 256 2.75 34.79 -23.22
C VAL C 256 3.70 33.79 -23.79
N GLN C 257 3.58 33.48 -25.08
CA GLN C 257 4.50 32.54 -25.68
C GLN C 257 5.47 33.24 -26.60
N PHE C 258 6.75 33.22 -26.26
CA PHE C 258 7.78 33.84 -27.10
C PHE C 258 7.94 33.15 -28.42
N ASN C 259 8.24 33.88 -29.49
CA ASN C 259 8.59 33.17 -30.70
C ASN C 259 10.11 33.00 -30.82
N THR C 260 10.87 33.46 -29.82
CA THR C 260 12.31 33.18 -29.76
C THR C 260 12.70 32.81 -28.33
N PRO C 261 13.82 32.14 -28.12
CA PRO C 261 14.44 31.85 -26.83
C PRO C 261 14.95 33.11 -26.16
N VAL C 262 14.96 33.14 -24.83
CA VAL C 262 15.71 34.17 -24.15
C VAL C 262 16.67 33.48 -23.19
N GLN C 263 17.96 33.58 -23.44
CA GLN C 263 18.87 32.86 -22.56
C GLN C 263 18.93 33.40 -21.15
N ILE C 264 19.01 32.49 -20.19
CA ILE C 264 19.27 32.86 -18.82
C ILE C 264 20.32 31.93 -18.22
N ASN C 265 21.26 32.52 -17.48
CA ASN C 265 22.25 31.71 -16.80
C ASN C 265 22.04 31.84 -15.30
N CYS C 266 22.06 30.75 -14.56
CA CYS C 266 21.88 30.86 -13.11
C CYS C 266 22.91 30.09 -12.33
N THR C 267 23.42 30.66 -11.25
CA THR C 267 24.36 29.91 -10.46
C THR C 267 24.19 30.00 -8.95
N ARG C 268 24.84 29.05 -8.29
CA ARG C 268 24.96 28.97 -6.86
C ARG C 268 26.43 28.89 -6.57
N PRO C 269 27.09 30.04 -6.54
CA PRO C 269 28.54 30.28 -6.48
C PRO C 269 29.27 29.69 -5.28
N ASN C 270 28.56 29.32 -4.24
CA ASN C 270 29.19 28.75 -3.07
C ASN C 270 29.68 27.33 -3.33
N ASN C 271 30.88 27.02 -2.83
CA ASN C 271 31.36 25.64 -2.91
C ASN C 271 30.78 24.88 -1.74
N ASN C 272 29.94 23.91 -2.03
CA ASN C 272 29.23 23.22 -0.98
C ASN C 272 29.72 21.83 -0.70
N THR C 273 29.59 21.46 0.56
CA THR C 273 29.97 20.14 1.00
C THR C 273 28.80 19.61 1.80
N ARG C 274 28.78 18.30 2.02
CA ARG C 274 27.65 17.69 2.69
C ARG C 274 28.07 16.67 3.71
N LYS C 275 27.31 16.55 4.78
CA LYS C 275 27.66 15.60 5.82
C LYS C 275 26.64 14.51 5.98
N SER C 276 27.10 13.28 6.05
CA SER C 276 26.21 12.18 6.35
C SER C 276 25.87 12.21 7.84
N ILE C 277 24.63 11.90 8.17
CA ILE C 277 24.16 11.83 9.55
C ILE C 277 23.40 10.55 9.79
N ARG C 278 23.57 9.92 10.94
CA ARG C 278 22.75 8.75 11.18
C ARG C 278 21.73 9.09 12.23
N ILE C 279 20.44 8.91 11.94
CA ILE C 279 19.49 9.20 13.01
C ILE C 279 18.80 7.94 13.46
N GLY C 280 17.91 7.39 12.64
CA GLY C 280 17.36 6.08 12.90
C GLY C 280 18.45 5.10 12.57
N PRO C 281 18.42 3.88 13.07
CA PRO C 281 19.40 2.95 12.64
C PRO C 281 19.12 2.73 11.17
N GLY C 282 20.16 2.71 10.36
CA GLY C 282 19.99 2.44 8.96
C GLY C 282 19.44 3.68 8.22
N GLN C 283 19.35 4.82 8.89
CA GLN C 283 18.71 5.98 8.29
C GLN C 283 19.59 7.18 8.12
N ALA C 284 20.25 7.24 6.98
CA ALA C 284 21.07 8.37 6.63
C ALA C 284 20.25 9.65 6.58
N PHE C 285 20.91 10.73 6.93
CA PHE C 285 20.36 12.06 6.88
C PHE C 285 21.44 12.97 6.40
N TYR C 286 21.07 14.04 5.71
CA TYR C 286 22.11 14.86 5.20
C TYR C 286 21.98 16.26 5.69
N ALA C 287 23.12 16.90 5.82
CA ALA C 287 23.16 18.24 6.32
C ALA C 287 24.25 18.99 5.62
N THR C 288 24.12 20.30 5.57
CA THR C 288 25.10 21.04 4.83
C THR C 288 26.38 21.23 5.63
N GLY C 289 27.49 20.86 4.99
CA GLY C 289 28.84 21.02 5.50
C GLY C 289 29.23 22.48 5.47
N ASP C 290 30.25 22.86 6.23
CA ASP C 290 30.68 24.25 6.18
C ASP C 290 31.19 24.58 4.78
N ILE C 291 30.76 25.73 4.28
CA ILE C 291 31.07 26.16 2.92
C ILE C 291 32.51 26.50 2.66
N ILE C 292 33.03 26.05 1.53
CA ILE C 292 34.38 26.38 1.15
C ILE C 292 34.41 27.73 0.45
N GLY C 293 35.25 28.63 0.96
CA GLY C 293 35.44 29.95 0.35
C GLY C 293 34.44 30.99 0.85
N ASP C 294 34.55 32.19 0.30
CA ASP C 294 33.67 33.30 0.62
C ASP C 294 32.23 33.07 0.17
N ILE C 295 31.28 33.40 1.04
CA ILE C 295 29.88 33.26 0.68
C ILE C 295 29.44 34.29 -0.32
N ARG C 296 28.76 33.85 -1.36
CA ARG C 296 28.26 34.77 -2.36
C ARG C 296 26.81 34.45 -2.69
N GLN C 297 26.05 35.47 -3.04
CA GLN C 297 24.64 35.27 -3.36
C GLN C 297 24.42 34.54 -4.67
N ALA C 298 23.41 33.67 -4.70
CA ALA C 298 23.00 33.04 -5.95
C ALA C 298 22.52 34.10 -6.93
N HIS C 299 22.74 33.91 -8.21
CA HIS C 299 22.24 34.93 -9.13
C HIS C 299 21.88 34.42 -10.50
N CYS C 300 21.11 35.22 -11.22
CA CYS C 300 20.78 34.89 -12.60
C CYS C 300 21.07 36.02 -13.55
N ASN C 301 21.67 35.69 -14.70
CA ASN C 301 22.03 36.70 -15.69
C ASN C 301 21.21 36.56 -16.98
N VAL C 302 20.71 37.67 -17.52
CA VAL C 302 20.01 37.63 -18.81
C VAL C 302 20.52 38.72 -19.73
N SER C 303 20.34 38.57 -21.05
CA SER C 303 20.74 39.67 -21.91
C SER C 303 19.86 40.88 -21.67
N LYS C 304 20.50 42.03 -21.58
CA LYS C 304 19.75 43.25 -21.38
C LYS C 304 18.99 43.67 -22.60
N ALA C 305 19.69 43.65 -23.71
CA ALA C 305 19.12 44.05 -24.96
C ALA C 305 18.07 43.09 -25.43
N THR C 306 18.30 41.80 -25.21
CA THR C 306 17.33 40.86 -25.69
C THR C 306 16.07 41.00 -24.93
N TRP C 307 16.18 41.24 -23.63
CA TRP C 307 15.01 41.42 -22.82
C TRP C 307 14.23 42.64 -23.24
N ASN C 308 14.93 43.69 -23.64
CA ASN C 308 14.24 44.89 -24.06
C ASN C 308 13.52 44.66 -25.35
N GLU C 309 14.20 44.00 -26.27
CA GLU C 309 13.61 43.72 -27.55
C GLU C 309 12.45 42.80 -27.44
N THR C 310 12.57 41.82 -26.55
CA THR C 310 11.52 40.88 -26.39
C THR C 310 10.28 41.52 -25.88
N LEU C 311 10.45 42.45 -24.94
CA LEU C 311 9.30 43.15 -24.45
C LEU C 311 8.68 44.01 -25.51
N GLY C 312 9.49 44.56 -26.40
CA GLY C 312 8.89 45.34 -27.45
C GLY C 312 8.03 44.47 -28.33
N LYS C 313 8.44 43.22 -28.55
CA LYS C 313 7.60 42.35 -29.33
C LYS C 313 6.30 42.07 -28.63
N VAL C 314 6.38 41.93 -27.30
CA VAL C 314 5.20 41.63 -26.55
C VAL C 314 4.21 42.74 -26.51
N VAL C 315 4.67 43.97 -26.31
CA VAL C 315 3.71 45.04 -26.23
C VAL C 315 3.05 45.27 -27.55
N LYS C 316 3.75 45.00 -28.65
CA LYS C 316 3.09 45.13 -29.93
C LYS C 316 1.96 44.14 -30.04
N GLN C 317 2.17 42.96 -29.48
CA GLN C 317 1.10 41.99 -29.47
C GLN C 317 -0.04 42.42 -28.58
N LEU C 318 0.30 43.04 -27.45
CA LEU C 318 -0.73 43.46 -26.52
C LEU C 318 -1.64 44.48 -27.11
N ARG C 319 -1.09 45.34 -27.94
CA ARG C 319 -1.87 46.38 -28.57
C ARG C 319 -2.99 45.86 -29.42
N LYS C 320 -2.89 44.62 -29.87
CA LYS C 320 -3.95 44.08 -30.69
C LYS C 320 -5.30 44.07 -29.98
N HIS C 321 -5.30 44.04 -28.65
CA HIS C 321 -6.54 44.05 -27.90
C HIS C 321 -6.89 45.39 -27.29
N PHE C 322 -6.15 46.44 -27.64
CA PHE C 322 -6.33 47.75 -27.02
C PHE C 322 -6.18 48.87 -28.05
N GLY C 323 -6.57 50.08 -27.70
CA GLY C 323 -6.35 51.18 -28.63
C GLY C 323 -4.84 51.32 -28.76
N ASN C 324 -4.35 51.82 -29.89
CA ASN C 324 -2.92 51.78 -30.09
C ASN C 324 -2.16 52.92 -29.45
N ASN C 325 -2.86 53.78 -28.73
CA ASN C 325 -2.21 54.79 -27.94
C ASN C 325 -2.11 54.37 -26.48
N THR C 326 -2.42 53.11 -26.18
CA THR C 326 -2.36 52.64 -24.80
C THR C 326 -0.95 52.63 -24.26
N ILE C 327 -0.80 53.04 -23.01
CA ILE C 327 0.48 52.94 -22.35
C ILE C 327 0.60 51.61 -21.65
N ILE C 328 1.62 50.86 -21.98
CA ILE C 328 1.81 49.58 -21.33
C ILE C 328 2.73 49.68 -20.15
N ARG C 329 2.33 49.16 -19.00
CA ARG C 329 3.26 49.21 -17.90
C ARG C 329 3.48 47.86 -17.26
N PHE C 330 4.68 47.68 -16.76
CA PHE C 330 5.04 46.48 -16.04
C PHE C 330 5.33 46.88 -14.63
N ALA C 331 5.30 45.93 -13.71
CA ALA C 331 5.43 46.34 -12.33
C ALA C 331 6.04 45.32 -11.42
N ASN C 332 6.39 45.83 -10.23
CA ASN C 332 6.96 45.07 -9.14
C ASN C 332 5.94 44.05 -8.70
N SER C 333 6.44 42.92 -8.25
CA SER C 333 5.61 41.81 -7.86
C SER C 333 4.60 42.18 -6.81
N SER C 334 3.46 41.52 -6.88
CA SER C 334 2.35 41.77 -5.99
C SER C 334 2.49 41.09 -4.64
N GLY C 335 3.60 40.41 -4.38
CA GLY C 335 3.75 39.75 -3.10
C GLY C 335 2.91 38.49 -2.99
N GLY C 336 2.31 38.26 -1.83
CA GLY C 336 1.61 37.01 -1.59
C GLY C 336 2.63 35.95 -1.24
N ASP C 337 2.27 34.68 -1.39
CA ASP C 337 3.18 33.60 -1.06
C ASP C 337 4.45 33.69 -1.89
N LEU C 338 5.59 33.39 -1.28
CA LEU C 338 6.87 33.53 -1.95
C LEU C 338 6.95 32.82 -3.29
N GLU C 339 6.30 31.69 -3.39
CA GLU C 339 6.29 30.93 -4.62
C GLU C 339 5.63 31.61 -5.79
N VAL C 340 4.83 32.64 -5.56
CA VAL C 340 4.32 33.39 -6.70
C VAL C 340 4.91 34.77 -6.68
N THR C 341 5.41 35.18 -5.51
CA THR C 341 6.05 36.47 -5.36
C THR C 341 7.28 36.57 -6.17
N THR C 342 7.94 35.42 -6.36
CA THR C 342 9.19 35.36 -7.07
C THR C 342 9.26 34.29 -8.12
N HIS C 343 10.23 34.44 -8.98
CA HIS C 343 10.45 33.44 -9.97
C HIS C 343 11.09 32.27 -9.32
N SER C 344 10.65 31.05 -9.62
CA SER C 344 11.34 29.95 -9.02
C SER C 344 11.52 28.76 -9.92
N PHE C 345 12.59 28.03 -9.62
CA PHE C 345 12.94 26.83 -10.34
C PHE C 345 13.73 25.83 -9.49
N ASN C 346 13.72 24.57 -9.89
CA ASN C 346 14.46 23.50 -9.21
C ASN C 346 15.73 23.04 -9.93
N CYS C 347 16.25 23.84 -10.84
CA CYS C 347 17.37 23.41 -11.65
C CYS C 347 18.58 23.05 -10.83
N GLY C 348 19.26 22.01 -11.27
CA GLY C 348 20.43 21.53 -10.57
C GLY C 348 20.04 20.68 -9.38
N GLY C 349 18.75 20.37 -9.27
CA GLY C 349 18.27 19.58 -8.17
C GLY C 349 18.05 20.41 -6.91
N GLU C 350 18.16 21.74 -7.00
CA GLU C 350 17.92 22.53 -5.80
C GLU C 350 17.13 23.77 -6.14
N PHE C 351 16.23 24.09 -5.25
CA PHE C 351 15.32 25.21 -5.42
C PHE C 351 15.98 26.58 -5.40
N PHE C 352 15.46 27.47 -6.22
CA PHE C 352 15.88 28.84 -6.24
C PHE C 352 14.70 29.77 -6.38
N TYR C 353 14.86 30.98 -5.86
CA TYR C 353 13.85 32.01 -6.01
C TYR C 353 14.53 33.29 -6.40
N CYS C 354 13.92 34.14 -7.21
CA CYS C 354 14.61 35.40 -7.42
C CYS C 354 13.70 36.60 -7.53
N ASN C 355 14.30 37.76 -7.35
CA ASN C 355 13.56 39.01 -7.46
C ASN C 355 13.57 39.45 -8.89
N THR C 356 12.43 39.38 -9.54
CA THR C 356 12.35 39.75 -10.94
C THR C 356 11.87 41.16 -11.19
N SER C 357 11.62 41.91 -10.13
CA SER C 357 11.06 43.23 -10.32
C SER C 357 11.90 44.14 -11.21
N GLY C 358 13.22 43.90 -11.26
CA GLY C 358 14.03 44.69 -12.16
C GLY C 358 13.66 44.43 -13.61
N LEU C 359 13.26 43.20 -13.93
CA LEU C 359 12.86 42.87 -15.29
C LEU C 359 11.61 43.58 -15.69
N PHE C 360 10.76 43.84 -14.71
CA PHE C 360 9.50 44.49 -14.99
C PHE C 360 9.49 45.97 -14.72
N ASN C 361 10.64 46.58 -14.49
CA ASN C 361 10.62 48.01 -14.22
C ASN C 361 10.62 48.82 -15.51
N SER C 362 9.52 48.79 -16.25
CA SER C 362 9.44 49.57 -17.48
C SER C 362 8.03 49.97 -17.86
N THR C 363 7.95 50.96 -18.76
CA THR C 363 6.69 51.33 -19.36
C THR C 363 6.91 51.46 -20.86
N TRP C 364 5.85 51.40 -21.65
CA TRP C 364 5.98 51.52 -23.08
C TRP C 364 4.98 52.50 -23.64
N ILE C 365 5.38 53.21 -24.69
CA ILE C 365 4.56 54.25 -25.28
C ILE C 365 4.35 54.04 -26.75
N SER C 366 3.35 54.73 -27.30
CA SER C 366 3.11 54.70 -28.72
C SER C 366 4.29 55.34 -29.43
N ASN C 367 4.53 54.95 -30.67
CA ASN C 367 5.65 55.46 -31.44
C ASN C 367 6.96 55.26 -30.69
N ASN C 379 26.73 45.37 -18.38
CA ASN C 379 26.83 46.02 -19.68
C ASN C 379 25.75 45.51 -20.61
N ASP C 380 26.01 44.36 -21.23
CA ASP C 380 25.06 43.74 -22.13
C ASP C 380 24.08 42.82 -21.41
N SER C 381 24.09 42.82 -20.07
CA SER C 381 23.24 41.91 -19.32
C SER C 381 22.72 42.51 -18.03
N ILE C 382 21.70 41.85 -17.51
CA ILE C 382 21.00 42.21 -16.28
C ILE C 382 21.10 41.07 -15.32
N THR C 383 21.28 41.36 -14.04
CA THR C 383 21.37 40.27 -13.10
C THR C 383 20.36 40.42 -12.00
N LEU C 384 19.90 39.28 -11.46
CA LEU C 384 18.94 39.32 -10.39
C LEU C 384 19.44 38.58 -9.17
N PRO C 385 19.17 39.12 -7.97
CA PRO C 385 19.43 38.54 -6.67
C PRO C 385 18.55 37.33 -6.50
N CYS C 386 19.00 36.37 -5.69
CA CYS C 386 18.21 35.18 -5.49
C CYS C 386 18.27 34.63 -4.06
N ARG C 387 17.37 33.68 -3.80
CA ARG C 387 17.22 33.05 -2.50
C ARG C 387 17.17 31.54 -2.63
N ILE C 388 17.58 30.84 -1.58
CA ILE C 388 17.45 29.39 -1.57
C ILE C 388 16.75 28.93 -0.31
N LYS C 389 15.74 28.11 -0.45
CA LYS C 389 15.05 27.56 0.70
C LYS C 389 15.01 26.04 0.58
N GLN C 390 15.45 25.30 1.59
CA GLN C 390 15.37 23.85 1.45
C GLN C 390 14.07 23.23 1.94
N ILE C 391 13.25 23.97 2.66
CA ILE C 391 11.96 23.40 3.02
C ILE C 391 10.98 23.72 1.94
N ILE C 392 10.38 22.68 1.38
CA ILE C 392 9.49 22.85 0.26
C ILE C 392 8.11 22.30 0.46
N ASN C 393 7.12 23.06 0.01
CA ASN C 393 5.78 22.54 -0.02
C ASN C 393 5.35 22.58 -1.47
N MET C 394 5.16 21.42 -2.06
CA MET C 394 4.78 21.40 -3.46
C MET C 394 3.39 21.91 -3.71
N TRP C 395 3.26 22.55 -4.85
CA TRP C 395 2.01 23.08 -5.36
C TRP C 395 1.34 23.98 -4.33
N GLN C 396 0.08 23.70 -4.04
CA GLN C 396 -0.65 24.39 -3.00
C GLN C 396 -0.80 23.52 -1.78
N ARG C 397 -0.13 22.38 -1.78
CA ARG C 397 -0.35 21.41 -0.75
C ARG C 397 0.06 21.85 0.63
N ILE C 398 -0.70 21.40 1.59
CA ILE C 398 -0.48 21.66 2.98
C ILE C 398 -0.01 20.44 3.73
N GLY C 399 -0.62 19.31 3.39
CA GLY C 399 -0.40 18.03 4.05
C GLY C 399 1.00 17.43 3.92
N GLN C 400 1.85 18.00 3.07
CA GLN C 400 3.18 17.45 2.91
C GLN C 400 4.26 18.50 2.81
N ALA C 401 5.46 18.09 3.18
CA ALA C 401 6.62 18.94 3.10
C ALA C 401 7.84 18.10 2.85
N MET C 402 8.84 18.68 2.23
CA MET C 402 10.05 17.93 1.98
C MET C 402 11.26 18.78 2.12
N TYR C 403 12.36 18.15 2.43
CA TYR C 403 13.60 18.86 2.60
C TYR C 403 14.52 18.62 1.45
N ALA C 404 14.87 19.65 0.70
CA ALA C 404 15.81 19.38 -0.36
C ALA C 404 17.10 18.91 0.27
N PRO C 405 17.77 17.93 -0.30
CA PRO C 405 19.09 17.48 0.07
C PRO C 405 20.05 18.60 -0.21
N PRO C 406 21.13 18.73 0.53
CA PRO C 406 22.25 19.58 0.23
C PRO C 406 22.88 19.06 -1.04
N ILE C 407 23.49 19.94 -1.84
CA ILE C 407 24.19 19.47 -3.02
C ILE C 407 25.57 20.03 -3.06
N GLN C 408 26.55 19.15 -3.18
CA GLN C 408 27.93 19.59 -3.21
C GLN C 408 28.32 20.38 -4.44
N GLY C 409 29.23 21.32 -4.25
CA GLY C 409 29.81 22.13 -5.32
C GLY C 409 28.98 23.34 -5.71
N VAL C 410 29.47 24.04 -6.72
CA VAL C 410 28.78 25.17 -7.31
C VAL C 410 27.72 24.69 -8.28
N ILE C 411 26.52 25.22 -8.17
CA ILE C 411 25.46 24.87 -9.12
C ILE C 411 25.42 25.83 -10.28
N ARG C 412 25.33 25.33 -11.49
CA ARG C 412 25.12 26.25 -12.59
C ARG C 412 24.12 25.70 -13.57
N CYS C 413 23.32 26.58 -14.16
CA CYS C 413 22.39 26.14 -15.17
C CYS C 413 22.23 27.14 -16.27
N VAL C 414 21.67 26.66 -17.37
CA VAL C 414 21.32 27.49 -18.50
C VAL C 414 19.94 27.08 -18.97
N SER C 415 19.09 28.03 -19.29
CA SER C 415 17.80 27.64 -19.84
C SER C 415 17.27 28.68 -20.78
N ASN C 416 16.26 28.31 -21.54
CA ASN C 416 15.66 29.27 -22.42
C ASN C 416 14.35 29.72 -21.82
N ILE C 417 14.16 31.01 -21.70
CA ILE C 417 12.89 31.47 -21.21
C ILE C 417 12.02 31.46 -22.41
N THR C 418 10.88 30.80 -22.30
CA THR C 418 10.02 30.74 -23.44
C THR C 418 8.70 31.47 -23.28
N GLY C 419 8.43 32.00 -22.10
CA GLY C 419 7.20 32.77 -21.99
C GLY C 419 6.97 33.34 -20.61
N LEU C 420 5.85 34.02 -20.46
CA LEU C 420 5.50 34.61 -19.18
C LEU C 420 4.12 34.25 -18.72
N ILE C 421 3.94 34.09 -17.41
CA ILE C 421 2.59 34.00 -16.91
C ILE C 421 2.27 35.35 -16.32
N LEU C 422 1.35 36.07 -16.95
CA LEU C 422 1.04 37.42 -16.54
C LEU C 422 -0.39 37.62 -16.16
N THR C 423 -0.65 38.66 -15.39
CA THR C 423 -2.02 38.99 -15.07
C THR C 423 -2.20 40.46 -15.34
N ARG C 424 -3.44 40.88 -15.45
CA ARG C 424 -3.69 42.28 -15.75
C ARG C 424 -4.44 42.95 -14.65
N ASP C 425 -4.01 44.13 -14.33
CA ASP C 425 -4.60 44.96 -13.31
C ASP C 425 -6.01 45.40 -13.62
N GLY C 426 -6.81 45.47 -12.57
CA GLY C 426 -8.18 45.95 -12.65
C GLY C 426 -8.16 47.45 -12.86
N GLY C 427 -9.32 48.06 -12.97
CA GLY C 427 -9.35 49.47 -13.27
C GLY C 427 -8.94 49.68 -14.73
N SER C 428 -7.95 50.55 -14.96
CA SER C 428 -7.54 50.91 -16.34
C SER C 428 -8.68 51.60 -17.05
N THR C 429 -9.32 52.51 -16.33
CA THR C 429 -10.48 53.23 -16.79
C THR C 429 -10.17 54.18 -17.93
N ASN C 430 -11.23 54.54 -18.64
CA ASN C 430 -11.18 55.41 -19.80
C ASN C 430 -10.25 54.86 -20.84
N SER C 431 -10.31 53.56 -21.05
CA SER C 431 -9.55 52.84 -22.04
C SER C 431 -8.06 53.16 -22.09
N THR C 432 -7.43 53.50 -20.96
CA THR C 432 -6.01 53.80 -21.05
C THR C 432 -5.13 53.21 -19.97
N THR C 433 -3.84 53.16 -20.31
CA THR C 433 -2.75 52.81 -19.42
C THR C 433 -2.86 51.43 -18.77
N GLU C 434 -2.94 50.37 -19.56
CA GLU C 434 -2.98 49.04 -19.00
C GLU C 434 -1.69 48.68 -18.28
N THR C 435 -1.79 47.92 -17.18
CA THR C 435 -0.58 47.55 -16.49
C THR C 435 -0.59 46.05 -16.19
N PHE C 436 0.60 45.49 -15.95
CA PHE C 436 0.71 44.04 -15.75
C PHE C 436 1.70 43.60 -14.69
N ARG C 437 1.47 42.41 -14.16
CA ARG C 437 2.37 41.75 -13.21
C ARG C 437 2.39 40.26 -13.43
N PRO C 438 3.46 39.60 -12.99
CA PRO C 438 3.60 38.16 -12.94
C PRO C 438 2.54 37.58 -12.00
N GLY C 439 2.13 36.35 -12.26
CA GLY C 439 1.08 35.72 -11.46
C GLY C 439 0.77 34.36 -12.05
N GLY C 440 -0.33 33.73 -11.64
CA GLY C 440 -0.65 32.49 -12.31
C GLY C 440 0.10 31.23 -11.91
N GLY C 441 0.78 31.25 -10.78
CA GLY C 441 1.67 30.16 -10.35
C GLY C 441 1.07 28.72 -10.29
N ASP C 442 -0.23 28.51 -10.51
CA ASP C 442 -0.73 27.13 -10.59
C ASP C 442 -0.08 26.43 -11.79
N MET C 443 0.48 25.24 -11.54
CA MET C 443 1.17 24.48 -12.57
C MET C 443 0.34 24.13 -13.76
N ARG C 444 -0.98 24.10 -13.60
CA ARG C 444 -1.84 23.77 -14.70
C ARG C 444 -1.63 24.66 -15.89
N ASP C 445 -1.28 25.93 -15.68
CA ASP C 445 -1.13 26.73 -16.86
C ASP C 445 0.24 26.65 -17.46
N ASN C 446 1.14 25.90 -16.86
CA ASN C 446 2.37 25.70 -17.55
C ASN C 446 2.05 24.68 -18.60
N TRP C 447 1.34 23.67 -18.14
CA TRP C 447 0.94 22.61 -19.00
C TRP C 447 0.01 23.03 -20.09
N ARG C 448 -0.84 24.01 -19.81
CA ARG C 448 -1.69 24.47 -20.89
C ARG C 448 -0.90 25.15 -21.97
N SER C 449 0.14 25.88 -21.58
CA SER C 449 0.90 26.53 -22.63
C SER C 449 1.57 25.54 -23.56
N GLU C 450 1.94 24.35 -23.08
CA GLU C 450 2.49 23.39 -24.01
C GLU C 450 1.45 22.52 -24.72
N LEU C 451 0.41 22.11 -24.00
CA LEU C 451 -0.60 21.19 -24.50
C LEU C 451 -1.75 21.72 -25.29
N TYR C 452 -1.85 23.03 -25.45
CA TYR C 452 -2.96 23.59 -26.19
C TYR C 452 -3.10 23.06 -27.60
N LYS C 453 -2.01 22.60 -28.18
CA LYS C 453 -2.05 22.08 -29.52
C LYS C 453 -2.90 20.83 -29.69
N TYR C 454 -3.07 20.05 -28.63
CA TYR C 454 -3.69 18.75 -28.80
C TYR C 454 -5.11 18.55 -28.33
N LYS C 455 -5.84 17.72 -29.07
CA LYS C 455 -7.19 17.30 -28.70
C LYS C 455 -7.36 15.78 -28.77
N VAL C 456 -8.08 15.21 -27.81
CA VAL C 456 -8.41 13.79 -27.83
C VAL C 456 -9.74 13.49 -28.48
N VAL C 457 -9.74 12.57 -29.43
CA VAL C 457 -10.99 12.17 -30.04
C VAL C 457 -11.17 10.68 -30.05
N LYS C 458 -12.41 10.29 -30.23
CA LYS C 458 -12.79 8.90 -30.30
C LYS C 458 -13.17 8.53 -31.70
N ILE C 459 -12.63 7.42 -32.15
CA ILE C 459 -12.95 6.90 -33.46
C ILE C 459 -14.14 6.00 -33.41
N GLU C 460 -15.15 6.26 -34.24
CA GLU C 460 -16.29 5.33 -34.33
C GLU C 460 -16.40 4.73 -35.73
N PRO C 461 -15.77 3.59 -35.99
CA PRO C 461 -15.69 2.86 -37.26
C PRO C 461 -17.03 2.47 -37.85
N LEU C 462 -18.01 2.26 -37.01
CA LEU C 462 -19.31 1.88 -37.50
C LEU C 462 -20.04 3.02 -38.18
N GLY C 463 -20.74 2.72 -39.26
CA GLY C 463 -21.62 3.73 -39.84
C GLY C 463 -22.48 3.12 -40.92
N VAL C 464 -23.42 3.90 -41.42
CA VAL C 464 -24.31 3.42 -42.46
C VAL C 464 -24.47 4.41 -43.59
N ALA C 465 -24.95 3.94 -44.73
CA ALA C 465 -25.36 4.86 -45.78
C ALA C 465 -26.37 4.16 -46.67
N PRO C 466 -27.28 4.89 -47.32
CA PRO C 466 -28.24 4.32 -48.26
C PRO C 466 -27.54 3.72 -49.45
N THR C 467 -28.09 2.63 -49.97
CA THR C 467 -27.57 2.01 -51.17
C THR C 467 -28.62 1.50 -52.13
N ARG C 468 -28.19 1.27 -53.36
CA ARG C 468 -29.03 0.66 -54.38
C ARG C 468 -29.22 -0.83 -54.09
N CYS C 469 -28.31 -1.40 -53.31
CA CYS C 469 -28.34 -2.79 -52.94
C CYS C 469 -29.43 -3.17 -51.96
N LYS C 470 -29.96 -4.35 -52.15
CA LYS C 470 -30.85 -4.95 -51.19
C LYS C 470 -30.24 -6.31 -50.97
N ARG C 471 -30.41 -6.90 -49.80
CA ARG C 471 -29.71 -8.14 -49.56
C ARG C 471 -30.14 -9.22 -50.51
N ARG C 472 -29.18 -10.03 -50.93
CA ARG C 472 -29.47 -11.14 -51.80
C ARG C 472 -30.35 -12.16 -51.10
N VAL C 473 -31.23 -12.77 -51.85
CA VAL C 473 -32.07 -13.81 -51.29
C VAL C 473 -31.21 -15.03 -51.02
N VAL C 474 -31.39 -15.64 -49.86
CA VAL C 474 -30.62 -16.81 -49.50
C VAL C 474 -29.15 -16.65 -49.85
N GLU D 2 -36.82 -39.40 -40.19
CA GLU D 2 -36.81 -39.01 -38.78
C GLU D 2 -35.41 -39.01 -38.21
N ASN D 3 -34.41 -38.96 -39.07
CA ASN D 3 -33.04 -38.94 -38.60
C ASN D 3 -32.66 -37.53 -38.21
N LEU D 4 -33.11 -37.10 -37.05
CA LEU D 4 -32.89 -35.76 -36.55
C LEU D 4 -31.43 -35.46 -36.27
N TRP D 5 -31.04 -34.21 -36.46
CA TRP D 5 -29.67 -33.82 -36.19
C TRP D 5 -29.66 -32.82 -35.07
N VAL D 6 -28.74 -32.96 -34.13
CA VAL D 6 -28.66 -31.96 -33.08
C VAL D 6 -28.09 -30.69 -33.65
N THR D 7 -28.66 -29.53 -33.31
CA THR D 7 -28.07 -28.30 -33.81
C THR D 7 -27.88 -27.21 -32.79
N VAL D 8 -27.02 -26.28 -33.17
CA VAL D 8 -26.63 -25.13 -32.37
C VAL D 8 -27.62 -23.99 -32.30
N TYR D 9 -27.80 -23.48 -31.09
CA TYR D 9 -28.61 -22.29 -30.88
C TYR D 9 -27.84 -21.36 -29.96
N TYR D 10 -28.14 -20.07 -30.07
CA TYR D 10 -27.41 -19.16 -29.23
C TYR D 10 -28.31 -18.05 -28.73
N GLY D 11 -28.03 -17.62 -27.52
CA GLY D 11 -28.82 -16.62 -26.83
C GLY D 11 -30.05 -17.23 -26.15
N VAL D 12 -30.14 -18.56 -26.12
CA VAL D 12 -31.26 -19.19 -25.45
C VAL D 12 -31.04 -18.95 -23.98
N PRO D 13 -32.06 -18.66 -23.19
CA PRO D 13 -31.82 -18.43 -21.79
C PRO D 13 -31.35 -19.71 -21.14
N VAL D 14 -30.34 -19.60 -20.30
CA VAL D 14 -29.90 -20.68 -19.44
C VAL D 14 -29.53 -20.14 -18.11
N TRP D 15 -29.97 -20.75 -17.03
CA TRP D 15 -29.57 -20.28 -15.73
C TRP D 15 -28.66 -21.23 -15.01
N LYS D 16 -27.56 -20.73 -14.50
CA LYS D 16 -26.74 -21.56 -13.64
C LYS D 16 -26.51 -20.83 -12.34
N ASP D 17 -26.53 -21.54 -11.25
CA ASP D 17 -26.24 -20.85 -10.01
C ASP D 17 -24.79 -20.47 -10.03
N ALA D 18 -24.48 -19.24 -9.68
CA ALA D 18 -23.08 -18.86 -9.70
C ALA D 18 -22.78 -17.72 -8.77
N GLU D 19 -21.52 -17.55 -8.44
CA GLU D 19 -21.14 -16.40 -7.68
C GLU D 19 -20.12 -15.57 -8.40
N THR D 20 -20.36 -14.27 -8.43
CA THR D 20 -19.44 -13.34 -9.04
C THR D 20 -19.26 -12.18 -8.12
N THR D 21 -18.24 -11.40 -8.37
CA THR D 21 -18.06 -10.22 -7.57
C THR D 21 -19.15 -9.21 -7.86
N LEU D 22 -19.68 -8.61 -6.81
CA LEU D 22 -20.69 -7.57 -6.95
C LEU D 22 -20.14 -6.27 -7.55
N PHE D 23 -20.97 -5.59 -8.31
CA PHE D 23 -20.58 -4.32 -8.90
C PHE D 23 -21.20 -3.17 -8.10
N CYS D 24 -20.37 -2.26 -7.59
CA CYS D 24 -20.89 -1.13 -6.80
C CYS D 24 -21.67 -0.15 -7.63
N ALA D 25 -22.76 0.36 -7.08
CA ALA D 25 -23.46 1.43 -7.76
C ALA D 25 -24.21 2.34 -6.79
N SER D 26 -24.47 3.57 -7.23
CA SER D 26 -25.33 4.48 -6.50
C SER D 26 -26.07 5.30 -7.52
N ASP D 27 -27.22 5.85 -7.18
CA ASP D 27 -27.92 6.58 -8.23
C ASP D 27 -27.17 7.84 -8.54
N ALA D 28 -26.77 7.97 -9.80
CA ALA D 28 -26.09 9.14 -10.35
C ALA D 28 -24.93 9.65 -9.48
N LYS D 29 -24.27 8.79 -8.69
CA LYS D 29 -23.22 9.28 -7.77
C LYS D 29 -23.72 10.47 -6.95
N ALA D 30 -24.98 10.43 -6.50
CA ALA D 30 -25.61 11.54 -5.80
C ALA D 30 -24.91 11.94 -4.50
N TYR D 31 -24.01 11.09 -3.99
CA TYR D 31 -23.24 11.41 -2.81
C TYR D 31 -22.39 12.65 -3.02
N GLU D 32 -22.06 12.96 -4.28
CA GLU D 32 -21.21 14.09 -4.60
C GLU D 32 -21.79 15.44 -4.25
N THR D 33 -23.10 15.51 -3.94
CA THR D 33 -23.67 16.80 -3.61
C THR D 33 -23.09 17.38 -2.31
N GLU D 34 -22.54 16.53 -1.44
CA GLU D 34 -21.81 17.02 -0.27
C GLU D 34 -20.74 16.03 0.11
N LYS D 35 -19.59 16.49 0.57
CA LYS D 35 -18.52 15.57 0.95
C LYS D 35 -18.31 15.65 2.45
N HIS D 36 -17.77 14.59 3.06
CA HIS D 36 -17.35 13.36 2.39
C HIS D 36 -17.93 12.22 3.22
N ASN D 37 -18.17 11.07 2.58
CA ASN D 37 -18.77 9.93 3.27
C ASN D 37 -17.93 8.67 3.18
N VAL D 38 -17.81 7.93 4.29
CA VAL D 38 -17.04 6.70 4.21
C VAL D 38 -17.62 5.65 3.31
N TRP D 39 -18.91 5.37 3.48
CA TRP D 39 -19.52 4.32 2.71
C TRP D 39 -19.57 4.56 1.22
N ALA D 40 -19.72 5.83 0.84
CA ALA D 40 -19.73 6.19 -0.57
C ALA D 40 -18.35 6.14 -1.19
N THR D 41 -17.33 6.10 -0.33
CA THR D 41 -15.92 6.19 -0.67
C THR D 41 -15.73 7.46 -1.44
N HIS D 42 -14.55 7.64 -2.01
CA HIS D 42 -14.35 8.79 -2.84
C HIS D 42 -15.21 8.74 -4.11
N ALA D 43 -15.55 7.52 -4.56
CA ALA D 43 -16.37 7.35 -5.75
C ALA D 43 -17.03 5.99 -5.82
N CYS D 44 -18.11 5.91 -6.60
CA CYS D 44 -18.78 4.67 -6.95
C CYS D 44 -19.32 4.85 -8.34
N VAL D 45 -19.72 3.78 -9.00
CA VAL D 45 -20.30 3.94 -10.30
C VAL D 45 -21.72 4.48 -10.18
N PRO D 46 -22.10 5.52 -10.92
CA PRO D 46 -23.43 6.06 -11.02
C PRO D 46 -24.34 5.06 -11.68
N THR D 47 -25.61 5.06 -11.34
CA THR D 47 -26.51 4.20 -12.08
C THR D 47 -27.77 4.92 -12.45
N ASP D 48 -28.49 4.31 -13.38
CA ASP D 48 -29.72 4.85 -13.89
C ASP D 48 -30.75 4.87 -12.76
N PRO D 49 -31.48 5.97 -12.57
CA PRO D 49 -32.52 6.18 -11.58
C PRO D 49 -33.71 5.23 -11.76
N ASN D 50 -33.84 4.62 -12.93
CA ASN D 50 -34.95 3.71 -13.19
C ASN D 50 -34.52 2.41 -13.87
N PRO D 51 -33.98 1.44 -13.13
CA PRO D 51 -33.62 0.11 -13.57
C PRO D 51 -34.87 -0.58 -14.06
N GLN D 52 -34.74 -1.49 -15.01
CA GLN D 52 -35.93 -2.12 -15.53
C GLN D 52 -36.20 -3.48 -14.96
N GLU D 53 -37.09 -3.55 -13.97
CA GLU D 53 -37.50 -4.85 -13.49
C GLU D 53 -38.23 -5.59 -14.59
N ILE D 54 -38.00 -6.89 -14.68
CA ILE D 54 -38.75 -7.65 -15.65
C ILE D 54 -39.47 -8.78 -14.98
N HIS D 55 -40.79 -8.76 -15.01
CA HIS D 55 -41.49 -9.85 -14.36
C HIS D 55 -41.58 -11.02 -15.29
N LEU D 56 -41.06 -12.15 -14.86
CA LEU D 56 -41.11 -13.35 -15.65
C LEU D 56 -42.50 -13.95 -15.70
N GLU D 57 -42.84 -14.55 -16.82
CA GLU D 57 -44.11 -15.25 -16.93
C GLU D 57 -43.89 -16.72 -16.69
N ASN D 58 -44.75 -17.36 -15.94
CA ASN D 58 -44.66 -18.81 -15.72
C ASN D 58 -43.29 -19.25 -15.18
N VAL D 59 -42.75 -18.55 -14.20
CA VAL D 59 -41.45 -18.93 -13.65
C VAL D 59 -41.41 -18.95 -12.15
N THR D 60 -40.75 -19.97 -11.59
CA THR D 60 -40.50 -19.98 -10.17
C THR D 60 -39.04 -20.32 -9.98
N GLU D 61 -38.49 -19.96 -8.84
CA GLU D 61 -37.11 -20.36 -8.59
C GLU D 61 -36.82 -20.51 -7.11
N GLU D 62 -35.93 -21.42 -6.75
CA GLU D 62 -35.51 -21.49 -5.37
C GLU D 62 -34.65 -20.29 -5.00
N PHE D 63 -34.86 -19.79 -3.80
CA PHE D 63 -33.99 -18.77 -3.23
C PHE D 63 -33.55 -19.24 -1.87
N ASN D 64 -32.48 -20.00 -1.83
CA ASN D 64 -32.09 -20.55 -0.56
C ASN D 64 -31.31 -19.54 0.27
N MET D 65 -32.04 -18.91 1.19
CA MET D 65 -31.46 -17.95 2.09
C MET D 65 -30.45 -18.60 2.98
N TRP D 66 -29.47 -17.82 3.36
CA TRP D 66 -28.32 -18.20 4.16
C TRP D 66 -27.34 -19.09 3.41
N LYS D 67 -27.56 -19.33 2.12
CA LYS D 67 -26.53 -19.96 1.32
C LYS D 67 -25.96 -18.94 0.35
N ASN D 68 -26.57 -17.76 0.34
CA ASN D 68 -26.16 -16.71 -0.56
C ASN D 68 -24.86 -16.09 -0.13
N ASN D 69 -23.90 -15.99 -1.04
CA ASN D 69 -22.65 -15.37 -0.67
C ASN D 69 -22.60 -13.91 -1.05
N MET D 70 -23.71 -13.37 -1.51
CA MET D 70 -23.80 -11.95 -1.76
C MET D 70 -23.60 -11.22 -0.47
N VAL D 71 -24.14 -11.81 0.58
CA VAL D 71 -24.03 -11.28 1.91
C VAL D 71 -22.62 -11.30 2.38
N GLU D 72 -21.94 -12.39 2.09
CA GLU D 72 -20.58 -12.52 2.53
C GLU D 72 -19.70 -11.52 1.84
N GLN D 73 -19.96 -11.25 0.57
CA GLN D 73 -19.15 -10.24 -0.07
C GLN D 73 -19.39 -8.91 0.55
N MET D 74 -20.64 -8.61 0.89
CA MET D 74 -20.89 -7.38 1.57
C MET D 74 -20.22 -7.31 2.88
N HIS D 75 -20.14 -8.44 3.56
CA HIS D 75 -19.52 -8.44 4.86
C HIS D 75 -18.10 -8.01 4.79
N THR D 76 -17.39 -8.46 3.76
CA THR D 76 -16.01 -8.05 3.71
C THR D 76 -15.80 -6.80 2.89
N ASP D 77 -16.78 -6.42 2.09
CA ASP D 77 -16.63 -5.20 1.33
C ASP D 77 -16.72 -4.04 2.28
N ILE D 78 -17.66 -4.14 3.20
CA ILE D 78 -17.86 -3.11 4.18
C ILE D 78 -16.71 -2.98 5.11
N ILE D 79 -16.17 -4.12 5.54
CA ILE D 79 -15.04 -4.05 6.41
C ILE D 79 -13.84 -3.46 5.75
N SER D 80 -13.61 -3.86 4.50
CA SER D 80 -12.46 -3.34 3.81
C SER D 80 -12.54 -1.85 3.64
N LEU D 81 -13.75 -1.33 3.41
CA LEU D 81 -13.87 0.10 3.27
C LEU D 81 -13.61 0.79 4.57
N TRP D 82 -14.03 0.18 5.66
CA TRP D 82 -13.79 0.78 6.94
C TRP D 82 -12.32 0.99 7.19
N ASP D 83 -11.52 0.00 6.78
CA ASP D 83 -10.10 0.12 6.94
C ASP D 83 -9.49 1.16 6.06
N GLN D 84 -9.98 1.26 4.84
CA GLN D 84 -9.42 2.24 3.95
C GLN D 84 -9.64 3.63 4.43
N SER D 85 -10.81 3.88 5.02
CA SER D 85 -11.06 5.21 5.52
C SER D 85 -10.16 5.58 6.67
N LEU D 86 -9.77 4.58 7.46
CA LEU D 86 -8.92 4.90 8.59
C LEU D 86 -7.43 4.87 8.35
N LYS D 87 -6.98 4.25 7.27
CA LYS D 87 -5.54 4.13 7.12
C LYS D 87 -4.74 5.45 7.08
N PRO D 88 -5.24 6.52 6.47
CA PRO D 88 -4.65 7.87 6.45
C PRO D 88 -4.60 8.57 7.80
N CYS D 89 -5.43 8.13 8.73
CA CYS D 89 -5.63 8.84 9.97
C CYS D 89 -4.51 8.68 11.00
N VAL D 90 -4.27 9.73 11.78
CA VAL D 90 -3.22 9.75 12.79
C VAL D 90 -3.45 8.82 13.97
N LYS D 91 -2.38 8.12 14.36
CA LYS D 91 -2.35 7.22 15.50
C LYS D 91 -2.39 7.94 16.84
N LEU D 92 -3.05 7.34 17.82
CA LEU D 92 -3.14 7.92 19.16
C LEU D 92 -2.23 7.35 20.22
N THR D 93 -1.17 6.65 19.86
CA THR D 93 -0.41 5.92 20.88
C THR D 93 0.24 6.76 22.01
N PRO D 94 0.43 8.07 21.88
CA PRO D 94 0.86 8.94 22.96
C PRO D 94 -0.12 8.96 24.13
N LEU D 95 -1.35 8.52 23.90
CA LEU D 95 -2.35 8.57 24.96
C LEU D 95 -2.28 7.44 25.95
N CYS D 96 -1.32 6.54 25.81
CA CYS D 96 -1.17 5.51 26.83
C CYS D 96 -0.44 6.00 28.08
N VAL D 97 -0.09 7.27 28.12
CA VAL D 97 0.46 7.90 29.31
C VAL D 97 -0.55 7.84 30.44
N THR D 98 -0.03 7.73 31.65
CA THR D 98 -0.87 7.59 32.83
C THR D 98 -1.70 8.84 33.04
N LEU D 99 -2.86 8.69 33.66
CA LEU D 99 -3.73 9.83 33.84
C LEU D 99 -4.02 10.15 35.27
N GLN D 100 -4.07 11.44 35.59
CA GLN D 100 -4.53 11.87 36.89
C GLN D 100 -5.99 12.13 36.71
N CYS D 101 -6.84 11.78 37.66
CA CYS D 101 -8.24 12.11 37.41
C CYS D 101 -9.04 12.50 38.61
N THR D 102 -10.21 13.07 38.35
CA THR D 102 -11.19 13.32 39.38
C THR D 102 -12.57 12.97 38.88
N ASN D 103 -13.48 12.75 39.82
CA ASN D 103 -14.86 12.56 39.44
C ASN D 103 -15.41 13.91 39.06
N VAL D 104 -16.19 14.02 37.99
CA VAL D 104 -16.77 15.34 37.74
C VAL D 104 -18.10 15.44 38.45
N THR D 105 -18.20 16.38 39.39
CA THR D 105 -19.46 16.59 40.11
C THR D 105 -20.13 17.92 39.81
N ASN D 106 -19.52 18.75 38.98
CA ASN D 106 -20.11 20.04 38.70
C ASN D 106 -21.30 19.92 37.76
N ASN D 107 -22.40 20.60 38.09
CA ASN D 107 -23.54 20.69 37.18
C ASN D 107 -24.02 19.32 36.71
N ILE D 108 -24.24 18.37 37.61
CA ILE D 108 -24.58 17.05 37.14
C ILE D 108 -25.79 16.45 37.83
N THR D 109 -26.68 15.83 37.05
CA THR D 109 -27.80 15.09 37.63
C THR D 109 -27.23 13.90 38.39
N ASP D 110 -27.81 13.55 39.53
CA ASP D 110 -27.19 12.53 40.36
C ASP D 110 -27.20 11.11 39.81
N ASP D 111 -28.00 10.82 38.80
CA ASP D 111 -27.93 9.48 38.25
C ASP D 111 -26.84 9.39 37.18
N MET D 112 -26.11 10.48 36.98
CA MET D 112 -24.98 10.51 36.10
C MET D 112 -23.70 10.43 36.86
N ARG D 113 -23.76 10.32 38.19
CA ARG D 113 -22.50 10.41 38.88
C ARG D 113 -21.54 9.31 38.51
N GLY D 114 -20.31 9.73 38.34
CA GLY D 114 -19.17 8.89 38.06
C GLY D 114 -19.11 8.50 36.58
N GLU D 115 -20.01 9.04 35.75
CA GLU D 115 -19.96 8.71 34.34
C GLU D 115 -18.91 9.46 33.59
N LEU D 116 -18.45 10.55 34.19
CA LEU D 116 -17.42 11.33 33.58
C LEU D 116 -16.30 11.58 34.52
N LYS D 117 -15.11 11.61 33.98
CA LYS D 117 -13.96 11.95 34.76
C LYS D 117 -13.20 13.03 34.05
N ASN D 118 -12.54 13.85 34.82
CA ASN D 118 -11.72 14.87 34.24
C ASN D 118 -10.32 14.40 34.50
N CYS D 119 -9.50 14.36 33.48
CA CYS D 119 -8.18 13.86 33.74
C CYS D 119 -7.11 14.62 33.06
N SER D 120 -5.88 14.40 33.49
CA SER D 120 -4.80 15.13 32.88
C SER D 120 -3.51 14.36 32.77
N PHE D 121 -2.64 14.86 31.90
CA PHE D 121 -1.42 14.17 31.58
C PHE D 121 -0.23 15.01 31.08
N ASN D 122 0.93 14.35 31.08
CA ASN D 122 2.27 14.90 30.74
C ASN D 122 2.71 14.73 29.27
N MET D 123 1.76 14.49 28.36
CA MET D 123 2.03 14.24 26.94
C MET D 123 2.68 15.42 26.21
N THR D 124 3.49 15.07 25.22
CA THR D 124 4.34 15.95 24.43
C THR D 124 3.70 17.03 23.57
N THR D 125 4.44 18.11 23.38
CA THR D 125 4.09 19.16 22.41
C THR D 125 4.60 18.67 21.10
N GLU D 126 4.31 19.35 20.01
CA GLU D 126 4.89 18.88 18.77
C GLU D 126 6.42 18.99 18.72
N LEU D 127 7.05 19.76 19.62
CA LEU D 127 8.51 19.78 19.65
C LEU D 127 8.98 18.50 20.29
N ARG D 128 10.08 17.92 19.81
CA ARG D 128 10.50 16.65 20.39
C ARG D 128 10.92 16.78 21.85
N ASP D 129 11.49 17.93 22.19
CA ASP D 129 11.96 18.20 23.54
C ASP D 129 11.00 18.92 24.46
N LYS D 130 9.74 19.06 24.09
CA LYS D 130 8.85 19.79 25.01
C LYS D 130 7.59 19.02 25.33
N LYS D 131 7.01 19.34 26.47
CA LYS D 131 5.82 18.67 26.98
C LYS D 131 4.82 19.67 27.46
N GLN D 132 3.58 19.26 27.52
CA GLN D 132 2.55 20.16 27.99
C GLN D 132 1.52 19.47 28.83
N LYS D 133 0.94 20.20 29.77
CA LYS D 133 -0.12 19.59 30.52
C LYS D 133 -1.35 19.55 29.65
N VAL D 134 -2.05 18.45 29.67
CA VAL D 134 -3.27 18.35 28.91
C VAL D 134 -4.38 17.75 29.72
N TYR D 135 -5.60 18.20 29.53
CA TYR D 135 -6.67 17.51 30.22
C TYR D 135 -7.94 17.43 29.39
N SER D 136 -8.75 16.43 29.67
CA SER D 136 -10.03 16.26 29.00
C SER D 136 -11.05 15.51 29.80
N LEU D 137 -12.29 15.69 29.43
CA LEU D 137 -13.34 14.84 29.95
C LEU D 137 -13.25 13.49 29.29
N PHE D 138 -13.59 12.43 30.02
CA PHE D 138 -13.72 11.11 29.42
C PHE D 138 -14.89 10.34 29.98
N TYR D 139 -15.48 9.49 29.17
CA TYR D 139 -16.49 8.59 29.69
C TYR D 139 -15.81 7.53 30.50
N ARG D 140 -16.41 7.15 31.62
CA ARG D 140 -15.81 6.14 32.47
C ARG D 140 -15.58 4.82 31.75
N LEU D 141 -16.39 4.54 30.75
CA LEU D 141 -16.30 3.29 30.04
C LEU D 141 -15.00 3.10 29.30
N ASP D 142 -14.35 4.17 28.89
CA ASP D 142 -13.13 3.99 28.15
C ASP D 142 -11.88 3.97 28.98
N VAL D 143 -11.99 4.01 30.31
CA VAL D 143 -10.78 3.98 31.12
C VAL D 143 -10.87 2.97 32.22
N VAL D 144 -9.70 2.57 32.71
CA VAL D 144 -9.65 1.70 33.86
C VAL D 144 -8.64 2.23 34.83
N GLN D 145 -8.78 1.87 36.09
CA GLN D 145 -7.74 2.30 36.99
C GLN D 145 -6.49 1.51 36.70
N ILE D 146 -5.36 2.15 36.80
CA ILE D 146 -4.08 1.48 36.68
C ILE D 146 -3.81 0.52 37.80
N ASN D 147 -4.35 0.82 38.97
CA ASN D 147 -4.12 -0.02 40.12
C ASN D 147 -5.34 -0.09 41.02
N GLU D 148 -5.23 -0.92 42.04
CA GLU D 148 -6.32 -1.19 42.97
C GLU D 148 -6.81 -0.01 43.79
N LYS D 159 -6.79 7.67 42.23
CA LYS D 159 -6.33 6.57 41.43
C LYS D 159 -5.81 6.98 40.07
N GLU D 160 -4.76 6.30 39.68
CA GLU D 160 -4.17 6.40 38.37
C GLU D 160 -5.10 5.82 37.33
N TYR D 161 -5.13 6.37 36.13
CA TYR D 161 -5.96 5.78 35.08
C TYR D 161 -5.27 5.63 33.75
N ARG D 162 -5.77 4.69 32.97
CA ARG D 162 -5.25 4.48 31.64
C ARG D 162 -6.38 4.14 30.72
N LEU D 163 -6.16 4.32 29.44
CA LEU D 163 -7.18 3.94 28.51
C LEU D 163 -7.34 2.46 28.58
N ILE D 164 -8.57 2.02 28.46
CA ILE D 164 -8.90 0.62 28.56
C ILE D 164 -8.20 -0.27 27.54
N ASN D 165 -7.81 0.27 26.40
CA ASN D 165 -7.16 -0.55 25.41
C ASN D 165 -5.65 -0.49 25.36
N CYS D 166 -4.99 0.09 26.36
CA CYS D 166 -3.53 0.09 26.27
C CYS D 166 -2.88 -1.29 26.45
N ASN D 167 -3.62 -2.27 26.97
CA ASN D 167 -3.11 -3.63 27.06
C ASN D 167 -3.61 -4.50 25.90
N THR D 168 -4.14 -3.85 24.87
CA THR D 168 -4.71 -4.46 23.68
C THR D 168 -4.14 -3.67 22.52
N SER D 169 -4.40 -4.11 21.30
CA SER D 169 -3.83 -3.41 20.15
C SER D 169 -4.15 -1.92 20.14
N ALA D 170 -3.21 -1.17 19.58
CA ALA D 170 -3.19 0.29 19.60
C ALA D 170 -4.39 1.01 19.02
N ILE D 171 -4.69 2.13 19.67
CA ILE D 171 -5.73 3.07 19.35
C ILE D 171 -5.33 4.09 18.30
N THR D 172 -6.23 4.34 17.34
CA THR D 172 -5.99 5.38 16.34
C THR D 172 -7.22 6.27 16.30
N GLN D 173 -7.12 7.44 15.70
CA GLN D 173 -8.28 8.32 15.70
C GLN D 173 -8.93 8.40 14.36
N ALA D 174 -10.25 8.27 14.33
CA ALA D 174 -10.95 8.41 13.07
C ALA D 174 -10.77 9.83 12.54
N CYS D 175 -10.69 10.00 11.24
CA CYS D 175 -10.57 11.37 10.80
C CYS D 175 -11.94 12.06 10.90
N PRO D 176 -12.00 13.25 11.49
CA PRO D 176 -13.16 14.08 11.76
C PRO D 176 -13.89 14.55 10.54
N LYS D 177 -13.22 14.51 9.40
CA LYS D 177 -13.80 15.07 8.20
C LYS D 177 -14.64 14.14 7.39
N VAL D 178 -14.75 12.87 7.77
CA VAL D 178 -15.55 12.00 6.94
C VAL D 178 -16.71 11.37 7.70
N SER D 179 -17.92 11.61 7.22
CA SER D 179 -19.12 11.12 7.85
C SER D 179 -19.27 9.62 7.84
N PHE D 180 -19.86 9.10 8.89
CA PHE D 180 -20.17 7.69 8.96
C PHE D 180 -21.62 7.42 8.64
N GLU D 181 -22.35 8.44 8.19
CA GLU D 181 -23.75 8.24 7.93
C GLU D 181 -23.92 7.22 6.82
N PRO D 182 -24.90 6.34 6.92
CA PRO D 182 -25.22 5.39 5.90
C PRO D 182 -25.68 6.10 4.65
N ILE D 183 -25.37 5.50 3.54
CA ILE D 183 -25.83 5.94 2.25
C ILE D 183 -26.28 4.69 1.58
N PRO D 184 -27.34 4.68 0.81
CA PRO D 184 -27.77 3.49 0.17
C PRO D 184 -26.69 3.04 -0.79
N ILE D 185 -26.55 1.75 -0.93
CA ILE D 185 -25.61 1.17 -1.87
C ILE D 185 -26.33 0.18 -2.72
N HIS D 186 -26.07 0.22 -4.00
CA HIS D 186 -26.77 -0.61 -4.95
C HIS D 186 -25.78 -1.55 -5.55
N TYR D 187 -26.25 -2.71 -5.98
CA TYR D 187 -25.31 -3.60 -6.61
C TYR D 187 -25.81 -4.06 -7.92
N CYS D 188 -24.90 -4.45 -8.78
CA CYS D 188 -25.35 -4.94 -10.04
C CYS D 188 -24.56 -6.12 -10.50
N ALA D 189 -25.15 -6.81 -11.45
CA ALA D 189 -24.52 -7.93 -12.09
C ALA D 189 -23.36 -7.51 -12.95
N PRO D 190 -22.34 -8.33 -13.02
CA PRO D 190 -21.30 -8.34 -14.03
C PRO D 190 -21.98 -8.71 -15.33
N ALA D 191 -21.43 -8.29 -16.46
CA ALA D 191 -22.03 -8.67 -17.71
C ALA D 191 -22.12 -10.19 -17.82
N GLY D 192 -23.19 -10.67 -18.44
CA GLY D 192 -23.42 -12.10 -18.59
C GLY D 192 -24.03 -12.75 -17.34
N PHE D 193 -24.41 -11.94 -16.38
CA PHE D 193 -25.02 -12.42 -15.14
C PHE D 193 -26.24 -11.58 -14.83
N ALA D 194 -27.09 -12.06 -13.94
CA ALA D 194 -28.29 -11.29 -13.61
C ALA D 194 -28.71 -11.50 -12.18
N ILE D 195 -29.48 -10.55 -11.66
CA ILE D 195 -29.96 -10.68 -10.30
C ILE D 195 -31.40 -11.16 -10.26
N LEU D 196 -31.61 -12.39 -9.81
CA LEU D 196 -32.94 -12.90 -9.66
C LEU D 196 -33.61 -12.23 -8.47
N LYS D 197 -34.90 -11.98 -8.55
CA LYS D 197 -35.59 -11.45 -7.38
C LYS D 197 -36.86 -12.22 -7.05
N CYS D 198 -37.05 -12.60 -5.79
CA CYS D 198 -38.29 -13.26 -5.41
C CYS D 198 -39.42 -12.26 -5.32
N LYS D 199 -40.54 -12.55 -5.95
CA LYS D 199 -41.69 -11.66 -5.87
C LYS D 199 -42.73 -11.98 -4.81
N ASP D 200 -42.59 -13.11 -4.12
CA ASP D 200 -43.59 -13.45 -3.12
C ASP D 200 -43.46 -12.63 -1.86
N LYS D 201 -44.51 -11.89 -1.54
CA LYS D 201 -44.53 -11.08 -0.34
C LYS D 201 -44.49 -11.90 0.95
N LYS D 202 -44.94 -13.13 0.87
CA LYS D 202 -44.97 -14.08 1.97
C LYS D 202 -43.80 -15.04 2.00
N PHE D 203 -42.80 -14.83 1.15
CA PHE D 203 -41.80 -15.87 0.97
C PHE D 203 -41.10 -16.36 2.24
N ASN D 204 -41.02 -17.69 2.30
CA ASN D 204 -40.30 -18.47 3.28
C ASN D 204 -38.85 -18.25 3.01
N GLY D 205 -38.02 -18.19 4.02
CA GLY D 205 -36.61 -17.94 3.74
C GLY D 205 -35.96 -18.98 2.79
N THR D 206 -36.57 -20.15 2.63
CA THR D 206 -36.04 -21.18 1.76
C THR D 206 -37.10 -21.74 0.84
N GLY D 207 -36.63 -22.46 -0.17
CA GLY D 207 -37.52 -23.08 -1.14
C GLY D 207 -37.81 -22.17 -2.32
N PRO D 208 -38.64 -22.64 -3.25
CA PRO D 208 -39.09 -22.00 -4.47
C PRO D 208 -39.93 -20.78 -4.20
N CYS D 209 -39.89 -19.85 -5.12
CA CYS D 209 -40.68 -18.65 -5.04
C CYS D 209 -41.60 -18.67 -6.25
N PRO D 210 -42.92 -18.53 -6.04
CA PRO D 210 -44.02 -18.62 -7.01
C PRO D 210 -43.92 -17.62 -8.13
N SER D 211 -43.17 -16.56 -7.92
CA SER D 211 -42.92 -15.66 -9.01
C SER D 211 -41.55 -15.09 -8.93
N VAL D 212 -41.01 -14.79 -10.09
CA VAL D 212 -39.68 -14.26 -10.21
C VAL D 212 -39.65 -13.09 -11.14
N SER D 213 -38.77 -12.16 -10.86
CA SER D 213 -38.55 -11.06 -11.76
C SER D 213 -37.09 -10.80 -11.73
N THR D 214 -36.55 -10.10 -12.69
CA THR D 214 -35.13 -9.86 -12.57
C THR D 214 -34.77 -8.45 -12.80
N VAL D 215 -33.60 -8.10 -12.28
CA VAL D 215 -33.02 -6.80 -12.47
C VAL D 215 -31.55 -6.91 -12.79
N GLN D 216 -31.00 -5.92 -13.46
CA GLN D 216 -29.56 -5.91 -13.62
C GLN D 216 -28.88 -5.25 -12.41
N CYS D 217 -29.69 -4.60 -11.57
CA CYS D 217 -29.24 -3.86 -10.41
C CYS D 217 -30.23 -3.89 -9.28
N THR D 218 -29.84 -3.42 -8.11
CA THR D 218 -30.79 -3.43 -7.00
C THR D 218 -30.91 -2.08 -6.41
N HIS D 219 -31.96 -1.92 -5.63
CA HIS D 219 -32.23 -0.71 -4.91
C HIS D 219 -31.22 -0.58 -3.83
N GLY D 220 -30.95 0.64 -3.42
CA GLY D 220 -29.93 0.82 -2.45
C GLY D 220 -30.28 0.25 -1.11
N ILE D 221 -29.25 -0.15 -0.39
CA ILE D 221 -29.35 -0.62 0.96
C ILE D 221 -28.41 0.15 1.80
N LYS D 222 -28.89 0.82 2.82
CA LYS D 222 -27.96 1.49 3.69
C LYS D 222 -27.20 0.45 4.51
N PRO D 223 -25.91 0.66 4.75
CA PRO D 223 -25.02 -0.17 5.55
C PRO D 223 -25.19 0.14 7.02
N VAL D 224 -26.40 -0.01 7.52
CA VAL D 224 -26.65 0.34 8.90
C VAL D 224 -26.07 -0.66 9.86
N VAL D 225 -25.37 -0.16 10.85
CA VAL D 225 -24.83 -1.00 11.90
C VAL D 225 -25.67 -0.94 13.15
N SER D 226 -26.23 -2.05 13.57
CA SER D 226 -26.93 -2.05 14.84
C SER D 226 -26.78 -3.38 15.51
N THR D 227 -26.96 -3.44 16.83
CA THR D 227 -26.77 -4.75 17.46
C THR D 227 -27.95 -5.51 18.07
N GLN D 228 -29.09 -4.90 18.38
CA GLN D 228 -30.19 -5.75 18.84
C GLN D 228 -31.40 -5.62 17.95
N LEU D 229 -31.66 -4.41 17.50
CA LEU D 229 -32.81 -4.18 16.65
C LEU D 229 -32.36 -3.70 15.29
N LEU D 230 -33.02 -4.20 14.26
CA LEU D 230 -32.73 -3.76 12.92
C LEU D 230 -33.22 -2.34 12.77
N LEU D 231 -32.47 -1.50 12.08
CA LEU D 231 -32.90 -0.14 11.87
C LEU D 231 -32.92 0.25 10.41
N ASN D 232 -33.98 0.93 10.04
CA ASN D 232 -34.18 1.49 8.72
C ASN D 232 -34.05 0.46 7.60
N GLY D 233 -34.55 -0.76 7.81
CA GLY D 233 -34.57 -1.76 6.76
C GLY D 233 -35.87 -1.66 5.97
N SER D 234 -36.06 -2.56 5.01
CA SER D 234 -37.34 -2.59 4.33
C SER D 234 -38.43 -3.13 5.25
N LEU D 235 -39.63 -2.58 5.11
CA LEU D 235 -40.79 -3.09 5.85
C LEU D 235 -41.24 -4.43 5.30
N ALA D 236 -41.78 -5.30 6.16
CA ALA D 236 -42.31 -6.55 5.64
C ALA D 236 -43.41 -6.22 4.65
N GLU D 237 -43.52 -7.02 3.60
CA GLU D 237 -44.51 -6.73 2.56
C GLU D 237 -45.98 -6.80 2.95
N GLU D 238 -46.34 -7.76 3.81
CA GLU D 238 -47.75 -7.87 4.18
C GLU D 238 -47.99 -8.00 5.67
N GLU D 239 -47.12 -8.76 6.31
CA GLU D 239 -47.23 -9.04 7.73
C GLU D 239 -45.89 -9.19 8.34
N VAL D 240 -45.82 -8.99 9.65
CA VAL D 240 -44.59 -9.18 10.36
C VAL D 240 -44.21 -10.63 10.20
N MET D 241 -42.94 -10.91 10.04
CA MET D 241 -42.56 -12.30 9.82
C MET D 241 -41.29 -12.71 10.50
N ILE D 242 -41.19 -13.99 10.75
CA ILE D 242 -40.03 -14.56 11.41
C ILE D 242 -39.33 -15.60 10.59
N ARG D 243 -38.00 -15.52 10.54
CA ARG D 243 -37.25 -16.49 9.75
C ARG D 243 -36.00 -17.00 10.47
N SER D 244 -35.67 -18.27 10.25
CA SER D 244 -34.43 -18.85 10.79
C SER D 244 -33.98 -19.98 9.89
N GLU D 245 -32.72 -20.38 9.99
CA GLU D 245 -32.27 -21.50 9.16
C GLU D 245 -32.99 -22.79 9.49
N ASN D 246 -33.25 -22.98 10.77
CA ASN D 246 -34.03 -24.10 11.27
C ASN D 246 -34.54 -23.69 12.62
N ILE D 247 -35.84 -23.51 12.74
CA ILE D 247 -36.43 -23.03 13.97
C ILE D 247 -36.14 -23.89 15.20
N THR D 248 -35.87 -25.18 15.01
CA THR D 248 -35.62 -26.03 16.16
C THR D 248 -34.17 -25.93 16.62
N ASN D 249 -33.32 -25.35 15.81
CA ASN D 249 -31.94 -25.14 16.18
C ASN D 249 -31.84 -23.82 16.89
N ASN D 250 -31.69 -23.81 18.20
CA ASN D 250 -31.72 -22.51 18.81
C ASN D 250 -30.37 -21.85 18.86
N ALA D 251 -29.36 -22.44 18.25
CA ALA D 251 -28.11 -21.72 18.11
C ALA D 251 -28.27 -20.67 17.02
N LYS D 252 -29.30 -20.82 16.20
CA LYS D 252 -29.54 -19.89 15.12
C LYS D 252 -30.24 -18.64 15.56
N ASN D 253 -29.88 -17.54 14.95
CA ASN D 253 -30.53 -16.28 15.21
C ASN D 253 -31.92 -16.25 14.60
N ILE D 254 -32.86 -15.68 15.32
CA ILE D 254 -34.21 -15.56 14.82
C ILE D 254 -34.44 -14.21 14.21
N LEU D 255 -34.58 -14.15 12.90
CA LEU D 255 -34.87 -12.87 12.29
C LEU D 255 -36.30 -12.47 12.48
N VAL D 256 -36.55 -11.19 12.71
CA VAL D 256 -37.92 -10.70 12.74
C VAL D 256 -38.03 -9.46 11.91
N GLN D 257 -38.97 -9.43 10.98
CA GLN D 257 -39.15 -8.22 10.20
C GLN D 257 -40.49 -7.62 10.49
N PHE D 258 -40.50 -6.38 10.93
CA PHE D 258 -41.71 -5.65 11.24
C PHE D 258 -42.55 -5.35 10.03
N ASN D 259 -43.86 -5.36 10.19
CA ASN D 259 -44.71 -4.97 9.09
C ASN D 259 -44.69 -3.48 8.89
N THR D 260 -44.62 -2.72 9.98
CA THR D 260 -44.53 -1.27 9.87
C THR D 260 -43.42 -0.81 10.82
N PRO D 261 -42.83 0.37 10.59
CA PRO D 261 -41.77 0.96 11.40
C PRO D 261 -42.23 1.38 12.77
N VAL D 262 -41.33 1.34 13.73
CA VAL D 262 -41.61 1.95 15.03
C VAL D 262 -40.69 3.14 15.18
N GLN D 263 -41.23 4.33 15.26
CA GLN D 263 -40.34 5.47 15.40
C GLN D 263 -39.61 5.46 16.73
N ILE D 264 -38.35 5.87 16.68
CA ILE D 264 -37.60 6.09 17.89
C ILE D 264 -36.85 7.41 17.82
N ASN D 265 -36.87 8.15 18.91
CA ASN D 265 -36.14 9.39 18.95
C ASN D 265 -34.98 9.25 19.93
N CYS D 266 -33.78 9.70 19.55
CA CYS D 266 -32.65 9.60 20.46
C CYS D 266 -31.84 10.87 20.58
N THR D 267 -31.46 11.23 21.82
CA THR D 267 -30.60 12.39 21.95
C THR D 267 -29.42 12.23 22.89
N ARG D 268 -28.48 13.17 22.73
CA ARG D 268 -27.34 13.35 23.60
C ARG D 268 -27.43 14.79 24.03
N PRO D 269 -28.26 15.05 25.03
CA PRO D 269 -28.69 16.35 25.53
C PRO D 269 -27.60 17.29 26.00
N ASN D 270 -26.44 16.76 26.31
CA ASN D 270 -25.38 17.60 26.80
C ASN D 270 -24.82 18.49 25.71
N ASN D 271 -24.55 19.75 26.05
CA ASN D 271 -23.98 20.61 25.04
C ASN D 271 -22.49 20.41 25.01
N ASN D 272 -22.08 19.51 24.13
CA ASN D 272 -20.68 19.16 23.94
C ASN D 272 -19.86 20.26 23.34
N THR D 273 -18.62 20.37 23.81
CA THR D 273 -17.72 21.35 23.27
C THR D 273 -16.42 20.64 22.95
N ARG D 274 -15.59 21.26 22.12
CA ARG D 274 -14.38 20.59 21.68
C ARG D 274 -13.16 21.47 21.67
N LYS D 275 -12.02 20.84 21.85
CA LYS D 275 -10.74 21.50 21.84
C LYS D 275 -9.80 20.72 20.95
N SER D 276 -8.76 21.37 20.45
CA SER D 276 -7.82 20.61 19.64
C SER D 276 -6.42 20.77 20.15
N ILE D 277 -5.61 19.73 19.95
CA ILE D 277 -4.26 19.70 20.45
C ILE D 277 -3.24 19.25 19.44
N ARG D 278 -2.16 20.00 19.26
CA ARG D 278 -1.10 19.50 18.40
C ARG D 278 -0.44 18.30 19.09
N ILE D 279 -0.10 17.27 18.33
CA ILE D 279 0.60 16.13 18.91
C ILE D 279 2.03 16.08 18.43
N GLY D 280 2.19 16.45 17.18
CA GLY D 280 3.42 16.45 16.43
C GLY D 280 3.03 17.17 15.18
N PRO D 281 3.93 17.40 14.24
CA PRO D 281 3.59 18.14 13.07
C PRO D 281 2.57 17.36 12.32
N GLY D 282 1.57 18.06 11.81
CA GLY D 282 0.55 17.46 10.98
C GLY D 282 -0.44 16.65 11.81
N GLN D 283 -0.37 16.74 13.14
CA GLN D 283 -1.18 15.85 13.93
C GLN D 283 -2.17 16.51 14.85
N ALA D 284 -3.31 16.85 14.28
CA ALA D 284 -4.43 17.35 15.05
C ALA D 284 -4.92 16.28 16.01
N PHE D 285 -5.43 16.71 17.14
CA PHE D 285 -6.05 15.80 18.10
C PHE D 285 -7.23 16.47 18.69
N TYR D 286 -8.27 15.71 19.03
CA TYR D 286 -9.44 16.36 19.57
C TYR D 286 -9.92 15.75 20.85
N ALA D 287 -10.49 16.60 21.68
CA ALA D 287 -10.97 16.17 22.99
C ALA D 287 -12.13 17.01 23.46
N THR D 288 -12.90 16.47 24.39
CA THR D 288 -14.05 17.19 24.89
C THR D 288 -13.72 18.25 25.96
N GLY D 289 -14.25 19.46 25.71
CA GLY D 289 -14.14 20.59 26.62
C GLY D 289 -15.18 20.51 27.71
N ASP D 290 -15.25 21.51 28.58
CA ASP D 290 -16.28 21.47 29.60
C ASP D 290 -17.66 21.57 28.97
N ILE D 291 -18.58 20.74 29.43
CA ILE D 291 -19.95 20.70 28.94
C ILE D 291 -20.74 21.92 29.37
N ILE D 292 -21.49 22.50 28.46
CA ILE D 292 -22.34 23.60 28.84
C ILE D 292 -23.66 23.08 29.41
N GLY D 293 -24.00 23.52 30.62
CA GLY D 293 -25.26 23.16 31.27
C GLY D 293 -25.17 21.89 32.12
N ASP D 294 -26.30 21.52 32.74
CA ASP D 294 -26.41 20.33 33.57
C ASP D 294 -26.24 19.03 32.78
N ILE D 295 -25.46 18.10 33.33
CA ILE D 295 -25.25 16.83 32.67
C ILE D 295 -26.47 15.94 32.76
N ARG D 296 -26.85 15.39 31.61
CA ARG D 296 -27.98 14.49 31.52
C ARG D 296 -27.62 13.22 30.79
N GLN D 297 -28.28 12.12 31.13
CA GLN D 297 -28.03 10.85 30.47
C GLN D 297 -28.54 10.85 29.04
N ALA D 298 -27.81 10.20 28.14
CA ALA D 298 -28.32 10.02 26.79
C ALA D 298 -29.58 9.18 26.88
N HIS D 299 -30.53 9.43 26.03
CA HIS D 299 -31.77 8.68 26.12
C HIS D 299 -32.52 8.53 24.82
N CYS D 300 -33.48 7.61 24.80
CA CYS D 300 -34.34 7.56 23.63
C CYS D 300 -35.80 7.32 24.01
N ASN D 301 -36.70 7.63 23.08
CA ASN D 301 -38.14 7.44 23.30
C ASN D 301 -38.84 6.62 22.21
N VAL D 302 -39.73 5.70 22.61
CA VAL D 302 -40.56 4.99 21.64
C VAL D 302 -42.01 5.01 22.07
N SER D 303 -42.95 4.80 21.14
CA SER D 303 -44.34 4.71 21.59
C SER D 303 -44.55 3.48 22.43
N LYS D 304 -45.26 3.64 23.52
CA LYS D 304 -45.52 2.51 24.38
C LYS D 304 -46.48 1.54 23.79
N ALA D 305 -47.58 2.09 23.29
CA ALA D 305 -48.61 1.27 22.73
C ALA D 305 -48.18 0.62 21.45
N THR D 306 -47.40 1.34 20.66
CA THR D 306 -46.98 0.75 19.41
C THR D 306 -46.09 -0.41 19.64
N TRP D 307 -45.22 -0.29 20.63
CA TRP D 307 -44.36 -1.39 20.95
C TRP D 307 -45.13 -2.60 21.41
N ASN D 308 -46.21 -2.37 22.14
CA ASN D 308 -47.00 -3.48 22.61
C ASN D 308 -47.73 -4.15 21.49
N GLU D 309 -48.31 -3.33 20.62
CA GLU D 309 -49.01 -3.84 19.48
C GLU D 309 -48.14 -4.65 18.58
N THR D 310 -46.94 -4.13 18.34
CA THR D 310 -46.05 -4.80 17.46
C THR D 310 -45.64 -6.13 18.00
N LEU D 311 -45.43 -6.20 19.31
CA LEU D 311 -45.07 -7.46 19.89
C LEU D 311 -46.17 -8.47 19.77
N GLY D 312 -47.42 -8.03 19.90
CA GLY D 312 -48.50 -8.97 19.78
C GLY D 312 -48.56 -9.54 18.38
N LYS D 313 -48.22 -8.72 17.39
CA LYS D 313 -48.22 -9.23 16.04
C LYS D 313 -47.16 -10.28 15.85
N VAL D 314 -46.02 -10.08 16.51
CA VAL D 314 -44.97 -11.06 16.43
C VAL D 314 -45.39 -12.33 17.06
N VAL D 315 -46.06 -12.22 18.19
CA VAL D 315 -46.54 -13.38 18.91
C VAL D 315 -47.51 -14.19 18.10
N LYS D 316 -48.39 -13.51 17.37
CA LYS D 316 -49.32 -14.25 16.56
C LYS D 316 -48.61 -15.07 15.52
N GLN D 317 -47.52 -14.52 14.98
CA GLN D 317 -46.77 -15.29 14.02
C GLN D 317 -45.95 -16.37 14.67
N LEU D 318 -45.47 -16.14 15.88
CA LEU D 318 -44.66 -17.13 16.55
C LEU D 318 -45.41 -18.38 16.80
N ARG D 319 -46.69 -18.23 17.11
CA ARG D 319 -47.52 -19.36 17.39
C ARG D 319 -47.60 -20.32 16.23
N LYS D 320 -47.36 -19.87 15.01
CA LYS D 320 -47.41 -20.76 13.89
C LYS D 320 -46.37 -21.89 13.97
N HIS D 321 -45.29 -21.66 14.71
CA HIS D 321 -44.26 -22.67 14.83
C HIS D 321 -44.30 -23.43 16.14
N PHE D 322 -45.35 -23.23 16.91
CA PHE D 322 -45.47 -23.83 18.23
C PHE D 322 -46.91 -24.23 18.43
N GLY D 323 -47.23 -25.00 19.46
CA GLY D 323 -48.65 -25.21 19.65
C GLY D 323 -49.16 -23.82 19.97
N ASN D 324 -50.39 -23.51 19.60
CA ASN D 324 -50.79 -22.13 19.72
C ASN D 324 -51.35 -21.75 21.06
N ASN D 325 -51.29 -22.67 22.02
CA ASN D 325 -51.67 -22.29 23.35
C ASN D 325 -50.45 -22.08 24.24
N THR D 326 -49.25 -22.06 23.66
CA THR D 326 -48.07 -21.85 24.48
C THR D 326 -47.95 -20.49 25.10
N ILE D 327 -47.37 -20.47 26.28
CA ILE D 327 -46.97 -19.25 26.91
C ILE D 327 -45.76 -18.73 26.17
N ILE D 328 -45.71 -17.42 25.94
CA ILE D 328 -44.56 -16.82 25.30
C ILE D 328 -44.01 -15.69 26.13
N ARG D 329 -42.72 -15.66 26.31
CA ARG D 329 -42.14 -14.62 27.14
C ARG D 329 -40.89 -14.01 26.58
N PHE D 330 -40.68 -12.74 26.92
CA PHE D 330 -39.48 -12.04 26.52
C PHE D 330 -38.64 -11.77 27.74
N ALA D 331 -37.35 -11.55 27.53
CA ALA D 331 -36.50 -11.35 28.69
C ALA D 331 -35.31 -10.46 28.45
N ASN D 332 -34.71 -10.07 29.57
CA ASN D 332 -33.50 -9.26 29.61
C ASN D 332 -32.41 -10.09 29.01
N SER D 333 -31.49 -9.42 28.33
CA SER D 333 -30.45 -10.12 27.61
C SER D 333 -29.63 -10.94 28.58
N SER D 334 -29.04 -12.00 28.05
CA SER D 334 -28.37 -13.01 28.86
C SER D 334 -26.96 -12.66 29.32
N GLY D 335 -26.47 -11.45 29.05
CA GLY D 335 -25.11 -11.15 29.45
C GLY D 335 -24.12 -11.43 28.34
N GLY D 336 -22.84 -11.32 28.66
CA GLY D 336 -21.82 -11.36 27.63
C GLY D 336 -21.45 -9.92 27.28
N ASP D 337 -20.59 -9.75 26.30
CA ASP D 337 -20.08 -8.43 25.95
C ASP D 337 -21.19 -7.46 25.60
N LEU D 338 -21.00 -6.20 26.03
CA LEU D 338 -21.98 -5.14 25.86
C LEU D 338 -22.41 -4.90 24.45
N GLU D 339 -21.58 -5.27 23.48
CA GLU D 339 -21.97 -5.09 22.11
C GLU D 339 -23.21 -5.88 21.75
N VAL D 340 -23.50 -6.98 22.46
CA VAL D 340 -24.73 -7.70 22.20
C VAL D 340 -25.66 -7.65 23.38
N THR D 341 -25.09 -7.44 24.56
CA THR D 341 -25.88 -7.35 25.78
C THR D 341 -26.77 -6.14 25.77
N THR D 342 -26.37 -5.11 25.01
CA THR D 342 -27.12 -3.90 24.89
C THR D 342 -27.28 -3.56 23.43
N HIS D 343 -28.21 -2.67 23.13
CA HIS D 343 -28.42 -2.28 21.74
C HIS D 343 -27.56 -1.12 21.41
N SER D 344 -26.94 -1.14 20.24
CA SER D 344 -26.13 0.00 19.92
C SER D 344 -26.34 0.52 18.52
N PHE D 345 -26.03 1.80 18.39
CA PHE D 345 -26.17 2.52 17.14
C PHE D 345 -25.19 3.69 17.03
N ASN D 346 -24.99 4.17 15.82
CA ASN D 346 -24.05 5.24 15.54
C ASN D 346 -24.63 6.62 15.19
N CYS D 347 -25.84 6.93 15.64
CA CYS D 347 -26.44 8.19 15.19
C CYS D 347 -25.64 9.42 15.50
N GLY D 348 -25.64 10.33 14.55
CA GLY D 348 -24.96 11.59 14.69
C GLY D 348 -23.47 11.40 14.46
N GLY D 349 -23.08 10.21 14.02
CA GLY D 349 -21.68 9.88 13.87
C GLY D 349 -21.07 9.50 15.22
N GLU D 350 -21.90 9.34 16.26
CA GLU D 350 -21.35 8.97 17.55
C GLU D 350 -22.06 7.76 18.13
N PHE D 351 -21.28 6.87 18.68
CA PHE D 351 -21.77 5.63 19.24
C PHE D 351 -22.64 5.76 20.48
N PHE D 352 -23.64 4.90 20.57
CA PHE D 352 -24.51 4.80 21.73
C PHE D 352 -24.83 3.38 22.05
N TYR D 353 -25.13 3.11 23.31
CA TYR D 353 -25.58 1.80 23.75
C TYR D 353 -26.74 2.01 24.67
N CYS D 354 -27.71 1.10 24.72
CA CYS D 354 -28.74 1.39 25.70
C CYS D 354 -29.28 0.19 26.44
N ASN D 355 -29.95 0.51 27.54
CA ASN D 355 -30.53 -0.56 28.32
C ASN D 355 -31.90 -0.83 27.80
N THR D 356 -31.98 -1.81 26.92
CA THR D 356 -33.22 -2.16 26.29
C THR D 356 -34.05 -3.15 27.06
N SER D 357 -33.55 -3.64 28.20
CA SER D 357 -34.25 -4.70 28.91
C SER D 357 -35.68 -4.39 29.28
N GLY D 358 -36.02 -3.13 29.47
CA GLY D 358 -37.40 -2.81 29.81
C GLY D 358 -38.36 -3.17 28.68
N LEU D 359 -37.88 -3.18 27.46
CA LEU D 359 -38.71 -3.50 26.31
C LEU D 359 -39.15 -4.93 26.30
N PHE D 360 -38.41 -5.79 26.99
CA PHE D 360 -38.72 -7.18 26.97
C PHE D 360 -39.44 -7.64 28.21
N ASN D 361 -39.88 -6.72 29.05
CA ASN D 361 -40.52 -7.17 30.27
C ASN D 361 -41.99 -7.49 30.05
N SER D 362 -42.26 -8.61 29.36
CA SER D 362 -43.62 -9.01 29.12
C SER D 362 -43.79 -10.51 28.98
N THR D 363 -45.04 -10.95 29.13
CA THR D 363 -45.39 -12.34 28.88
C THR D 363 -46.63 -12.34 28.02
N TRP D 364 -46.88 -13.44 27.35
CA TRP D 364 -48.03 -13.55 26.50
C TRP D 364 -48.74 -14.87 26.77
N ILE D 365 -50.05 -14.84 26.64
CA ILE D 365 -50.87 -16.00 26.91
C ILE D 365 -51.78 -16.33 25.77
N SER D 366 -52.30 -17.55 25.78
CA SER D 366 -53.31 -17.93 24.81
C SER D 366 -54.54 -17.08 25.08
N ASN D 367 -55.30 -16.78 24.04
CA ASN D 367 -56.47 -15.92 24.17
C ASN D 367 -56.06 -14.52 24.61
N ASN D 379 -46.95 8.12 29.59
CA ASN D 379 -48.23 7.53 29.21
C ASN D 379 -48.13 6.82 27.88
N ASP D 380 -47.99 7.60 26.82
CA ASP D 380 -47.92 7.06 25.47
C ASP D 380 -46.52 6.66 25.03
N SER D 381 -45.54 6.69 25.94
CA SER D 381 -44.19 6.38 25.53
C SER D 381 -43.34 5.69 26.58
N ILE D 382 -42.24 5.13 26.11
CA ILE D 382 -41.25 4.42 26.90
C ILE D 382 -39.90 5.05 26.68
N THR D 383 -39.08 5.16 27.72
CA THR D 383 -37.78 5.78 27.52
C THR D 383 -36.68 4.84 27.95
N LEU D 384 -35.53 4.92 27.29
CA LEU D 384 -34.41 4.08 27.65
C LEU D 384 -33.16 4.92 27.90
N PRO D 385 -32.39 4.62 28.94
CA PRO D 385 -31.10 5.20 29.26
C PRO D 385 -30.08 4.77 28.23
N CYS D 386 -29.10 5.61 27.94
CA CYS D 386 -28.06 5.18 27.01
C CYS D 386 -26.62 5.54 27.40
N ARG D 387 -25.75 4.53 27.33
CA ARG D 387 -24.31 4.66 27.51
C ARG D 387 -23.62 5.30 26.31
N ILE D 388 -22.50 5.98 26.55
CA ILE D 388 -21.69 6.53 25.46
C ILE D 388 -20.22 6.15 25.54
N LYS D 389 -19.62 5.74 24.42
CA LYS D 389 -18.20 5.42 24.39
C LYS D 389 -17.51 6.12 23.23
N GLN D 390 -16.22 6.41 23.39
CA GLN D 390 -15.47 6.99 22.29
C GLN D 390 -14.56 5.96 21.65
N ILE D 391 -14.05 5.04 22.46
CA ILE D 391 -13.18 4.00 21.94
C ILE D 391 -13.99 2.82 21.46
N ILE D 392 -13.78 2.44 20.20
CA ILE D 392 -14.55 1.38 19.62
C ILE D 392 -13.75 0.22 19.04
N ASN D 393 -14.14 -1.00 19.39
CA ASN D 393 -13.60 -2.20 18.77
C ASN D 393 -14.52 -2.52 17.62
N MET D 394 -14.17 -2.08 16.43
CA MET D 394 -15.11 -2.24 15.34
C MET D 394 -15.34 -3.70 14.96
N TRP D 395 -16.57 -3.95 14.54
CA TRP D 395 -17.08 -5.23 14.11
C TRP D 395 -16.87 -6.26 15.20
N GLN D 396 -16.29 -7.39 14.85
CA GLN D 396 -15.86 -8.38 15.80
C GLN D 396 -14.36 -8.29 16.00
N ARG D 397 -13.73 -7.34 15.31
CA ARG D 397 -12.29 -7.28 15.34
C ARG D 397 -11.73 -6.98 16.70
N ILE D 398 -10.58 -7.58 16.98
CA ILE D 398 -9.88 -7.38 18.22
C ILE D 398 -8.50 -6.78 18.01
N GLY D 399 -8.00 -6.84 16.78
CA GLY D 399 -6.69 -6.31 16.45
C GLY D 399 -6.62 -4.80 16.28
N GLN D 400 -7.76 -4.12 16.34
CA GLN D 400 -7.78 -2.67 16.19
C GLN D 400 -8.80 -2.00 17.06
N ALA D 401 -8.54 -0.73 17.36
CA ALA D 401 -9.51 0.07 18.06
C ALA D 401 -9.35 1.50 17.66
N MET D 402 -10.42 2.26 17.72
CA MET D 402 -10.27 3.64 17.36
C MET D 402 -11.10 4.59 18.18
N TYR D 403 -10.64 5.81 18.26
CA TYR D 403 -11.31 6.86 18.98
C TYR D 403 -12.15 7.68 18.08
N ALA D 404 -13.45 7.72 18.36
CA ALA D 404 -14.28 8.65 17.65
C ALA D 404 -13.86 10.04 18.08
N PRO D 405 -13.85 11.00 17.19
CA PRO D 405 -13.70 12.38 17.51
C PRO D 405 -14.92 12.79 18.31
N PRO D 406 -14.80 13.72 19.22
CA PRO D 406 -15.88 14.36 19.93
C PRO D 406 -16.69 15.18 18.95
N ILE D 407 -17.98 15.34 19.21
CA ILE D 407 -18.82 16.15 18.34
C ILE D 407 -19.53 17.20 19.14
N GLN D 408 -19.35 18.46 18.78
CA GLN D 408 -19.97 19.53 19.52
C GLN D 408 -21.48 19.58 19.38
N GLY D 409 -22.12 20.05 20.46
CA GLY D 409 -23.56 20.25 20.50
C GLY D 409 -24.35 19.02 20.91
N VAL D 410 -25.66 19.19 20.92
CA VAL D 410 -26.57 18.12 21.21
C VAL D 410 -26.74 17.18 20.03
N ILE D 411 -26.66 15.89 20.29
CA ILE D 411 -26.91 14.92 19.23
C ILE D 411 -28.37 14.59 19.18
N ARG D 412 -28.97 14.62 18.02
CA ARG D 412 -30.34 14.17 17.94
C ARG D 412 -30.52 13.25 16.77
N CYS D 413 -31.35 12.23 16.93
CA CYS D 413 -31.58 11.35 15.81
C CYS D 413 -32.99 10.81 15.83
N VAL D 414 -33.42 10.35 14.67
CA VAL D 414 -34.68 9.68 14.53
C VAL D 414 -34.49 8.48 13.66
N SER D 415 -35.09 7.36 14.00
CA SER D 415 -34.98 6.25 13.09
C SER D 415 -36.19 5.36 13.14
N ASN D 416 -36.29 4.50 12.15
CA ASN D 416 -37.40 3.58 12.11
C ASN D 416 -36.92 2.22 12.56
N ILE D 417 -37.60 1.63 13.54
CA ILE D 417 -37.20 0.31 13.91
C ILE D 417 -37.89 -0.62 12.99
N THR D 418 -37.12 -1.43 12.28
CA THR D 418 -37.75 -2.31 11.33
C THR D 418 -37.67 -3.78 11.65
N GLY D 419 -36.96 -4.16 12.71
CA GLY D 419 -36.99 -5.57 13.03
C GLY D 419 -36.18 -5.95 14.26
N LEU D 420 -36.19 -7.24 14.56
CA LEU D 420 -35.48 -7.77 15.72
C LEU D 420 -34.58 -8.92 15.41
N ILE D 421 -33.49 -9.04 16.15
CA ILE D 421 -32.75 -10.29 16.08
C ILE D 421 -32.87 -10.94 17.45
N LEU D 422 -33.53 -12.09 17.48
CA LEU D 422 -33.87 -12.78 18.71
C LEU D 422 -33.29 -14.17 18.83
N THR D 423 -33.22 -14.68 20.05
CA THR D 423 -32.79 -16.04 20.25
C THR D 423 -33.79 -16.71 21.17
N ARG D 424 -33.76 -18.03 21.19
CA ARG D 424 -34.70 -18.77 22.01
C ARG D 424 -33.99 -19.60 23.04
N ASP D 425 -34.53 -19.59 24.25
CA ASP D 425 -33.91 -20.37 25.32
C ASP D 425 -34.00 -21.84 25.04
N GLY D 426 -32.90 -22.52 25.26
CA GLY D 426 -32.84 -23.97 25.13
C GLY D 426 -33.57 -24.70 26.24
N GLY D 427 -33.78 -25.99 26.05
CA GLY D 427 -34.29 -26.87 27.09
C GLY D 427 -35.78 -26.85 27.35
N SER D 428 -36.57 -26.19 26.51
CA SER D 428 -38.00 -26.20 26.78
C SER D 428 -38.53 -27.61 26.62
N THR D 429 -39.59 -27.94 27.35
CA THR D 429 -40.19 -29.26 27.25
C THR D 429 -41.70 -29.17 27.15
N ASN D 430 -42.29 -30.26 26.73
CA ASN D 430 -43.74 -30.45 26.66
C ASN D 430 -44.42 -29.36 25.88
N SER D 431 -43.83 -28.96 24.77
CA SER D 431 -44.41 -27.94 23.90
C SER D 431 -44.90 -26.69 24.62
N THR D 432 -44.24 -26.27 25.72
CA THR D 432 -44.74 -25.09 26.42
C THR D 432 -43.74 -24.07 26.85
N THR D 433 -44.29 -22.91 27.20
CA THR D 433 -43.62 -21.71 27.68
C THR D 433 -42.28 -21.36 27.06
N GLU D 434 -42.27 -21.15 25.75
CA GLU D 434 -41.08 -20.69 25.05
C GLU D 434 -40.72 -19.29 25.47
N THR D 435 -39.42 -18.98 25.50
CA THR D 435 -39.01 -17.64 25.87
C THR D 435 -37.99 -17.10 24.87
N PHE D 436 -37.84 -15.78 24.84
CA PHE D 436 -36.92 -15.16 23.91
C PHE D 436 -36.13 -13.99 24.47
N ARG D 437 -34.97 -13.77 23.86
CA ARG D 437 -34.07 -12.68 24.18
C ARG D 437 -33.44 -12.08 22.95
N PRO D 438 -33.00 -10.84 23.01
CA PRO D 438 -32.23 -10.18 21.98
C PRO D 438 -30.89 -10.90 21.89
N GLY D 439 -30.29 -10.89 20.71
CA GLY D 439 -29.03 -11.58 20.48
C GLY D 439 -28.67 -11.49 19.01
N GLY D 440 -27.67 -12.26 18.56
CA GLY D 440 -27.44 -12.26 17.12
C GLY D 440 -26.69 -11.08 16.52
N GLY D 441 -26.01 -10.29 17.34
CA GLY D 441 -25.33 -9.07 16.91
C GLY D 441 -24.32 -9.17 15.73
N ASP D 442 -24.00 -10.37 15.21
CA ASP D 442 -23.13 -10.43 14.04
C ASP D 442 -23.78 -9.71 12.87
N MET D 443 -23.03 -8.79 12.28
CA MET D 443 -23.50 -7.94 11.22
C MET D 443 -24.02 -8.64 10.00
N ARG D 444 -23.57 -9.86 9.77
CA ARG D 444 -24.05 -10.60 8.63
C ARG D 444 -25.54 -10.74 8.61
N ASP D 445 -26.15 -10.82 9.78
CA ASP D 445 -27.57 -11.01 9.76
C ASP D 445 -28.33 -9.74 9.50
N ASN D 446 -27.67 -8.59 9.60
CA ASN D 446 -28.39 -7.41 9.24
C ASN D 446 -28.48 -7.43 7.74
N TRP D 447 -27.35 -7.76 7.14
CA TRP D 447 -27.27 -7.82 5.73
C TRP D 447 -28.14 -8.88 5.12
N ARG D 448 -28.33 -9.98 5.83
CA ARG D 448 -29.23 -10.99 5.34
C ARG D 448 -30.66 -10.54 5.32
N SER D 449 -31.05 -9.73 6.31
CA SER D 449 -32.42 -9.27 6.28
C SER D 449 -32.71 -8.46 5.04
N GLU D 450 -31.72 -7.76 4.51
CA GLU D 450 -31.96 -7.07 3.26
C GLU D 450 -31.69 -7.85 1.98
N LEU D 451 -30.76 -8.79 2.02
CA LEU D 451 -30.41 -9.48 0.79
C LEU D 451 -31.09 -10.79 0.48
N TYR D 452 -31.94 -11.29 1.36
CA TYR D 452 -32.59 -12.56 1.11
C TYR D 452 -33.40 -12.61 -0.17
N LYS D 453 -33.87 -11.47 -0.63
CA LYS D 453 -34.64 -11.37 -1.84
C LYS D 453 -33.90 -11.69 -3.13
N TYR D 454 -32.56 -11.77 -3.10
CA TYR D 454 -31.88 -11.86 -4.37
C TYR D 454 -30.96 -13.03 -4.55
N LYS D 455 -30.83 -13.45 -5.80
CA LYS D 455 -29.92 -14.53 -6.13
C LYS D 455 -29.08 -14.23 -7.38
N VAL D 456 -27.82 -14.60 -7.33
CA VAL D 456 -26.96 -14.41 -8.50
C VAL D 456 -27.06 -15.58 -9.47
N VAL D 457 -27.27 -15.28 -10.73
CA VAL D 457 -27.34 -16.34 -11.71
C VAL D 457 -26.46 -16.04 -12.91
N LYS D 458 -25.97 -17.10 -13.52
CA LYS D 458 -25.14 -16.99 -14.69
C LYS D 458 -25.89 -17.35 -15.94
N ILE D 459 -25.72 -16.51 -16.95
CA ILE D 459 -26.34 -16.77 -18.23
C ILE D 459 -25.46 -17.58 -19.12
N GLU D 460 -25.98 -18.69 -19.62
CA GLU D 460 -25.24 -19.50 -20.58
C GLU D 460 -25.99 -19.59 -21.90
N PRO D 461 -25.87 -18.58 -22.75
CA PRO D 461 -26.60 -18.41 -24.01
C PRO D 461 -26.42 -19.53 -25.02
N LEU D 462 -25.33 -20.25 -24.93
CA LEU D 462 -25.11 -21.35 -25.83
C LEU D 462 -25.97 -22.56 -25.50
N GLY D 463 -26.49 -23.25 -26.52
CA GLY D 463 -27.14 -24.53 -26.25
C GLY D 463 -27.50 -25.26 -27.52
N VAL D 464 -28.00 -26.48 -27.39
CA VAL D 464 -28.38 -27.26 -28.56
C VAL D 464 -29.72 -27.93 -28.42
N ALA D 465 -30.31 -28.28 -29.55
CA ALA D 465 -31.53 -29.09 -29.57
C ALA D 465 -31.63 -29.82 -30.91
N PRO D 466 -32.31 -30.97 -30.98
CA PRO D 466 -32.55 -31.70 -32.21
C PRO D 466 -33.44 -30.95 -33.18
N THR D 467 -33.17 -31.12 -34.47
CA THR D 467 -33.98 -30.57 -35.56
C THR D 467 -34.12 -31.48 -36.76
N ARG D 468 -35.11 -31.16 -37.60
CA ARG D 468 -35.23 -31.85 -38.88
C ARG D 468 -34.26 -31.30 -39.91
N CYS D 469 -33.65 -30.16 -39.62
CA CYS D 469 -32.66 -29.58 -40.52
C CYS D 469 -31.36 -30.36 -40.59
N LYS D 470 -30.84 -30.49 -41.80
CA LYS D 470 -29.51 -31.03 -41.99
C LYS D 470 -28.70 -29.97 -42.70
N ARG D 471 -27.47 -29.77 -42.27
CA ARG D 471 -26.63 -28.73 -42.86
C ARG D 471 -26.38 -28.97 -44.34
N ARG D 472 -26.30 -27.87 -45.09
CA ARG D 472 -26.06 -27.92 -46.52
C ARG D 472 -24.72 -28.57 -46.87
N VAL D 473 -24.74 -29.28 -47.99
CA VAL D 473 -23.55 -29.95 -48.51
C VAL D 473 -22.48 -28.99 -48.99
N VAL D 474 -21.23 -29.32 -48.69
CA VAL D 474 -20.07 -28.54 -49.12
C VAL D 474 -20.13 -28.25 -50.61
N LEU E 9 -41.22 -8.90 -24.49
CA LEU E 9 -40.22 -8.03 -25.09
C LEU E 9 -39.00 -7.92 -24.18
N GLY E 10 -39.24 -8.02 -22.88
CA GLY E 10 -38.17 -7.93 -21.89
C GLY E 10 -37.19 -9.09 -21.93
N PHE E 11 -35.99 -8.83 -21.44
CA PHE E 11 -34.93 -9.82 -21.36
C PHE E 11 -35.36 -11.02 -20.55
N LEU E 12 -35.01 -12.19 -21.06
CA LEU E 12 -35.35 -13.49 -20.50
C LEU E 12 -36.83 -13.76 -20.40
N GLY E 13 -37.65 -13.08 -21.20
CA GLY E 13 -39.08 -13.37 -21.17
C GLY E 13 -39.38 -14.78 -21.66
N ALA E 14 -38.43 -15.36 -22.39
CA ALA E 14 -38.52 -16.70 -22.94
C ALA E 14 -38.58 -17.78 -21.87
N ALA E 15 -38.23 -17.45 -20.63
CA ALA E 15 -38.32 -18.45 -19.58
C ALA E 15 -39.78 -18.86 -19.33
N GLY E 16 -40.74 -18.04 -19.77
CA GLY E 16 -42.14 -18.33 -19.65
C GLY E 16 -42.74 -19.08 -20.83
N SER E 17 -41.92 -19.52 -21.76
CA SER E 17 -42.47 -20.10 -22.97
C SER E 17 -41.68 -21.27 -23.49
N THR E 18 -42.30 -21.95 -24.45
CA THR E 18 -41.76 -23.14 -25.03
C THR E 18 -40.52 -22.83 -25.80
N MET E 19 -39.70 -23.85 -25.99
CA MET E 19 -38.48 -23.67 -26.73
C MET E 19 -38.67 -23.11 -28.11
N GLY E 20 -39.75 -23.48 -28.79
CA GLY E 20 -39.94 -22.88 -30.09
C GLY E 20 -40.22 -21.40 -29.95
N ALA E 21 -40.98 -21.01 -28.92
CA ALA E 21 -41.25 -19.60 -28.75
C ALA E 21 -40.04 -18.83 -28.30
N ALA E 22 -39.09 -19.52 -27.67
CA ALA E 22 -37.89 -18.87 -27.20
C ALA E 22 -37.02 -18.35 -28.32
N SER E 23 -37.19 -18.89 -29.53
CA SER E 23 -36.39 -18.45 -30.64
C SER E 23 -36.59 -16.98 -30.96
N MET E 24 -37.76 -16.46 -30.64
CA MET E 24 -38.07 -15.09 -30.94
C MET E 24 -37.25 -14.07 -30.18
N THR E 25 -36.68 -14.47 -29.06
CA THR E 25 -35.94 -13.55 -28.23
C THR E 25 -34.45 -13.72 -28.32
N LEU E 26 -33.98 -14.57 -29.22
CA LEU E 26 -32.56 -14.86 -29.15
C LEU E 26 -31.71 -13.62 -29.36
N THR E 27 -32.14 -12.73 -30.25
CA THR E 27 -31.39 -11.51 -30.44
C THR E 27 -31.44 -10.62 -29.24
N VAL E 28 -32.58 -10.64 -28.55
CA VAL E 28 -32.73 -9.81 -27.38
C VAL E 28 -31.81 -10.21 -26.30
N GLN E 29 -31.71 -11.50 -26.08
CA GLN E 29 -30.87 -11.96 -25.02
C GLN E 29 -29.42 -11.79 -25.35
N ALA E 30 -29.10 -11.75 -26.63
CA ALA E 30 -27.73 -11.52 -27.02
C ALA E 30 -27.25 -10.10 -26.80
N ARG E 31 -28.17 -9.14 -26.65
CA ARG E 31 -27.72 -7.76 -26.58
C ARG E 31 -26.85 -7.39 -25.41
N ASN E 32 -27.17 -7.95 -24.25
CA ASN E 32 -26.40 -7.62 -23.08
C ASN E 32 -25.42 -8.69 -22.69
N LEU E 33 -25.14 -9.65 -23.56
CA LEU E 33 -24.18 -10.65 -23.15
C LEU E 33 -22.80 -10.06 -22.95
N LEU E 34 -22.49 -9.02 -23.71
CA LEU E 34 -21.19 -8.40 -23.60
C LEU E 34 -21.17 -7.10 -22.83
N SER E 35 -22.14 -6.21 -23.07
CA SER E 35 -22.19 -4.98 -22.30
C SER E 35 -22.63 -5.28 -20.85
N LEU E 57 -7.13 3.74 -6.18
CA LEU E 57 -6.83 2.40 -5.73
C LEU E 57 -7.95 1.78 -4.92
N THR E 58 -9.09 2.46 -4.82
CA THR E 58 -10.20 1.97 -4.02
C THR E 58 -10.60 0.60 -4.54
N VAL E 59 -10.92 -0.28 -3.62
CA VAL E 59 -11.23 -1.65 -3.95
C VAL E 59 -12.32 -1.84 -4.95
N TRP E 60 -13.28 -0.93 -5.02
CA TRP E 60 -14.29 -1.07 -6.02
C TRP E 60 -13.75 -1.00 -7.43
N GLY E 61 -12.69 -0.20 -7.63
CA GLY E 61 -12.08 -0.11 -8.95
C GLY E 61 -11.36 -1.38 -9.28
N ILE E 62 -10.82 -2.01 -8.24
CA ILE E 62 -10.12 -3.26 -8.43
C ILE E 62 -11.09 -4.34 -8.84
N LYS E 63 -12.21 -4.38 -8.13
CA LYS E 63 -13.24 -5.33 -8.44
C LYS E 63 -13.85 -5.10 -9.79
N GLN E 64 -13.93 -3.83 -10.18
CA GLN E 64 -14.47 -3.50 -11.47
C GLN E 64 -13.66 -4.09 -12.58
N LEU E 65 -12.33 -3.99 -12.45
CA LEU E 65 -11.50 -4.56 -13.47
C LEU E 65 -11.64 -6.04 -13.57
N GLN E 66 -11.84 -6.69 -12.43
CA GLN E 66 -12.03 -8.12 -12.50
C GLN E 66 -13.30 -8.46 -13.22
N ALA E 67 -14.33 -7.67 -13.01
CA ALA E 67 -15.57 -7.92 -13.71
C ALA E 67 -15.44 -7.70 -15.20
N ARG E 68 -14.68 -6.67 -15.58
CA ARG E 68 -14.54 -6.39 -16.99
C ARG E 68 -13.83 -7.50 -17.72
N VAL E 69 -12.80 -8.04 -17.08
CA VAL E 69 -12.06 -9.10 -17.70
C VAL E 69 -12.83 -10.36 -17.81
N LEU E 70 -13.53 -10.71 -16.73
CA LEU E 70 -14.29 -11.93 -16.76
C LEU E 70 -15.33 -11.94 -17.82
N ALA E 71 -16.01 -10.83 -17.98
CA ALA E 71 -17.05 -10.77 -18.97
C ALA E 71 -16.52 -11.00 -20.35
N VAL E 72 -15.37 -10.41 -20.64
CA VAL E 72 -14.80 -10.60 -21.94
C VAL E 72 -14.38 -12.01 -22.18
N GLU E 73 -13.76 -12.60 -21.17
CA GLU E 73 -13.30 -13.95 -21.33
C GLU E 73 -14.40 -14.93 -21.62
N ARG E 74 -15.51 -14.82 -20.91
CA ARG E 74 -16.58 -15.75 -21.15
C ARG E 74 -17.21 -15.55 -22.51
N TYR E 75 -17.33 -14.29 -22.92
CA TYR E 75 -17.90 -14.01 -24.20
C TYR E 75 -17.11 -14.63 -25.32
N LEU E 76 -15.80 -14.49 -25.22
CA LEU E 76 -14.96 -15.04 -26.24
C LEU E 76 -14.97 -16.54 -26.27
N ARG E 77 -15.16 -17.19 -25.12
CA ARG E 77 -15.15 -18.64 -25.16
C ARG E 77 -16.29 -19.16 -26.00
N ASP E 78 -17.42 -18.49 -25.92
CA ASP E 78 -18.53 -18.94 -26.73
C ASP E 78 -18.28 -18.69 -28.19
N GLN E 79 -17.66 -17.55 -28.48
CA GLN E 79 -17.37 -17.25 -29.85
C GLN E 79 -16.37 -18.21 -30.43
N GLN E 80 -15.44 -18.67 -29.61
CA GLN E 80 -14.47 -19.62 -30.07
C GLN E 80 -15.11 -20.89 -30.51
N LEU E 81 -16.08 -21.37 -29.73
CA LEU E 81 -16.75 -22.59 -30.13
C LEU E 81 -17.53 -22.45 -31.39
N LEU E 82 -18.18 -21.31 -31.56
CA LEU E 82 -18.95 -21.10 -32.76
C LEU E 82 -18.07 -21.04 -33.97
N GLY E 83 -16.88 -20.45 -33.81
CA GLY E 83 -15.96 -20.39 -34.92
C GLY E 83 -15.51 -21.76 -35.35
N ILE E 84 -15.37 -22.66 -34.39
CA ILE E 84 -15.01 -24.02 -34.75
C ILE E 84 -16.14 -24.71 -35.46
N TRP E 85 -17.33 -24.52 -34.93
CA TRP E 85 -18.53 -25.14 -35.46
C TRP E 85 -19.00 -24.55 -36.78
N GLY E 86 -18.46 -23.38 -37.15
CA GLY E 86 -18.84 -22.71 -38.39
C GLY E 86 -20.14 -21.96 -38.20
N CYS E 87 -20.57 -21.88 -36.94
CA CYS E 87 -21.82 -21.28 -36.58
C CYS E 87 -21.70 -19.81 -36.25
N SER E 88 -20.53 -19.24 -36.51
CA SER E 88 -20.33 -17.86 -36.23
C SER E 88 -21.25 -16.98 -37.04
N GLY E 89 -21.65 -15.90 -36.42
CA GLY E 89 -22.51 -14.91 -37.04
C GLY E 89 -23.96 -15.34 -37.05
N LYS E 90 -24.29 -16.45 -36.38
CA LYS E 90 -25.68 -16.86 -36.41
C LYS E 90 -26.22 -17.19 -35.04
N LEU E 91 -27.50 -16.91 -34.83
CA LEU E 91 -28.14 -17.35 -33.60
C LEU E 91 -28.69 -18.75 -33.76
N ILE E 92 -28.77 -19.19 -35.01
CA ILE E 92 -29.21 -20.52 -35.34
C ILE E 92 -28.24 -21.11 -36.31
N CYS E 93 -27.74 -22.29 -36.00
CA CYS E 93 -26.86 -22.90 -36.96
C CYS E 93 -27.21 -24.35 -37.17
N CYS E 94 -27.46 -24.70 -38.41
CA CYS E 94 -27.75 -26.06 -38.78
C CYS E 94 -26.47 -26.86 -38.87
N THR E 95 -26.55 -28.14 -38.53
CA THR E 95 -25.37 -28.99 -38.50
C THR E 95 -25.67 -30.30 -39.20
N ASN E 96 -24.62 -31.04 -39.50
CA ASN E 96 -24.75 -32.36 -40.06
C ASN E 96 -24.63 -33.43 -38.99
N VAL E 97 -24.71 -33.07 -37.71
CA VAL E 97 -24.49 -34.09 -36.71
C VAL E 97 -25.77 -34.73 -36.16
N PRO E 98 -25.98 -36.02 -36.46
CA PRO E 98 -27.02 -36.89 -35.94
C PRO E 98 -26.71 -37.08 -34.48
N TRP E 99 -27.70 -37.37 -33.68
CA TRP E 99 -27.40 -37.57 -32.28
C TRP E 99 -27.99 -38.89 -31.84
N ASN E 100 -27.40 -39.51 -30.83
CA ASN E 100 -27.93 -40.81 -30.46
C ASN E 100 -29.24 -40.58 -29.79
N SER E 101 -30.27 -41.25 -30.28
CA SER E 101 -31.61 -41.04 -29.80
C SER E 101 -31.79 -41.28 -28.32
N SER E 102 -30.95 -42.10 -27.73
CA SER E 102 -31.06 -42.39 -26.31
C SER E 102 -30.95 -41.17 -25.41
N TRP E 103 -30.33 -40.09 -25.90
CA TRP E 103 -30.16 -38.90 -25.09
C TRP E 103 -31.48 -38.25 -24.67
N SER E 104 -32.56 -38.50 -25.43
CA SER E 104 -33.87 -37.97 -25.06
C SER E 104 -34.96 -38.91 -25.55
N ASN E 105 -36.13 -38.86 -24.96
CA ASN E 105 -37.18 -39.76 -25.42
C ASN E 105 -38.52 -39.08 -25.54
N ARG E 106 -38.59 -38.11 -26.46
CA ARG E 106 -39.83 -37.39 -26.70
C ARG E 106 -40.01 -37.16 -28.20
N ASN E 107 -41.26 -37.00 -28.62
CA ASN E 107 -41.49 -36.66 -30.01
C ASN E 107 -40.94 -35.27 -30.17
N LEU E 108 -40.36 -34.96 -31.33
CA LEU E 108 -39.73 -33.67 -31.47
C LEU E 108 -40.66 -32.51 -31.11
N SER E 109 -41.93 -32.61 -31.53
CA SER E 109 -42.92 -31.61 -31.17
C SER E 109 -43.20 -31.58 -29.67
N GLU E 110 -43.02 -32.71 -29.02
CA GLU E 110 -43.20 -32.79 -27.58
C GLU E 110 -42.17 -32.03 -26.81
N ILE E 111 -41.10 -31.61 -27.46
CA ILE E 111 -40.15 -30.80 -26.75
C ILE E 111 -40.32 -29.36 -27.12
N TRP E 112 -40.24 -29.09 -28.41
CA TRP E 112 -40.31 -27.73 -28.89
C TRP E 112 -41.61 -27.03 -28.60
N ASP E 113 -42.71 -27.76 -28.56
CA ASP E 113 -43.96 -27.10 -28.30
C ASP E 113 -44.45 -27.12 -26.86
N ASN E 114 -43.69 -27.65 -25.92
CA ASN E 114 -44.24 -27.59 -24.56
C ASN E 114 -43.20 -27.48 -23.47
N MET E 115 -41.93 -27.30 -23.82
CA MET E 115 -40.93 -27.30 -22.76
C MET E 115 -40.18 -25.99 -22.65
N THR E 116 -39.99 -25.52 -21.42
CA THR E 116 -39.18 -24.33 -21.21
C THR E 116 -37.77 -24.71 -21.55
N TRP E 117 -37.02 -23.82 -22.19
CA TRP E 117 -35.70 -24.22 -22.62
C TRP E 117 -34.82 -24.69 -21.45
N LEU E 118 -35.04 -24.13 -20.27
CA LEU E 118 -34.31 -24.52 -19.10
C LEU E 118 -34.51 -25.97 -18.73
N GLN E 119 -35.73 -26.45 -18.94
CA GLN E 119 -36.04 -27.83 -18.64
C GLN E 119 -35.30 -28.72 -19.59
N TRP E 120 -35.26 -28.28 -20.84
CA TRP E 120 -34.53 -28.99 -21.85
C TRP E 120 -33.07 -29.08 -21.55
N ASP E 121 -32.53 -28.03 -20.94
CA ASP E 121 -31.14 -28.07 -20.57
C ASP E 121 -30.88 -29.17 -19.59
N LYS E 122 -31.77 -29.31 -18.63
CA LYS E 122 -31.55 -30.34 -17.66
C LYS E 122 -31.56 -31.73 -18.26
N GLU E 123 -32.44 -31.98 -19.23
CA GLU E 123 -32.42 -33.32 -19.81
C GLU E 123 -31.16 -33.61 -20.61
N ILE E 124 -30.76 -32.65 -21.42
CA ILE E 124 -29.56 -32.78 -22.23
C ILE E 124 -28.25 -32.73 -21.47
N SER E 125 -28.28 -32.17 -20.26
CA SER E 125 -27.07 -31.82 -19.53
C SER E 125 -25.99 -32.86 -19.34
N ASN E 126 -26.28 -34.15 -19.42
CA ASN E 126 -25.17 -35.08 -19.25
C ASN E 126 -24.59 -35.56 -20.56
N TYR E 127 -25.05 -35.00 -21.68
CA TYR E 127 -24.51 -35.41 -22.96
C TYR E 127 -23.79 -34.31 -23.68
N THR E 128 -23.76 -33.12 -23.09
CA THR E 128 -23.26 -31.99 -23.85
C THR E 128 -21.80 -32.06 -24.18
N GLN E 129 -21.02 -32.74 -23.36
CA GLN E 129 -19.62 -32.89 -23.67
C GLN E 129 -19.41 -33.71 -24.90
N ILE E 130 -20.26 -34.72 -25.04
CA ILE E 130 -20.18 -35.61 -26.15
C ILE E 130 -20.49 -34.89 -27.41
N ILE E 131 -21.52 -34.09 -27.33
CA ILE E 131 -21.97 -33.35 -28.45
C ILE E 131 -20.96 -32.39 -28.94
N TYR E 132 -20.30 -31.71 -28.02
CA TYR E 132 -19.34 -30.74 -28.45
C TYR E 132 -18.18 -31.36 -29.18
N GLY E 133 -17.72 -32.54 -28.73
CA GLY E 133 -16.63 -33.17 -29.45
C GLY E 133 -17.04 -33.58 -30.83
N LEU E 134 -18.30 -34.02 -30.95
CA LEU E 134 -18.79 -34.42 -32.24
C LEU E 134 -18.86 -33.26 -33.18
N LEU E 135 -19.29 -32.12 -32.66
CA LEU E 135 -19.39 -30.97 -33.51
C LEU E 135 -18.06 -30.54 -34.05
N GLU E 136 -17.03 -30.62 -33.21
CA GLU E 136 -15.75 -30.16 -33.65
C GLU E 136 -15.13 -30.94 -34.77
N GLU E 137 -15.22 -32.26 -34.71
CA GLU E 137 -14.55 -33.00 -35.76
C GLU E 137 -15.40 -33.84 -36.64
N SER E 138 -16.48 -34.43 -36.10
CA SER E 138 -17.22 -35.36 -36.93
C SER E 138 -17.75 -34.67 -38.14
N GLN E 139 -18.02 -33.38 -38.01
CA GLN E 139 -18.38 -32.65 -39.18
C GLN E 139 -17.49 -31.48 -39.45
N ASN E 140 -17.14 -30.67 -38.46
CA ASN E 140 -16.43 -29.49 -38.88
C ASN E 140 -14.99 -29.66 -39.28
N GLN E 141 -14.22 -30.48 -38.59
CA GLN E 141 -12.88 -30.69 -39.09
C GLN E 141 -12.91 -31.38 -40.43
N GLN E 142 -13.80 -32.36 -40.56
CA GLN E 142 -13.87 -33.04 -41.83
C GLN E 142 -14.39 -32.19 -42.97
N GLU E 143 -15.38 -31.34 -42.69
CA GLU E 143 -15.91 -30.49 -43.75
C GLU E 143 -14.89 -29.53 -44.25
N LYS E 144 -14.07 -29.01 -43.36
CA LYS E 144 -13.04 -28.08 -43.82
C LYS E 144 -12.06 -28.77 -44.75
N ASN E 145 -11.84 -30.07 -44.52
CA ASN E 145 -11.01 -30.81 -45.42
C ASN E 145 -11.70 -30.97 -46.76
N GLU E 146 -13.01 -31.25 -46.71
CA GLU E 146 -13.76 -31.42 -47.93
C GLU E 146 -13.83 -30.14 -48.71
N GLN E 147 -13.86 -29.02 -48.02
CA GLN E 147 -13.88 -27.73 -48.70
C GLN E 147 -12.61 -27.51 -49.46
N ASP E 148 -11.50 -27.93 -48.86
CA ASP E 148 -10.24 -27.80 -49.57
C ASP E 148 -10.21 -28.68 -50.78
N LEU E 149 -10.74 -29.89 -50.63
CA LEU E 149 -10.78 -30.81 -51.73
C LEU E 149 -11.64 -30.31 -52.88
N LEU E 150 -12.73 -29.64 -52.55
CA LEU E 150 -13.55 -29.06 -53.59
C LEU E 150 -12.83 -27.96 -54.32
N ALA E 151 -12.19 -27.08 -53.55
CA ALA E 151 -11.48 -25.96 -54.13
C ALA E 151 -10.22 -26.39 -54.87
N LEU E 152 -9.75 -27.60 -54.57
CA LEU E 152 -8.59 -28.17 -55.24
C LEU E 152 -8.78 -28.28 -56.74
N ASP E 153 -10.03 -28.46 -57.19
CA ASP E 153 -10.31 -28.59 -58.61
C ASP E 153 -11.00 -27.34 -59.14
N LEU F 9 -2.04 8.07 -48.62
CA LEU F 9 -2.59 6.81 -48.17
C LEU F 9 -2.56 6.70 -46.65
N GLY F 10 -2.34 7.83 -45.98
CA GLY F 10 -2.27 7.88 -44.53
C GLY F 10 -3.61 7.60 -43.84
N PHE F 11 -3.52 7.17 -42.58
CA PHE F 11 -4.67 6.89 -41.75
C PHE F 11 -5.53 8.14 -41.63
N LEU F 12 -6.84 7.95 -41.72
CA LEU F 12 -7.84 9.02 -41.72
C LEU F 12 -7.69 9.98 -42.89
N GLY F 13 -7.02 9.55 -43.97
CA GLY F 13 -6.87 10.40 -45.14
C GLY F 13 -8.19 10.68 -45.83
N ALA F 14 -9.17 9.81 -45.58
CA ALA F 14 -10.50 9.93 -46.15
C ALA F 14 -11.24 11.16 -45.69
N ALA F 15 -10.76 11.82 -44.63
CA ALA F 15 -11.41 13.02 -44.17
C ALA F 15 -11.34 14.15 -45.21
N GLY F 16 -10.42 14.03 -46.18
CA GLY F 16 -10.28 14.99 -47.26
C GLY F 16 -11.13 14.70 -48.48
N SER F 17 -12.01 13.71 -48.40
CA SER F 17 -12.78 13.31 -49.55
C SER F 17 -14.21 13.01 -49.20
N THR F 18 -15.04 12.92 -50.22
CA THR F 18 -16.44 12.68 -50.02
C THR F 18 -16.64 11.32 -49.44
N MET F 19 -17.73 11.15 -48.75
CA MET F 19 -18.02 9.89 -48.13
C MET F 19 -18.16 8.74 -49.10
N GLY F 20 -18.56 8.98 -50.35
CA GLY F 20 -18.53 7.86 -51.25
C GLY F 20 -17.08 7.45 -51.50
N ALA F 21 -16.18 8.45 -51.61
CA ALA F 21 -14.78 8.15 -51.83
C ALA F 21 -14.12 7.55 -50.62
N ALA F 22 -14.69 7.79 -49.45
CA ALA F 22 -14.13 7.28 -48.22
C ALA F 22 -14.13 5.77 -48.14
N SER F 23 -14.97 5.12 -48.95
CA SER F 23 -15.03 3.66 -48.92
C SER F 23 -13.71 3.01 -49.28
N MET F 24 -12.91 3.71 -50.05
CA MET F 24 -11.64 3.16 -50.48
C MET F 24 -10.64 2.94 -49.37
N THR F 25 -10.83 3.62 -48.25
CA THR F 25 -9.88 3.55 -47.16
C THR F 25 -10.30 2.68 -46.01
N LEU F 26 -11.43 1.99 -46.12
CA LEU F 26 -11.94 1.30 -44.95
C LEU F 26 -10.99 0.25 -44.41
N THR F 27 -10.22 -0.35 -45.32
CA THR F 27 -9.26 -1.36 -44.96
C THR F 27 -8.11 -0.80 -44.16
N VAL F 28 -7.85 0.48 -44.32
CA VAL F 28 -6.80 1.13 -43.57
C VAL F 28 -7.23 1.40 -42.18
N GLN F 29 -8.43 1.92 -42.08
CA GLN F 29 -8.93 2.37 -40.81
C GLN F 29 -9.06 1.30 -39.76
N ALA F 30 -9.40 0.09 -40.19
CA ALA F 30 -9.50 -1.00 -39.25
C ALA F 30 -8.16 -1.52 -38.71
N ARG F 31 -7.05 -1.17 -39.37
CA ARG F 31 -5.78 -1.79 -39.05
C ARG F 31 -5.24 -1.60 -37.66
N ASN F 32 -5.45 -0.44 -37.09
CA ASN F 32 -4.90 -0.20 -35.77
C ASN F 32 -5.89 -0.35 -34.66
N LEU F 33 -7.06 -0.92 -34.91
CA LEU F 33 -8.04 -0.94 -33.85
C LEU F 33 -7.60 -1.68 -32.59
N LEU F 34 -6.77 -2.71 -32.74
CA LEU F 34 -6.26 -3.43 -31.59
C LEU F 34 -4.86 -3.04 -31.12
N LEU F 57 4.90 -2.05 -9.67
CA LEU F 57 3.50 -1.63 -9.74
C LEU F 57 3.37 -0.12 -9.71
N THR F 58 3.81 0.51 -10.79
CA THR F 58 3.76 1.95 -10.96
C THR F 58 2.38 2.43 -11.28
N VAL F 59 2.18 3.74 -11.10
CA VAL F 59 0.92 4.34 -11.44
C VAL F 59 0.61 4.16 -12.90
N TRP F 60 1.63 4.32 -13.72
CA TRP F 60 1.46 4.15 -15.14
C TRP F 60 1.07 2.75 -15.52
N GLY F 61 1.58 1.74 -14.81
CA GLY F 61 1.22 0.39 -15.14
C GLY F 61 -0.24 0.15 -14.90
N ILE F 62 -0.77 0.82 -13.88
CA ILE F 62 -2.18 0.70 -13.60
C ILE F 62 -3.00 1.31 -14.69
N LYS F 63 -2.59 2.50 -15.12
CA LYS F 63 -3.29 3.16 -16.19
C LYS F 63 -3.20 2.42 -17.50
N GLN F 64 -2.06 1.79 -17.74
CA GLN F 64 -1.88 1.01 -18.93
C GLN F 64 -2.84 -0.12 -19.01
N LEU F 65 -3.02 -0.78 -17.87
CA LEU F 65 -3.95 -1.87 -17.82
C LEU F 65 -5.33 -1.45 -18.17
N GLN F 66 -5.76 -0.32 -17.62
CA GLN F 66 -7.10 0.12 -17.91
C GLN F 66 -7.27 0.43 -19.37
N ALA F 67 -6.25 1.02 -19.98
CA ALA F 67 -6.34 1.34 -21.38
C ALA F 67 -6.47 0.11 -22.24
N ARG F 68 -5.75 -0.95 -21.89
CA ARG F 68 -5.83 -2.14 -22.71
C ARG F 68 -7.19 -2.75 -22.65
N VAL F 69 -7.79 -2.73 -21.47
CA VAL F 69 -9.10 -3.28 -21.33
C VAL F 69 -10.13 -2.51 -22.10
N LEU F 70 -10.03 -1.20 -22.04
CA LEU F 70 -10.97 -0.36 -22.74
C LEU F 70 -10.98 -0.60 -24.22
N ALA F 71 -9.80 -0.76 -24.78
CA ALA F 71 -9.70 -0.99 -26.19
C ALA F 71 -10.41 -2.26 -26.60
N VAL F 72 -10.23 -3.30 -25.79
CA VAL F 72 -10.86 -4.55 -26.10
C VAL F 72 -12.35 -4.45 -26.05
N GLU F 73 -12.86 -3.74 -25.04
CA GLU F 73 -14.28 -3.64 -24.92
C GLU F 73 -14.94 -2.96 -26.07
N ARG F 74 -14.33 -1.88 -26.55
CA ARG F 74 -14.95 -1.20 -27.65
C ARG F 74 -14.90 -1.99 -28.91
N TYR F 75 -13.78 -2.70 -29.11
CA TYR F 75 -13.66 -3.49 -30.30
C TYR F 75 -14.68 -4.58 -30.37
N LEU F 76 -14.85 -5.29 -29.26
CA LEU F 76 -15.79 -6.36 -29.27
C LEU F 76 -17.20 -5.93 -29.40
N ARG F 77 -17.54 -4.77 -28.84
CA ARG F 77 -18.91 -4.34 -28.92
C ARG F 77 -19.33 -4.10 -30.35
N ASP F 78 -18.41 -3.54 -31.12
CA ASP F 78 -18.74 -3.30 -32.50
C ASP F 78 -18.86 -4.59 -33.28
N GLN F 79 -17.98 -5.53 -32.98
CA GLN F 79 -18.04 -6.77 -33.70
C GLN F 79 -19.26 -7.54 -33.36
N GLN F 80 -19.72 -7.39 -32.13
CA GLN F 80 -20.92 -8.07 -31.71
C GLN F 80 -22.10 -7.65 -32.54
N LEU F 81 -22.21 -6.36 -32.79
CA LEU F 81 -23.32 -5.90 -33.59
C LEU F 81 -23.28 -6.40 -34.99
N LEU F 82 -22.08 -6.49 -35.56
CA LEU F 82 -22.01 -6.99 -36.91
C LEU F 82 -22.43 -8.44 -36.99
N GLY F 83 -22.08 -9.21 -35.96
CA GLY F 83 -22.47 -10.60 -35.95
C GLY F 83 -23.97 -10.74 -35.87
N ILE F 84 -24.62 -9.82 -35.17
CA ILE F 84 -26.06 -9.85 -35.10
C ILE F 84 -26.67 -9.53 -36.44
N TRP F 85 -26.10 -8.53 -37.08
CA TRP F 85 -26.55 -8.07 -38.38
C TRP F 85 -26.19 -9.01 -39.52
N GLY F 86 -25.30 -9.96 -39.25
CA GLY F 86 -24.86 -10.94 -40.22
C GLY F 86 -23.79 -10.35 -41.12
N CYS F 87 -23.33 -9.15 -40.75
CA CYS F 87 -22.34 -8.44 -41.51
C CYS F 87 -20.92 -8.67 -40.99
N SER F 88 -20.76 -9.62 -40.08
CA SER F 88 -19.44 -9.86 -39.56
C SER F 88 -18.49 -10.33 -40.62
N GLY F 89 -17.27 -9.85 -40.49
CA GLY F 89 -16.17 -10.16 -41.39
C GLY F 89 -16.22 -9.33 -42.67
N LYS F 90 -17.13 -8.36 -42.76
CA LYS F 90 -17.17 -7.52 -43.94
C LYS F 90 -17.09 -6.05 -43.61
N LEU F 91 -16.21 -5.31 -44.29
CA LEU F 91 -16.18 -3.85 -44.11
C LEU F 91 -17.42 -3.18 -44.67
N ILE F 92 -17.99 -3.79 -45.69
CA ILE F 92 -19.20 -3.30 -46.29
C ILE F 92 -20.17 -4.43 -46.40
N CYS F 93 -21.42 -4.16 -46.12
CA CYS F 93 -22.39 -5.22 -46.13
C CYS F 93 -23.67 -4.70 -46.71
N CYS F 94 -24.58 -5.61 -47.03
CA CYS F 94 -25.82 -5.24 -47.69
C CYS F 94 -27.04 -5.78 -47.01
N THR F 95 -27.52 -5.03 -46.03
CA THR F 95 -28.76 -5.37 -45.36
C THR F 95 -29.95 -5.22 -46.27
N ASN F 96 -31.00 -5.94 -45.94
CA ASN F 96 -32.21 -5.82 -46.72
C ASN F 96 -33.20 -4.86 -46.11
N VAL F 97 -32.77 -4.08 -45.10
CA VAL F 97 -33.72 -3.17 -44.51
C VAL F 97 -33.77 -1.80 -45.22
N PRO F 98 -34.94 -1.42 -45.74
CA PRO F 98 -35.28 -0.15 -46.35
C PRO F 98 -35.25 0.91 -45.29
N TRP F 99 -35.03 2.15 -45.65
CA TRP F 99 -35.07 3.16 -44.59
C TRP F 99 -36.05 4.24 -44.94
N ASN F 100 -36.55 4.92 -43.93
CA ASN F 100 -37.51 5.96 -44.21
C ASN F 100 -36.76 7.15 -44.68
N SER F 101 -37.00 7.52 -45.93
CA SER F 101 -36.26 8.59 -46.60
C SER F 101 -36.32 9.91 -45.87
N SER F 102 -37.35 10.13 -45.06
CA SER F 102 -37.50 11.38 -44.34
C SER F 102 -36.31 11.70 -43.45
N TRP F 103 -35.56 10.67 -43.04
CA TRP F 103 -34.40 10.90 -42.21
C TRP F 103 -33.36 11.78 -42.95
N SER F 104 -33.35 11.70 -44.28
CA SER F 104 -32.48 12.53 -45.12
C SER F 104 -32.99 12.58 -46.55
N ASN F 105 -33.81 13.58 -46.90
CA ASN F 105 -34.32 13.59 -48.26
C ASN F 105 -33.37 14.23 -49.26
N ARG F 106 -32.43 13.44 -49.74
CA ARG F 106 -31.46 13.85 -50.75
C ARG F 106 -31.23 12.73 -51.74
N ASN F 107 -30.81 13.07 -52.95
CA ASN F 107 -30.45 12.05 -53.91
C ASN F 107 -29.20 11.40 -53.40
N LEU F 108 -29.07 10.09 -53.57
CA LEU F 108 -27.88 9.45 -53.04
C LEU F 108 -26.59 10.07 -53.59
N SER F 109 -26.58 10.44 -54.88
CA SER F 109 -25.41 11.09 -55.45
C SER F 109 -25.17 12.46 -54.83
N GLU F 110 -26.25 13.11 -54.38
CA GLU F 110 -26.16 14.39 -53.72
C GLU F 110 -25.55 14.27 -52.34
N ILE F 111 -25.43 13.05 -51.83
CA ILE F 111 -24.82 12.87 -50.56
C ILE F 111 -23.41 12.36 -50.71
N TRP F 112 -23.28 11.25 -51.43
CA TRP F 112 -21.99 10.62 -51.60
C TRP F 112 -20.96 11.42 -52.32
N ASP F 113 -21.39 12.30 -53.21
CA ASP F 113 -20.42 13.14 -53.87
C ASP F 113 -20.24 14.48 -53.20
N ASN F 114 -20.88 14.70 -52.05
CA ASN F 114 -20.74 15.99 -51.40
C ASN F 114 -20.24 15.93 -49.98
N MET F 115 -21.03 15.28 -49.12
CA MET F 115 -20.70 15.22 -47.70
C MET F 115 -19.51 14.36 -47.42
N THR F 116 -18.73 14.73 -46.39
CA THR F 116 -17.70 13.84 -45.90
C THR F 116 -18.46 12.83 -45.11
N TRP F 117 -17.86 11.68 -44.82
CA TRP F 117 -18.65 10.69 -44.10
C TRP F 117 -19.11 11.26 -42.77
N LEU F 118 -18.25 12.07 -42.16
CA LEU F 118 -18.55 12.70 -40.90
C LEU F 118 -19.72 13.64 -40.97
N GLN F 119 -19.78 14.45 -42.02
CA GLN F 119 -20.88 15.38 -42.10
C GLN F 119 -22.20 14.68 -42.21
N TRP F 120 -22.24 13.64 -43.03
CA TRP F 120 -23.45 12.88 -43.14
C TRP F 120 -23.81 12.21 -41.84
N ASP F 121 -22.77 11.80 -41.10
CA ASP F 121 -22.98 11.15 -39.84
C ASP F 121 -23.68 12.07 -38.88
N LYS F 122 -23.31 13.33 -38.89
CA LYS F 122 -23.97 14.22 -37.98
C LYS F 122 -25.45 14.32 -38.28
N GLU F 123 -25.81 14.30 -39.56
CA GLU F 123 -27.22 14.33 -39.90
C GLU F 123 -27.99 13.10 -39.45
N ILE F 124 -27.43 11.93 -39.67
CA ILE F 124 -28.09 10.66 -39.32
C ILE F 124 -27.77 10.12 -37.92
N SER F 125 -27.08 10.91 -37.10
CA SER F 125 -26.67 10.43 -35.79
C SER F 125 -27.80 10.06 -34.84
N ASN F 126 -28.84 10.89 -34.82
CA ASN F 126 -29.99 10.67 -33.97
C ASN F 126 -30.83 9.42 -34.27
N TYR F 127 -30.97 9.11 -35.56
CA TYR F 127 -31.82 8.02 -35.99
C TYR F 127 -31.15 6.68 -35.85
N THR F 128 -29.90 6.66 -35.43
CA THR F 128 -29.15 5.41 -35.50
C THR F 128 -29.64 4.31 -34.63
N GLN F 129 -30.28 4.65 -33.51
CA GLN F 129 -30.80 3.61 -32.66
C GLN F 129 -32.04 2.98 -33.25
N ILE F 130 -32.67 3.68 -34.19
CA ILE F 130 -33.85 3.18 -34.82
C ILE F 130 -33.43 2.14 -35.75
N ILE F 131 -32.39 2.50 -36.48
CA ILE F 131 -31.86 1.67 -37.48
C ILE F 131 -31.34 0.40 -36.92
N TYR F 132 -30.66 0.49 -35.79
CA TYR F 132 -30.11 -0.71 -35.25
C TYR F 132 -31.16 -1.70 -34.83
N GLY F 133 -32.27 -1.22 -34.27
CA GLY F 133 -33.30 -2.16 -33.89
C GLY F 133 -33.91 -2.81 -35.11
N LEU F 134 -34.03 -2.04 -36.18
CA LEU F 134 -34.57 -2.59 -37.39
C LEU F 134 -33.68 -3.63 -37.99
N LEU F 135 -32.38 -3.40 -37.92
CA LEU F 135 -31.48 -4.36 -38.49
C LEU F 135 -31.56 -5.68 -37.78
N GLU F 136 -31.70 -5.61 -36.47
CA GLU F 136 -31.77 -6.81 -35.68
C GLU F 136 -32.98 -7.65 -35.97
N GLU F 137 -34.13 -7.01 -36.10
CA GLU F 137 -35.34 -7.78 -36.25
C GLU F 137 -35.99 -7.81 -37.59
N SER F 138 -36.12 -6.65 -38.22
CA SER F 138 -36.88 -6.62 -39.46
C SER F 138 -36.26 -7.48 -40.52
N GLN F 139 -34.95 -7.67 -40.47
CA GLN F 139 -34.38 -8.59 -41.41
C GLN F 139 -33.62 -9.73 -40.82
N ASN F 140 -32.73 -9.50 -39.86
CA ASN F 140 -31.92 -10.63 -39.46
C ASN F 140 -32.55 -11.68 -38.61
N GLN F 141 -33.35 -11.31 -37.62
CA GLN F 141 -33.96 -12.37 -36.86
C GLN F 141 -34.89 -13.20 -37.72
N GLN F 142 -35.63 -12.54 -38.60
CA GLN F 142 -36.53 -13.31 -39.40
C GLN F 142 -35.85 -14.00 -40.53
N GLU F 143 -34.74 -13.47 -41.00
CA GLU F 143 -34.03 -14.15 -42.05
C GLU F 143 -33.57 -15.48 -41.60
N LYS F 144 -33.03 -15.52 -40.39
CA LYS F 144 -32.53 -16.75 -39.84
C LYS F 144 -33.63 -17.77 -39.63
N ASN F 145 -34.83 -17.29 -39.33
CA ASN F 145 -35.92 -18.20 -39.18
C ASN F 145 -36.29 -18.80 -40.51
N GLU F 146 -36.30 -17.96 -41.54
CA GLU F 146 -36.60 -18.42 -42.86
C GLU F 146 -35.56 -19.35 -43.41
N GLN F 147 -34.31 -19.12 -43.02
CA GLN F 147 -33.25 -19.99 -43.46
C GLN F 147 -33.44 -21.39 -42.94
N ASP F 148 -33.89 -21.50 -41.69
CA ASP F 148 -34.14 -22.81 -41.16
C ASP F 148 -35.32 -23.45 -41.83
N LEU F 149 -36.34 -22.65 -42.10
CA LEU F 149 -37.51 -23.17 -42.76
C LEU F 149 -37.20 -23.68 -44.15
N LEU F 150 -36.29 -23.00 -44.84
CA LEU F 150 -35.84 -23.46 -46.13
C LEU F 150 -35.11 -24.77 -46.01
N ALA F 151 -34.26 -24.86 -45.00
CA ALA F 151 -33.44 -26.04 -44.77
C ALA F 151 -34.26 -27.25 -44.37
N LEU F 152 -35.51 -27.05 -43.95
CA LEU F 152 -36.39 -28.17 -43.65
C LEU F 152 -36.71 -29.01 -44.89
N ASP F 153 -36.55 -28.43 -46.08
CA ASP F 153 -36.80 -29.15 -47.31
C ASP F 153 -35.50 -29.44 -48.05
N GLN G 1 -24.74 29.27 7.59
CA GLN G 1 -23.64 28.35 7.32
C GLN G 1 -22.52 29.01 6.54
N VAL G 2 -22.74 29.14 5.23
CA VAL G 2 -21.76 29.71 4.30
C VAL G 2 -21.30 31.13 4.60
N GLN G 3 -22.10 31.91 5.32
CA GLN G 3 -21.81 33.31 5.56
C GLN G 3 -20.48 33.63 6.23
N LEU G 4 -19.83 34.66 5.70
CA LEU G 4 -18.58 35.19 6.21
C LEU G 4 -18.72 35.93 7.53
N LEU G 5 -17.74 35.78 8.40
CA LEU G 5 -17.71 36.60 9.59
C LEU G 5 -17.27 37.98 9.18
N GLN G 6 -17.77 38.99 9.85
CA GLN G 6 -17.36 40.35 9.53
C GLN G 6 -16.88 41.14 10.74
N SER G 7 -15.69 41.76 10.64
CA SER G 7 -15.16 42.60 11.72
C SER G 7 -15.97 43.87 11.94
N GLY G 8 -15.91 44.37 13.17
CA GLY G 8 -16.62 45.59 13.61
C GLY G 8 -16.11 46.93 13.04
N ALA G 9 -17.01 47.92 13.08
CA ALA G 9 -16.78 49.32 12.67
C ALA G 9 -15.66 49.97 13.46
N ALA G 10 -14.95 50.91 12.84
CA ALA G 10 -13.87 51.59 13.53
C ALA G 10 -13.62 52.99 12.97
N VAL G 11 -13.00 53.84 13.79
CA VAL G 11 -12.66 55.20 13.36
C VAL G 11 -11.26 55.59 13.75
N THR G 12 -10.53 56.18 12.80
CA THR G 12 -9.21 56.73 13.12
C THR G 12 -8.99 58.10 12.50
N LYS G 13 -7.99 58.82 13.01
CA LYS G 13 -7.60 60.09 12.44
C LYS G 13 -6.86 59.88 11.12
N PRO G 14 -6.88 60.84 10.20
CA PRO G 14 -6.28 60.75 8.89
C PRO G 14 -4.79 60.52 9.00
N GLY G 15 -4.28 59.80 8.01
CA GLY G 15 -2.90 59.39 7.84
C GLY G 15 -2.64 58.07 8.55
N ALA G 16 -3.65 57.58 9.29
CA ALA G 16 -3.60 56.31 9.97
C ALA G 16 -3.51 55.13 9.04
N SER G 17 -2.87 54.08 9.52
CA SER G 17 -2.96 52.84 8.81
C SER G 17 -4.12 52.10 9.45
N VAL G 18 -4.97 51.47 8.66
CA VAL G 18 -6.11 50.79 9.24
C VAL G 18 -6.26 49.37 8.75
N ARG G 19 -7.00 48.57 9.51
CA ARG G 19 -7.28 47.22 9.10
C ARG G 19 -8.69 46.77 9.35
N VAL G 20 -9.22 45.99 8.42
CA VAL G 20 -10.53 45.37 8.55
C VAL G 20 -10.38 43.92 8.20
N SER G 21 -11.34 43.10 8.62
CA SER G 21 -11.21 41.69 8.29
C SER G 21 -12.52 40.96 8.14
N CYS G 22 -12.42 39.76 7.58
CA CYS G 22 -13.55 38.87 7.46
C CYS G 22 -13.04 37.48 7.69
N GLU G 23 -13.93 36.53 7.92
CA GLU G 23 -13.42 35.17 8.05
C GLU G 23 -14.27 34.16 7.33
N ALA G 24 -13.60 33.17 6.79
CA ALA G 24 -14.23 32.09 6.08
C ALA G 24 -15.14 31.29 6.96
N SER G 25 -16.19 30.82 6.34
CA SER G 25 -17.15 29.90 6.90
C SER G 25 -16.65 28.50 6.68
N GLY G 26 -17.37 27.51 7.20
CA GLY G 26 -17.03 26.09 6.99
C GLY G 26 -17.03 25.66 5.50
N TYR G 27 -17.52 26.53 4.62
CA TYR G 27 -17.51 26.38 3.18
C TYR G 27 -16.10 26.24 2.61
N ASN G 28 -15.92 25.43 1.56
CA ASN G 28 -14.57 25.27 1.00
C ASN G 28 -14.16 26.45 0.15
N ILE G 29 -13.85 27.52 0.85
CA ILE G 29 -13.51 28.80 0.30
C ILE G 29 -12.28 28.82 -0.57
N ARG G 30 -11.39 27.85 -0.42
CA ARG G 30 -10.15 27.86 -1.16
C ARG G 30 -10.29 27.99 -2.65
N ASP G 31 -11.39 27.50 -3.20
CA ASP G 31 -11.53 27.59 -4.64
C ASP G 31 -12.20 28.85 -5.16
N TYR G 32 -12.44 29.84 -4.31
CA TYR G 32 -13.15 31.01 -4.78
C TYR G 32 -12.46 32.30 -4.41
N PHE G 33 -12.43 33.23 -5.34
CA PHE G 33 -11.80 34.51 -5.09
C PHE G 33 -12.50 35.33 -4.05
N ILE G 34 -11.69 36.03 -3.27
CA ILE G 34 -12.23 36.96 -2.32
C ILE G 34 -12.16 38.34 -2.90
N HIS G 35 -13.23 39.10 -2.75
CA HIS G 35 -13.23 40.44 -3.26
C HIS G 35 -13.61 41.42 -2.21
N TRP G 36 -13.09 42.62 -2.36
CA TRP G 36 -13.41 43.67 -1.45
C TRP G 36 -14.11 44.77 -2.18
N TRP G 37 -15.09 45.33 -1.52
CA TRP G 37 -15.89 46.40 -2.05
C TRP G 37 -16.04 47.51 -1.03
N ARG G 38 -16.24 48.72 -1.50
CA ARG G 38 -16.47 49.80 -0.56
C ARG G 38 -17.57 50.68 -1.07
N GLN G 39 -18.37 51.26 -0.18
CA GLN G 39 -19.35 52.18 -0.70
C GLN G 39 -19.38 53.48 0.08
N ALA G 40 -19.15 54.58 -0.62
CA ALA G 40 -19.31 55.89 -0.02
C ALA G 40 -20.78 56.07 0.28
N PRO G 41 -21.16 56.77 1.33
CA PRO G 41 -22.54 57.05 1.58
C PRO G 41 -23.00 57.91 0.43
N GLY G 42 -24.24 57.73 0.01
CA GLY G 42 -24.78 58.55 -1.05
C GLY G 42 -24.26 58.12 -2.42
N GLN G 43 -23.57 56.97 -2.49
CA GLN G 43 -22.94 56.58 -3.73
C GLN G 43 -23.07 55.10 -4.04
N GLY G 44 -22.93 54.77 -5.32
CA GLY G 44 -22.95 53.40 -5.77
C GLY G 44 -21.71 52.65 -5.28
N LEU G 45 -21.81 51.34 -5.21
CA LEU G 45 -20.72 50.50 -4.74
C LEU G 45 -19.48 50.57 -5.62
N GLN G 46 -18.31 50.56 -4.99
CA GLN G 46 -17.06 50.60 -5.71
C GLN G 46 -16.20 49.37 -5.45
N TRP G 47 -15.71 48.76 -6.52
CA TRP G 47 -14.82 47.63 -6.36
C TRP G 47 -13.49 48.06 -5.75
N VAL G 48 -12.94 47.26 -4.85
CA VAL G 48 -11.66 47.60 -4.27
C VAL G 48 -10.53 46.72 -4.75
N GLY G 49 -10.70 45.41 -4.67
CA GLY G 49 -9.64 44.52 -5.13
C GLY G 49 -9.99 43.05 -4.97
N TRP G 50 -9.05 42.18 -5.35
CA TRP G 50 -9.30 40.77 -5.12
C TRP G 50 -8.06 40.00 -4.73
N ILE G 51 -8.25 38.87 -4.09
CA ILE G 51 -7.13 38.04 -3.74
C ILE G 51 -7.36 36.58 -4.04
N ASN G 52 -6.33 35.93 -4.57
CA ASN G 52 -6.35 34.49 -4.79
C ASN G 52 -5.90 33.79 -3.55
N PRO G 53 -6.80 33.24 -2.74
CA PRO G 53 -6.51 32.63 -1.45
C PRO G 53 -5.54 31.47 -1.51
N LYS G 54 -5.38 30.83 -2.67
CA LYS G 54 -4.46 29.71 -2.70
C LYS G 54 -3.05 30.12 -3.03
N THR G 55 -2.87 31.35 -3.48
CA THR G 55 -1.53 31.83 -3.74
C THR G 55 -1.19 32.99 -2.86
N GLY G 56 -2.22 33.57 -2.27
CA GLY G 56 -2.05 34.72 -1.43
C GLY G 56 -1.88 35.97 -2.29
N GLN G 57 -2.11 35.86 -3.61
CA GLN G 57 -1.83 37.01 -4.46
C GLN G 57 -2.95 38.04 -4.58
N PRO G 58 -2.75 39.23 -4.01
CA PRO G 58 -3.58 40.41 -4.08
C PRO G 58 -3.59 41.02 -5.47
N ASN G 59 -4.66 41.69 -5.82
CA ASN G 59 -4.69 42.47 -7.03
C ASN G 59 -5.63 43.66 -6.92
N ASN G 60 -5.04 44.85 -6.98
CA ASN G 60 -5.78 46.10 -6.85
C ASN G 60 -5.70 46.92 -8.11
N PRO G 61 -6.78 47.63 -8.45
CA PRO G 61 -6.85 48.56 -9.54
C PRO G 61 -5.89 49.65 -9.21
N ARG G 62 -5.35 50.30 -10.24
CA ARG G 62 -4.31 51.30 -10.06
C ARG G 62 -4.62 52.39 -9.06
N GLN G 63 -5.90 52.72 -8.89
CA GLN G 63 -6.27 53.77 -7.98
C GLN G 63 -5.77 53.59 -6.56
N PHE G 64 -5.75 52.36 -6.08
CA PHE G 64 -5.30 52.16 -4.72
C PHE G 64 -3.90 51.56 -4.62
N GLN G 65 -3.19 51.48 -5.74
CA GLN G 65 -1.93 50.77 -5.61
C GLN G 65 -0.93 51.52 -4.81
N GLY G 66 -0.22 50.76 -4.02
CA GLY G 66 0.84 51.23 -3.15
C GLY G 66 0.26 51.86 -1.90
N ARG G 67 -1.07 51.78 -1.74
CA ARG G 67 -1.70 52.36 -0.58
C ARG G 67 -2.34 51.31 0.26
N VAL G 68 -2.85 50.28 -0.41
CA VAL G 68 -3.53 49.23 0.31
C VAL G 68 -3.00 47.88 -0.05
N SER G 69 -3.29 46.91 0.79
CA SER G 69 -2.89 45.56 0.50
C SER G 69 -3.88 44.58 1.04
N LEU G 70 -3.83 43.36 0.53
CA LEU G 70 -4.70 42.33 1.02
C LEU G 70 -3.90 41.18 1.52
N THR G 71 -4.35 40.59 2.61
CA THR G 71 -3.67 39.42 3.12
C THR G 71 -4.66 38.36 3.47
N ARG G 72 -4.17 37.16 3.64
CA ARG G 72 -5.03 36.08 4.05
C ARG G 72 -4.28 35.17 5.00
N HIS G 73 -5.03 34.47 5.83
CA HIS G 73 -4.42 33.62 6.83
C HIS G 73 -5.29 32.41 7.11
N ALA G 74 -4.71 31.39 7.74
CA ALA G 74 -5.49 30.20 8.03
C ALA G 74 -5.08 29.56 9.33
N SER G 75 -6.02 28.82 9.92
CA SER G 75 -5.77 28.10 11.16
C SER G 75 -4.74 27.01 10.95
N TRP G 76 -4.01 26.62 11.99
CA TRP G 76 -3.04 25.55 11.81
C TRP G 76 -3.68 24.21 11.40
N ASP G 77 -4.96 23.99 11.72
CA ASP G 77 -5.62 22.80 11.23
C ASP G 77 -6.34 23.07 9.90
N PHE G 78 -6.18 24.29 9.39
CA PHE G 78 -6.71 24.78 8.15
C PHE G 78 -8.21 24.72 8.01
N ASP G 79 -8.94 24.71 9.12
CA ASP G 79 -10.38 24.75 8.96
C ASP G 79 -10.96 26.13 8.95
N THR G 80 -10.13 27.16 9.12
CA THR G 80 -10.66 28.51 8.96
C THR G 80 -9.71 29.32 8.15
N TYR G 81 -10.22 30.41 7.63
CA TYR G 81 -9.42 31.36 6.92
C TYR G 81 -9.83 32.73 7.32
N SER G 82 -8.95 33.66 7.13
CA SER G 82 -9.30 35.02 7.40
C SER G 82 -8.71 35.88 6.36
N PHE G 83 -9.28 37.05 6.19
CA PHE G 83 -8.79 37.93 5.18
C PHE G 83 -8.72 39.29 5.74
N TYR G 84 -7.78 40.07 5.25
CA TYR G 84 -7.65 41.39 5.79
C TYR G 84 -7.43 42.39 4.72
N MET G 85 -7.85 43.60 4.98
CA MET G 85 -7.52 44.66 4.09
C MET G 85 -6.81 45.71 4.90
N ASP G 86 -5.67 46.12 4.39
CA ASP G 86 -4.89 47.14 5.05
C ASP G 86 -4.80 48.37 4.22
N LEU G 87 -4.91 49.52 4.86
CA LEU G 87 -4.70 50.76 4.16
C LEU G 87 -3.67 51.56 4.92
N LYS G 88 -2.64 52.05 4.24
CA LYS G 88 -1.54 52.74 4.90
C LYS G 88 -1.57 54.26 4.98
N ALA G 89 -2.53 54.91 4.36
CA ALA G 89 -2.53 56.38 4.36
C ALA G 89 -3.92 56.92 4.31
N LEU G 90 -4.63 56.84 5.42
CA LEU G 90 -6.03 57.25 5.48
C LEU G 90 -6.32 58.71 5.18
N ARG G 91 -7.41 58.95 4.47
CA ARG G 91 -7.90 60.28 4.18
C ARG G 91 -9.35 60.34 4.60
N SER G 92 -9.83 61.52 4.98
CA SER G 92 -11.22 61.66 5.43
C SER G 92 -12.24 61.21 4.40
N ASP G 93 -11.88 61.27 3.13
CA ASP G 93 -12.81 60.87 2.09
C ASP G 93 -12.82 59.37 1.84
N ASP G 94 -12.11 58.61 2.66
CA ASP G 94 -12.16 57.18 2.54
C ASP G 94 -13.26 56.57 3.38
N THR G 95 -14.08 57.41 4.03
CA THR G 95 -15.14 56.84 4.81
C THR G 95 -16.04 56.06 3.89
N ALA G 96 -16.25 54.80 4.21
CA ALA G 96 -17.12 53.97 3.41
C ALA G 96 -17.54 52.74 4.16
N VAL G 97 -18.60 52.12 3.68
CA VAL G 97 -18.91 50.81 4.21
C VAL G 97 -17.97 49.85 3.48
N TYR G 98 -17.34 48.93 4.18
CA TYR G 98 -16.45 47.99 3.50
C TYR G 98 -16.87 46.56 3.69
N PHE G 99 -16.77 45.78 2.63
CA PHE G 99 -17.11 44.36 2.72
C PHE G 99 -16.46 43.38 1.78
N CYS G 100 -16.48 42.14 2.26
CA CYS G 100 -15.96 40.99 1.56
C CYS G 100 -17.02 40.31 0.71
N ALA G 101 -16.59 39.67 -0.35
CA ALA G 101 -17.54 38.93 -1.16
C ALA G 101 -16.87 37.75 -1.83
N ARG G 102 -17.67 36.76 -2.21
CA ARG G 102 -17.11 35.58 -2.84
C ARG G 102 -17.45 35.52 -4.29
N GLN G 103 -16.46 35.24 -5.13
CA GLN G 103 -16.76 35.11 -6.54
C GLN G 103 -17.10 33.67 -6.85
N ARG G 104 -18.38 33.40 -6.94
CA ARG G 104 -18.87 32.07 -7.23
C ARG G 104 -18.53 31.50 -8.58
N SER G 105 -18.44 32.35 -9.58
CA SER G 105 -18.26 31.86 -10.93
C SER G 105 -17.56 32.87 -11.76
N ASP G 106 -17.20 32.46 -12.96
CA ASP G 106 -16.52 33.32 -13.91
C ASP G 106 -17.44 34.33 -14.57
N TYR G 107 -18.70 34.38 -14.13
CA TYR G 107 -19.61 35.42 -14.52
C TYR G 107 -19.54 36.51 -13.47
N TRP G 108 -18.60 36.37 -12.51
CA TRP G 108 -18.39 37.32 -11.44
C TRP G 108 -19.62 37.38 -10.59
N ASP G 109 -20.11 36.21 -10.25
CA ASP G 109 -21.29 36.09 -9.43
C ASP G 109 -20.99 36.33 -7.97
N PHE G 110 -21.72 37.22 -7.32
CA PHE G 110 -21.51 37.41 -5.89
C PHE G 110 -22.73 37.08 -5.07
N ASP G 111 -22.97 35.79 -4.85
CA ASP G 111 -24.12 35.45 -4.03
C ASP G 111 -23.82 35.39 -2.53
N VAL G 112 -22.61 35.73 -2.10
CA VAL G 112 -22.30 35.80 -0.68
C VAL G 112 -21.55 37.06 -0.36
N TRP G 113 -22.05 37.79 0.63
CA TRP G 113 -21.40 39.02 1.03
C TRP G 113 -21.24 39.08 2.52
N GLY G 114 -20.18 39.72 3.00
CA GLY G 114 -20.05 40.00 4.41
C GLY G 114 -21.09 41.07 4.74
N SER G 115 -21.55 41.15 6.00
CA SER G 115 -22.49 42.20 6.35
C SER G 115 -21.88 43.60 6.15
N GLY G 116 -20.56 43.65 6.24
CA GLY G 116 -19.75 44.82 6.05
C GLY G 116 -19.49 45.56 7.33
N THR G 117 -18.64 46.56 7.21
CA THR G 117 -18.27 47.37 8.34
C THR G 117 -18.26 48.81 7.98
N GLN G 118 -18.31 49.67 8.97
CA GLN G 118 -18.21 51.07 8.65
C GLN G 118 -16.87 51.61 9.07
N VAL G 119 -16.10 52.02 8.09
CA VAL G 119 -14.84 52.67 8.41
C VAL G 119 -15.05 54.15 8.34
N THR G 120 -14.63 54.85 9.38
CA THR G 120 -14.77 56.29 9.39
C THR G 120 -13.47 56.92 9.78
N VAL G 121 -13.36 58.21 9.54
CA VAL G 121 -12.11 58.87 9.78
C VAL G 121 -12.22 59.92 10.88
N GLN H 1 32.63 9.73 -10.54
CA GLN H 1 33.94 9.31 -11.01
C GLN H 1 34.11 7.82 -10.90
N VAL H 2 34.12 7.14 -12.05
CA VAL H 2 34.33 5.71 -12.15
C VAL H 2 35.70 5.20 -11.68
N GLN H 3 36.73 6.04 -11.65
CA GLN H 3 38.05 5.56 -11.23
C GLN H 3 38.16 5.11 -9.77
N LEU H 4 38.87 4.00 -9.57
CA LEU H 4 39.17 3.43 -8.26
C LEU H 4 40.21 4.21 -7.47
N LEU H 5 40.04 4.31 -6.16
CA LEU H 5 41.11 4.90 -5.36
C LEU H 5 42.18 3.85 -5.11
N GLN H 6 43.42 4.28 -5.00
CA GLN H 6 44.51 3.36 -4.71
C GLN H 6 45.41 3.82 -3.54
N SER H 7 45.67 2.92 -2.59
CA SER H 7 46.56 3.21 -1.45
C SER H 7 48.03 3.38 -1.86
N GLY H 8 48.77 4.17 -1.06
CA GLY H 8 50.19 4.48 -1.26
C GLY H 8 51.19 3.33 -1.05
N ALA H 9 52.38 3.49 -1.65
CA ALA H 9 53.54 2.57 -1.56
C ALA H 9 54.06 2.38 -0.15
N ALA H 10 54.61 1.20 0.12
CA ALA H 10 55.17 0.91 1.45
C ALA H 10 56.27 -0.15 1.42
N VAL H 11 57.10 -0.15 2.45
CA VAL H 11 58.17 -1.13 2.58
C VAL H 11 58.24 -1.72 3.97
N THR H 12 58.47 -3.03 4.05
CA THR H 12 58.65 -3.65 5.36
C THR H 12 59.81 -4.63 5.35
N LYS H 13 60.26 -5.01 6.53
CA LYS H 13 61.27 -6.06 6.66
C LYS H 13 60.62 -7.39 6.32
N PRO H 14 61.39 -8.37 5.84
CA PRO H 14 60.88 -9.65 5.40
C PRO H 14 60.19 -10.40 6.54
N GLY H 15 59.17 -11.14 6.16
CA GLY H 15 58.34 -11.99 6.99
C GLY H 15 57.17 -11.19 7.58
N ALA H 16 57.17 -9.87 7.36
CA ALA H 16 56.10 -9.01 7.83
C ALA H 16 54.77 -9.28 7.17
N SER H 17 53.70 -9.08 7.93
CA SER H 17 52.40 -9.06 7.29
C SER H 17 52.30 -7.72 6.55
N VAL H 18 51.56 -7.66 5.46
CA VAL H 18 51.36 -6.39 4.78
C VAL H 18 49.93 -6.20 4.32
N ARG H 19 49.49 -4.95 4.26
CA ARG H 19 48.17 -4.67 3.72
C ARG H 19 48.18 -3.55 2.70
N VAL H 20 47.38 -3.72 1.66
CA VAL H 20 47.18 -2.69 0.64
C VAL H 20 45.69 -2.52 0.42
N SER H 21 45.27 -1.40 -0.17
CA SER H 21 43.84 -1.22 -0.35
C SER H 21 43.40 -0.39 -1.55
N CYS H 22 42.11 -0.50 -1.87
CA CYS H 22 41.49 0.28 -2.94
C CYS H 22 40.09 0.71 -2.53
N GLU H 23 39.49 1.64 -3.28
CA GLU H 23 38.15 2.12 -2.93
C GLU H 23 37.19 2.25 -4.08
N ALA H 24 35.91 2.17 -3.72
CA ALA H 24 34.75 2.31 -4.60
C ALA H 24 34.72 3.60 -5.34
N SER H 25 34.06 3.51 -6.47
CA SER H 25 33.92 4.57 -7.43
C SER H 25 32.50 4.48 -7.97
N GLY H 26 32.06 5.48 -8.73
CA GLY H 26 30.65 5.61 -9.11
C GLY H 26 29.92 4.42 -9.77
N TYR H 27 30.63 3.49 -10.40
CA TYR H 27 29.96 2.31 -10.97
C TYR H 27 29.40 1.46 -9.83
N ASN H 28 28.36 0.67 -10.08
CA ASN H 28 27.85 -0.11 -8.95
C ASN H 28 28.75 -1.29 -8.67
N ILE H 29 29.42 -1.24 -7.52
CA ILE H 29 30.37 -2.25 -7.13
C ILE H 29 29.81 -3.64 -7.04
N ARG H 30 28.56 -3.73 -6.66
CA ARG H 30 27.95 -5.03 -6.49
C ARG H 30 27.89 -5.82 -7.76
N ASP H 31 27.90 -5.16 -8.90
CA ASP H 31 27.77 -5.90 -10.12
C ASP H 31 29.06 -6.39 -10.74
N TYR H 32 30.22 -6.17 -10.10
CA TYR H 32 31.43 -6.65 -10.77
C TYR H 32 32.46 -7.26 -9.81
N PHE H 33 33.19 -8.26 -10.29
CA PHE H 33 34.27 -8.83 -9.52
C PHE H 33 35.45 -7.90 -9.36
N ILE H 34 36.08 -7.95 -8.20
CA ILE H 34 37.31 -7.21 -8.00
C ILE H 34 38.48 -8.14 -8.20
N HIS H 35 39.47 -7.70 -8.94
CA HIS H 35 40.64 -8.52 -9.15
C HIS H 35 41.90 -7.86 -8.72
N TRP H 36 42.84 -8.69 -8.30
CA TRP H 36 44.13 -8.18 -7.91
C TRP H 36 45.18 -8.74 -8.82
N TRP H 37 46.14 -7.91 -9.15
CA TRP H 37 47.26 -8.29 -9.99
C TRP H 37 48.56 -7.80 -9.40
N ARG H 38 49.65 -8.49 -9.70
CA ARG H 38 50.93 -8.03 -9.20
C ARG H 38 51.98 -8.14 -10.27
N GLN H 39 52.94 -7.23 -10.30
CA GLN H 39 54.00 -7.44 -11.27
C GLN H 39 55.36 -7.20 -10.69
N ALA H 40 56.23 -8.21 -10.81
CA ALA H 40 57.61 -8.04 -10.45
C ALA H 40 58.22 -7.07 -11.43
N PRO H 41 59.17 -6.24 -11.03
CA PRO H 41 59.83 -5.38 -11.97
C PRO H 41 60.57 -6.28 -12.94
N GLY H 42 60.63 -5.88 -14.20
CA GLY H 42 61.36 -6.65 -15.19
C GLY H 42 60.56 -7.89 -15.64
N GLN H 43 59.29 -7.97 -15.25
CA GLN H 43 58.51 -9.18 -15.54
C GLN H 43 57.10 -8.88 -15.97
N GLY H 44 56.50 -9.85 -16.66
CA GLY H 44 55.12 -9.76 -17.09
C GLY H 44 54.17 -9.81 -15.89
N LEU H 45 52.97 -9.28 -16.06
CA LEU H 45 51.96 -9.23 -15.01
C LEU H 45 51.47 -10.60 -14.56
N GLN H 46 51.24 -10.74 -13.26
CA GLN H 46 50.72 -11.98 -12.69
C GLN H 46 49.38 -11.81 -11.98
N TRP H 47 48.42 -12.68 -12.29
CA TRP H 47 47.15 -12.64 -11.59
C TRP H 47 47.30 -13.02 -10.14
N VAL H 48 46.59 -12.34 -9.26
CA VAL H 48 46.64 -12.70 -7.86
C VAL H 48 45.39 -13.38 -7.38
N GLY H 49 44.25 -12.76 -7.63
CA GLY H 49 43.00 -13.37 -7.23
C GLY H 49 41.78 -12.54 -7.55
N TRP H 50 40.61 -13.05 -7.18
CA TRP H 50 39.41 -12.22 -7.26
C TRP H 50 38.51 -12.40 -6.08
N ILE H 51 37.71 -11.38 -5.83
CA ILE H 51 36.74 -11.47 -4.76
C ILE H 51 35.40 -11.00 -5.23
N ASN H 52 34.37 -11.75 -4.89
CA ASN H 52 33.02 -11.32 -5.19
C ASN H 52 32.54 -10.46 -4.05
N PRO H 53 32.50 -9.13 -4.22
CA PRO H 53 32.16 -8.16 -3.21
C PRO H 53 30.79 -8.35 -2.61
N LYS H 54 29.89 -8.99 -3.34
CA LYS H 54 28.58 -9.20 -2.76
C LYS H 54 28.60 -10.25 -1.68
N THR H 55 29.54 -11.18 -1.78
CA THR H 55 29.63 -12.24 -0.80
C THR H 55 30.89 -12.19 0.01
N GLY H 56 31.84 -11.35 -0.37
CA GLY H 56 33.07 -11.32 0.39
C GLY H 56 33.96 -12.50 0.01
N GLN H 57 33.64 -13.21 -1.08
CA GLN H 57 34.30 -14.48 -1.42
C GLN H 57 35.52 -14.45 -2.35
N PRO H 58 36.76 -14.56 -1.82
CA PRO H 58 38.04 -14.67 -2.53
C PRO H 58 38.28 -15.97 -3.30
N ASN H 59 39.06 -15.86 -4.37
CA ASN H 59 39.59 -16.99 -5.14
C ASN H 59 41.07 -16.77 -5.43
N ASN H 60 41.92 -17.69 -4.99
CA ASN H 60 43.36 -17.53 -5.23
C ASN H 60 43.98 -18.81 -5.80
N PRO H 61 45.11 -18.68 -6.49
CA PRO H 61 45.96 -19.74 -7.00
C PRO H 61 46.51 -20.56 -5.87
N ARG H 62 46.80 -21.82 -6.16
CA ARG H 62 47.40 -22.72 -5.19
C ARG H 62 48.69 -22.14 -4.62
N GLN H 63 49.40 -21.42 -5.46
CA GLN H 63 50.65 -20.78 -5.09
C GLN H 63 50.56 -19.84 -3.91
N PHE H 64 49.44 -19.17 -3.75
CA PHE H 64 49.33 -18.22 -2.66
C PHE H 64 48.51 -18.74 -1.50
N GLN H 65 48.20 -20.04 -1.50
CA GLN H 65 47.33 -20.47 -0.44
C GLN H 65 48.01 -20.37 0.89
N GLY H 66 47.25 -19.90 1.84
CA GLY H 66 47.66 -19.79 3.22
C GLY H 66 48.56 -18.59 3.42
N ARG H 67 48.73 -17.77 2.39
CA ARG H 67 49.59 -16.62 2.52
C ARG H 67 48.82 -15.36 2.41
N VAL H 68 47.80 -15.40 1.57
CA VAL H 68 47.04 -14.19 1.35
C VAL H 68 45.57 -14.35 1.54
N SER H 69 44.92 -13.23 1.73
CA SER H 69 43.47 -13.20 1.79
C SER H 69 42.98 -11.89 1.24
N LEU H 70 41.71 -11.88 0.87
CA LEU H 70 41.12 -10.65 0.39
C LEU H 70 39.95 -10.32 1.24
N THR H 71 39.78 -9.05 1.53
CA THR H 71 38.63 -8.64 2.30
C THR H 71 38.01 -7.45 1.67
N ARG H 72 36.79 -7.17 2.07
CA ARG H 72 36.13 -6.01 1.58
C ARG H 72 35.29 -5.40 2.67
N HIS H 73 34.98 -4.14 2.52
CA HIS H 73 34.22 -3.39 3.49
C HIS H 73 33.36 -2.38 2.79
N ALA H 74 32.36 -1.84 3.46
CA ALA H 74 31.52 -0.86 2.82
C ALA H 74 30.99 0.14 3.78
N SER H 75 30.64 1.32 3.27
CA SER H 75 30.04 2.33 4.10
C SER H 75 28.72 1.86 4.58
N TRP H 76 28.33 2.28 5.76
CA TRP H 76 27.03 1.92 6.25
C TRP H 76 25.89 2.43 5.36
N ASP H 77 26.13 3.50 4.59
CA ASP H 77 25.12 3.94 3.62
C ASP H 77 25.34 3.31 2.25
N PHE H 78 26.32 2.42 2.16
CA PHE H 78 26.72 1.67 0.99
C PHE H 78 27.12 2.47 -0.21
N ASP H 79 27.57 3.71 -0.03
CA ASP H 79 28.05 4.42 -1.20
C ASP H 79 29.55 4.27 -1.40
N THR H 80 30.22 3.55 -0.50
CA THR H 80 31.63 3.28 -0.69
C THR H 80 31.93 1.85 -0.36
N TYR H 81 33.07 1.41 -0.83
CA TYR H 81 33.60 0.10 -0.54
C TYR H 81 35.07 0.21 -0.36
N SER H 82 35.63 -0.72 0.37
CA SER H 82 37.05 -0.77 0.51
C SER H 82 37.45 -2.16 0.16
N PHE H 83 38.65 -2.31 -0.33
CA PHE H 83 39.11 -3.64 -0.63
C PHE H 83 40.47 -3.76 -0.11
N TYR H 84 40.82 -4.93 0.37
CA TYR H 84 42.13 -5.08 0.91
C TYR H 84 42.77 -6.34 0.48
N MET H 85 44.08 -6.32 0.42
CA MET H 85 44.78 -7.54 0.22
C MET H 85 45.75 -7.69 1.35
N ASP H 86 45.73 -8.84 1.99
CA ASP H 86 46.65 -9.11 3.06
C ASP H 86 47.60 -10.21 2.71
N LEU H 87 48.86 -10.02 3.04
CA LEU H 87 49.84 -11.07 2.89
C LEU H 87 50.56 -11.24 4.21
N LYS H 88 50.60 -12.47 4.70
CA LYS H 88 51.20 -12.75 5.99
C LYS H 88 52.65 -13.15 5.98
N ALA H 89 53.27 -13.23 4.81
CA ALA H 89 54.63 -13.72 4.79
C ALA H 89 55.47 -13.10 3.71
N LEU H 90 55.87 -11.85 3.90
CA LEU H 90 56.74 -11.26 2.90
C LEU H 90 58.08 -11.92 2.76
N ARG H 91 58.52 -11.96 1.53
CA ARG H 91 59.80 -12.49 1.12
C ARG H 91 60.28 -11.57 0.05
N SER H 92 61.59 -11.47 -0.17
CA SER H 92 62.09 -10.48 -1.11
C SER H 92 61.51 -10.57 -2.53
N ASP H 93 61.03 -11.74 -2.94
CA ASP H 93 60.42 -11.85 -4.26
C ASP H 93 58.96 -11.43 -4.28
N ASP H 94 58.47 -10.93 -3.16
CA ASP H 94 57.14 -10.39 -3.12
C ASP H 94 57.12 -8.92 -3.47
N THR H 95 58.28 -8.37 -3.86
CA THR H 95 58.26 -6.99 -4.26
C THR H 95 57.59 -6.88 -5.61
N ALA H 96 56.53 -6.11 -5.65
CA ALA H 96 55.81 -5.95 -6.91
C ALA H 96 54.92 -4.75 -6.88
N VAL H 97 54.54 -4.27 -8.04
CA VAL H 97 53.45 -3.33 -8.08
C VAL H 97 52.22 -4.14 -7.75
N TYR H 98 51.28 -3.61 -6.99
CA TYR H 98 50.04 -4.34 -6.75
C TYR H 98 48.86 -3.47 -7.07
N PHE H 99 47.86 -4.04 -7.76
CA PHE H 99 46.70 -3.24 -8.11
C PHE H 99 45.37 -3.94 -8.27
N CYS H 100 44.32 -3.14 -8.14
CA CYS H 100 42.94 -3.55 -8.27
C CYS H 100 42.42 -3.44 -9.70
N ALA H 101 41.43 -4.27 -10.05
CA ALA H 101 40.83 -4.21 -11.38
C ALA H 101 39.36 -4.62 -11.35
N ARG H 102 38.60 -4.18 -12.34
CA ARG H 102 37.18 -4.54 -12.40
C ARG H 102 36.84 -5.48 -13.52
N GLN H 103 36.13 -6.56 -13.19
CA GLN H 103 35.76 -7.48 -14.23
C GLN H 103 34.47 -7.04 -14.87
N ARG H 104 34.59 -6.27 -15.93
CA ARG H 104 33.44 -5.75 -16.66
C ARG H 104 32.55 -6.78 -17.32
N SER H 105 33.12 -7.91 -17.71
CA SER H 105 32.37 -8.87 -18.52
C SER H 105 32.78 -10.28 -18.26
N ASP H 106 32.03 -11.23 -18.82
CA ASP H 106 32.41 -12.62 -18.67
C ASP H 106 33.54 -13.02 -19.63
N TYR H 107 34.08 -12.05 -20.37
CA TYR H 107 35.28 -12.26 -21.12
C TYR H 107 36.42 -11.61 -20.34
N TRP H 108 36.10 -11.17 -19.12
CA TRP H 108 37.02 -10.56 -18.19
C TRP H 108 37.61 -9.32 -18.75
N ASP H 109 36.79 -8.48 -19.35
CA ASP H 109 37.33 -7.22 -19.80
C ASP H 109 37.73 -6.42 -18.59
N PHE H 110 38.92 -5.84 -18.60
CA PHE H 110 39.29 -5.00 -17.49
C PHE H 110 39.48 -3.59 -17.93
N ASP H 111 38.42 -2.81 -18.09
CA ASP H 111 38.69 -1.47 -18.57
C ASP H 111 39.08 -0.46 -17.49
N VAL H 112 39.20 -0.88 -16.23
CA VAL H 112 39.69 0.05 -15.21
C VAL H 112 40.62 -0.63 -14.22
N TRP H 113 41.65 0.10 -13.83
CA TRP H 113 42.55 -0.35 -12.80
C TRP H 113 42.87 0.77 -11.82
N GLY H 114 43.20 0.40 -10.60
CA GLY H 114 43.76 1.36 -9.66
C GLY H 114 45.15 1.68 -10.20
N SER H 115 45.74 2.82 -9.82
CA SER H 115 47.10 3.14 -10.29
C SER H 115 48.12 2.09 -9.92
N GLY H 116 47.82 1.42 -8.83
CA GLY H 116 48.62 0.42 -8.22
C GLY H 116 49.49 1.09 -7.21
N THR H 117 50.18 0.24 -6.45
CA THR H 117 51.09 0.67 -5.42
C THR H 117 52.34 -0.12 -5.48
N GLN H 118 53.40 0.36 -4.87
CA GLN H 118 54.59 -0.44 -4.86
C GLN H 118 54.87 -0.99 -3.49
N VAL H 119 54.81 -2.31 -3.37
CA VAL H 119 55.18 -2.95 -2.14
C VAL H 119 56.58 -3.45 -2.24
N THR H 120 57.40 -3.14 -1.25
CA THR H 120 58.77 -3.63 -1.29
C THR H 120 59.10 -4.27 0.03
N VAL H 121 60.17 -5.06 0.03
CA VAL H 121 60.53 -5.83 1.20
C VAL H 121 61.93 -5.47 1.70
N GLN I 1 -3.30 -28.95 19.59
CA GLN I 1 -4.17 -30.12 19.61
C GLN I 1 -5.61 -29.69 19.73
N VAL I 2 -6.51 -30.53 19.27
CA VAL I 2 -7.92 -30.24 19.43
C VAL I 2 -8.43 -30.27 20.88
N GLN I 3 -7.80 -31.04 21.75
CA GLN I 3 -8.36 -31.23 23.10
C GLN I 3 -8.23 -30.06 24.08
N LEU I 4 -9.36 -29.73 24.69
CA LEU I 4 -9.49 -28.71 25.73
C LEU I 4 -8.90 -29.09 27.08
N LEU I 5 -8.32 -28.11 27.77
CA LEU I 5 -7.87 -28.34 29.13
C LEU I 5 -9.05 -28.37 30.07
N GLN I 6 -8.97 -29.15 31.12
CA GLN I 6 -10.05 -29.23 32.10
C GLN I 6 -9.61 -28.98 33.55
N SER I 7 -10.32 -28.09 34.25
CA SER I 7 -10.04 -27.80 35.67
C SER I 7 -10.37 -28.98 36.59
N GLY I 8 -9.67 -29.02 37.73
CA GLY I 8 -9.80 -30.05 38.77
C GLY I 8 -11.11 -30.05 39.58
N ALA I 9 -11.40 -31.23 40.17
CA ALA I 9 -12.55 -31.49 41.05
C ALA I 9 -12.56 -30.61 42.29
N ALA I 10 -13.76 -30.31 42.80
CA ALA I 10 -13.86 -29.49 44.00
C ALA I 10 -15.13 -29.79 44.79
N VAL I 11 -15.08 -29.49 46.09
CA VAL I 11 -16.23 -29.67 46.96
C VAL I 11 -16.48 -28.49 47.87
N THR I 12 -17.75 -28.11 48.02
CA THR I 12 -18.09 -27.07 48.97
C THR I 12 -19.37 -27.36 49.74
N LYS I 13 -19.57 -26.67 50.84
CA LYS I 13 -20.85 -26.73 51.54
C LYS I 13 -21.89 -26.03 50.69
N PRO I 14 -23.16 -26.48 50.73
CA PRO I 14 -24.22 -26.01 49.88
C PRO I 14 -24.54 -24.55 50.09
N GLY I 15 -24.93 -23.95 48.99
CA GLY I 15 -25.34 -22.56 48.85
C GLY I 15 -24.13 -21.67 48.52
N ALA I 16 -22.92 -22.23 48.58
CA ALA I 16 -21.74 -21.50 48.17
C ALA I 16 -21.73 -21.26 46.68
N SER I 17 -21.19 -20.12 46.25
CA SER I 17 -20.98 -20.00 44.82
C SER I 17 -19.84 -20.93 44.40
N VAL I 18 -19.92 -21.52 43.21
CA VAL I 18 -18.82 -22.35 42.73
C VAL I 18 -18.41 -22.00 41.33
N ARG I 19 -17.20 -22.40 40.97
CA ARG I 19 -16.72 -22.19 39.62
C ARG I 19 -15.91 -23.34 39.07
N VAL I 20 -16.08 -23.60 37.79
CA VAL I 20 -15.28 -24.59 37.08
C VAL I 20 -14.77 -23.98 35.81
N SER I 21 -13.72 -24.56 35.21
CA SER I 21 -13.22 -23.95 33.99
C SER I 21 -12.57 -24.91 32.99
N CYS I 22 -12.39 -24.42 31.77
CA CYS I 22 -11.69 -25.14 30.72
C CYS I 22 -10.85 -24.18 29.90
N GLU I 23 -9.96 -24.70 29.07
CA GLU I 23 -9.14 -23.80 28.24
C GLU I 23 -8.95 -24.25 26.81
N ALA I 24 -8.69 -23.25 25.96
CA ALA I 24 -8.47 -23.36 24.54
C ALA I 24 -7.33 -24.27 24.16
N SER I 25 -7.47 -24.79 22.97
CA SER I 25 -6.59 -25.76 22.37
C SER I 25 -6.41 -25.32 20.92
N GLY I 26 -5.46 -25.92 20.21
CA GLY I 26 -5.01 -25.40 18.91
C GLY I 26 -6.04 -25.17 17.79
N TYR I 27 -7.19 -25.84 17.81
CA TYR I 27 -8.19 -25.59 16.77
C TYR I 27 -8.70 -24.16 16.86
N ASN I 28 -9.14 -23.58 15.73
CA ASN I 28 -9.58 -22.20 15.85
C ASN I 28 -10.95 -22.13 16.45
N ILE I 29 -10.92 -21.86 17.74
CA ILE I 29 -12.05 -21.81 18.62
C ILE I 29 -13.13 -20.81 18.27
N ARG I 30 -12.81 -19.78 17.52
CA ARG I 30 -13.82 -18.80 17.21
C ARG I 30 -14.99 -19.37 16.44
N ASP I 31 -14.76 -20.44 15.71
CA ASP I 31 -15.83 -20.99 14.93
C ASP I 31 -16.69 -22.01 15.63
N TYR I 32 -16.49 -22.25 16.92
CA TYR I 32 -17.30 -23.28 17.52
C TYR I 32 -17.88 -22.91 18.88
N PHE I 33 -19.14 -23.25 19.09
CA PHE I 33 -19.75 -23.01 20.38
C PHE I 33 -19.16 -23.85 21.48
N ILE I 34 -19.07 -23.26 22.66
CA ILE I 34 -18.69 -23.99 23.83
C ILE I 34 -19.94 -24.44 24.55
N HIS I 35 -19.99 -25.72 24.92
CA HIS I 35 -21.15 -26.21 25.62
C HIS I 35 -20.80 -26.81 26.94
N TRP I 36 -21.75 -26.72 27.85
CA TRP I 36 -21.55 -27.31 29.13
C TRP I 36 -22.57 -28.40 29.33
N TRP I 37 -22.12 -29.47 29.96
CA TRP I 37 -22.93 -30.63 30.25
C TRP I 37 -22.75 -31.08 31.67
N ARG I 38 -23.76 -31.73 32.23
CA ARG I 38 -23.62 -32.27 33.55
C ARG I 38 -24.23 -33.62 33.64
N GLN I 39 -23.67 -34.49 34.47
CA GLN I 39 -24.37 -35.73 34.66
C GLN I 39 -24.41 -36.09 36.12
N ALA I 40 -25.62 -36.25 36.64
CA ALA I 40 -25.75 -36.76 37.99
C ALA I 40 -25.28 -38.18 37.95
N PRO I 41 -24.67 -38.69 39.00
CA PRO I 41 -24.29 -40.08 39.03
C PRO I 41 -25.58 -40.86 38.98
N GLY I 42 -25.56 -42.00 38.30
CA GLY I 42 -26.74 -42.83 38.24
C GLY I 42 -27.77 -42.29 37.24
N GLN I 43 -27.39 -41.28 36.44
CA GLN I 43 -28.36 -40.63 35.55
C GLN I 43 -27.80 -40.34 34.19
N GLY I 44 -28.69 -40.20 33.21
CA GLY I 44 -28.33 -39.84 31.86
C GLY I 44 -27.80 -38.40 31.80
N LEU I 45 -27.01 -38.12 30.79
CA LEU I 45 -26.41 -36.80 30.62
C LEU I 45 -27.42 -35.67 30.37
N GLN I 46 -27.16 -34.50 30.96
CA GLN I 46 -28.03 -33.35 30.76
C GLN I 46 -27.30 -32.11 30.24
N TRP I 47 -27.87 -31.47 29.23
CA TRP I 47 -27.32 -30.24 28.69
C TRP I 47 -27.42 -29.12 29.71
N VAL I 48 -26.38 -28.30 29.79
CA VAL I 48 -26.43 -27.16 30.68
C VAL I 48 -26.61 -25.86 29.94
N GLY I 49 -25.75 -25.61 28.97
CA GLY I 49 -25.88 -24.37 28.21
C GLY I 49 -24.82 -24.21 27.14
N TRP I 50 -24.86 -23.08 26.43
CA TRP I 50 -23.76 -22.75 25.53
C TRP I 50 -23.40 -21.30 25.54
N ILE I 51 -22.18 -21.01 25.16
CA ILE I 51 -21.75 -19.63 25.09
C ILE I 51 -21.08 -19.35 23.77
N ASN I 52 -21.40 -18.18 23.24
CA ASN I 52 -20.81 -17.78 21.98
C ASN I 52 -19.40 -17.30 22.23
N PRO I 53 -18.39 -17.92 21.63
CA PRO I 53 -16.98 -17.64 21.78
C PRO I 53 -16.60 -16.23 21.35
N LYS I 54 -17.44 -15.59 20.55
CA LYS I 54 -17.11 -14.26 20.09
C LYS I 54 -17.83 -13.18 20.83
N THR I 55 -19.09 -13.41 21.15
CA THR I 55 -19.82 -12.34 21.81
C THR I 55 -19.89 -12.52 23.28
N GLY I 56 -19.60 -13.71 23.73
CA GLY I 56 -19.65 -14.02 25.13
C GLY I 56 -21.08 -14.24 25.58
N GLN I 57 -22.04 -14.32 24.65
CA GLN I 57 -23.40 -14.48 25.08
C GLN I 57 -23.83 -15.92 25.33
N PRO I 58 -24.16 -16.27 26.58
CA PRO I 58 -24.72 -17.53 27.05
C PRO I 58 -26.15 -17.81 26.62
N ASN I 59 -26.47 -19.10 26.54
CA ASN I 59 -27.84 -19.55 26.39
C ASN I 59 -28.10 -20.63 27.42
N ASN I 60 -28.94 -20.31 28.40
CA ASN I 60 -29.28 -21.26 29.45
C ASN I 60 -30.76 -21.61 29.44
N PRO I 61 -31.10 -22.86 29.67
CA PRO I 61 -32.42 -23.39 29.82
C PRO I 61 -33.07 -22.82 31.05
N ARG I 62 -34.40 -22.78 31.02
CA ARG I 62 -35.17 -22.22 32.12
C ARG I 62 -34.82 -22.80 33.47
N GLN I 63 -34.47 -24.07 33.50
CA GLN I 63 -34.13 -24.72 34.75
C GLN I 63 -33.00 -24.06 35.51
N PHE I 64 -32.04 -23.51 34.80
CA PHE I 64 -30.93 -22.90 35.49
C PHE I 64 -30.99 -21.39 35.51
N GLN I 65 -32.15 -20.83 35.14
CA GLN I 65 -32.16 -19.40 35.11
C GLN I 65 -32.01 -18.85 36.49
N GLY I 66 -31.18 -17.84 36.58
CA GLY I 66 -30.95 -17.11 37.80
C GLY I 66 -30.02 -17.89 38.72
N ARG I 67 -29.48 -19.01 38.25
CA ARG I 67 -28.64 -19.79 39.12
C ARG I 67 -27.23 -19.80 38.64
N VAL I 68 -27.07 -19.82 37.33
CA VAL I 68 -25.76 -19.91 36.71
C VAL I 68 -25.49 -18.88 35.67
N SER I 69 -24.21 -18.73 35.36
CA SER I 69 -23.80 -17.88 34.28
C SER I 69 -22.57 -18.45 33.62
N LEU I 70 -22.31 -18.01 32.40
CA LEU I 70 -21.13 -18.46 31.70
C LEU I 70 -20.27 -17.30 31.33
N THR I 71 -18.97 -17.47 31.44
CA THR I 71 -18.08 -16.40 31.03
C THR I 71 -16.94 -16.93 30.21
N ARG I 72 -16.25 -16.03 29.54
CA ARG I 72 -15.09 -16.41 28.79
C ARG I 72 -14.03 -15.35 28.91
N HIS I 73 -12.80 -15.73 28.68
CA HIS I 73 -11.69 -14.81 28.77
C HIS I 73 -10.63 -15.25 27.78
N ALA I 74 -9.70 -14.37 27.46
CA ALA I 74 -8.69 -14.74 26.49
C ALA I 74 -7.37 -14.11 26.76
N SER I 75 -6.31 -14.74 26.27
CA SER I 75 -4.98 -14.19 26.41
C SER I 75 -4.88 -12.90 25.67
N TRP I 76 -4.06 -11.99 26.16
CA TRP I 76 -3.84 -10.76 25.46
C TRP I 76 -3.26 -10.95 24.05
N ASP I 77 -2.57 -12.08 23.80
CA ASP I 77 -2.12 -12.37 22.44
C ASP I 77 -3.12 -13.25 21.69
N PHE I 78 -4.24 -13.51 22.34
CA PHE I 78 -5.38 -14.28 21.87
C PHE I 78 -5.09 -15.69 21.44
N ASP I 79 -4.01 -16.29 21.93
CA ASP I 79 -3.81 -17.68 21.57
C ASP I 79 -4.41 -18.65 22.56
N THR I 80 -5.01 -18.14 23.64
CA THR I 80 -5.70 -19.01 24.57
C THR I 80 -7.01 -18.39 24.96
N TYR I 81 -7.88 -19.22 25.49
CA TYR I 81 -9.15 -18.82 26.00
C TYR I 81 -9.44 -19.61 27.22
N SER I 82 -10.33 -19.10 28.03
CA SER I 82 -10.76 -19.89 29.13
C SER I 82 -12.22 -19.68 29.27
N PHE I 83 -12.87 -20.63 29.88
CA PHE I 83 -14.29 -20.52 30.02
C PHE I 83 -14.64 -20.90 31.39
N TYR I 84 -15.71 -20.33 31.90
CA TYR I 84 -16.06 -20.64 33.23
C TYR I 84 -17.52 -20.87 33.35
N MET I 85 -17.87 -21.71 34.30
CA MET I 85 -19.24 -21.84 34.62
C MET I 85 -19.36 -21.47 36.06
N ASP I 86 -20.27 -20.56 36.32
CA ASP I 86 -20.52 -20.14 37.67
C ASP I 86 -21.87 -20.54 38.14
N LEU I 87 -21.93 -21.02 39.35
CA LEU I 87 -23.20 -21.30 39.97
C LEU I 87 -23.24 -20.56 41.26
N LYS I 88 -24.29 -19.78 41.44
CA LYS I 88 -24.41 -19.04 42.68
C LYS I 88 -25.44 -19.67 43.56
N ALA I 89 -26.51 -20.15 42.95
CA ALA I 89 -27.59 -20.75 43.71
C ALA I 89 -27.38 -22.23 43.90
N LEU I 90 -26.28 -22.58 44.55
CA LEU I 90 -25.90 -23.96 44.79
C LEU I 90 -26.81 -24.72 45.73
N ARG I 91 -27.02 -25.99 45.42
CA ARG I 91 -27.74 -26.88 46.32
C ARG I 91 -27.07 -28.23 46.29
N SER I 92 -27.27 -29.01 47.34
CA SER I 92 -26.64 -30.34 47.45
C SER I 92 -26.95 -31.28 46.30
N ASP I 93 -28.06 -31.04 45.62
CA ASP I 93 -28.46 -31.93 44.55
C ASP I 93 -27.76 -31.59 43.24
N ASP I 94 -26.83 -30.64 43.27
CA ASP I 94 -26.06 -30.37 42.11
C ASP I 94 -24.79 -31.18 42.03
N THR I 95 -24.58 -32.14 42.94
CA THR I 95 -23.37 -32.91 42.76
C THR I 95 -23.47 -33.62 41.43
N ALA I 96 -22.51 -33.37 40.55
CA ALA I 96 -22.50 -33.99 39.24
C ALA I 96 -21.13 -33.87 38.59
N VAL I 97 -20.86 -34.72 37.61
CA VAL I 97 -19.70 -34.46 36.78
C VAL I 97 -20.07 -33.26 35.93
N TYR I 98 -19.15 -32.35 35.68
CA TYR I 98 -19.46 -31.26 34.76
C TYR I 98 -18.37 -31.15 33.71
N PHE I 99 -18.78 -30.86 32.49
CA PHE I 99 -17.78 -30.74 31.44
C PHE I 99 -18.07 -29.84 30.27
N CYS I 100 -16.98 -29.44 29.62
CA CYS I 100 -16.98 -28.62 28.44
C CYS I 100 -17.10 -29.45 27.19
N ALA I 101 -17.67 -28.88 26.13
CA ALA I 101 -17.75 -29.61 24.88
C ALA I 101 -17.74 -28.68 23.68
N ARG I 102 -17.33 -29.22 22.52
CA ARG I 102 -17.32 -28.40 21.31
C ARG I 102 -18.34 -28.80 20.30
N GLN I 103 -19.08 -27.81 19.80
CA GLN I 103 -20.05 -28.09 18.77
C GLN I 103 -19.45 -27.90 17.40
N ARG I 104 -19.05 -29.01 16.79
CA ARG I 104 -18.47 -28.97 15.45
C ARG I 104 -19.36 -28.50 14.34
N SER I 105 -20.65 -28.77 14.46
CA SER I 105 -21.51 -28.59 13.31
C SER I 105 -22.91 -28.24 13.68
N ASP I 106 -23.69 -27.92 12.67
CA ASP I 106 -25.08 -27.62 12.88
C ASP I 106 -25.92 -28.87 13.05
N TYR I 107 -25.28 -30.05 13.11
CA TYR I 107 -25.97 -31.24 13.48
C TYR I 107 -25.67 -31.49 14.94
N TRP I 108 -24.98 -30.51 15.56
CA TRP I 108 -24.54 -30.54 16.93
C TRP I 108 -23.65 -31.71 17.19
N ASP I 109 -22.73 -31.96 16.28
CA ASP I 109 -21.78 -33.02 16.52
C ASP I 109 -20.85 -32.63 17.65
N PHE I 110 -20.64 -33.50 18.61
CA PHE I 110 -19.65 -33.15 19.60
C PHE I 110 -18.42 -34.00 19.46
N ASP I 111 -17.39 -33.46 18.83
CA ASP I 111 -16.17 -34.21 18.69
C ASP I 111 -15.38 -34.39 19.94
N VAL I 112 -15.32 -33.34 20.76
CA VAL I 112 -14.52 -33.41 21.95
C VAL I 112 -15.21 -32.89 23.17
N TRP I 113 -14.72 -33.38 24.30
CA TRP I 113 -15.15 -32.95 25.59
C TRP I 113 -13.95 -32.75 26.48
N GLY I 114 -14.08 -31.88 27.45
CA GLY I 114 -13.06 -31.81 28.48
C GLY I 114 -13.23 -33.12 29.25
N SER I 115 -12.21 -33.57 29.98
CA SER I 115 -12.37 -34.80 30.77
C SER I 115 -13.52 -34.70 31.74
N GLY I 116 -13.80 -33.48 32.11
CA GLY I 116 -14.81 -33.11 33.04
C GLY I 116 -14.19 -33.06 34.37
N THR I 117 -14.98 -32.61 35.31
CA THR I 117 -14.58 -32.48 36.68
C THR I 117 -15.67 -32.97 37.56
N GLN I 118 -15.34 -33.27 38.79
CA GLN I 118 -16.41 -33.67 39.68
C GLN I 118 -16.70 -32.58 40.67
N VAL I 119 -17.89 -32.03 40.58
CA VAL I 119 -18.31 -31.04 41.55
C VAL I 119 -19.15 -31.71 42.60
N THR I 120 -18.80 -31.51 43.85
CA THR I 120 -19.63 -32.11 44.87
C THR I 120 -19.97 -31.09 45.92
N VAL I 121 -20.99 -31.40 46.69
CA VAL I 121 -21.39 -30.51 47.74
C VAL I 121 -21.13 -31.10 49.11
N GLN J 24 10.94 9.27 65.41
CA GLN J 24 12.38 9.49 65.31
C GLN J 24 13.16 8.21 65.16
N VAL J 25 13.76 8.04 64.00
CA VAL J 25 14.60 6.88 63.76
C VAL J 25 15.84 6.93 64.62
N GLN J 26 16.19 5.82 65.24
CA GLN J 26 17.40 5.82 66.02
C GLN J 26 18.57 5.81 65.08
N LEU J 27 19.60 6.56 65.41
CA LEU J 27 20.78 6.53 64.61
C LEU J 27 21.95 6.08 65.47
N VAL J 28 22.84 5.30 64.89
CA VAL J 28 23.98 4.81 65.63
C VAL J 28 25.25 5.05 64.84
N GLN J 29 26.32 5.40 65.53
CA GLN J 29 27.61 5.61 64.86
C GLN J 29 28.74 5.03 65.67
N SER J 30 29.83 4.72 64.99
CA SER J 30 31.02 4.14 65.61
C SER J 30 31.61 5.02 66.71
N GLY J 31 32.24 4.38 67.69
CA GLY J 31 32.88 5.09 68.78
C GLY J 31 34.08 5.88 68.28
N ALA J 32 34.44 6.92 69.01
CA ALA J 32 35.57 7.77 68.66
C ALA J 32 36.87 6.97 68.61
N GLU J 33 37.79 7.36 67.72
CA GLU J 33 39.06 6.65 67.64
C GLU J 33 40.28 7.51 67.36
N VAL J 34 41.37 7.16 68.04
CA VAL J 34 42.70 7.74 67.82
C VAL J 34 43.43 6.93 66.75
N LYS J 35 44.01 7.58 65.76
CA LYS J 35 44.74 6.81 64.75
C LYS J 35 46.10 7.41 64.44
N LYS J 36 47.04 6.56 64.05
CA LYS J 36 48.35 7.03 63.64
C LYS J 36 48.27 7.83 62.32
N PRO J 37 49.13 8.86 62.15
CA PRO J 37 49.24 9.72 60.98
C PRO J 37 49.62 8.91 59.76
N GLY J 38 49.18 9.39 58.59
CA GLY J 38 49.50 8.71 57.36
C GLY J 38 48.61 7.49 57.11
N SER J 39 47.52 7.33 57.86
CA SER J 39 46.76 6.09 57.67
C SER J 39 45.25 6.22 57.76
N SER J 40 44.59 5.22 57.18
CA SER J 40 43.14 5.10 57.11
C SER J 40 42.40 4.81 58.41
N VAL J 41 41.14 5.23 58.45
CA VAL J 41 40.23 4.90 59.55
C VAL J 41 38.92 4.42 58.94
N LYS J 42 38.10 3.71 59.69
CA LYS J 42 36.81 3.36 59.15
C LYS J 42 35.72 3.59 60.18
N VAL J 43 34.54 3.97 59.71
CA VAL J 43 33.40 4.22 60.57
C VAL J 43 32.17 3.50 60.07
N SER J 44 31.19 3.38 60.95
CA SER J 44 29.94 2.74 60.56
C SER J 44 28.77 3.50 61.14
N CYS J 45 27.62 3.27 60.55
CA CYS J 45 26.42 3.90 61.06
C CYS J 45 25.20 3.00 60.87
N LYS J 46 24.14 3.26 61.63
CA LYS J 46 22.91 2.48 61.48
C LYS J 46 21.65 3.31 61.58
N ALA J 47 20.59 2.85 60.90
CA ALA J 47 19.30 3.48 61.08
C ALA J 47 18.29 2.44 61.54
N SER J 48 17.54 2.76 62.59
CA SER J 48 16.55 1.80 63.03
C SER J 48 15.45 1.65 62.00
N GLY J 49 14.88 0.46 61.95
CA GLY J 49 13.75 0.17 61.08
C GLY J 49 14.18 -0.03 59.65
N ASN J 50 15.50 -0.06 59.42
CA ASN J 50 16.06 -0.11 58.08
C ASN J 50 15.54 1.07 57.26
N SER J 51 15.51 2.26 57.89
CA SER J 51 14.99 3.42 57.20
C SER J 51 15.97 4.06 56.25
N PHE J 52 17.17 3.50 56.12
CA PHE J 52 18.08 4.01 55.11
C PHE J 52 17.48 3.81 53.74
N SER J 53 16.62 2.80 53.58
CA SER J 53 15.98 2.65 52.29
C SER J 53 15.14 3.88 51.90
N ASN J 54 14.65 4.63 52.88
CA ASN J 54 13.91 5.85 52.60
C ASN J 54 14.68 7.14 52.83
N HIS J 55 15.98 7.09 53.11
CA HIS J 55 16.69 8.34 53.31
C HIS J 55 18.09 8.34 52.75
N ASP J 56 18.56 9.52 52.42
CA ASP J 56 19.89 9.71 51.90
C ASP J 56 20.89 9.52 52.98
N VAL J 57 21.94 8.80 52.68
CA VAL J 57 23.03 8.63 53.59
C VAL J 57 23.95 9.82 53.45
N HIS J 58 24.36 10.44 54.54
CA HIS J 58 25.36 11.47 54.37
C HIS J 58 26.41 11.42 55.43
N TRP J 59 27.58 11.93 55.08
CA TRP J 59 28.63 12.04 56.05
C TRP J 59 29.06 13.49 56.08
N VAL J 60 29.34 14.00 57.27
CA VAL J 60 29.77 15.39 57.48
C VAL J 60 30.98 15.48 58.38
N ARG J 61 31.82 16.49 58.15
CA ARG J 61 32.97 16.68 59.00
C ARG J 61 33.01 18.08 59.59
N GLN J 62 33.43 18.19 60.84
CA GLN J 62 33.56 19.49 61.45
C GLN J 62 34.73 19.60 62.41
N ALA J 63 35.32 20.77 62.50
CA ALA J 63 36.37 20.98 63.47
C ALA J 63 35.87 22.02 64.44
N THR J 64 36.30 21.93 65.68
CA THR J 64 35.82 22.90 66.64
C THR J 64 36.27 24.28 66.20
N GLY J 65 35.36 25.25 66.31
CA GLY J 65 35.67 26.60 65.89
C GLY J 65 35.58 26.76 64.38
N GLN J 66 35.05 25.75 63.67
CA GLN J 66 34.99 25.80 62.22
C GLN J 66 33.67 25.30 61.65
N GLY J 67 33.36 25.77 60.46
CA GLY J 67 32.13 25.45 59.75
C GLY J 67 32.01 24.00 59.30
N LEU J 68 30.76 23.59 59.06
CA LEU J 68 30.45 22.25 58.60
C LEU J 68 31.02 21.97 57.23
N GLU J 69 31.46 20.74 57.00
CA GLU J 69 31.90 20.36 55.68
C GLU J 69 31.20 19.09 55.23
N TRP J 70 30.55 19.15 54.09
CA TRP J 70 29.92 17.94 53.60
C TRP J 70 31.01 16.97 53.22
N MET J 71 30.87 15.70 53.53
CA MET J 71 31.88 14.76 53.08
C MET J 71 31.45 13.96 51.89
N GLY J 72 30.24 13.44 51.96
CA GLY J 72 29.74 12.63 50.86
C GLY J 72 28.34 12.10 51.11
N TRP J 73 27.84 11.31 50.16
CA TRP J 73 26.51 10.75 50.31
C TRP J 73 26.26 9.45 49.58
N MET J 74 25.13 8.83 49.89
CA MET J 74 24.59 7.75 49.11
C MET J 74 23.08 7.98 48.96
N SER J 75 22.53 7.70 47.79
CA SER J 75 21.11 7.90 47.57
C SER J 75 20.29 6.95 48.39
N HIS J 76 19.07 7.32 48.75
CA HIS J 76 18.24 6.34 49.43
C HIS J 76 17.96 5.11 48.56
N GLU J 77 17.96 5.26 47.23
CA GLU J 77 17.85 4.07 46.39
C GLU J 77 19.14 3.27 46.41
N GLY J 78 20.22 3.96 46.76
CA GLY J 78 21.56 3.43 46.80
C GLY J 78 22.18 3.40 45.41
N ASP J 79 21.51 4.01 44.42
CA ASP J 79 22.07 4.00 43.09
C ASP J 79 23.00 5.17 42.79
N LYS J 80 23.25 6.03 43.77
CA LYS J 80 24.26 7.06 43.59
C LYS J 80 25.08 7.26 44.83
N THR J 81 26.33 7.61 44.64
CA THR J 81 27.19 8.01 45.74
C THR J 81 28.00 9.22 45.32
N GLY J 82 28.60 9.91 46.28
CA GLY J 82 29.57 10.93 45.90
C GLY J 82 30.31 11.52 47.06
N LEU J 83 31.31 12.33 46.72
CA LEU J 83 32.18 12.98 47.69
C LEU J 83 32.38 14.46 47.43
N ALA J 84 32.59 15.24 48.48
CA ALA J 84 33.08 16.59 48.26
C ALA J 84 34.42 16.39 47.56
N GLN J 85 34.82 17.29 46.67
CA GLN J 85 36.02 17.03 45.87
C GLN J 85 37.32 16.96 46.67
N LYS J 86 37.33 17.48 47.89
CA LYS J 86 38.51 17.41 48.73
C LYS J 86 38.87 15.99 49.11
N PHE J 87 37.88 15.12 49.09
CA PHE J 87 38.06 13.76 49.51
C PHE J 87 38.26 12.79 48.38
N GLN J 88 38.44 13.27 47.15
CA GLN J 88 38.50 12.26 46.13
C GLN J 88 39.71 11.40 46.29
N GLY J 89 39.49 10.11 46.11
CA GLY J 89 40.50 9.08 46.15
C GLY J 89 40.86 8.71 47.59
N ARG J 90 40.17 9.28 48.58
CA ARG J 90 40.46 8.96 49.97
C ARG J 90 39.27 8.39 50.69
N VAL J 91 38.11 8.38 50.05
CA VAL J 91 36.93 7.95 50.77
C VAL J 91 36.06 6.99 50.00
N THR J 92 35.49 6.00 50.70
CA THR J 92 34.50 5.14 50.07
C THR J 92 33.29 4.99 50.98
N ILE J 93 32.17 4.57 50.40
CA ILE J 93 30.95 4.32 51.18
C ILE J 93 30.39 2.96 50.80
N THR J 94 30.08 2.14 51.80
CA THR J 94 29.53 0.81 51.54
C THR J 94 28.37 0.55 52.48
N ARG J 95 27.57 -0.48 52.20
CA ARG J 95 26.49 -0.77 53.13
C ARG J 95 26.21 -2.25 53.28
N ASP J 96 25.65 -2.62 54.43
CA ASP J 96 25.18 -3.97 54.69
C ASP J 96 24.02 -4.30 53.79
N SER J 97 23.93 -5.54 53.34
CA SER J 97 22.84 -5.88 52.45
C SER J 97 21.52 -5.59 53.15
N GLY J 98 20.58 -5.10 52.36
CA GLY J 98 19.28 -4.64 52.83
C GLY J 98 19.41 -3.22 53.42
N ALA J 99 20.59 -2.61 53.29
CA ALA J 99 20.93 -1.27 53.74
C ALA J 99 20.59 -0.94 55.20
N SER J 100 20.56 -1.91 56.10
CA SER J 100 20.26 -1.55 57.51
C SER J 100 21.32 -0.66 58.14
N THR J 101 22.56 -0.79 57.66
CA THR J 101 23.68 0.00 58.13
C THR J 101 24.49 0.50 56.96
N VAL J 102 25.30 1.51 57.20
CA VAL J 102 26.22 2.03 56.19
C VAL J 102 27.61 2.20 56.76
N TYR J 103 28.58 2.29 55.89
CA TYR J 103 29.96 2.43 56.31
C TYR J 103 30.69 3.45 55.49
N MET J 104 31.74 4.00 56.08
CA MET J 104 32.60 4.87 55.33
C MET J 104 34.03 4.60 55.69
N GLU J 105 34.90 4.70 54.72
CA GLU J 105 36.31 4.53 55.00
C GLU J 105 37.02 5.77 54.57
N LEU J 106 37.95 6.21 55.40
CA LEU J 106 38.70 7.40 55.10
C LEU J 106 40.14 6.97 54.98
N ARG J 107 40.89 7.57 54.07
CA ARG J 107 42.26 7.11 53.88
C ARG J 107 43.29 8.22 53.96
N GLY J 108 44.51 7.86 54.39
CA GLY J 108 45.59 8.84 54.40
C GLY J 108 45.57 9.82 55.56
N LEU J 109 44.76 9.59 56.60
CA LEU J 109 44.58 10.62 57.61
C LEU J 109 45.86 11.02 58.32
N THR J 110 45.91 12.31 58.62
CA THR J 110 47.02 13.02 59.25
C THR J 110 46.45 13.85 60.38
N ALA J 111 47.31 14.39 61.23
CA ALA J 111 46.85 15.14 62.41
C ALA J 111 45.92 16.31 62.09
N ASP J 112 45.95 16.84 60.87
CA ASP J 112 45.03 17.92 60.55
C ASP J 112 43.66 17.42 60.09
N ASP J 113 43.48 16.10 60.10
CA ASP J 113 42.19 15.49 59.84
C ASP J 113 41.43 15.24 61.14
N THR J 114 41.95 15.72 62.29
CA THR J 114 41.15 15.50 63.48
C THR J 114 39.89 16.30 63.33
N ALA J 115 38.76 15.64 63.51
CA ALA J 115 37.49 16.31 63.38
C ALA J 115 36.37 15.51 64.00
N ILE J 116 35.24 16.16 64.16
CA ILE J 116 34.06 15.42 64.54
C ILE J 116 33.44 14.95 63.23
N TYR J 117 33.21 13.66 63.13
CA TYR J 117 32.63 13.11 61.94
C TYR J 117 31.17 12.81 62.20
N TYR J 118 30.33 12.90 61.19
CA TYR J 118 28.93 12.66 61.44
C TYR J 118 28.30 11.77 60.40
N CYS J 119 27.26 11.09 60.82
CA CYS J 119 26.41 10.34 59.91
C CYS J 119 25.04 10.92 60.07
N LEU J 120 24.45 11.36 58.98
CA LEU J 120 23.10 11.88 59.09
C LEU J 120 22.23 11.36 57.96
N THR J 121 20.94 11.23 58.24
CA THR J 121 19.98 10.85 57.22
C THR J 121 19.60 12.10 56.43
N GLY J 122 19.06 11.92 55.21
CA GLY J 122 18.71 13.03 54.33
C GLY J 122 17.60 12.83 53.29
N SER J 123 17.17 13.93 52.66
CA SER J 123 16.11 13.94 51.64
C SER J 123 16.56 14.57 50.30
N LYS J 124 15.88 14.25 49.20
CA LYS J 124 16.27 14.77 47.90
C LYS J 124 15.03 14.92 47.04
N HIS J 125 15.21 15.63 45.94
CA HIS J 125 14.19 15.83 44.95
C HIS J 125 14.81 15.26 43.69
N ARG J 126 14.08 14.40 43.00
CA ARG J 126 14.58 13.84 41.76
C ARG J 126 13.69 14.40 40.67
N LEU J 127 14.28 15.14 39.74
CA LEU J 127 13.51 15.74 38.66
C LEU J 127 14.15 15.45 37.33
N ARG J 128 13.34 15.15 36.33
CA ARG J 128 13.91 14.90 35.02
C ARG J 128 14.60 16.19 34.63
N ASP J 129 15.83 16.11 34.15
CA ASP J 129 16.47 17.33 33.70
C ASP J 129 16.41 17.53 32.21
N TYR J 130 16.14 16.47 31.46
CA TYR J 130 16.01 16.64 30.02
C TYR J 130 15.21 15.52 29.42
N PHE J 131 14.52 15.79 28.33
CA PHE J 131 13.88 14.67 27.69
C PHE J 131 13.65 14.84 26.20
N LEU J 132 13.55 13.71 25.51
CA LEU J 132 13.07 13.71 24.15
C LEU J 132 12.02 12.63 24.07
N TYR J 133 10.82 12.97 23.62
CA TYR J 133 9.86 11.90 23.53
C TYR J 133 10.17 11.02 22.34
N ASN J 134 10.05 9.71 22.50
CA ASN J 134 10.22 8.83 21.36
C ASN J 134 8.91 8.14 21.02
N GLU J 135 8.54 8.19 19.76
CA GLU J 135 7.32 7.57 19.30
C GLU J 135 7.34 6.06 19.39
N TYR J 136 8.50 5.52 19.08
CA TYR J 136 8.73 4.09 19.02
C TYR J 136 9.61 3.52 20.08
N GLY J 137 9.77 4.20 21.20
CA GLY J 137 10.65 3.68 22.22
C GLY J 137 10.60 4.54 23.44
N PRO J 138 11.38 4.21 24.46
CA PRO J 138 11.40 4.93 25.69
C PRO J 138 11.87 6.30 25.37
N ASN J 139 11.42 7.27 26.13
CA ASN J 139 11.82 8.63 25.90
C ASN J 139 13.26 8.79 26.26
N TYR J 140 14.01 9.57 25.50
CA TYR J 140 15.35 9.81 25.98
C TYR J 140 15.18 10.63 27.21
N GLU J 141 15.90 10.32 28.26
CA GLU J 141 15.75 11.13 29.45
C GLU J 141 17.03 11.35 30.19
N GLU J 142 17.11 12.51 30.83
CA GLU J 142 18.21 12.78 31.73
C GLU J 142 17.57 13.14 33.05
N TRP J 143 18.19 12.70 34.13
CA TRP J 143 17.66 12.91 35.47
C TRP J 143 18.71 13.39 36.42
N GLY J 144 18.30 14.07 37.48
CA GLY J 144 19.28 14.38 38.50
C GLY J 144 18.67 14.63 39.86
N ASP J 145 19.53 14.66 40.85
CA ASP J 145 19.12 14.80 42.23
C ASP J 145 19.49 16.11 42.83
N TYR J 146 18.56 16.68 43.55
CA TYR J 146 18.85 17.90 44.24
C TYR J 146 18.59 17.68 45.69
N LEU J 147 19.58 17.95 46.52
CA LEU J 147 19.36 17.71 47.93
C LEU J 147 18.32 18.68 48.41
N ALA J 148 17.39 18.22 49.22
CA ALA J 148 16.40 19.15 49.70
C ALA J 148 16.74 19.59 51.11
N THR J 149 16.72 18.63 52.05
CA THR J 149 17.11 18.96 53.41
C THR J 149 17.98 17.90 54.03
N LEU J 150 18.71 18.27 55.08
CA LEU J 150 19.32 17.25 55.88
C LEU J 150 18.21 16.74 56.78
N ASP J 151 18.17 15.46 57.05
CA ASP J 151 17.23 14.91 58.02
C ASP J 151 17.99 14.88 59.34
N VAL J 152 17.41 14.32 60.38
CA VAL J 152 18.07 14.40 61.66
C VAL J 152 19.44 13.71 61.69
N TRP J 153 20.36 14.44 62.32
CA TRP J 153 21.74 14.08 62.53
C TRP J 153 21.97 12.93 63.47
N GLY J 154 22.97 12.13 63.16
CA GLY J 154 23.45 11.09 64.05
C GLY J 154 24.18 11.73 65.23
N HIS J 155 24.41 10.96 66.30
CA HIS J 155 25.16 11.46 67.45
C HIS J 155 26.61 11.81 67.10
N GLY J 156 27.12 11.20 66.04
CA GLY J 156 28.42 11.46 65.48
C GLY J 156 29.52 10.58 66.08
N THR J 157 30.72 10.76 65.54
CA THR J 157 31.92 10.07 65.95
C THR J 157 33.03 11.10 66.06
N ALA J 158 34.05 10.84 66.85
CA ALA J 158 35.16 11.77 66.81
C ALA J 158 36.36 11.00 66.34
N VAL J 159 37.16 11.60 65.47
CA VAL J 159 38.35 10.90 65.06
C VAL J 159 39.51 11.84 65.17
N THR J 160 40.58 11.35 65.74
CA THR J 160 41.76 12.17 65.84
C THR J 160 42.95 11.40 65.44
N VAL J 161 43.99 12.13 65.14
CA VAL J 161 45.20 11.49 64.71
C VAL J 161 46.41 11.97 65.49
N SER J 162 47.15 11.01 66.06
CA SER J 162 48.34 11.30 66.85
C SER J 162 49.33 10.17 66.82
N SER J 163 50.56 10.44 67.26
CA SER J 163 51.61 9.43 67.30
C SER J 163 51.30 8.38 68.36
N ASP K 1 -13.65 47.16 -24.02
CA ASP K 1 -13.95 47.82 -22.75
C ASP K 1 -15.45 47.92 -22.55
N ILE K 2 -15.86 47.91 -21.29
CA ILE K 2 -17.28 47.96 -21.00
C ILE K 2 -17.81 49.38 -21.09
N GLN K 3 -18.85 49.53 -21.90
CA GLN K 3 -19.49 50.81 -22.21
C GLN K 3 -20.90 50.93 -21.63
N MET K 4 -21.18 50.16 -20.59
CA MET K 4 -22.53 50.04 -20.07
C MET K 4 -23.21 51.31 -19.57
N THR K 5 -24.52 51.37 -19.77
CA THR K 5 -25.37 52.48 -19.31
C THR K 5 -26.67 51.97 -18.69
N GLN K 6 -27.38 52.83 -17.95
CA GLN K 6 -28.72 52.47 -17.50
C GLN K 6 -29.63 53.68 -17.52
N SER K 7 -30.92 53.47 -17.74
CA SER K 7 -31.90 54.57 -17.69
C SER K 7 -32.99 54.63 -16.56
N PRO K 8 -33.10 53.69 -15.61
CA PRO K 8 -34.17 53.61 -14.62
C PRO K 8 -34.38 54.76 -13.65
N SER K 9 -33.34 55.52 -13.32
CA SER K 9 -33.56 56.57 -12.32
C SER K 9 -34.23 55.92 -11.11
N SER K 10 -35.46 56.34 -10.82
CA SER K 10 -36.25 55.69 -9.80
C SER K 10 -37.67 55.58 -10.31
N LEU K 11 -38.45 54.65 -9.75
CA LEU K 11 -39.82 54.52 -10.22
C LEU K 11 -40.81 54.71 -9.10
N SER K 12 -41.87 55.47 -9.37
CA SER K 12 -42.95 55.74 -8.42
C SER K 12 -44.11 54.73 -8.44
N ALA K 13 -43.99 53.66 -9.21
CA ALA K 13 -45.11 52.75 -9.38
C ALA K 13 -45.67 52.18 -8.08
N SER K 14 -47.00 52.05 -8.07
CA SER K 14 -47.78 51.50 -6.98
C SER K 14 -47.61 50.00 -6.81
N VAL K 15 -47.94 49.51 -5.62
CA VAL K 15 -47.83 48.09 -5.36
C VAL K 15 -48.80 47.30 -6.23
N GLY K 16 -48.27 46.21 -6.74
CA GLY K 16 -48.93 45.26 -7.61
C GLY K 16 -48.70 45.61 -9.08
N ASP K 17 -48.06 46.74 -9.34
CA ASP K 17 -47.71 47.07 -10.70
C ASP K 17 -46.59 46.19 -11.20
N THR K 18 -46.71 45.65 -12.39
CA THR K 18 -45.52 45.04 -12.92
C THR K 18 -44.61 46.18 -13.32
N VAL K 19 -43.33 46.09 -12.98
CA VAL K 19 -42.42 47.16 -13.33
C VAL K 19 -41.17 46.63 -14.00
N THR K 20 -40.49 47.47 -14.78
CA THR K 20 -39.22 47.03 -15.31
C THR K 20 -38.16 48.10 -15.26
N ILE K 21 -36.92 47.66 -15.31
CA ILE K 21 -35.76 48.52 -15.39
C ILE K 21 -34.82 48.02 -16.47
N THR K 22 -34.08 48.91 -17.12
CA THR K 22 -33.13 48.40 -18.08
C THR K 22 -31.77 49.06 -18.04
N CYS K 23 -30.82 48.33 -18.57
CA CYS K 23 -29.47 48.79 -18.72
C CYS K 23 -28.90 48.05 -19.90
N GLN K 24 -27.73 48.41 -20.36
CA GLN K 24 -27.13 47.62 -21.40
C GLN K 24 -25.66 47.56 -21.12
N ALA K 25 -25.03 46.46 -21.52
CA ALA K 25 -23.61 46.35 -21.24
C ALA K 25 -22.86 45.42 -22.16
N ASN K 26 -21.58 45.67 -22.30
CA ASN K 26 -20.72 44.73 -22.98
C ASN K 26 -20.48 43.56 -22.05
N GLY K 27 -20.50 42.33 -22.56
CA GLY K 27 -20.19 41.17 -21.72
C GLY K 27 -21.37 40.72 -20.85
N TYR K 28 -21.03 39.85 -19.88
CA TYR K 28 -21.97 39.26 -18.95
C TYR K 28 -22.60 40.29 -18.03
N LEU K 29 -23.85 40.09 -17.65
CA LEU K 29 -24.43 41.07 -16.74
C LEU K 29 -25.14 40.44 -15.55
N ASN K 30 -24.86 40.94 -14.36
CA ASN K 30 -25.54 40.43 -13.19
C ASN K 30 -26.44 41.48 -12.58
N TRP K 31 -27.58 41.07 -12.05
CA TRP K 31 -28.48 42.05 -11.43
C TRP K 31 -28.52 41.82 -9.94
N TYR K 32 -28.58 42.91 -9.17
CA TYR K 32 -28.58 42.84 -7.71
C TYR K 32 -29.58 43.73 -7.01
N GLN K 33 -29.89 43.34 -5.78
CA GLN K 33 -30.78 44.03 -4.86
C GLN K 33 -30.01 44.55 -3.68
N GLN K 34 -30.28 45.75 -3.23
CA GLN K 34 -29.59 46.22 -2.04
C GLN K 34 -30.53 47.01 -1.17
N ARG K 35 -30.31 46.93 0.13
CA ARG K 35 -31.18 47.64 1.04
C ARG K 35 -30.31 48.51 1.90
N ARG K 36 -30.83 49.63 2.37
CA ARG K 36 -29.96 50.47 3.14
C ARG K 36 -29.47 49.71 4.34
N GLY K 37 -28.19 49.91 4.64
CA GLY K 37 -27.55 49.25 5.76
C GLY K 37 -27.17 47.81 5.44
N LYS K 38 -27.33 47.38 4.19
CA LYS K 38 -27.02 45.99 3.86
C LYS K 38 -26.20 45.79 2.59
N ALA K 39 -25.45 44.69 2.58
CA ALA K 39 -24.74 44.21 1.41
C ALA K 39 -25.74 43.82 0.32
N PRO K 40 -25.39 43.93 -0.96
CA PRO K 40 -26.16 43.55 -2.13
C PRO K 40 -26.47 42.06 -2.17
N LYS K 41 -27.58 41.71 -2.82
CA LYS K 41 -27.97 40.32 -3.03
C LYS K 41 -28.13 40.04 -4.51
N LEU K 42 -27.59 38.94 -5.00
CA LEU K 42 -27.77 38.65 -6.40
C LEU K 42 -29.20 38.35 -6.75
N LEU K 43 -29.65 38.89 -7.85
CA LEU K 43 -30.97 38.54 -8.34
C LEU K 43 -30.91 37.68 -9.59
N ILE K 44 -30.05 38.07 -10.54
CA ILE K 44 -29.99 37.37 -11.81
C ILE K 44 -28.58 37.01 -12.30
N TYR K 45 -28.41 35.78 -12.78
CA TYR K 45 -27.14 35.34 -13.33
C TYR K 45 -27.10 35.71 -14.80
N ASP K 46 -26.10 36.48 -15.19
CA ASP K 46 -25.85 36.84 -16.58
C ASP K 46 -27.06 37.37 -17.36
N GLY K 47 -28.00 38.00 -16.67
CA GLY K 47 -29.15 38.59 -17.30
C GLY K 47 -30.22 37.56 -17.69
N SER K 48 -30.06 36.29 -17.28
CA SER K 48 -31.05 35.29 -17.68
C SER K 48 -31.57 34.34 -16.62
N LYS K 49 -30.87 34.17 -15.50
CA LYS K 49 -31.40 33.20 -14.54
C LYS K 49 -31.55 33.73 -13.13
N LEU K 50 -32.66 33.41 -12.49
CA LEU K 50 -32.82 33.88 -11.13
C LEU K 50 -31.88 33.19 -10.14
N GLU K 51 -31.42 33.95 -9.15
CA GLU K 51 -30.69 33.39 -8.03
C GLU K 51 -31.64 32.46 -7.28
N ARG K 52 -31.13 31.36 -6.76
CA ARG K 52 -32.03 30.51 -6.03
C ARG K 52 -32.65 31.26 -4.87
N GLY K 53 -33.94 31.00 -4.66
CA GLY K 53 -34.75 31.58 -3.60
C GLY K 53 -35.28 32.98 -3.95
N VAL K 54 -35.02 33.45 -5.17
CA VAL K 54 -35.61 34.68 -5.65
C VAL K 54 -37.08 34.41 -6.00
N PRO K 55 -38.00 35.32 -5.65
CA PRO K 55 -39.41 35.19 -5.94
C PRO K 55 -39.67 35.13 -7.43
N SER K 56 -40.74 34.44 -7.78
CA SER K 56 -41.17 34.26 -9.15
C SER K 56 -41.45 35.58 -9.87
N ARG K 57 -41.69 36.63 -9.10
CA ARG K 57 -41.97 37.94 -9.66
C ARG K 57 -40.82 38.41 -10.53
N PHE K 58 -39.61 38.08 -10.14
CA PHE K 58 -38.45 38.52 -10.87
C PHE K 58 -38.27 37.85 -12.21
N SER K 59 -37.88 38.62 -13.21
CA SER K 59 -37.58 38.10 -14.53
C SER K 59 -36.68 39.03 -15.31
N GLY K 60 -36.27 38.60 -16.50
CA GLY K 60 -35.50 39.50 -17.35
C GLY K 60 -35.19 38.92 -18.73
N ARG K 61 -34.54 39.72 -19.56
CA ARG K 61 -34.17 39.29 -20.90
C ARG K 61 -32.91 39.94 -21.42
N ARG K 62 -32.32 39.32 -22.43
CA ARG K 62 -31.16 39.88 -23.09
C ARG K 62 -31.38 40.04 -24.58
N TRP K 63 -30.99 41.17 -25.13
CA TRP K 63 -31.03 41.35 -26.57
C TRP K 63 -29.81 42.09 -27.02
N GLY K 64 -28.85 41.38 -27.58
CA GLY K 64 -27.62 42.04 -27.94
C GLY K 64 -27.03 42.47 -26.62
N GLN K 65 -26.56 43.71 -26.53
CA GLN K 65 -26.06 44.20 -25.26
C GLN K 65 -27.20 44.65 -24.33
N GLU K 66 -28.43 44.72 -24.81
CA GLU K 66 -29.54 45.15 -23.97
C GLU K 66 -29.83 44.18 -22.84
N TYR K 67 -30.14 44.70 -21.67
CA TYR K 67 -30.62 43.84 -20.61
C TYR K 67 -31.83 44.43 -19.88
N ASN K 68 -32.82 43.60 -19.60
CA ASN K 68 -34.00 44.03 -18.87
C ASN K 68 -34.28 43.21 -17.64
N LEU K 69 -34.74 43.88 -16.60
CA LEU K 69 -35.19 43.19 -15.41
C LEU K 69 -36.58 43.63 -15.09
N THR K 70 -37.43 42.70 -14.70
CA THR K 70 -38.75 43.12 -14.31
C THR K 70 -39.21 42.44 -13.05
N ILE K 71 -40.19 43.07 -12.41
CA ILE K 71 -40.83 42.46 -11.28
C ILE K 71 -42.31 42.45 -11.54
N ASN K 72 -42.86 41.27 -11.70
CA ASN K 72 -44.28 41.11 -11.90
C ASN K 72 -44.98 41.37 -10.61
N ASN K 73 -46.12 42.07 -10.63
CA ASN K 73 -46.85 42.17 -9.38
C ASN K 73 -46.03 42.73 -8.22
N LEU K 74 -45.43 43.91 -8.40
CA LEU K 74 -44.49 44.42 -7.40
C LEU K 74 -45.06 44.49 -6.00
N GLN K 75 -44.26 44.09 -5.03
CA GLN K 75 -44.67 44.09 -3.63
C GLN K 75 -43.88 45.13 -2.88
N PRO K 76 -44.44 45.75 -1.82
CA PRO K 76 -43.76 46.76 -1.01
C PRO K 76 -42.50 46.19 -0.37
N GLU K 77 -42.42 44.88 -0.20
CA GLU K 77 -41.22 44.24 0.30
C GLU K 77 -40.08 44.32 -0.73
N ASP K 78 -40.43 44.64 -1.98
CA ASP K 78 -39.46 44.75 -3.04
C ASP K 78 -38.90 46.13 -3.14
N ILE K 79 -39.21 47.03 -2.20
CA ILE K 79 -38.60 48.32 -2.40
C ILE K 79 -37.21 48.21 -1.89
N ALA K 80 -36.29 48.35 -2.82
CA ALA K 80 -34.88 48.23 -2.56
C ALA K 80 -34.09 48.92 -3.64
N THR K 81 -32.84 49.17 -3.36
CA THR K 81 -31.95 49.66 -4.39
C THR K 81 -31.70 48.55 -5.41
N TYR K 82 -31.59 48.88 -6.68
CA TYR K 82 -31.26 47.84 -7.64
C TYR K 82 -30.20 48.27 -8.62
N PHE K 83 -29.34 47.32 -9.03
CA PHE K 83 -28.31 47.67 -9.99
C PHE K 83 -27.81 46.54 -10.88
N CYS K 84 -27.19 46.95 -11.98
CA CYS K 84 -26.55 46.05 -12.93
C CYS K 84 -25.05 45.91 -12.57
N GLN K 85 -24.44 44.75 -12.85
CA GLN K 85 -23.01 44.60 -12.54
C GLN K 85 -22.22 43.81 -13.58
N VAL K 86 -20.97 44.24 -13.75
CA VAL K 86 -20.02 43.67 -14.69
C VAL K 86 -18.74 43.40 -13.94
N TYR K 87 -17.76 42.78 -14.58
CA TYR K 87 -16.64 42.22 -13.84
C TYR K 87 -16.02 43.14 -12.80
N GLU K 88 -15.90 44.42 -13.07
CA GLU K 88 -15.41 45.28 -12.00
C GLU K 88 -16.29 46.48 -11.80
N PHE K 89 -16.72 47.03 -12.91
CA PHE K 89 -17.54 48.21 -12.90
C PHE K 89 -18.92 47.90 -12.32
N VAL K 90 -19.49 48.88 -11.64
CA VAL K 90 -20.81 48.68 -11.09
C VAL K 90 -21.72 49.80 -11.48
N VAL K 91 -22.86 49.44 -12.04
CA VAL K 91 -23.84 50.42 -12.41
C VAL K 91 -24.44 51.01 -11.14
N PRO K 92 -24.67 52.31 -11.07
CA PRO K 92 -25.21 53.00 -9.92
C PRO K 92 -26.60 52.47 -9.59
N GLY K 93 -26.94 52.55 -8.32
CA GLY K 93 -28.19 52.03 -7.84
C GLY K 93 -29.40 52.79 -8.36
N THR K 94 -30.53 52.11 -8.33
CA THR K 94 -31.80 52.68 -8.76
C THR K 94 -32.77 52.37 -7.65
N ARG K 95 -33.89 53.06 -7.60
CA ARG K 95 -34.77 52.83 -6.46
C ARG K 95 -36.24 52.94 -6.77
N LEU K 96 -37.05 52.41 -5.87
CA LEU K 96 -38.48 52.43 -6.05
C LEU K 96 -39.17 53.26 -4.96
N ASP K 97 -40.19 54.00 -5.37
CA ASP K 97 -41.02 54.82 -4.49
C ASP K 97 -42.46 54.37 -4.55
N LEU K 98 -43.17 54.47 -3.44
CA LEU K 98 -44.59 54.12 -3.42
C LEU K 98 -45.44 55.33 -3.10
N ASP L 1 41.95 -26.13 -22.31
CA ASP L 1 42.84 -25.43 -21.39
C ASP L 1 43.56 -24.29 -22.09
N ILE L 2 44.49 -23.65 -21.39
CA ILE L 2 45.16 -22.50 -21.97
C ILE L 2 46.37 -22.86 -22.80
N GLN L 3 46.31 -22.47 -24.07
CA GLN L 3 47.33 -22.68 -25.09
C GLN L 3 48.12 -21.44 -25.51
N MET L 4 48.10 -20.38 -24.71
CA MET L 4 48.67 -19.12 -25.16
C MET L 4 50.15 -19.11 -25.51
N THR L 5 50.47 -18.42 -26.61
CA THR L 5 51.83 -18.09 -27.03
C THR L 5 51.87 -16.68 -27.61
N GLN L 6 53.05 -16.08 -27.71
CA GLN L 6 53.16 -14.83 -28.49
C GLN L 6 54.49 -14.76 -29.21
N SER L 7 54.52 -14.13 -30.37
CA SER L 7 55.79 -13.95 -31.09
C SER L 7 56.38 -12.52 -31.32
N PRO L 8 55.76 -11.41 -30.90
CA PRO L 8 56.22 -10.05 -31.22
C PRO L 8 57.57 -9.60 -30.72
N SER L 9 58.11 -10.18 -29.64
CA SER L 9 59.40 -9.69 -29.17
C SER L 9 59.30 -8.16 -29.01
N SER L 10 60.07 -7.43 -29.79
CA SER L 10 59.91 -5.99 -29.81
C SER L 10 60.07 -5.52 -31.25
N LEU L 11 59.54 -4.34 -31.58
CA LEU L 11 59.65 -3.86 -32.95
C LEU L 11 60.35 -2.53 -33.02
N SER L 12 61.23 -2.38 -34.01
CA SER L 12 61.97 -1.15 -34.28
C SER L 12 61.29 -0.20 -35.28
N ALA L 13 60.06 -0.51 -35.70
CA ALA L 13 59.45 0.21 -36.82
C ALA L 13 59.38 1.73 -36.69
N SER L 14 59.58 2.37 -37.84
CA SER L 14 59.55 3.82 -38.03
C SER L 14 58.16 4.42 -37.90
N VAL L 15 58.13 5.72 -37.63
CA VAL L 15 56.87 6.41 -37.48
C VAL L 15 56.10 6.46 -38.77
N GLY L 16 54.81 6.22 -38.64
CA GLY L 16 53.82 6.20 -39.70
C GLY L 16 53.66 4.81 -40.27
N ASP L 17 54.48 3.86 -39.84
CA ASP L 17 54.31 2.50 -40.28
C ASP L 17 53.07 1.88 -39.74
N THR L 18 52.30 1.22 -40.58
CA THR L 18 51.28 0.40 -39.99
C THR L 18 52.03 -0.78 -39.42
N VAL L 19 51.71 -1.19 -38.19
CA VAL L 19 52.44 -2.32 -37.63
C VAL L 19 51.50 -3.35 -37.07
N THR L 20 51.98 -4.58 -36.95
CA THR L 20 51.13 -5.57 -36.31
C THR L 20 51.89 -6.45 -35.36
N ILE L 21 51.15 -7.03 -34.43
CA ILE L 21 51.67 -8.01 -33.50
C ILE L 21 50.72 -9.20 -33.48
N THR L 22 51.25 -10.41 -33.28
CA THR L 22 50.31 -11.52 -33.22
C THR L 22 50.58 -12.46 -32.07
N CYS L 23 49.56 -13.22 -31.74
CA CYS L 23 49.66 -14.24 -30.73
C CYS L 23 48.66 -15.34 -31.03
N GLN L 24 48.74 -16.43 -30.31
CA GLN L 24 47.77 -17.48 -30.54
C GLN L 24 47.31 -18.06 -29.23
N ALA L 25 46.02 -18.33 -29.12
CA ALA L 25 45.56 -18.91 -27.87
C ALA L 25 44.26 -19.65 -28.00
N ASN L 26 44.06 -20.61 -27.12
CA ASN L 26 42.77 -21.26 -27.01
C ASN L 26 41.81 -20.29 -26.36
N GLY L 27 40.58 -20.21 -26.85
CA GLY L 27 39.57 -19.37 -26.21
C GLY L 27 39.64 -17.90 -26.60
N TYR L 28 38.87 -17.10 -25.85
CA TYR L 28 38.72 -15.65 -26.02
C TYR L 28 40.00 -14.88 -25.75
N LEU L 29 40.21 -13.80 -26.49
CA LEU L 29 41.42 -13.03 -26.25
C LEU L 29 41.16 -11.53 -26.09
N ASN L 30 41.83 -10.94 -25.12
CA ASN L 30 41.78 -9.49 -24.93
C ASN L 30 43.17 -8.90 -25.18
N TRP L 31 43.23 -7.71 -25.75
CA TRP L 31 44.53 -7.10 -25.97
C TRP L 31 44.69 -5.86 -25.12
N TYR L 32 45.89 -5.65 -24.61
CA TYR L 32 46.19 -4.54 -23.71
C TYR L 32 47.52 -3.89 -24.02
N GLN L 33 47.75 -2.70 -23.46
CA GLN L 33 49.05 -2.05 -23.61
C GLN L 33 49.47 -1.37 -22.33
N GLN L 34 50.77 -1.22 -22.13
CA GLN L 34 51.18 -0.56 -20.90
C GLN L 34 52.45 0.25 -21.05
N ARG L 35 52.58 1.29 -20.25
CA ARG L 35 53.79 2.09 -20.26
C ARG L 35 54.33 2.11 -18.86
N ARG L 36 55.64 2.25 -18.73
CA ARG L 36 56.21 2.18 -17.40
C ARG L 36 55.65 3.25 -16.51
N GLY L 37 55.41 2.85 -15.27
CA GLY L 37 54.89 3.73 -14.25
C GLY L 37 53.39 3.92 -14.40
N LYS L 38 52.75 3.16 -15.29
CA LYS L 38 51.33 3.35 -15.53
C LYS L 38 50.56 2.04 -15.55
N ALA L 39 49.28 2.14 -15.20
CA ALA L 39 48.36 1.02 -15.33
C ALA L 39 48.26 0.65 -16.81
N PRO L 40 48.06 -0.62 -17.14
CA PRO L 40 47.82 -1.18 -18.46
C PRO L 40 46.50 -0.64 -18.98
N LYS L 41 46.32 -0.59 -20.29
CA LYS L 41 45.06 -0.15 -20.88
C LYS L 41 44.48 -1.15 -21.86
N LEU L 42 43.17 -1.36 -21.80
CA LEU L 42 42.52 -2.25 -22.74
C LEU L 42 42.46 -1.65 -24.13
N LEU L 43 42.81 -2.46 -25.13
CA LEU L 43 42.69 -2.02 -26.50
C LEU L 43 41.62 -2.74 -27.29
N ILE L 44 41.62 -4.06 -27.16
CA ILE L 44 40.69 -4.92 -27.86
C ILE L 44 40.05 -5.90 -26.94
N TYR L 45 38.79 -6.18 -27.13
CA TYR L 45 38.23 -7.17 -26.27
C TYR L 45 37.34 -8.14 -26.98
N ASP L 46 37.18 -9.29 -26.35
CA ASP L 46 36.38 -10.39 -26.84
C ASP L 46 36.80 -10.91 -28.20
N GLY L 47 38.10 -10.82 -28.51
CA GLY L 47 38.60 -11.36 -29.76
C GLY L 47 38.28 -10.45 -30.95
N SER L 48 37.78 -9.23 -30.71
CA SER L 48 37.31 -8.43 -31.84
C SER L 48 37.33 -6.92 -31.63
N LYS L 49 36.20 -6.38 -31.19
CA LYS L 49 35.98 -4.95 -31.09
C LYS L 49 36.91 -4.17 -30.20
N LEU L 50 37.23 -2.96 -30.66
CA LEU L 50 38.06 -2.02 -29.92
C LEU L 50 37.37 -1.52 -28.69
N GLU L 51 38.14 -1.31 -27.65
CA GLU L 51 37.65 -0.65 -26.47
C GLU L 51 37.23 0.76 -26.81
N ARG L 52 36.19 1.25 -26.17
CA ARG L 52 35.78 2.61 -26.47
C ARG L 52 36.91 3.58 -26.15
N GLY L 53 37.04 4.57 -27.01
CA GLY L 53 38.03 5.63 -26.93
C GLY L 53 39.39 5.21 -27.48
N VAL L 54 39.47 4.00 -28.03
CA VAL L 54 40.66 3.56 -28.75
C VAL L 54 40.63 4.23 -30.12
N PRO L 55 41.74 4.75 -30.61
CA PRO L 55 41.83 5.40 -31.90
C PRO L 55 41.48 4.44 -33.00
N SER L 56 40.92 5.00 -34.08
CA SER L 56 40.49 4.23 -35.24
C SER L 56 41.60 3.43 -35.90
N ARG L 57 42.85 3.85 -35.69
CA ARG L 57 44.00 3.19 -36.26
C ARG L 57 44.14 1.75 -35.79
N PHE L 58 43.68 1.48 -34.57
CA PHE L 58 43.76 0.15 -34.04
C PHE L 58 42.82 -0.82 -34.74
N SER L 59 43.27 -2.04 -34.93
CA SER L 59 42.43 -3.08 -35.52
C SER L 59 42.94 -4.47 -35.18
N GLY L 60 42.22 -5.48 -35.64
CA GLY L 60 42.70 -6.83 -35.43
C GLY L 60 41.89 -7.90 -36.15
N ARG L 61 42.36 -9.14 -36.03
CA ARG L 61 41.73 -10.27 -36.68
C ARG L 61 41.75 -11.55 -35.87
N ARG L 62 40.73 -12.37 -36.07
CA ARG L 62 40.71 -13.69 -35.46
C ARG L 62 40.45 -14.78 -36.47
N TRP L 63 41.22 -15.85 -36.39
CA TRP L 63 40.91 -17.03 -37.16
C TRP L 63 41.38 -18.24 -36.42
N GLY L 64 40.48 -19.15 -36.12
CA GLY L 64 40.91 -20.30 -35.35
C GLY L 64 41.40 -19.75 -34.03
N GLN L 65 42.57 -20.22 -33.59
CA GLN L 65 43.20 -19.67 -32.40
C GLN L 65 44.06 -18.43 -32.71
N GLU L 66 44.26 -18.12 -33.99
CA GLU L 66 45.09 -16.99 -34.37
C GLU L 66 44.50 -15.66 -33.93
N TYR L 67 45.35 -14.76 -33.45
CA TYR L 67 44.91 -13.41 -33.22
C TYR L 67 45.91 -12.36 -33.72
N ASN L 68 45.39 -11.32 -34.36
CA ASN L 68 46.19 -10.22 -34.87
C ASN L 68 45.79 -8.89 -34.26
N LEU L 69 46.77 -8.04 -33.95
CA LEU L 69 46.49 -6.67 -33.57
C LEU L 69 47.31 -5.75 -34.44
N THR L 70 46.72 -4.69 -34.93
CA THR L 70 47.52 -3.76 -35.69
C THR L 70 47.24 -2.32 -35.35
N ILE L 71 48.20 -1.48 -35.68
CA ILE L 71 48.03 -0.06 -35.56
C ILE L 71 48.35 0.59 -36.87
N ASN L 72 47.37 1.20 -37.49
CA ASN L 72 47.58 1.91 -38.73
C ASN L 72 48.35 3.16 -38.44
N ASN L 73 49.29 3.54 -39.29
CA ASN L 73 49.90 4.86 -39.08
C ASN L 73 50.49 5.08 -37.69
N LEU L 74 51.38 4.19 -37.24
CA LEU L 74 51.94 4.24 -35.89
C LEU L 74 52.66 5.55 -35.57
N GLN L 75 52.51 6.02 -34.33
CA GLN L 75 53.14 7.27 -33.93
C GLN L 75 53.87 7.07 -32.61
N PRO L 76 54.89 7.88 -32.29
CA PRO L 76 55.73 7.79 -31.08
C PRO L 76 54.95 7.81 -29.78
N GLU L 77 53.81 8.48 -29.76
CA GLU L 77 52.98 8.45 -28.57
C GLU L 77 52.34 7.10 -28.33
N ASP L 78 52.38 6.23 -29.34
CA ASP L 78 51.82 4.91 -29.23
C ASP L 78 52.82 3.90 -28.75
N ILE L 79 54.03 4.33 -28.37
CA ILE L 79 54.96 3.29 -27.98
C ILE L 79 54.53 2.77 -26.62
N ALA L 80 54.36 1.46 -26.55
CA ALA L 80 53.92 0.81 -25.34
C ALA L 80 54.28 -0.66 -25.35
N THR L 81 54.21 -1.29 -24.19
CA THR L 81 54.30 -2.73 -24.16
C THR L 81 52.92 -3.21 -24.59
N TYR L 82 52.81 -4.45 -25.04
CA TYR L 82 51.51 -4.96 -25.45
C TYR L 82 51.26 -6.37 -24.96
N PHE L 83 49.97 -6.70 -24.82
CA PHE L 83 49.59 -7.98 -24.26
C PHE L 83 48.44 -8.65 -24.95
N CYS L 84 48.39 -9.94 -24.73
CA CYS L 84 47.33 -10.85 -25.11
C CYS L 84 46.90 -11.48 -23.80
N GLN L 85 45.59 -11.58 -23.56
CA GLN L 85 45.15 -12.12 -22.29
C GLN L 85 43.90 -12.99 -22.35
N VAL L 86 43.88 -13.95 -21.45
CA VAL L 86 42.81 -14.91 -21.26
C VAL L 86 42.51 -14.76 -19.82
N TYR L 87 41.47 -15.39 -19.34
CA TYR L 87 41.01 -15.04 -18.02
C TYR L 87 42.08 -14.93 -16.95
N GLU L 88 43.08 -15.78 -16.94
CA GLU L 88 44.10 -15.57 -15.94
C GLU L 88 45.48 -15.43 -16.48
N PHE L 89 45.81 -16.28 -17.43
CA PHE L 89 47.12 -16.27 -18.02
C PHE L 89 47.34 -15.02 -18.86
N VAL L 90 48.57 -14.52 -18.85
CA VAL L 90 48.91 -13.36 -19.66
C VAL L 90 50.22 -13.60 -20.38
N VAL L 91 50.28 -13.37 -21.69
CA VAL L 91 51.56 -13.51 -22.37
C VAL L 91 52.44 -12.40 -21.87
N PRO L 92 53.74 -12.61 -21.73
CA PRO L 92 54.67 -11.60 -21.30
C PRO L 92 54.59 -10.47 -22.31
N GLY L 93 54.84 -9.26 -21.84
CA GLY L 93 54.68 -8.10 -22.70
C GLY L 93 55.67 -8.04 -23.83
N THR L 94 55.28 -7.34 -24.88
CA THR L 94 56.13 -7.13 -26.03
C THR L 94 56.11 -5.66 -26.33
N ARG L 95 57.07 -5.11 -27.06
CA ARG L 95 56.92 -3.66 -27.22
C ARG L 95 57.45 -3.03 -28.47
N LEU L 96 56.88 -1.88 -28.75
CA LEU L 96 57.34 -0.98 -29.78
C LEU L 96 58.66 -0.28 -29.45
N ASP L 97 59.39 0.05 -30.50
CA ASP L 97 60.62 0.83 -30.45
C ASP L 97 60.72 1.59 -31.77
N LEU L 98 61.74 2.45 -31.91
CA LEU L 98 61.88 3.26 -33.13
C LEU L 98 63.17 4.07 -33.10
N ASP M 1 -41.47 -30.11 18.02
CA ASP M 1 -40.87 -30.40 19.31
C ASP M 1 -40.06 -31.69 19.19
N ILE M 2 -39.25 -31.99 20.21
CA ILE M 2 -38.44 -33.19 20.18
C ILE M 2 -39.21 -34.40 20.64
N GLN M 3 -39.28 -35.39 19.76
CA GLN M 3 -39.98 -36.64 20.05
C GLN M 3 -39.07 -37.84 20.27
N MET M 4 -37.78 -37.65 20.50
CA MET M 4 -36.91 -38.80 20.59
C MET M 4 -37.21 -39.78 21.72
N THR M 5 -37.11 -41.07 21.38
CA THR M 5 -37.25 -42.16 22.34
C THR M 5 -36.25 -43.29 22.10
N GLN M 6 -36.01 -44.13 23.11
CA GLN M 6 -35.23 -45.34 22.90
C GLN M 6 -35.78 -46.47 23.75
N SER M 7 -35.93 -47.68 23.17
CA SER M 7 -36.43 -48.81 23.96
C SER M 7 -35.46 -49.97 24.36
N PRO M 8 -34.21 -50.03 23.88
CA PRO M 8 -33.31 -51.15 24.21
C PRO M 8 -32.89 -51.36 25.67
N SER M 9 -32.92 -50.32 26.50
CA SER M 9 -32.50 -50.44 27.90
C SER M 9 -31.14 -51.16 28.04
N SER M 10 -30.94 -51.88 29.14
CA SER M 10 -29.72 -52.68 29.24
C SER M 10 -29.79 -53.82 28.23
N LEU M 11 -28.65 -54.13 27.63
CA LEU M 11 -28.52 -55.20 26.64
C LEU M 11 -27.37 -56.13 26.96
N SER M 12 -27.46 -57.39 26.56
CA SER M 12 -26.28 -58.21 26.72
C SER M 12 -26.09 -59.10 25.52
N ALA M 13 -24.85 -59.50 25.28
CA ALA M 13 -24.57 -60.41 24.18
C ALA M 13 -23.27 -61.14 24.34
N SER M 14 -23.18 -62.30 23.72
CA SER M 14 -21.94 -63.08 23.67
C SER M 14 -20.91 -62.36 22.83
N VAL M 15 -19.65 -62.58 23.15
CA VAL M 15 -18.60 -61.95 22.36
C VAL M 15 -18.60 -62.50 20.94
N GLY M 16 -18.45 -61.58 20.01
CA GLY M 16 -18.43 -61.83 18.59
C GLY M 16 -19.82 -61.71 17.97
N ASP M 17 -20.84 -61.52 18.80
CA ASP M 17 -22.17 -61.30 18.26
C ASP M 17 -22.29 -59.96 17.58
N THR M 18 -22.87 -59.92 16.40
CA THR M 18 -23.21 -58.60 15.91
C THR M 18 -24.44 -58.18 16.71
N VAL M 19 -24.46 -56.94 17.18
CA VAL M 19 -25.59 -56.50 17.99
C VAL M 19 -26.19 -55.21 17.49
N THR M 20 -27.44 -54.93 17.88
CA THR M 20 -28.01 -53.66 17.44
C THR M 20 -28.70 -52.89 18.56
N ILE M 21 -28.84 -51.60 18.33
CA ILE M 21 -29.54 -50.66 19.19
C ILE M 21 -30.46 -49.80 18.34
N THR M 22 -31.69 -49.56 18.76
CA THR M 22 -32.45 -48.61 17.97
C THR M 22 -33.10 -47.57 18.83
N CYS M 23 -33.43 -46.47 18.18
CA CYS M 23 -34.14 -45.36 18.78
C CYS M 23 -34.90 -44.63 17.70
N GLN M 24 -35.75 -43.69 18.07
CA GLN M 24 -36.41 -42.91 17.03
C GLN M 24 -36.31 -41.46 17.38
N ALA M 25 -36.14 -40.60 16.39
CA ALA M 25 -36.06 -39.18 16.71
C ALA M 25 -36.43 -38.25 15.59
N ASN M 26 -36.91 -37.06 15.97
CA ASN M 26 -37.09 -35.98 15.02
C ASN M 26 -35.74 -35.39 14.66
N GLY M 27 -35.53 -35.08 13.39
CA GLY M 27 -34.30 -34.39 13.02
C GLY M 27 -33.08 -35.30 12.96
N TYR M 28 -31.93 -34.64 12.98
CA TYR M 28 -30.61 -35.27 12.93
C TYR M 28 -30.34 -36.09 14.17
N LEU M 29 -29.63 -37.20 14.02
CA LEU M 29 -29.33 -37.97 15.21
C LEU M 29 -27.85 -38.28 15.36
N ASN M 30 -27.34 -38.11 16.56
CA ASN M 30 -25.96 -38.45 16.82
C ASN M 30 -25.88 -39.60 17.81
N TRP M 31 -24.93 -40.51 17.63
CA TRP M 31 -24.79 -41.61 18.56
C TRP M 31 -23.48 -41.52 19.29
N TYR M 32 -23.48 -41.91 20.57
CA TYR M 32 -22.27 -41.81 21.38
C TYR M 32 -22.00 -43.05 22.22
N GLN M 33 -20.74 -43.20 22.60
CA GLN M 33 -20.26 -44.28 23.46
C GLN M 33 -19.72 -43.73 24.74
N GLN M 34 -20.13 -44.25 25.90
CA GLN M 34 -19.49 -43.70 27.07
C GLN M 34 -19.03 -44.75 28.06
N ARG M 35 -17.75 -44.68 28.39
CA ARG M 35 -17.17 -45.51 29.41
C ARG M 35 -17.67 -45.06 30.75
N ARG M 36 -17.82 -45.97 31.70
CA ARG M 36 -18.21 -45.45 32.99
C ARG M 36 -17.09 -44.56 33.50
N GLY M 37 -17.45 -43.43 34.08
CA GLY M 37 -16.50 -42.52 34.69
C GLY M 37 -15.77 -41.64 33.65
N LYS M 38 -16.19 -41.67 32.38
CA LYS M 38 -15.52 -40.88 31.36
C LYS M 38 -16.47 -40.14 30.46
N ALA M 39 -15.99 -39.08 29.83
CA ALA M 39 -16.76 -38.36 28.84
C ALA M 39 -17.10 -39.32 27.68
N PRO M 40 -18.28 -39.15 27.05
CA PRO M 40 -18.81 -39.87 25.90
C PRO M 40 -17.98 -39.60 24.68
N LYS M 41 -17.99 -40.52 23.71
CA LYS M 41 -17.29 -40.31 22.46
C LYS M 41 -18.23 -40.44 21.28
N LEU M 42 -18.09 -39.57 20.29
CA LEU M 42 -18.97 -39.65 19.14
C LEU M 42 -18.73 -40.89 18.31
N LEU M 43 -19.81 -41.52 17.89
CA LEU M 43 -19.74 -42.69 17.04
C LEU M 43 -20.30 -42.45 15.67
N ILE M 44 -21.52 -41.93 15.67
CA ILE M 44 -22.28 -41.69 14.46
C ILE M 44 -22.84 -40.31 14.45
N TYR M 45 -22.86 -39.68 13.30
CA TYR M 45 -23.43 -38.38 13.29
C TYR M 45 -24.27 -38.15 12.05
N ASP M 46 -25.13 -37.16 12.15
CA ASP M 46 -26.04 -36.77 11.09
C ASP M 46 -26.97 -37.89 10.68
N GLY M 47 -27.31 -38.77 11.62
CA GLY M 47 -28.25 -39.85 11.41
C GLY M 47 -27.68 -41.04 10.65
N SER M 48 -26.36 -41.07 10.37
CA SER M 48 -25.86 -42.18 9.58
C SER M 48 -24.37 -42.43 9.62
N LYS M 49 -23.61 -41.45 9.16
CA LYS M 49 -22.17 -41.59 8.98
C LYS M 49 -21.36 -41.83 10.22
N LEU M 50 -20.35 -42.68 10.09
CA LEU M 50 -19.45 -42.89 11.21
C LEU M 50 -18.57 -41.70 11.38
N GLU M 51 -18.28 -41.36 12.63
CA GLU M 51 -17.28 -40.37 12.92
C GLU M 51 -15.93 -40.90 12.48
N ARG M 52 -15.05 -40.03 12.01
CA ARG M 52 -13.75 -40.53 11.63
C ARG M 52 -13.05 -41.19 12.81
N GLY M 53 -12.37 -42.28 12.50
CA GLY M 53 -11.60 -43.08 13.45
C GLY M 53 -12.48 -44.07 14.22
N VAL M 54 -13.77 -44.14 13.89
CA VAL M 54 -14.64 -45.15 14.43
C VAL M 54 -14.36 -46.45 13.70
N PRO M 55 -14.28 -47.59 14.39
CA PRO M 55 -14.01 -48.88 13.79
C PRO M 55 -15.11 -49.24 12.80
N SER M 56 -14.72 -49.98 11.77
CA SER M 56 -15.61 -50.42 10.70
C SER M 56 -16.77 -51.26 11.19
N ARG M 57 -16.60 -51.89 12.35
CA ARG M 57 -17.61 -52.74 12.92
C ARG M 57 -18.88 -51.96 13.22
N PHE M 58 -18.72 -50.68 13.57
CA PHE M 58 -19.87 -49.85 13.82
C PHE M 58 -20.62 -49.56 12.54
N SER M 59 -21.94 -49.53 12.62
CA SER M 59 -22.74 -49.16 11.47
C SER M 59 -24.12 -48.70 11.87
N GLY M 60 -24.90 -48.27 10.90
CA GLY M 60 -26.28 -47.92 11.21
C GLY M 60 -27.11 -47.58 9.99
N ARG M 61 -28.39 -47.31 10.23
CA ARG M 61 -29.30 -46.96 9.14
C ARG M 61 -30.40 -46.03 9.59
N ARG M 62 -31.03 -45.37 8.62
CA ARG M 62 -32.15 -44.51 8.91
C ARG M 62 -33.39 -44.89 8.12
N TRP M 63 -34.53 -44.83 8.78
CA TRP M 63 -35.79 -45.01 8.09
C TRP M 63 -36.79 -44.02 8.63
N GLY M 64 -36.79 -42.82 8.07
CA GLY M 64 -37.66 -41.81 8.62
C GLY M 64 -37.12 -41.52 9.99
N GLN M 65 -38.00 -41.45 10.98
CA GLN M 65 -37.52 -41.22 12.34
C GLN M 65 -36.76 -42.41 12.94
N GLU M 66 -36.85 -43.59 12.33
CA GLU M 66 -36.11 -44.70 12.89
C GLU M 66 -34.62 -44.51 12.74
N TYR M 67 -33.87 -44.88 13.77
CA TYR M 67 -32.44 -44.94 13.64
C TYR M 67 -31.91 -46.21 14.25
N ASN M 68 -30.99 -46.84 13.54
CA ASN M 68 -30.39 -48.08 13.98
C ASN M 68 -28.89 -47.97 14.10
N LEU M 69 -28.35 -48.53 15.18
CA LEU M 69 -26.92 -48.63 15.35
C LEU M 69 -26.54 -50.09 15.53
N THR M 70 -25.47 -50.52 14.90
CA THR M 70 -25.04 -51.87 15.16
C THR M 70 -23.56 -51.98 15.35
N ILE M 71 -23.14 -53.05 16.00
CA ILE M 71 -21.73 -53.33 16.12
C ILE M 71 -21.46 -54.74 15.67
N ASN M 72 -20.69 -54.89 14.61
CA ASN M 72 -20.30 -56.21 14.18
C ASN M 72 -19.29 -56.80 15.09
N ASN M 73 -19.41 -58.11 15.32
CA ASN M 73 -18.35 -58.78 16.06
C ASN M 73 -18.06 -58.13 17.40
N LEU M 74 -19.08 -57.95 18.23
CA LEU M 74 -18.91 -57.22 19.49
C LEU M 74 -17.84 -57.83 20.38
N GLN M 75 -17.06 -56.98 21.04
CA GLN M 75 -15.97 -57.46 21.88
C GLN M 75 -16.06 -56.79 23.23
N PRO M 76 -15.49 -57.37 24.29
CA PRO M 76 -15.51 -56.88 25.66
C PRO M 76 -14.98 -55.45 25.79
N GLU M 77 -14.05 -55.07 24.93
CA GLU M 77 -13.57 -53.70 24.92
C GLU M 77 -14.62 -52.71 24.40
N ASP M 78 -15.69 -53.21 23.81
CA ASP M 78 -16.76 -52.37 23.33
C ASP M 78 -17.83 -52.16 24.39
N ILE M 79 -17.63 -52.65 25.62
CA ILE M 79 -18.74 -52.47 26.54
C ILE M 79 -18.74 -51.07 27.08
N ALA M 80 -19.84 -50.40 26.82
CA ALA M 80 -20.04 -49.03 27.21
C ALA M 80 -21.53 -48.72 27.23
N THR M 81 -21.89 -47.60 27.83
CA THR M 81 -23.26 -47.17 27.65
C THR M 81 -23.36 -46.55 26.26
N TYR M 82 -24.55 -46.48 25.69
CA TYR M 82 -24.67 -45.85 24.37
C TYR M 82 -25.84 -44.90 24.26
N PHE M 83 -25.71 -43.90 23.40
CA PHE M 83 -26.70 -42.84 23.33
C PHE M 83 -27.18 -42.43 21.97
N CYS M 84 -28.33 -41.79 21.99
CA CYS M 84 -28.93 -41.13 20.85
C CYS M 84 -29.10 -39.66 21.27
N GLN M 85 -28.73 -38.74 20.39
CA GLN M 85 -28.79 -37.34 20.75
C GLN M 85 -29.30 -36.42 19.67
N VAL M 86 -30.01 -35.42 20.14
CA VAL M 86 -30.65 -34.39 19.34
C VAL M 86 -30.13 -33.12 19.92
N TYR M 87 -30.38 -32.00 19.30
CA TYR M 87 -29.63 -30.81 19.66
C TYR M 87 -29.52 -30.55 21.14
N GLU M 88 -30.55 -30.82 21.92
CA GLU M 88 -30.36 -30.64 23.34
C GLU M 88 -30.64 -31.87 24.14
N PHE M 89 -31.75 -32.53 23.83
CA PHE M 89 -32.14 -33.71 24.58
C PHE M 89 -31.19 -34.86 24.39
N VAL M 90 -30.98 -35.63 25.46
CA VAL M 90 -30.20 -36.84 25.35
C VAL M 90 -30.99 -37.96 26.01
N VAL M 91 -31.26 -39.01 25.26
CA VAL M 91 -31.95 -40.17 25.82
C VAL M 91 -31.00 -40.84 26.78
N PRO M 92 -31.44 -41.38 27.91
CA PRO M 92 -30.56 -42.08 28.82
C PRO M 92 -29.96 -43.24 28.07
N GLY M 93 -28.72 -43.58 28.42
CA GLY M 93 -27.97 -44.60 27.70
C GLY M 93 -28.45 -46.03 27.83
N THR M 94 -28.14 -46.82 26.80
CA THR M 94 -28.34 -48.26 26.86
C THR M 94 -27.15 -48.79 27.59
N ARG M 95 -27.24 -50.01 28.09
CA ARG M 95 -26.06 -50.58 28.76
C ARG M 95 -25.65 -51.93 28.22
N LEU M 96 -24.45 -52.04 27.63
CA LEU M 96 -24.01 -53.39 27.24
C LEU M 96 -23.60 -54.25 28.42
N ASP M 97 -23.83 -55.57 28.30
CA ASP M 97 -23.43 -56.51 29.34
C ASP M 97 -23.11 -57.91 28.77
N LEU M 98 -22.63 -58.79 29.65
CA LEU M 98 -22.33 -60.19 29.38
C LEU M 98 -21.70 -60.85 30.59
N VAL N 2 31.26 26.15 41.81
CA VAL N 2 30.28 26.99 42.48
C VAL N 2 30.71 27.22 43.93
N VAL N 3 30.64 28.46 44.40
CA VAL N 3 31.07 28.72 45.78
C VAL N 3 30.02 29.45 46.59
N ILE N 4 30.14 29.33 47.92
CA ILE N 4 29.21 29.95 48.86
C ILE N 4 29.92 30.75 49.94
N THR N 5 29.37 31.92 50.28
CA THR N 5 29.91 32.70 51.38
C THR N 5 28.77 33.15 52.29
N GLN N 6 29.11 33.57 53.50
CA GLN N 6 28.09 34.06 54.42
C GLN N 6 28.57 35.24 55.23
N SER N 7 27.63 36.10 55.62
CA SER N 7 28.00 37.24 56.44
C SER N 7 26.85 37.68 57.36
N PRO N 8 27.16 38.45 58.41
CA PRO N 8 28.45 38.83 58.97
C PRO N 8 29.08 37.58 59.52
N LEU N 9 30.41 37.50 59.61
CA LEU N 9 31.02 36.27 60.15
C LEU N 9 30.44 35.92 61.50
N PHE N 10 30.15 36.93 62.29
CA PHE N 10 29.44 36.74 63.52
C PHE N 10 28.66 38.00 63.79
N LEU N 11 27.60 37.88 64.56
CA LEU N 11 26.82 39.04 64.91
C LEU N 11 26.57 39.10 66.39
N PRO N 12 26.94 40.19 67.06
CA PRO N 12 26.57 40.50 68.42
C PRO N 12 25.07 40.70 68.43
N VAL N 13 24.40 40.32 69.49
CA VAL N 13 22.96 40.54 69.51
C VAL N 13 22.40 41.13 70.78
N THR N 14 21.55 42.14 70.64
CA THR N 14 20.82 42.63 71.78
C THR N 14 19.60 41.72 71.92
N PRO N 15 19.34 41.17 73.10
CA PRO N 15 18.23 40.27 73.32
C PRO N 15 16.92 40.98 73.08
N GLY N 16 15.96 40.22 72.59
CA GLY N 16 14.62 40.72 72.35
C GLY N 16 14.53 41.52 71.06
N GLU N 17 15.61 41.55 70.26
CA GLU N 17 15.55 42.31 69.03
C GLU N 17 15.80 41.46 67.81
N ALA N 18 15.16 41.82 66.72
CA ALA N 18 15.33 41.12 65.44
C ALA N 18 16.77 41.19 64.94
N ALA N 19 17.19 40.15 64.24
CA ALA N 19 18.52 40.13 63.64
C ALA N 19 18.54 39.23 62.41
N SER N 20 19.49 39.42 61.51
CA SER N 20 19.52 38.57 60.32
C SER N 20 20.92 38.22 59.84
N LEU N 21 20.96 37.15 59.05
CA LEU N 21 22.14 36.56 58.47
C LEU N 21 22.01 36.47 56.96
N SER N 22 23.11 36.46 56.23
CA SER N 22 22.96 36.31 54.79
C SER N 22 23.92 35.30 54.20
N CYS N 23 23.52 34.76 53.06
CA CYS N 23 24.27 33.78 52.31
C CYS N 23 24.25 34.12 50.85
N LYS N 24 25.41 34.09 50.23
CA LYS N 24 25.46 34.37 48.81
C LYS N 24 26.32 33.38 48.09
N CYS N 25 26.04 33.19 46.82
CA CYS N 25 26.85 32.25 46.07
C CYS N 25 27.06 32.65 44.62
N SER N 26 28.01 31.98 43.98
CA SER N 26 28.35 32.25 42.58
C SER N 26 27.25 32.03 41.55
N HIS N 27 26.26 31.20 41.88
CA HIS N 27 25.19 30.93 40.93
C HIS N 27 23.86 30.87 41.64
N SER N 28 22.78 31.04 40.90
CA SER N 28 21.48 31.02 41.52
C SER N 28 21.14 29.68 42.12
N LEU N 29 20.41 29.68 43.23
CA LEU N 29 19.95 28.41 43.80
C LEU N 29 18.61 27.99 43.22
N GLN N 30 18.06 28.81 42.33
CA GLN N 30 16.85 28.50 41.60
C GLN N 30 17.10 27.39 40.60
N HIS N 31 16.09 26.60 40.35
CA HIS N 31 16.12 25.50 39.42
C HIS N 31 15.16 25.78 38.30
N SER N 32 15.35 25.15 37.14
CA SER N 32 14.47 25.39 35.98
C SER N 32 12.98 25.15 36.27
N THR N 33 12.67 24.33 37.28
CA THR N 33 11.30 24.10 37.73
C THR N 33 10.77 25.23 38.62
N GLY N 34 11.67 26.14 38.97
CA GLY N 34 11.43 27.25 39.88
C GLY N 34 11.78 26.86 41.31
N ALA N 35 12.13 25.59 41.53
CA ALA N 35 12.54 25.12 42.83
C ALA N 35 13.81 25.81 43.32
N ASN N 36 13.92 26.01 44.62
CA ASN N 36 15.14 26.55 45.17
C ASN N 36 15.75 25.51 46.09
N TYR N 37 17.07 25.37 46.07
CA TYR N 37 17.67 24.38 46.96
C TYR N 37 18.60 25.02 47.95
N LEU N 38 17.96 25.72 48.88
CA LEU N 38 18.59 26.42 49.98
C LEU N 38 18.07 26.00 51.32
N ALA N 39 18.97 25.78 52.26
CA ALA N 39 18.48 25.50 53.59
C ALA N 39 19.40 26.09 54.63
N TRP N 40 18.82 26.43 55.78
CA TRP N 40 19.60 26.98 56.86
C TRP N 40 19.53 26.10 58.06
N TYR N 41 20.64 26.01 58.77
CA TYR N 41 20.75 25.18 59.95
C TYR N 41 21.35 25.94 61.12
N LEU N 42 21.00 25.52 62.33
CA LEU N 42 21.58 26.09 63.54
C LEU N 42 22.22 25.06 64.39
N GLN N 43 23.45 25.32 64.78
CA GLN N 43 24.12 24.44 65.67
C GLN N 43 24.39 25.12 66.98
N ARG N 44 23.65 24.73 68.01
CA ARG N 44 23.97 25.18 69.34
C ARG N 44 25.27 24.51 69.70
N PRO N 45 26.15 25.13 70.47
CA PRO N 45 27.39 24.52 70.83
C PRO N 45 27.09 23.29 71.65
N GLY N 46 27.91 22.28 71.48
CA GLY N 46 27.76 21.02 72.20
C GLY N 46 26.65 20.15 71.58
N GLN N 47 26.11 20.56 70.42
CA GLN N 47 25.01 19.82 69.81
C GLN N 47 25.13 19.76 68.30
N THR N 48 24.52 18.74 67.69
CA THR N 48 24.48 18.69 66.23
C THR N 48 23.52 19.77 65.71
N PRO N 49 23.67 20.23 64.47
CA PRO N 49 22.86 21.22 63.76
C PRO N 49 21.41 20.82 63.56
N ARG N 50 20.52 21.81 63.47
CA ARG N 50 19.12 21.54 63.19
C ARG N 50 18.61 22.38 62.05
N LEU N 51 17.73 21.82 61.24
CA LEU N 51 17.16 22.59 60.14
C LEU N 51 16.31 23.71 60.65
N LEU N 52 16.44 24.86 60.03
CA LEU N 52 15.65 26.01 60.40
C LEU N 52 14.62 26.29 59.35
N ILE N 53 15.10 26.54 58.14
CA ILE N 53 14.22 26.77 57.00
C ILE N 53 14.72 25.95 55.84
N HIS N 54 13.88 25.69 54.86
CA HIS N 54 14.34 24.93 53.73
C HIS N 54 13.76 25.36 52.41
N LEU N 55 14.49 24.97 51.35
CA LEU N 55 14.20 25.22 49.95
C LEU N 55 13.92 26.69 49.67
N ALA N 56 14.49 27.54 50.52
CA ALA N 56 14.32 28.99 50.56
C ALA N 56 12.84 29.41 50.70
N THR N 57 11.93 28.51 51.10
CA THR N 57 10.53 28.89 51.20
C THR N 57 9.81 28.62 52.50
N HIS N 58 10.27 27.69 53.32
CA HIS N 58 9.49 27.44 54.53
C HIS N 58 10.30 27.13 55.75
N ARG N 59 9.72 27.37 56.92
CA ARG N 59 10.34 26.90 58.14
C ARG N 59 10.24 25.38 58.21
N ALA N 60 11.27 24.76 58.78
CA ALA N 60 11.21 23.36 59.10
C ALA N 60 10.13 23.13 60.13
N SER N 61 9.50 21.97 60.13
CA SER N 61 8.46 21.79 61.14
C SER N 61 9.06 21.85 62.54
N GLY N 62 8.31 22.48 63.42
CA GLY N 62 8.63 22.65 64.84
C GLY N 62 9.60 23.83 65.09
N VAL N 63 9.93 24.57 64.04
CA VAL N 63 10.73 25.78 64.16
C VAL N 63 9.84 26.92 64.65
N PRO N 64 10.32 27.76 65.57
CA PRO N 64 9.61 28.91 66.11
C PRO N 64 9.26 29.86 64.99
N ASP N 65 8.18 30.59 65.15
CA ASP N 65 7.75 31.45 64.07
C ASP N 65 8.50 32.76 64.02
N ARG N 66 9.49 32.92 64.90
CA ARG N 66 10.37 34.06 64.84
C ARG N 66 11.21 33.99 63.57
N PHE N 67 11.47 32.76 63.11
CA PHE N 67 12.25 32.52 61.91
C PHE N 67 11.56 32.96 60.60
N SER N 68 12.37 33.52 59.71
CA SER N 68 11.94 33.99 58.39
C SER N 68 13.13 33.97 57.44
N GLY N 69 12.91 34.20 56.17
CA GLY N 69 14.05 34.30 55.25
C GLY N 69 13.65 35.00 53.97
N SER N 70 14.64 35.30 53.13
CA SER N 70 14.34 36.09 51.94
C SER N 70 15.29 35.90 50.79
N GLY N 71 14.92 36.49 49.66
CA GLY N 71 15.74 36.58 48.47
C GLY N 71 15.53 35.53 47.42
N SER N 72 16.25 35.72 46.32
CA SER N 72 16.21 34.87 45.14
C SER N 72 17.55 34.95 44.42
N GLY N 73 17.76 34.06 43.47
CA GLY N 73 18.99 34.10 42.70
C GLY N 73 20.18 33.75 43.57
N THR N 74 21.21 34.57 43.50
CA THR N 74 22.41 34.34 44.27
C THR N 74 22.35 34.83 45.70
N ASP N 75 21.32 35.62 46.04
CA ASP N 75 21.30 36.19 47.38
C ASP N 75 20.15 35.69 48.25
N PHE N 76 20.46 35.26 49.47
CA PHE N 76 19.40 34.87 50.39
C PHE N 76 19.70 35.27 51.82
N THR N 77 18.66 35.38 52.64
CA THR N 77 18.88 35.70 54.04
C THR N 77 18.07 34.83 54.97
N LEU N 78 18.48 34.85 56.23
CA LEU N 78 17.76 34.20 57.32
C LEU N 78 17.53 35.26 58.37
N LYS N 79 16.30 35.41 58.84
CA LYS N 79 16.08 36.40 59.87
C LYS N 79 15.31 35.84 61.03
N ILE N 80 15.66 36.29 62.21
CA ILE N 80 14.96 35.85 63.39
C ILE N 80 14.46 37.06 64.14
N SER N 81 13.15 37.23 64.25
CA SER N 81 12.67 38.33 65.06
C SER N 81 12.90 38.01 66.52
N ARG N 82 13.06 39.03 67.37
CA ARG N 82 13.07 38.82 68.81
C ARG N 82 14.11 37.81 69.25
N VAL N 83 15.37 38.01 68.88
CA VAL N 83 16.36 36.98 69.14
C VAL N 83 16.55 36.75 70.62
N GLU N 84 16.65 35.48 70.96
CA GLU N 84 16.76 35.01 72.32
C GLU N 84 18.11 34.41 72.55
N SER N 85 18.56 34.36 73.80
CA SER N 85 19.86 33.79 74.12
C SER N 85 20.02 32.34 73.65
N ASP N 86 18.91 31.61 73.46
CA ASP N 86 19.05 30.25 72.99
C ASP N 86 19.20 30.16 71.47
N ASP N 87 19.28 31.31 70.80
CA ASP N 87 19.55 31.32 69.39
C ASP N 87 21.06 31.44 69.16
N VAL N 88 21.84 31.42 70.26
CA VAL N 88 23.28 31.45 70.17
C VAL N 88 23.82 30.18 69.60
N GLY N 89 24.79 30.31 68.72
CA GLY N 89 25.35 29.17 68.05
C GLY N 89 25.83 29.60 66.71
N THR N 90 25.93 28.66 65.78
CA THR N 90 26.35 29.09 64.47
C THR N 90 25.37 28.61 63.44
N TYR N 91 25.40 29.26 62.30
CA TYR N 91 24.41 28.99 61.30
C TYR N 91 25.02 28.71 59.98
N TYR N 92 24.40 27.82 59.23
CA TYR N 92 24.93 27.50 57.94
C TYR N 92 23.87 27.46 56.88
N CYS N 93 24.18 28.05 55.75
CA CYS N 93 23.30 27.94 54.60
C CYS N 93 23.78 26.70 53.84
N MET N 94 22.92 26.06 53.08
CA MET N 94 23.38 24.91 52.34
C MET N 94 22.83 24.89 50.93
N GLN N 95 23.64 24.37 50.02
CA GLN N 95 23.26 24.20 48.63
C GLN N 95 23.03 22.78 48.22
N GLY N 96 21.80 22.46 47.86
CA GLY N 96 21.52 21.15 47.29
C GLY N 96 21.43 21.21 45.77
N LEU N 97 21.54 22.43 45.21
CA LEU N 97 21.41 22.62 43.77
C LEU N 97 22.48 22.03 42.88
N HIS N 98 23.74 22.08 43.30
CA HIS N 98 24.76 21.52 42.43
C HIS N 98 25.69 20.68 43.23
N SER N 99 26.19 19.63 42.58
CA SER N 99 27.22 18.77 43.13
C SER N 99 28.58 19.46 43.15
N PRO N 100 29.41 19.16 44.14
CA PRO N 100 29.18 18.41 45.36
C PRO N 100 28.27 19.28 46.20
N TRP N 101 27.45 18.69 47.04
CA TRP N 101 26.63 19.52 47.89
C TRP N 101 27.53 20.26 48.87
N THR N 102 27.21 21.53 49.14
CA THR N 102 28.08 22.32 50.03
C THR N 102 27.38 23.14 51.09
N PHE N 103 28.16 23.58 52.08
CA PHE N 103 27.68 24.49 53.11
C PHE N 103 28.38 25.82 52.97
N GLY N 104 27.72 26.88 53.40
CA GLY N 104 28.34 28.19 53.48
C GLY N 104 29.34 28.16 54.62
N GLN N 105 30.25 29.13 54.66
CA GLN N 105 31.24 29.16 55.75
C GLN N 105 30.60 29.39 57.13
N GLY N 106 29.37 29.89 57.13
CA GLY N 106 28.55 30.07 58.29
C GLY N 106 28.72 31.41 58.97
N THR N 107 27.89 31.62 59.97
CA THR N 107 27.97 32.81 60.82
C THR N 107 27.82 32.41 62.27
N LYS N 108 28.21 33.27 63.20
CA LYS N 108 27.93 32.98 64.61
C LYS N 108 27.04 34.01 65.26
N VAL N 109 25.97 33.57 65.91
CA VAL N 109 25.17 34.46 66.72
C VAL N 109 25.62 34.42 68.16
N GLU N 110 25.89 35.59 68.73
CA GLU N 110 26.26 35.65 70.13
C GLU N 110 25.67 36.90 70.77
N ILE N 111 25.25 36.78 72.02
CA ILE N 111 24.69 37.93 72.70
C ILE N 111 25.77 38.96 72.95
N LYS N 112 25.43 40.21 72.69
CA LYS N 112 26.31 41.35 72.83
C LYS N 112 26.75 41.57 74.28
N ARG N 113 28.00 42.00 74.45
CA ARG N 113 28.54 42.27 75.78
C ARG N 113 29.77 43.16 75.70
#